data_5L3K
#
_entry.id   5L3K
#
_cell.length_a   216.960
_cell.length_b   216.960
_cell.length_c   159.835
_cell.angle_alpha   90.00
_cell.angle_beta   90.00
_cell.angle_gamma   120.00
#
_symmetry.space_group_name_H-M   'P 62'
#
loop_
_entity.id
_entity.type
_entity.pdbx_description
1 polymer 'Alpha,alpha-trehalose-phosphate synthase'
2 non-polymer "ADENOSINE-5'-DIPHOSPHATE"
3 non-polymer 1,2-ETHANEDIOL
4 non-polymer 6-O-phosphono-beta-D-fructofuranose
5 non-polymer 'PHOSPHATE ION'
6 water water
#
_entity_poly.entity_id   1
_entity_poly.type   'polypeptide(L)'
_entity_poly.pdbx_seq_one_letter_code
;SMADRGDSGDSDFVVVANRLPIDLERAPDGTTSWKRSPGGLVTALEPLLRRRRGAWIGWPGIPDSDEDPIVDGDLVLYPV
RLSADDVAQYYEGFSNATLWPLYHDVIVKPIYNRQWWERYVEVNRRFAEATSRAAARGATVWVQDYQLQLVPKMLRELRP
DLTIGFFLHIPFPPVELFMQLPWRTEITDGLLGADLVGFHLPGGAQNFLFLARRLVGANTSRASVGVRSKFGEVQIGSRT
VKVGAFPISIDSADLDRQARQRSIRQRARQIRAELGNPRRILLGVDRLDYTKGIDVRLQAFAELLAEGRVNREDTVFVQL
ATPSRERVEAYRLLRDDIERQVGHINGEYGEVGHPVVHYLHRPVPREELIAFFVAADVMLVTPLRDGMNLVAKEYVACRS
DLGGALVLSEFTGAAAELGQAYLVNPHNLDHVKDTMVAALNQTPEEGRRRMRALRRQVLAHDVDLWARSFLDALASTRTG
DADAVPV
;
_entity_poly.pdbx_strand_id   A,B,C,D,E,F,G,H
#
loop_
_chem_comp.id
_chem_comp.type
_chem_comp.name
_chem_comp.formula
ADP non-polymer ADENOSINE-5'-DIPHOSPHATE 'C10 H15 N5 O10 P2'
EDO non-polymer 1,2-ETHANEDIOL 'C2 H6 O2'
F6P D-saccharide, beta linking 6-O-phosphono-beta-D-fructofuranose 'C6 H13 O9 P'
PO4 non-polymer 'PHOSPHATE ION' 'O4 P -3'
#
# COMPACT_ATOMS: atom_id res chain seq x y z
N SER A 11 -36.61 -19.98 -25.96
CA SER A 11 -37.19 -20.16 -24.63
C SER A 11 -38.68 -19.86 -24.63
N ASP A 12 -39.44 -20.58 -23.83
CA ASP A 12 -40.88 -20.38 -23.73
C ASP A 12 -41.28 -19.58 -22.50
N PHE A 13 -40.31 -19.15 -21.69
CA PHE A 13 -40.61 -18.32 -20.53
C PHE A 13 -39.47 -17.31 -20.36
N VAL A 14 -39.81 -16.02 -20.39
CA VAL A 14 -38.84 -14.93 -20.49
C VAL A 14 -39.11 -13.91 -19.38
N VAL A 15 -38.10 -13.63 -18.56
CA VAL A 15 -38.17 -12.57 -17.56
C VAL A 15 -37.35 -11.38 -18.04
N VAL A 16 -37.86 -10.17 -17.79
CA VAL A 16 -37.22 -8.93 -18.20
C VAL A 16 -37.10 -8.02 -16.98
N ALA A 17 -35.88 -7.60 -16.68
CA ALA A 17 -35.63 -6.72 -15.55
C ALA A 17 -34.46 -5.83 -15.91
N ASN A 18 -34.30 -4.76 -15.12
CA ASN A 18 -33.25 -3.79 -15.37
C ASN A 18 -31.87 -4.45 -15.45
N ARG A 19 -31.52 -5.26 -14.45
CA ARG A 19 -30.20 -5.87 -14.41
C ARG A 19 -30.34 -7.38 -14.24
N LEU A 20 -29.18 -8.03 -14.11
CA LEU A 20 -29.02 -9.48 -13.99
C LEU A 20 -28.70 -9.86 -12.55
N PRO A 21 -28.78 -11.16 -12.20
CA PRO A 21 -28.71 -11.56 -10.78
C PRO A 21 -27.32 -11.58 -10.15
N ILE A 22 -26.25 -11.21 -10.87
CA ILE A 22 -24.94 -11.03 -10.26
C ILE A 22 -24.38 -9.70 -10.75
N ASP A 23 -23.60 -9.05 -9.89
CA ASP A 23 -23.06 -7.73 -10.19
C ASP A 23 -21.63 -7.83 -10.69
N LEU A 24 -21.16 -6.72 -11.26
CA LEU A 24 -19.80 -6.66 -11.80
C LEU A 24 -19.32 -5.22 -11.91
N ARG A 36 -23.87 -11.60 -6.19
CA ARG A 36 -25.28 -11.33 -5.99
C ARG A 36 -25.58 -9.85 -6.21
N SER A 37 -26.83 -9.52 -6.58
CA SER A 37 -27.26 -8.17 -6.93
C SER A 37 -28.06 -7.52 -5.81
N PRO A 38 -28.18 -6.19 -5.81
CA PRO A 38 -28.89 -5.49 -4.73
C PRO A 38 -30.36 -5.24 -5.05
N GLY A 39 -31.12 -5.07 -3.97
CA GLY A 39 -32.52 -4.71 -4.02
C GLY A 39 -33.41 -5.83 -3.51
N GLY A 40 -34.68 -5.47 -3.26
CA GLY A 40 -35.69 -6.46 -2.96
C GLY A 40 -36.18 -7.23 -4.16
N LEU A 41 -35.82 -6.78 -5.36
CA LEU A 41 -36.16 -7.53 -6.57
C LEU A 41 -35.29 -8.79 -6.70
N VAL A 42 -34.03 -8.71 -6.28
CA VAL A 42 -33.10 -9.81 -6.50
C VAL A 42 -33.25 -10.89 -5.42
N THR A 43 -33.36 -10.48 -4.15
CA THR A 43 -33.45 -11.46 -3.05
C THR A 43 -34.81 -12.14 -3.03
N ALA A 44 -35.49 -12.15 -4.17
CA ALA A 44 -36.80 -12.78 -4.30
C ALA A 44 -36.90 -13.64 -5.56
N LEU A 45 -36.64 -13.03 -6.73
CA LEU A 45 -36.75 -13.74 -7.99
C LEU A 45 -35.61 -14.73 -8.20
N GLU A 46 -34.50 -14.57 -7.47
CA GLU A 46 -33.38 -15.50 -7.63
C GLU A 46 -33.73 -16.90 -7.15
N PRO A 47 -34.19 -17.11 -5.91
CA PRO A 47 -34.50 -18.49 -5.49
C PRO A 47 -35.61 -19.13 -6.29
N LEU A 48 -36.59 -18.35 -6.75
CA LEU A 48 -37.64 -18.85 -7.63
C LEU A 48 -37.03 -19.41 -8.91
N LEU A 49 -36.48 -18.49 -9.72
CA LEU A 49 -35.89 -18.81 -11.00
C LEU A 49 -35.02 -20.06 -10.96
N ARG A 50 -34.18 -20.17 -9.93
CA ARG A 50 -33.34 -21.36 -9.76
C ARG A 50 -34.14 -22.66 -9.86
N ARG A 51 -35.44 -22.62 -9.60
CA ARG A 51 -36.28 -23.81 -9.67
C ARG A 51 -37.35 -23.70 -10.76
N ALA A 55 -34.94 -17.70 -20.24
CA ALA A 55 -34.05 -16.56 -20.48
C ALA A 55 -34.25 -15.46 -19.45
N TRP A 56 -33.26 -14.57 -19.35
CA TRP A 56 -33.30 -13.39 -18.49
C TRP A 56 -32.62 -12.25 -19.22
N ILE A 57 -33.39 -11.22 -19.53
CA ILE A 57 -32.85 -10.05 -20.22
C ILE A 57 -32.61 -8.98 -19.16
N GLY A 58 -31.35 -8.56 -19.06
CA GLY A 58 -30.95 -7.61 -18.04
C GLY A 58 -29.63 -6.97 -18.39
N TRP A 59 -29.35 -5.87 -17.69
CA TRP A 59 -28.14 -5.07 -17.85
C TRP A 59 -27.06 -5.57 -16.91
N PRO A 60 -25.84 -5.81 -17.40
CA PRO A 60 -24.74 -6.30 -16.55
C PRO A 60 -24.53 -5.55 -15.25
N GLY A 61 -24.97 -4.30 -15.20
CA GLY A 61 -24.56 -3.41 -14.14
C GLY A 61 -23.36 -2.57 -14.48
N ILE A 62 -22.94 -2.55 -15.74
CA ILE A 62 -21.71 -1.88 -16.16
C ILE A 62 -21.90 -1.25 -17.53
N PRO A 63 -21.06 -0.27 -17.87
CA PRO A 63 -21.13 0.37 -19.19
C PRO A 63 -20.48 -0.43 -20.30
N ASP A 64 -21.00 -0.24 -21.52
CA ASP A 64 -20.42 -0.74 -22.75
C ASP A 64 -20.04 -2.21 -22.64
N SER A 65 -20.98 -3.02 -22.15
CA SER A 65 -20.66 -4.41 -21.89
C SER A 65 -20.39 -5.15 -23.20
N ASP A 66 -20.11 -6.45 -23.08
CA ASP A 66 -20.04 -7.33 -24.24
C ASP A 66 -21.44 -7.60 -24.76
N GLU A 67 -21.64 -8.73 -25.40
CA GLU A 67 -22.95 -9.04 -25.96
C GLU A 67 -23.31 -10.52 -25.86
N ASP A 68 -22.44 -11.35 -25.36
CA ASP A 68 -22.69 -12.78 -25.29
C ASP A 68 -23.67 -13.10 -24.17
N PRO A 69 -24.66 -13.95 -24.43
CA PRO A 69 -25.51 -14.60 -23.45
C PRO A 69 -24.79 -15.05 -22.17
N VAL A 76 -30.26 -19.47 -19.00
CA VAL A 76 -29.67 -18.68 -20.07
C VAL A 76 -29.94 -17.19 -19.87
N LEU A 77 -28.90 -16.38 -20.02
CA LEU A 77 -28.98 -14.93 -19.80
C LEU A 77 -28.81 -14.19 -21.12
N TYR A 78 -29.44 -13.02 -21.21
CA TYR A 78 -29.26 -12.15 -22.35
C TYR A 78 -28.76 -10.79 -21.88
N PRO A 79 -27.67 -10.26 -22.45
CA PRO A 79 -27.09 -9.02 -21.92
C PRO A 79 -27.57 -7.78 -22.65
N VAL A 80 -27.78 -6.69 -21.91
CA VAL A 80 -28.17 -5.40 -22.51
C VAL A 80 -27.07 -4.39 -22.18
N ARG A 81 -26.27 -4.04 -23.18
CA ARG A 81 -25.19 -3.08 -22.99
C ARG A 81 -25.74 -1.67 -23.01
N LEU A 82 -25.40 -0.90 -21.98
CA LEU A 82 -25.70 0.52 -21.92
C LEU A 82 -24.44 1.34 -22.14
N SER A 83 -24.53 2.39 -22.95
CA SER A 83 -23.42 3.32 -23.03
C SER A 83 -23.29 4.06 -21.70
N ALA A 84 -22.21 4.84 -21.58
CA ALA A 84 -22.08 5.67 -20.39
C ALA A 84 -23.26 6.61 -20.24
N ASP A 85 -23.84 7.05 -21.35
CA ASP A 85 -24.91 8.04 -21.31
C ASP A 85 -26.28 7.43 -21.07
N ASP A 86 -26.50 6.18 -21.51
CA ASP A 86 -27.72 5.48 -21.15
C ASP A 86 -27.79 5.30 -19.65
N VAL A 87 -26.66 5.00 -19.01
CA VAL A 87 -26.66 4.79 -17.56
C VAL A 87 -27.01 6.09 -16.83
N ALA A 88 -26.39 7.20 -17.23
CA ALA A 88 -26.62 8.46 -16.52
C ALA A 88 -28.03 8.99 -16.77
N GLN A 89 -28.47 8.95 -18.03
CA GLN A 89 -29.73 9.58 -18.39
C GLN A 89 -30.94 8.65 -18.29
N TYR A 90 -30.75 7.34 -18.51
CA TYR A 90 -31.89 6.44 -18.32
C TYR A 90 -31.96 5.89 -16.90
N TYR A 91 -30.84 5.42 -16.35
CA TYR A 91 -30.87 4.75 -15.06
C TYR A 91 -30.76 5.73 -13.89
N GLU A 92 -29.74 6.58 -13.91
CA GLU A 92 -29.55 7.50 -12.79
C GLU A 92 -30.47 8.71 -12.89
N GLY A 93 -30.68 9.21 -14.10
CA GLY A 93 -31.62 10.29 -14.30
C GLY A 93 -33.06 9.86 -14.18
N PHE A 94 -33.65 9.35 -15.27
CA PHE A 94 -35.11 9.25 -15.35
C PHE A 94 -35.68 8.28 -14.31
N SER A 95 -35.12 7.07 -14.23
CA SER A 95 -35.68 6.05 -13.34
C SER A 95 -35.50 6.44 -11.87
N ASN A 96 -34.33 6.92 -11.48
CA ASN A 96 -34.03 7.07 -10.07
C ASN A 96 -34.03 8.50 -9.58
N ALA A 97 -34.19 9.49 -10.47
CA ALA A 97 -34.32 10.89 -10.08
C ALA A 97 -35.57 11.56 -10.63
N THR A 98 -36.34 10.89 -11.49
CA THR A 98 -37.69 11.32 -11.80
C THR A 98 -38.73 10.38 -11.21
N LEU A 99 -38.76 9.11 -11.59
CA LEU A 99 -39.88 8.25 -11.19
C LEU A 99 -39.75 7.76 -9.75
N TRP A 100 -38.55 7.32 -9.34
CA TRP A 100 -38.37 6.87 -7.96
C TRP A 100 -38.83 7.87 -6.91
N PRO A 101 -38.39 9.14 -6.91
CA PRO A 101 -38.92 10.06 -5.88
C PRO A 101 -40.38 10.35 -6.06
N LEU A 102 -40.89 10.35 -7.30
CA LEU A 102 -42.28 10.71 -7.50
C LEU A 102 -43.21 9.63 -6.97
N TYR A 103 -42.99 8.37 -7.36
CA TYR A 103 -43.86 7.28 -6.93
C TYR A 103 -43.82 7.12 -5.43
N HIS A 104 -42.76 7.58 -4.78
CA HIS A 104 -42.65 7.56 -3.31
C HIS A 104 -43.06 8.90 -2.71
N ASP A 105 -44.19 9.45 -3.15
CA ASP A 105 -44.81 10.63 -2.52
C ASP A 105 -43.88 11.83 -2.45
N VAL A 106 -43.02 11.98 -3.44
CA VAL A 106 -42.09 13.10 -3.61
C VAL A 106 -41.40 13.49 -2.31
N ILE A 107 -40.82 12.50 -1.61
CA ILE A 107 -39.92 12.80 -0.48
C ILE A 107 -38.81 13.73 -0.94
N VAL A 108 -38.33 13.52 -2.15
CA VAL A 108 -37.35 14.41 -2.77
C VAL A 108 -37.99 14.97 -4.03
N LYS A 109 -37.66 16.22 -4.35
CA LYS A 109 -38.27 16.85 -5.50
C LYS A 109 -37.85 16.11 -6.77
N PRO A 110 -38.79 15.63 -7.58
CA PRO A 110 -38.43 14.97 -8.83
C PRO A 110 -38.04 15.96 -9.92
N ILE A 111 -37.15 15.52 -10.80
CA ILE A 111 -36.61 16.34 -11.88
C ILE A 111 -37.22 15.85 -13.19
N TYR A 112 -37.88 16.76 -13.91
CA TYR A 112 -38.53 16.44 -15.18
C TYR A 112 -37.62 16.93 -16.30
N ASN A 113 -36.99 15.98 -16.98
CA ASN A 113 -35.94 16.26 -17.93
C ASN A 113 -36.25 15.50 -19.22
N ARG A 114 -36.54 16.24 -20.29
CA ARG A 114 -37.03 15.65 -21.52
C ARG A 114 -35.95 14.91 -22.30
N GLN A 115 -34.66 15.26 -22.10
CA GLN A 115 -33.55 14.45 -22.60
C GLN A 115 -33.47 13.11 -21.89
N TRP A 116 -33.78 13.09 -20.58
CA TRP A 116 -33.88 11.83 -19.85
C TRP A 116 -35.02 10.99 -20.40
N TRP A 117 -36.19 11.60 -20.64
CA TRP A 117 -37.33 10.87 -21.18
C TRP A 117 -36.99 10.21 -22.51
N GLU A 118 -36.26 10.92 -23.36
CA GLU A 118 -35.93 10.40 -24.69
C GLU A 118 -34.98 9.21 -24.60
N ARG A 119 -34.01 9.28 -23.68
CA ARG A 119 -33.12 8.14 -23.41
C ARG A 119 -33.90 6.96 -22.79
N TYR A 120 -34.73 7.26 -21.80
CA TYR A 120 -35.58 6.24 -21.20
C TYR A 120 -36.35 5.45 -22.25
N VAL A 121 -37.03 6.17 -23.15
CA VAL A 121 -37.76 5.53 -24.23
C VAL A 121 -36.83 4.63 -25.04
N GLU A 122 -35.67 5.16 -25.43
CA GLU A 122 -34.74 4.40 -26.28
C GLU A 122 -34.32 3.10 -25.61
N VAL A 123 -33.89 3.18 -24.35
CA VAL A 123 -33.35 2.01 -23.67
C VAL A 123 -34.44 0.99 -23.42
N ASN A 124 -35.66 1.46 -23.14
CA ASN A 124 -36.82 0.58 -23.11
C ASN A 124 -36.98 -0.17 -24.43
N ARG A 125 -36.53 0.42 -25.54
CA ARG A 125 -36.73 -0.25 -26.82
C ARG A 125 -35.74 -1.36 -27.06
N ARG A 126 -34.51 -1.21 -26.59
CA ARG A 126 -33.55 -2.29 -26.71
C ARG A 126 -33.98 -3.48 -25.87
N PHE A 127 -34.58 -3.21 -24.71
CA PHE A 127 -35.08 -4.29 -23.86
C PHE A 127 -36.19 -5.08 -24.54
N ALA A 128 -37.07 -4.38 -25.28
CA ALA A 128 -38.14 -5.08 -25.99
C ALA A 128 -37.59 -5.87 -27.17
N GLU A 129 -36.63 -5.29 -27.90
CA GLU A 129 -36.05 -5.98 -29.05
C GLU A 129 -35.36 -7.27 -28.63
N ALA A 130 -34.48 -7.20 -27.63
CA ALA A 130 -33.75 -8.40 -27.21
C ALA A 130 -34.65 -9.40 -26.51
N THR A 131 -35.80 -8.95 -26.00
CA THR A 131 -36.80 -9.87 -25.50
C THR A 131 -37.40 -10.66 -26.66
N SER A 132 -37.63 -9.99 -27.78
CA SER A 132 -38.15 -10.65 -28.97
C SER A 132 -37.14 -11.65 -29.54
N ARG A 133 -35.85 -11.28 -29.55
CA ARG A 133 -34.84 -12.20 -30.05
C ARG A 133 -34.70 -13.44 -29.18
N ALA A 134 -35.17 -13.38 -27.92
CA ALA A 134 -35.11 -14.52 -27.02
C ALA A 134 -36.43 -15.27 -26.91
N ALA A 135 -37.55 -14.65 -27.28
CA ALA A 135 -38.85 -15.26 -27.06
C ALA A 135 -39.27 -16.14 -28.23
N ALA A 136 -40.07 -17.16 -27.93
CA ALA A 136 -40.61 -18.09 -28.91
C ALA A 136 -42.02 -17.66 -29.30
N ARG A 137 -42.48 -18.19 -30.43
CA ARG A 137 -43.84 -17.87 -30.87
C ARG A 137 -44.84 -18.43 -29.86
N GLY A 138 -45.53 -17.54 -29.18
CA GLY A 138 -46.50 -17.91 -28.16
C GLY A 138 -45.97 -17.86 -26.74
N ALA A 139 -44.75 -17.35 -26.54
CA ALA A 139 -44.13 -17.40 -25.23
C ALA A 139 -44.86 -16.49 -24.24
N THR A 140 -44.59 -16.74 -22.97
CA THR A 140 -44.97 -15.85 -21.88
C THR A 140 -43.76 -15.01 -21.47
N VAL A 141 -43.98 -13.73 -21.24
CA VAL A 141 -42.91 -12.87 -20.78
C VAL A 141 -43.35 -12.18 -19.51
N TRP A 142 -42.40 -11.87 -18.64
CA TRP A 142 -42.71 -11.18 -17.39
C TRP A 142 -41.75 -10.04 -17.18
N VAL A 143 -42.28 -8.81 -17.23
CA VAL A 143 -41.50 -7.58 -17.08
C VAL A 143 -41.59 -7.10 -15.64
N GLN A 144 -40.46 -6.59 -15.14
CA GLN A 144 -40.30 -6.25 -13.74
C GLN A 144 -40.05 -4.77 -13.58
N ASP A 145 -40.89 -4.13 -12.74
CA ASP A 145 -40.56 -2.90 -12.02
C ASP A 145 -40.56 -1.64 -12.88
N TYR A 146 -40.15 -0.52 -12.29
CA TYR A 146 -40.49 0.81 -12.75
C TYR A 146 -39.59 1.32 -13.87
N GLN A 147 -38.47 0.68 -14.17
CA GLN A 147 -37.57 1.20 -15.19
C GLN A 147 -37.89 0.70 -16.60
N LEU A 148 -38.87 -0.21 -16.72
CA LEU A 148 -39.20 -0.86 -17.98
C LEU A 148 -40.68 -0.71 -18.30
N GLN A 149 -41.31 0.38 -17.85
CA GLN A 149 -42.76 0.50 -17.97
C GLN A 149 -43.24 0.60 -19.42
N LEU A 150 -42.39 0.99 -20.36
CA LEU A 150 -42.81 1.05 -21.76
C LEU A 150 -42.62 -0.27 -22.47
N VAL A 151 -41.80 -1.17 -21.93
CA VAL A 151 -41.56 -2.47 -22.57
C VAL A 151 -42.84 -3.16 -23.01
N PRO A 152 -43.91 -3.27 -22.20
CA PRO A 152 -45.06 -4.09 -22.62
C PRO A 152 -45.68 -3.66 -23.94
N LYS A 153 -45.92 -2.36 -24.12
CA LYS A 153 -46.58 -1.86 -25.33
C LYS A 153 -45.68 -1.98 -26.56
N MET A 154 -44.40 -1.65 -26.39
CA MET A 154 -43.44 -1.82 -27.48
C MET A 154 -43.35 -3.28 -27.90
N LEU A 155 -43.29 -4.18 -26.93
CA LEU A 155 -43.19 -5.62 -27.22
C LEU A 155 -44.46 -6.13 -27.88
N ARG A 156 -45.63 -5.81 -27.33
CA ARG A 156 -46.91 -6.20 -27.92
C ARG A 156 -47.05 -5.78 -29.37
N GLU A 157 -46.48 -4.64 -29.75
CA GLU A 157 -46.51 -4.26 -31.16
C GLU A 157 -45.53 -5.09 -31.98
N LEU A 158 -44.32 -5.32 -31.46
CA LEU A 158 -43.34 -6.12 -32.17
C LEU A 158 -43.81 -7.56 -32.32
N ARG A 159 -44.50 -8.09 -31.32
CA ARG A 159 -44.85 -9.52 -31.29
C ARG A 159 -46.17 -9.70 -30.57
N PRO A 160 -47.30 -9.57 -31.30
CA PRO A 160 -48.62 -9.73 -30.69
C PRO A 160 -49.01 -11.20 -30.44
N ASP A 161 -48.07 -12.11 -30.66
CA ASP A 161 -48.27 -13.52 -30.33
C ASP A 161 -47.81 -13.86 -28.92
N LEU A 162 -47.10 -12.95 -28.27
CA LEU A 162 -46.61 -13.16 -26.93
C LEU A 162 -47.71 -12.91 -25.91
N THR A 163 -47.58 -13.57 -24.76
CA THR A 163 -48.37 -13.22 -23.60
C THR A 163 -47.45 -12.53 -22.60
N ILE A 164 -47.84 -11.33 -22.15
CA ILE A 164 -46.94 -10.44 -21.44
C ILE A 164 -47.52 -10.14 -20.06
N GLY A 165 -46.68 -10.22 -19.03
CA GLY A 165 -47.03 -9.75 -17.71
C GLY A 165 -46.09 -8.64 -17.27
N PHE A 166 -46.59 -7.78 -16.36
CA PHE A 166 -45.83 -6.68 -15.78
C PHE A 166 -46.13 -6.59 -14.29
N PHE A 167 -45.11 -6.51 -13.46
CA PHE A 167 -45.30 -6.28 -12.02
C PHE A 167 -44.44 -5.10 -11.58
N LEU A 168 -45.07 -4.16 -10.86
CA LEU A 168 -44.39 -2.99 -10.31
C LEU A 168 -44.09 -3.23 -8.84
N HIS A 169 -42.80 -3.18 -8.49
CA HIS A 169 -42.35 -3.53 -7.16
C HIS A 169 -42.25 -2.35 -6.22
N ILE A 170 -42.54 -1.15 -6.71
CA ILE A 170 -42.50 0.03 -5.86
C ILE A 170 -43.93 0.57 -5.82
N PRO A 171 -44.27 1.47 -4.91
CA PRO A 171 -45.65 1.95 -4.85
C PRO A 171 -46.10 2.70 -6.11
N PHE A 172 -47.42 2.78 -6.30
CA PHE A 172 -47.99 3.62 -7.35
C PHE A 172 -48.56 4.86 -6.68
N PRO A 173 -48.14 6.07 -7.05
CA PRO A 173 -48.48 7.27 -6.29
C PRO A 173 -49.94 7.64 -6.48
N PRO A 174 -50.49 8.49 -5.61
CA PRO A 174 -51.83 9.03 -5.84
C PRO A 174 -51.89 9.88 -7.11
N VAL A 175 -53.09 9.98 -7.69
CA VAL A 175 -53.19 10.46 -9.06
C VAL A 175 -52.92 11.95 -9.14
N GLU A 176 -53.27 12.72 -8.11
CA GLU A 176 -52.94 14.15 -8.09
C GLU A 176 -51.45 14.41 -8.20
N LEU A 177 -50.62 13.44 -7.80
CA LEU A 177 -49.17 13.52 -7.97
C LEU A 177 -48.66 12.85 -9.22
N PHE A 178 -49.25 11.74 -9.64
CA PHE A 178 -48.84 11.12 -10.89
C PHE A 178 -49.05 12.06 -12.08
N MET A 179 -50.05 12.96 -12.00
CA MET A 179 -50.36 13.90 -13.07
C MET A 179 -49.29 14.98 -13.26
N GLN A 180 -48.29 15.06 -12.39
CA GLN A 180 -47.20 16.02 -12.58
C GLN A 180 -46.39 15.69 -13.83
N LEU A 181 -46.21 14.40 -14.10
CA LEU A 181 -45.38 13.89 -15.18
C LEU A 181 -45.76 14.49 -16.52
N PRO A 182 -44.84 15.19 -17.20
CA PRO A 182 -45.11 15.58 -18.60
C PRO A 182 -45.49 14.42 -19.52
N TRP A 183 -45.14 13.18 -19.15
CA TRP A 183 -45.31 12.01 -20.02
C TRP A 183 -46.26 10.99 -19.42
N ARG A 184 -47.26 11.48 -18.65
CA ARG A 184 -48.16 10.61 -17.90
C ARG A 184 -49.03 9.73 -18.80
N THR A 185 -49.42 10.25 -19.98
CA THR A 185 -50.24 9.46 -20.90
C THR A 185 -49.44 8.32 -21.50
N GLU A 186 -48.16 8.55 -21.81
CA GLU A 186 -47.31 7.54 -22.42
C GLU A 186 -46.88 6.48 -21.41
N ILE A 187 -46.60 6.87 -20.16
CA ILE A 187 -46.33 5.87 -19.13
C ILE A 187 -47.50 4.92 -18.99
N THR A 188 -48.72 5.44 -19.02
CA THR A 188 -49.90 4.61 -18.83
C THR A 188 -50.17 3.73 -20.05
N ASP A 189 -49.89 4.24 -21.25
CA ASP A 189 -50.10 3.45 -22.46
C ASP A 189 -49.16 2.25 -22.50
N GLY A 190 -47.92 2.42 -22.06
CA GLY A 190 -46.99 1.30 -22.05
C GLY A 190 -47.47 0.16 -21.17
N LEU A 191 -47.88 0.50 -19.95
CA LEU A 191 -48.32 -0.53 -19.00
C LEU A 191 -49.52 -1.31 -19.53
N LEU A 192 -50.34 -0.69 -20.38
CA LEU A 192 -51.54 -1.31 -20.93
C LEU A 192 -51.25 -2.19 -22.13
N GLY A 193 -50.01 -2.21 -22.63
CA GLY A 193 -49.59 -3.21 -23.58
C GLY A 193 -49.46 -4.59 -22.99
N ALA A 194 -49.79 -4.74 -21.72
CA ALA A 194 -49.72 -6.01 -21.01
C ALA A 194 -51.08 -6.66 -20.94
N ASP A 195 -51.08 -7.96 -20.64
CA ASP A 195 -52.30 -8.70 -20.36
C ASP A 195 -52.65 -8.70 -18.89
N LEU A 196 -51.64 -8.68 -18.02
CA LEU A 196 -51.83 -8.58 -16.58
C LEU A 196 -50.88 -7.53 -16.02
N VAL A 197 -51.43 -6.54 -15.32
CA VAL A 197 -50.68 -5.52 -14.60
C VAL A 197 -50.81 -5.82 -13.10
N GLY A 198 -49.69 -5.83 -12.38
CA GLY A 198 -49.69 -6.21 -10.98
C GLY A 198 -49.01 -5.22 -10.05
N PHE A 199 -49.56 -5.13 -8.83
CA PHE A 199 -49.00 -4.34 -7.73
C PHE A 199 -49.02 -5.18 -6.47
N HIS A 200 -48.29 -4.72 -5.45
CA HIS A 200 -48.38 -5.36 -4.14
C HIS A 200 -49.76 -5.16 -3.52
N LEU A 201 -50.38 -3.99 -3.74
CA LEU A 201 -51.50 -3.57 -2.93
C LEU A 201 -52.73 -3.27 -3.79
N PRO A 202 -53.93 -3.43 -3.23
CA PRO A 202 -55.13 -3.05 -3.97
C PRO A 202 -55.16 -1.57 -4.29
N GLY A 203 -54.79 -0.73 -3.31
CA GLY A 203 -54.86 0.70 -3.50
C GLY A 203 -54.01 1.17 -4.66
N GLY A 204 -52.94 0.45 -4.97
CA GLY A 204 -52.20 0.74 -6.18
C GLY A 204 -52.94 0.28 -7.42
N ALA A 205 -53.54 -0.91 -7.34
CA ALA A 205 -54.30 -1.41 -8.48
C ALA A 205 -55.46 -0.49 -8.81
N GLN A 206 -56.07 0.14 -7.80
CA GLN A 206 -57.21 0.99 -8.07
C GLN A 206 -56.78 2.37 -8.56
N ASN A 207 -55.67 2.89 -8.06
CA ASN A 207 -55.08 4.09 -8.65
C ASN A 207 -54.96 3.93 -10.16
N PHE A 208 -54.47 2.76 -10.58
CA PHE A 208 -54.16 2.56 -11.98
C PHE A 208 -55.44 2.45 -12.80
N LEU A 209 -56.53 1.92 -12.24
CA LEU A 209 -57.78 1.86 -12.99
C LEU A 209 -58.43 3.23 -13.12
N PHE A 210 -58.18 4.14 -12.17
CA PHE A 210 -58.67 5.50 -12.32
C PHE A 210 -58.06 6.16 -13.54
N LEU A 211 -56.73 6.05 -13.67
CA LEU A 211 -56.01 6.61 -14.82
C LEU A 211 -56.40 5.93 -16.12
N ALA A 212 -56.73 4.64 -16.08
CA ALA A 212 -57.22 3.98 -17.28
C ALA A 212 -58.58 4.54 -17.71
N ARG A 213 -59.41 4.97 -16.76
CA ARG A 213 -60.75 5.44 -17.14
C ARG A 213 -60.74 6.88 -17.61
N ARG A 214 -59.95 7.73 -16.95
CA ARG A 214 -59.98 9.19 -17.13
C ARG A 214 -58.90 9.73 -18.06
N LEU A 215 -57.71 9.13 -18.04
CA LEU A 215 -56.58 9.64 -18.81
C LEU A 215 -56.45 8.94 -20.16
N VAL A 216 -56.79 7.66 -20.26
CA VAL A 216 -56.85 6.95 -21.53
C VAL A 216 -58.29 6.67 -21.96
N GLY A 217 -59.28 6.99 -21.14
CA GLY A 217 -60.66 6.92 -21.57
C GLY A 217 -61.20 5.53 -21.82
N ALA A 218 -60.54 4.49 -21.34
CA ALA A 218 -60.99 3.13 -21.55
C ALA A 218 -62.11 2.76 -20.58
N ASN A 219 -62.91 1.78 -20.97
CA ASN A 219 -63.97 1.25 -20.12
C ASN A 219 -63.35 0.30 -19.10
N THR A 220 -63.46 0.64 -17.82
CA THR A 220 -62.82 -0.13 -16.78
C THR A 220 -63.85 -0.65 -15.79
N SER A 221 -63.42 -1.59 -14.96
CA SER A 221 -64.25 -2.04 -13.86
C SER A 221 -64.27 -0.99 -12.76
N ARG A 222 -65.33 -1.01 -11.96
CA ARG A 222 -65.55 0.01 -10.95
C ARG A 222 -65.56 -0.52 -9.52
N ALA A 223 -65.52 -1.84 -9.33
CA ALA A 223 -65.50 -2.42 -7.99
C ALA A 223 -64.10 -2.36 -7.39
N SER A 224 -64.04 -2.50 -6.08
CA SER A 224 -62.75 -2.60 -5.42
C SER A 224 -62.05 -3.90 -5.84
N VAL A 225 -60.72 -3.89 -5.76
CA VAL A 225 -59.89 -5.03 -6.14
C VAL A 225 -59.46 -5.76 -4.88
N GLY A 226 -59.45 -7.09 -4.95
CA GLY A 226 -59.05 -7.89 -3.81
C GLY A 226 -57.58 -8.24 -3.82
N VAL A 227 -57.18 -8.92 -2.75
CA VAL A 227 -55.84 -9.46 -2.61
C VAL A 227 -55.81 -10.80 -3.31
N ARG A 228 -55.17 -10.86 -4.47
CA ARG A 228 -55.09 -12.07 -5.29
C ARG A 228 -56.49 -12.64 -5.54
N SER A 229 -57.42 -11.76 -5.90
CA SER A 229 -58.81 -12.11 -6.11
C SER A 229 -59.54 -10.84 -6.50
N LYS A 230 -60.74 -11.03 -7.07
CA LYS A 230 -61.60 -9.91 -7.45
C LYS A 230 -60.87 -8.93 -8.37
N PHE A 231 -60.00 -9.46 -9.23
CA PHE A 231 -59.19 -8.64 -10.11
C PHE A 231 -60.06 -7.76 -11.00
N GLY A 232 -59.46 -6.67 -11.50
CA GLY A 232 -60.14 -5.75 -12.40
C GLY A 232 -59.75 -5.96 -13.85
N GLU A 233 -60.31 -5.10 -14.71
CA GLU A 233 -60.05 -5.24 -16.14
C GLU A 233 -60.31 -3.93 -16.89
N VAL A 234 -59.57 -3.76 -17.99
CA VAL A 234 -59.61 -2.58 -18.84
C VAL A 234 -59.68 -3.05 -20.29
N GLN A 235 -60.63 -2.49 -21.05
CA GLN A 235 -60.80 -2.83 -22.45
C GLN A 235 -59.86 -1.98 -23.31
N ILE A 236 -59.04 -2.62 -24.13
CA ILE A 236 -58.13 -1.92 -25.03
C ILE A 236 -58.26 -2.57 -26.40
N GLY A 237 -59.26 -2.14 -27.16
CA GLY A 237 -59.55 -2.81 -28.42
C GLY A 237 -60.22 -4.14 -28.16
N SER A 238 -59.81 -5.15 -28.93
CA SER A 238 -60.34 -6.50 -28.79
C SER A 238 -59.63 -7.28 -27.71
N ARG A 239 -59.04 -6.61 -26.73
CA ARG A 239 -58.29 -7.25 -25.67
C ARG A 239 -58.73 -6.67 -24.33
N THR A 240 -58.70 -7.52 -23.31
CA THR A 240 -58.99 -7.11 -21.95
C THR A 240 -57.72 -7.25 -21.12
N VAL A 241 -57.38 -6.20 -20.39
CA VAL A 241 -56.19 -6.18 -19.55
C VAL A 241 -56.62 -6.50 -18.13
N LYS A 242 -56.05 -7.57 -17.56
CA LYS A 242 -56.25 -7.93 -16.17
C LYS A 242 -55.34 -7.08 -15.28
N VAL A 243 -55.88 -6.53 -14.18
CA VAL A 243 -55.14 -5.73 -13.21
C VAL A 243 -55.40 -6.27 -11.80
N GLY A 244 -54.37 -6.30 -10.95
CA GLY A 244 -54.54 -6.92 -9.64
C GLY A 244 -53.49 -6.58 -8.59
N ALA A 245 -53.61 -7.27 -7.45
CA ALA A 245 -52.81 -7.05 -6.25
C ALA A 245 -52.20 -8.37 -5.81
N PHE A 246 -50.86 -8.44 -5.84
CA PHE A 246 -50.14 -9.66 -5.44
C PHE A 246 -48.96 -9.24 -4.57
N PRO A 247 -49.10 -9.31 -3.25
CA PRO A 247 -48.05 -8.82 -2.34
C PRO A 247 -46.88 -9.78 -2.26
N ILE A 248 -45.68 -9.30 -2.61
CA ILE A 248 -44.50 -10.16 -2.68
C ILE A 248 -44.07 -10.59 -1.27
N SER A 249 -43.27 -11.64 -1.20
CA SER A 249 -42.86 -12.22 0.08
C SER A 249 -41.44 -12.78 -0.05
N ILE A 250 -41.05 -13.59 0.93
CA ILE A 250 -39.75 -14.26 0.94
C ILE A 250 -40.00 -15.76 0.88
N ASP A 251 -38.91 -16.49 0.70
CA ASP A 251 -38.93 -17.96 0.74
C ASP A 251 -38.83 -18.35 2.20
N SER A 252 -39.97 -18.38 2.87
CA SER A 252 -39.98 -18.33 4.32
C SER A 252 -39.30 -19.55 4.93
N ALA A 253 -39.75 -20.75 4.54
CA ALA A 253 -39.29 -21.97 5.21
C ALA A 253 -37.79 -22.15 5.11
N ASP A 254 -37.20 -21.82 3.95
CA ASP A 254 -35.76 -21.93 3.78
C ASP A 254 -35.01 -20.99 4.74
N LEU A 255 -35.48 -19.75 4.86
CA LEU A 255 -34.85 -18.79 5.76
C LEU A 255 -34.96 -19.26 7.21
N ASP A 256 -36.02 -20.00 7.54
CA ASP A 256 -36.16 -20.53 8.89
C ASP A 256 -35.10 -21.59 9.19
N ARG A 257 -34.95 -22.60 8.31
CA ARG A 257 -34.03 -23.69 8.61
C ARG A 257 -32.58 -23.21 8.63
N GLN A 258 -32.22 -22.27 7.78
CA GLN A 258 -30.86 -21.76 7.78
C GLN A 258 -30.57 -20.95 9.04
N ALA A 259 -31.60 -20.32 9.61
CA ALA A 259 -31.47 -19.58 10.86
C ALA A 259 -31.47 -20.47 12.10
N ARG A 260 -31.65 -21.78 11.95
CA ARG A 260 -31.63 -22.71 13.08
C ARG A 260 -30.28 -23.37 13.32
N GLN A 261 -29.27 -23.07 12.51
CA GLN A 261 -28.04 -23.83 12.56
C GLN A 261 -27.12 -23.36 13.68
N ARG A 262 -26.24 -24.27 14.11
CA ARG A 262 -25.35 -24.00 15.24
C ARG A 262 -24.36 -22.89 14.91
N SER A 263 -23.81 -22.90 13.69
CA SER A 263 -22.89 -21.85 13.27
C SER A 263 -23.53 -20.47 13.36
N ILE A 264 -24.80 -20.36 12.97
CA ILE A 264 -25.50 -19.08 13.03
C ILE A 264 -25.74 -18.67 14.47
N ARG A 265 -26.27 -19.61 15.29
CA ARG A 265 -26.59 -19.28 16.68
C ARG A 265 -25.34 -18.98 17.49
N GLN A 266 -24.22 -19.65 17.21
CA GLN A 266 -22.97 -19.34 17.90
C GLN A 266 -22.44 -17.95 17.51
N ARG A 267 -22.62 -17.56 16.26
CA ARG A 267 -22.15 -16.25 15.81
C ARG A 267 -22.99 -15.14 16.41
N ALA A 268 -24.28 -15.40 16.65
CA ALA A 268 -25.14 -14.41 17.30
C ALA A 268 -24.77 -14.22 18.77
N ARG A 269 -24.35 -15.29 19.44
CA ARG A 269 -23.85 -15.15 20.80
C ARG A 269 -22.59 -14.30 20.81
N GLN A 270 -21.73 -14.53 19.82
CA GLN A 270 -20.43 -13.87 19.79
C GLN A 270 -20.56 -12.41 19.42
N ILE A 271 -21.41 -12.10 18.43
CA ILE A 271 -21.68 -10.71 18.08
C ILE A 271 -22.00 -9.90 19.32
N ARG A 272 -22.87 -10.44 20.18
CA ARG A 272 -23.28 -9.71 21.36
C ARG A 272 -22.12 -9.55 22.34
N ALA A 273 -21.19 -10.49 22.36
CA ALA A 273 -20.03 -10.36 23.24
C ALA A 273 -19.09 -9.27 22.75
N GLU A 274 -18.97 -9.12 21.42
CA GLU A 274 -18.11 -8.10 20.83
C GLU A 274 -18.63 -6.70 21.08
N LEU A 275 -19.90 -6.56 21.41
CA LEU A 275 -20.47 -5.29 21.82
C LEU A 275 -20.40 -5.07 23.32
N GLY A 276 -19.69 -5.93 24.06
CA GLY A 276 -19.63 -5.77 25.50
C GLY A 276 -20.90 -6.17 26.21
N ASN A 277 -21.55 -7.22 25.74
CA ASN A 277 -22.68 -7.90 26.33
C ASN A 277 -23.81 -6.97 26.69
N PRO A 278 -24.39 -6.27 25.70
CA PRO A 278 -25.55 -5.40 26.00
C PRO A 278 -26.76 -6.18 26.50
N ARG A 279 -27.46 -5.57 27.46
CA ARG A 279 -28.82 -6.02 27.80
C ARG A 279 -29.73 -6.03 26.57
N ARG A 280 -29.70 -4.95 25.78
CA ARG A 280 -30.67 -4.76 24.70
C ARG A 280 -29.96 -4.34 23.41
N ILE A 281 -30.33 -4.98 22.30
CA ILE A 281 -29.79 -4.68 20.97
C ILE A 281 -30.93 -4.34 20.01
N LEU A 282 -30.80 -3.20 19.30
CA LEU A 282 -31.71 -2.79 18.23
C LEU A 282 -30.98 -2.81 16.90
N LEU A 283 -31.70 -3.25 15.86
CA LEU A 283 -31.14 -3.46 14.53
C LEU A 283 -31.91 -2.66 13.50
N GLY A 284 -31.18 -1.90 12.69
CA GLY A 284 -31.68 -1.40 11.43
C GLY A 284 -30.86 -2.01 10.31
N VAL A 285 -31.51 -2.49 9.25
CA VAL A 285 -30.89 -3.11 8.07
C VAL A 285 -31.60 -2.61 6.80
N ASP A 286 -30.90 -1.84 5.97
CA ASP A 286 -31.51 -1.38 4.71
C ASP A 286 -30.46 -0.81 3.76
N ARG A 287 -30.88 -0.58 2.52
CA ARG A 287 -30.13 0.24 1.57
C ARG A 287 -30.19 1.71 1.96
N LEU A 288 -29.07 2.41 1.79
CA LEU A 288 -28.99 3.83 2.13
C LEU A 288 -29.81 4.67 1.17
N ASP A 289 -31.11 4.79 1.46
CA ASP A 289 -32.09 5.38 0.57
C ASP A 289 -33.03 6.25 1.38
N TYR A 290 -33.45 7.38 0.81
CA TYR A 290 -34.23 8.35 1.57
C TYR A 290 -35.65 7.88 1.87
N THR A 291 -36.05 6.72 1.37
CA THR A 291 -37.35 6.18 1.70
C THR A 291 -37.36 5.34 2.99
N LYS A 292 -36.18 5.00 3.52
CA LYS A 292 -36.06 3.94 4.53
C LYS A 292 -36.16 4.44 5.96
N GLY A 293 -36.09 5.75 6.18
CA GLY A 293 -36.29 6.28 7.53
C GLY A 293 -35.22 5.94 8.53
N ILE A 294 -33.97 5.86 8.06
CA ILE A 294 -32.82 5.68 8.94
C ILE A 294 -32.54 6.95 9.73
N ASP A 295 -32.92 8.09 9.16
CA ASP A 295 -32.79 9.35 9.87
C ASP A 295 -33.78 9.45 11.02
N VAL A 296 -34.99 8.91 10.82
CA VAL A 296 -36.04 8.97 11.82
C VAL A 296 -35.68 8.14 13.03
N ARG A 297 -35.22 6.90 12.79
CA ARG A 297 -34.89 6.02 13.91
C ARG A 297 -33.69 6.54 14.71
N LEU A 298 -32.82 7.34 14.08
CA LEU A 298 -31.67 7.91 14.79
C LEU A 298 -32.05 9.11 15.67
N GLN A 299 -32.90 10.01 15.17
CA GLN A 299 -33.41 11.12 15.97
C GLN A 299 -34.23 10.62 17.17
N ALA A 300 -35.06 9.60 16.95
CA ALA A 300 -35.82 9.04 18.06
C ALA A 300 -34.90 8.42 19.11
N PHE A 301 -33.81 7.80 18.65
CA PHE A 301 -32.93 7.13 19.59
C PHE A 301 -32.05 8.14 20.31
N ALA A 302 -31.62 9.20 19.62
CA ALA A 302 -30.89 10.27 20.29
C ALA A 302 -31.76 10.98 21.31
N GLU A 303 -33.03 11.20 21.00
CA GLU A 303 -33.90 11.91 21.93
C GLU A 303 -34.16 11.06 23.17
N LEU A 304 -34.36 9.75 22.99
CA LEU A 304 -34.55 8.86 24.13
C LEU A 304 -33.31 8.84 25.03
N LEU A 305 -32.10 8.78 24.45
CA LEU A 305 -30.88 8.88 25.25
C LEU A 305 -30.82 10.20 26.01
N ALA A 306 -31.20 11.30 25.35
CA ALA A 306 -31.19 12.62 25.97
C ALA A 306 -32.16 12.68 27.15
N GLU A 307 -33.31 12.03 27.03
CA GLU A 307 -34.35 12.10 28.04
C GLU A 307 -34.16 11.07 29.15
N GLY A 308 -33.09 10.29 29.12
CA GLY A 308 -32.87 9.31 30.19
C GLY A 308 -33.77 8.09 30.13
N ARG A 309 -34.51 7.90 29.05
CA ARG A 309 -35.49 6.83 28.93
C ARG A 309 -34.89 5.53 28.41
N VAL A 310 -33.60 5.52 28.14
CA VAL A 310 -32.87 4.33 27.73
C VAL A 310 -31.46 4.48 28.26
N ASN A 311 -30.93 3.42 28.89
CA ASN A 311 -29.63 3.50 29.54
C ASN A 311 -28.52 3.40 28.50
N ARG A 312 -27.64 4.40 28.47
CA ARG A 312 -26.54 4.43 27.50
C ARG A 312 -25.48 3.39 27.79
N GLU A 313 -25.58 2.66 28.91
CA GLU A 313 -24.57 1.67 29.30
C GLU A 313 -24.89 0.25 28.82
N ASP A 314 -26.17 -0.13 28.73
CA ASP A 314 -26.51 -1.51 28.40
C ASP A 314 -27.42 -1.64 27.18
N THR A 315 -27.70 -0.55 26.47
CA THR A 315 -28.49 -0.57 25.24
C THR A 315 -27.61 -0.07 24.10
N VAL A 316 -27.76 -0.68 22.92
CA VAL A 316 -26.93 -0.29 21.77
C VAL A 316 -27.71 -0.51 20.46
N PHE A 317 -27.43 0.34 19.46
CA PHE A 317 -28.09 0.31 18.15
C PHE A 317 -27.04 0.06 17.05
N VAL A 318 -27.30 -0.93 16.19
CA VAL A 318 -26.50 -1.21 15.00
C VAL A 318 -27.34 -0.92 13.74
N GLN A 319 -26.81 -0.07 12.86
CA GLN A 319 -27.39 0.18 11.56
C GLN A 319 -26.45 -0.34 10.48
N LEU A 320 -26.98 -1.20 9.60
CA LEU A 320 -26.22 -1.80 8.50
C LEU A 320 -26.81 -1.28 7.19
N ALA A 321 -26.07 -0.37 6.54
CA ALA A 321 -26.55 0.37 5.39
C ALA A 321 -25.76 -0.04 4.15
N THR A 322 -26.43 -0.64 3.19
CA THR A 322 -25.80 -0.92 1.89
C THR A 322 -25.72 0.36 1.08
N PRO A 323 -24.58 0.68 0.46
CA PRO A 323 -24.53 1.87 -0.40
C PRO A 323 -25.44 1.70 -1.60
N SER A 324 -25.96 2.84 -2.10
CA SER A 324 -27.02 2.78 -3.10
C SER A 324 -27.05 4.07 -3.91
N ARG A 325 -26.86 3.96 -5.22
CA ARG A 325 -27.12 5.04 -6.18
C ARG A 325 -26.43 6.36 -5.78
N GLU A 326 -25.11 6.30 -5.53
CA GLU A 326 -24.45 7.47 -5.00
C GLU A 326 -23.86 8.38 -6.07
N ARG A 327 -24.00 8.05 -7.35
CA ARG A 327 -23.81 9.08 -8.36
C ARG A 327 -25.02 10.00 -8.47
N VAL A 328 -26.09 9.71 -7.73
CA VAL A 328 -27.24 10.61 -7.61
C VAL A 328 -27.02 11.50 -6.40
N GLU A 329 -27.29 12.79 -6.55
CA GLU A 329 -26.85 13.75 -5.55
C GLU A 329 -27.79 13.81 -4.35
N ALA A 330 -29.09 13.52 -4.55
CA ALA A 330 -29.99 13.43 -3.42
C ALA A 330 -29.60 12.28 -2.49
N TYR A 331 -28.91 11.27 -3.01
CA TYR A 331 -28.46 10.16 -2.21
C TYR A 331 -27.22 10.48 -1.41
N ARG A 332 -26.30 11.29 -1.98
CA ARG A 332 -25.16 11.76 -1.21
C ARG A 332 -25.58 12.71 -0.11
N LEU A 333 -26.52 13.60 -0.38
CA LEU A 333 -26.99 14.52 0.65
C LEU A 333 -27.59 13.77 1.83
N LEU A 334 -28.31 12.68 1.58
CA LEU A 334 -28.86 11.86 2.66
C LEU A 334 -27.75 11.17 3.46
N ARG A 335 -26.76 10.61 2.76
CA ARG A 335 -25.67 9.92 3.42
C ARG A 335 -24.84 10.84 4.31
N ASP A 336 -24.67 12.11 3.92
CA ASP A 336 -23.89 13.03 4.75
C ASP A 336 -24.57 13.27 6.10
N ASP A 337 -25.89 13.38 6.10
CA ASP A 337 -26.56 13.76 7.35
C ASP A 337 -26.83 12.58 8.26
N ILE A 338 -26.87 11.37 7.71
CA ILE A 338 -26.91 10.20 8.57
C ILE A 338 -25.56 9.97 9.23
N GLU A 339 -24.46 10.14 8.49
CA GLU A 339 -23.13 10.05 9.11
C GLU A 339 -22.93 11.15 10.15
N ARG A 340 -23.46 12.35 9.88
CA ARG A 340 -23.44 13.41 10.87
C ARG A 340 -24.17 12.96 12.13
N GLN A 341 -25.34 12.34 11.95
CA GLN A 341 -26.10 11.83 13.09
C GLN A 341 -25.30 10.82 13.91
N VAL A 342 -24.61 9.89 13.23
CA VAL A 342 -23.90 8.84 13.94
C VAL A 342 -22.79 9.44 14.80
N GLY A 343 -21.97 10.30 14.21
CA GLY A 343 -20.87 10.89 14.96
C GLY A 343 -21.30 11.81 16.08
N HIS A 344 -22.51 12.35 16.02
CA HIS A 344 -23.05 13.28 17.02
C HIS A 344 -23.60 12.55 18.23
N ILE A 345 -24.29 11.44 17.98
CA ILE A 345 -24.89 10.69 19.08
C ILE A 345 -23.83 9.96 19.88
N ASN A 346 -22.84 9.38 19.19
CA ASN A 346 -21.73 8.73 19.88
C ASN A 346 -20.93 9.74 20.69
N GLY A 347 -20.69 10.93 20.15
CA GLY A 347 -19.90 11.91 20.89
C GLY A 347 -20.56 12.38 22.17
N GLU A 348 -21.89 12.35 22.22
CA GLU A 348 -22.63 12.87 23.37
C GLU A 348 -22.96 11.80 24.41
N TYR A 349 -23.17 10.54 24.00
CA TYR A 349 -23.59 9.47 24.89
C TYR A 349 -22.65 8.28 24.93
N GLY A 350 -21.70 8.17 24.02
CA GLY A 350 -20.80 7.03 24.03
C GLY A 350 -19.56 7.27 24.87
N GLU A 351 -18.91 6.17 25.25
CA GLU A 351 -17.62 6.22 25.89
C GLU A 351 -16.52 5.76 24.93
N VAL A 352 -15.27 6.01 25.29
CA VAL A 352 -14.17 5.56 24.44
C VAL A 352 -14.02 4.05 24.59
N GLY A 353 -14.17 3.35 23.47
CA GLY A 353 -14.24 1.91 23.50
C GLY A 353 -15.64 1.37 23.63
N HIS A 354 -16.65 2.22 23.63
CA HIS A 354 -18.04 1.79 23.70
C HIS A 354 -18.95 2.86 23.07
N PRO A 355 -19.09 2.88 21.75
CA PRO A 355 -20.11 3.73 21.14
C PRO A 355 -21.50 3.19 21.48
N VAL A 356 -22.51 4.06 21.36
CA VAL A 356 -23.91 3.63 21.44
C VAL A 356 -24.54 3.39 20.07
N VAL A 357 -23.90 3.84 18.99
CA VAL A 357 -24.34 3.57 17.63
C VAL A 357 -23.14 3.06 16.86
N HIS A 358 -23.24 1.83 16.37
CA HIS A 358 -22.29 1.28 15.43
C HIS A 358 -22.91 1.36 14.05
N TYR A 359 -22.14 1.83 13.07
CA TYR A 359 -22.71 2.17 11.77
C TYR A 359 -21.82 1.63 10.68
N LEU A 360 -22.32 0.72 9.85
CA LEU A 360 -21.53 0.12 8.77
C LEU A 360 -22.11 0.46 7.41
N HIS A 361 -21.22 0.81 6.49
CA HIS A 361 -21.62 1.23 5.15
C HIS A 361 -21.11 0.23 4.11
N ARG A 362 -21.57 -1.01 4.20
CA ARG A 362 -21.19 -2.03 3.23
C ARG A 362 -22.18 -3.19 3.33
N PRO A 363 -22.36 -3.97 2.26
CA PRO A 363 -23.21 -5.16 2.36
C PRO A 363 -22.54 -6.25 3.17
N VAL A 364 -23.37 -7.08 3.79
CA VAL A 364 -22.95 -8.05 4.79
C VAL A 364 -23.23 -9.43 4.20
N PRO A 365 -22.32 -10.41 4.34
CA PRO A 365 -22.63 -11.75 3.81
C PRO A 365 -23.91 -12.29 4.43
N ARG A 366 -24.56 -13.20 3.70
CA ARG A 366 -25.94 -13.55 4.06
C ARG A 366 -26.01 -14.23 5.43
N GLU A 367 -25.04 -15.08 5.75
CA GLU A 367 -25.05 -15.75 7.04
C GLU A 367 -24.75 -14.77 8.16
N GLU A 368 -23.90 -13.78 7.90
CA GLU A 368 -23.58 -12.76 8.89
C GLU A 368 -24.81 -11.96 9.24
N LEU A 369 -25.65 -11.70 8.26
CA LEU A 369 -26.87 -10.92 8.46
C LEU A 369 -27.89 -11.70 9.27
N ILE A 370 -28.05 -12.98 8.96
CA ILE A 370 -29.00 -13.81 9.70
C ILE A 370 -28.58 -13.89 11.17
N ALA A 371 -27.27 -13.96 11.42
CA ALA A 371 -26.76 -13.92 12.79
C ALA A 371 -27.16 -12.63 13.52
N PHE A 372 -27.25 -11.50 12.80
CA PHE A 372 -27.71 -10.24 13.41
C PHE A 372 -29.23 -10.24 13.63
N PHE A 373 -30.01 -10.90 12.77
CA PHE A 373 -31.44 -10.99 13.03
C PHE A 373 -31.72 -11.78 14.31
N VAL A 374 -30.90 -12.79 14.59
CA VAL A 374 -31.12 -13.61 15.76
C VAL A 374 -30.66 -12.89 17.02
N ALA A 375 -29.56 -12.14 16.95
CA ALA A 375 -29.07 -11.40 18.11
C ALA A 375 -29.90 -10.18 18.43
N ALA A 376 -30.68 -9.67 17.48
CA ALA A 376 -31.34 -8.39 17.64
C ALA A 376 -32.59 -8.55 18.49
N ASP A 377 -32.67 -7.80 19.59
CA ASP A 377 -33.87 -7.82 20.42
C ASP A 377 -35.00 -7.00 19.80
N VAL A 378 -34.67 -5.88 19.14
CA VAL A 378 -35.68 -5.01 18.52
C VAL A 378 -35.25 -4.66 17.11
N MET A 379 -36.15 -4.87 16.15
CA MET A 379 -35.91 -4.56 14.75
C MET A 379 -36.67 -3.30 14.38
N LEU A 380 -35.95 -2.27 13.94
CA LEU A 380 -36.53 -0.98 13.60
C LEU A 380 -36.63 -0.88 12.08
N VAL A 381 -37.86 -0.94 11.58
CA VAL A 381 -38.13 -0.82 10.14
C VAL A 381 -39.06 0.39 9.99
N THR A 382 -38.48 1.58 9.81
CA THR A 382 -39.26 2.81 9.85
C THR A 382 -39.33 3.58 8.52
N PRO A 383 -39.50 2.93 7.36
CA PRO A 383 -39.57 3.69 6.13
C PRO A 383 -40.67 4.74 6.14
N LEU A 384 -40.43 5.83 5.41
CA LEU A 384 -41.45 6.81 5.13
C LEU A 384 -42.42 6.33 4.07
N ARG A 385 -41.93 5.58 3.09
CA ARG A 385 -42.79 4.98 2.06
C ARG A 385 -42.02 3.82 1.47
N ASP A 386 -42.65 2.66 1.41
CA ASP A 386 -42.06 1.45 0.88
C ASP A 386 -43.15 0.66 0.17
N GLY A 387 -42.86 0.16 -1.03
CA GLY A 387 -43.83 -0.66 -1.73
C GLY A 387 -44.11 -1.95 -1.01
N MET A 388 -43.05 -2.63 -0.57
CA MET A 388 -43.13 -3.78 0.32
C MET A 388 -41.74 -4.01 0.90
N ASN A 389 -41.63 -4.03 2.20
CA ASN A 389 -40.33 -4.26 2.83
C ASN A 389 -40.18 -5.76 3.10
N LEU A 390 -39.14 -6.38 2.55
CA LEU A 390 -38.83 -7.79 2.82
C LEU A 390 -37.97 -7.99 4.07
N VAL A 391 -37.24 -6.97 4.52
CA VAL A 391 -36.38 -7.07 5.70
C VAL A 391 -37.18 -7.44 6.93
N ALA A 392 -38.42 -6.94 7.03
CA ALA A 392 -39.27 -7.20 8.18
C ALA A 392 -39.82 -8.61 8.20
N LYS A 393 -39.96 -9.25 7.03
CA LYS A 393 -40.35 -10.65 6.99
C LYS A 393 -39.16 -11.59 7.16
N GLU A 394 -37.98 -11.19 6.66
CA GLU A 394 -36.75 -11.92 6.95
C GLU A 394 -36.54 -12.04 8.46
N TYR A 395 -36.66 -10.93 9.17
CA TYR A 395 -36.55 -10.97 10.63
C TYR A 395 -37.59 -11.92 11.24
N VAL A 396 -38.84 -11.77 10.82
CA VAL A 396 -39.90 -12.64 11.32
C VAL A 396 -39.51 -14.10 11.14
N ALA A 397 -39.01 -14.44 9.95
CA ALA A 397 -38.69 -15.83 9.64
C ALA A 397 -37.45 -16.34 10.37
N CYS A 398 -36.59 -15.46 10.89
CA CYS A 398 -35.39 -15.89 11.57
C CYS A 398 -35.58 -16.17 13.05
N ARG A 399 -36.70 -15.76 13.64
CA ARG A 399 -36.90 -15.87 15.08
C ARG A 399 -37.86 -17.02 15.42
N SER A 400 -37.39 -18.24 15.10
CA SER A 400 -38.07 -19.46 15.53
C SER A 400 -38.01 -19.68 17.05
N ASP A 401 -37.05 -19.08 17.73
CA ASP A 401 -37.06 -19.07 19.19
C ASP A 401 -38.16 -18.17 19.75
N LEU A 402 -38.87 -17.43 18.90
CA LEU A 402 -40.05 -16.62 19.23
C LEU A 402 -39.76 -15.38 20.06
N GLY A 403 -38.50 -15.05 20.31
CA GLY A 403 -38.13 -13.77 20.91
C GLY A 403 -38.07 -12.69 19.86
N GLY A 404 -37.58 -11.52 20.29
CA GLY A 404 -37.49 -10.38 19.38
C GLY A 404 -38.77 -9.55 19.32
N ALA A 405 -38.68 -8.43 18.58
CA ALA A 405 -39.82 -7.53 18.43
C ALA A 405 -39.63 -6.67 17.19
N LEU A 406 -40.69 -6.58 16.37
CA LEU A 406 -40.70 -5.80 15.13
C LEU A 406 -41.37 -4.44 15.34
N VAL A 407 -40.64 -3.36 15.10
CA VAL A 407 -41.18 -2.01 15.13
C VAL A 407 -41.30 -1.54 13.68
N LEU A 408 -42.52 -1.22 13.25
CA LEU A 408 -42.85 -1.23 11.82
C LEU A 408 -43.66 -0.02 11.39
N SER A 409 -43.12 0.70 10.40
CA SER A 409 -43.83 1.80 9.76
C SER A 409 -45.11 1.31 9.09
N GLU A 410 -46.22 1.99 9.37
CA GLU A 410 -47.48 1.73 8.66
C GLU A 410 -47.38 2.00 7.17
N PHE A 411 -46.42 2.81 6.74
CA PHE A 411 -46.33 3.19 5.34
C PHE A 411 -45.52 2.19 4.52
N THR A 412 -45.46 0.94 4.96
CA THR A 412 -44.98 -0.16 4.15
C THR A 412 -46.18 -1.01 3.73
N GLY A 413 -46.09 -1.61 2.54
CA GLY A 413 -47.10 -2.57 2.17
C GLY A 413 -47.11 -3.79 3.07
N ALA A 414 -46.02 -4.01 3.83
CA ALA A 414 -45.90 -5.14 4.73
C ALA A 414 -46.83 -5.01 5.93
N ALA A 415 -47.03 -3.80 6.42
CA ALA A 415 -47.90 -3.57 7.57
C ALA A 415 -49.31 -4.10 7.37
N ALA A 416 -49.72 -4.34 6.13
CA ALA A 416 -51.05 -4.85 5.87
C ALA A 416 -51.16 -6.33 6.19
N GLU A 417 -50.04 -7.05 6.10
CA GLU A 417 -49.99 -8.44 6.51
C GLU A 417 -49.46 -8.65 7.93
N LEU A 418 -48.68 -7.71 8.45
CA LEU A 418 -48.00 -7.90 9.72
C LEU A 418 -48.60 -7.04 10.83
N GLY A 419 -49.92 -7.09 10.99
CA GLY A 419 -50.60 -6.20 11.91
C GLY A 419 -50.23 -6.36 13.37
N GLN A 420 -49.61 -7.49 13.73
CA GLN A 420 -49.27 -7.78 15.11
C GLN A 420 -47.85 -7.33 15.46
N ALA A 421 -47.21 -6.57 14.59
CA ALA A 421 -45.99 -5.84 14.95
C ALA A 421 -46.36 -4.58 15.73
N TYR A 422 -45.35 -3.79 16.08
CA TYR A 422 -45.56 -2.50 16.72
C TYR A 422 -45.62 -1.47 15.59
N LEU A 423 -46.84 -1.12 15.19
CA LEU A 423 -47.03 -0.24 14.04
C LEU A 423 -46.94 1.23 14.44
N VAL A 424 -46.20 2.01 13.66
CA VAL A 424 -46.08 3.44 13.87
C VAL A 424 -46.19 4.19 12.55
N ASN A 425 -46.73 5.40 12.66
CA ASN A 425 -46.58 6.46 11.68
C ASN A 425 -45.22 7.11 11.93
N PRO A 426 -44.30 6.99 10.99
CA PRO A 426 -42.93 7.46 11.23
C PRO A 426 -42.78 8.97 11.38
N HIS A 427 -43.81 9.76 11.04
CA HIS A 427 -43.81 11.20 11.29
C HIS A 427 -44.33 11.56 12.67
N ASN A 428 -44.95 10.62 13.37
CA ASN A 428 -45.37 10.83 14.76
C ASN A 428 -44.19 10.42 15.60
N LEU A 429 -43.31 11.37 15.88
CA LEU A 429 -42.00 11.05 16.45
C LEU A 429 -42.10 10.72 17.93
N ASP A 430 -42.95 11.45 18.68
CA ASP A 430 -43.26 11.08 20.05
C ASP A 430 -43.79 9.65 20.14
N HIS A 431 -44.68 9.26 19.24
CA HIS A 431 -45.21 7.89 19.25
C HIS A 431 -44.15 6.90 18.83
N VAL A 432 -43.31 7.26 17.85
CA VAL A 432 -42.17 6.42 17.49
C VAL A 432 -41.30 6.17 18.71
N LYS A 433 -40.96 7.22 19.45
CA LYS A 433 -40.12 7.04 20.64
C LYS A 433 -40.82 6.18 21.68
N ASP A 434 -42.13 6.41 21.89
CA ASP A 434 -42.93 5.61 22.81
C ASP A 434 -42.91 4.14 22.41
N THR A 435 -43.03 3.86 21.12
CA THR A 435 -43.12 2.47 20.66
C THR A 435 -41.80 1.71 20.84
N MET A 436 -40.65 2.40 20.70
CA MET A 436 -39.37 1.70 20.89
C MET A 436 -39.18 1.29 22.36
N VAL A 437 -39.59 2.15 23.30
CA VAL A 437 -39.53 1.82 24.73
C VAL A 437 -40.42 0.63 25.06
N ALA A 438 -41.67 0.66 24.60
CA ALA A 438 -42.57 -0.48 24.82
C ALA A 438 -41.96 -1.77 24.27
N ALA A 439 -41.38 -1.75 23.08
CA ALA A 439 -40.79 -2.95 22.51
C ALA A 439 -39.55 -3.40 23.29
N LEU A 440 -38.74 -2.45 23.76
CA LEU A 440 -37.60 -2.77 24.60
C LEU A 440 -37.99 -3.36 25.95
N ASN A 441 -39.23 -3.10 26.39
CA ASN A 441 -39.65 -3.39 27.75
C ASN A 441 -40.85 -4.33 27.81
N GLN A 442 -41.17 -5.01 26.71
CA GLN A 442 -42.30 -5.91 26.69
C GLN A 442 -42.08 -7.10 27.63
N THR A 443 -43.18 -7.63 28.14
CA THR A 443 -43.13 -8.95 28.75
C THR A 443 -42.75 -9.96 27.68
N PRO A 444 -42.00 -11.00 28.03
CA PRO A 444 -41.65 -12.03 27.04
C PRO A 444 -42.87 -12.79 26.52
N GLU A 445 -43.87 -12.98 27.37
CA GLU A 445 -45.11 -13.62 26.95
C GLU A 445 -45.79 -12.82 25.84
N GLU A 446 -45.81 -11.50 25.96
CA GLU A 446 -46.37 -10.66 24.90
C GLU A 446 -45.56 -10.75 23.62
N GLY A 447 -44.24 -10.62 23.73
CA GLY A 447 -43.39 -10.79 22.55
C GLY A 447 -43.62 -12.11 21.84
N ARG A 448 -43.74 -13.19 22.61
CA ARG A 448 -43.95 -14.51 22.02
C ARG A 448 -45.31 -14.62 21.38
N ARG A 449 -46.34 -13.98 21.96
CA ARG A 449 -47.64 -13.98 21.31
C ARG A 449 -47.57 -13.30 19.95
N ARG A 450 -46.99 -12.09 19.91
CA ARG A 450 -46.90 -11.36 18.66
C ARG A 450 -46.04 -12.10 17.64
N MET A 451 -44.89 -12.63 18.08
CA MET A 451 -44.02 -13.38 17.18
C MET A 451 -44.73 -14.61 16.63
N ARG A 452 -45.54 -15.26 17.46
CA ARG A 452 -46.28 -16.43 16.99
C ARG A 452 -47.21 -16.08 15.84
N ALA A 453 -47.92 -14.96 15.95
CA ALA A 453 -48.89 -14.56 14.94
C ALA A 453 -48.22 -14.12 13.65
N LEU A 454 -47.14 -13.33 13.76
CA LEU A 454 -46.44 -12.84 12.58
C LEU A 454 -45.94 -14.00 11.73
N ARG A 455 -45.34 -15.01 12.36
CA ARG A 455 -44.71 -16.09 11.64
C ARG A 455 -45.72 -17.06 11.06
N ARG A 456 -46.91 -17.16 11.63
CA ARG A 456 -47.98 -17.91 10.97
C ARG A 456 -48.28 -17.30 9.61
N GLN A 457 -48.39 -15.97 9.55
CA GLN A 457 -48.66 -15.30 8.29
C GLN A 457 -47.49 -15.46 7.32
N VAL A 458 -46.28 -15.11 7.76
CA VAL A 458 -45.13 -15.15 6.85
C VAL A 458 -44.92 -16.56 6.31
N LEU A 459 -45.13 -17.58 7.15
CA LEU A 459 -44.89 -18.94 6.69
C LEU A 459 -45.96 -19.42 5.73
N ALA A 460 -47.16 -18.90 5.87
CA ALA A 460 -48.25 -19.29 4.99
C ALA A 460 -48.28 -18.48 3.70
N HIS A 461 -47.53 -17.37 3.62
CA HIS A 461 -47.54 -16.50 2.47
C HIS A 461 -46.10 -16.16 2.08
N ASP A 462 -45.51 -17.07 1.35
CA ASP A 462 -44.11 -16.97 0.98
C ASP A 462 -44.03 -16.49 -0.46
N VAL A 463 -42.83 -16.54 -1.02
CA VAL A 463 -42.68 -16.12 -2.41
C VAL A 463 -43.38 -17.12 -3.32
N ASP A 464 -43.53 -18.37 -2.89
CA ASP A 464 -44.16 -19.38 -3.75
C ASP A 464 -45.65 -19.15 -3.89
N LEU A 465 -46.32 -18.74 -2.81
CA LEU A 465 -47.72 -18.34 -2.91
C LEU A 465 -47.91 -17.23 -3.94
N TRP A 466 -46.94 -16.31 -4.02
CA TRP A 466 -47.09 -15.07 -4.77
C TRP A 466 -46.87 -15.28 -6.27
N ALA A 467 -45.91 -16.13 -6.65
CA ALA A 467 -45.64 -16.40 -8.06
C ALA A 467 -46.77 -17.18 -8.71
N ARG A 468 -47.17 -18.31 -8.12
CA ARG A 468 -48.27 -19.07 -8.67
C ARG A 468 -49.54 -18.24 -8.80
N SER A 469 -49.73 -17.29 -7.88
CA SER A 469 -50.95 -16.48 -7.87
C SER A 469 -50.97 -15.51 -9.06
N PHE A 470 -49.88 -14.75 -9.24
CA PHE A 470 -49.78 -13.87 -10.39
C PHE A 470 -49.87 -14.65 -11.69
N LEU A 471 -49.10 -15.74 -11.80
CA LEU A 471 -48.99 -16.45 -13.08
C LEU A 471 -50.22 -17.29 -13.40
N ASP A 472 -50.96 -17.73 -12.39
CA ASP A 472 -52.25 -18.35 -12.66
C ASP A 472 -53.23 -17.36 -13.26
N ALA A 473 -52.99 -16.06 -13.05
CA ALA A 473 -53.82 -15.00 -13.62
C ALA A 473 -53.30 -14.54 -14.99
N LEU A 474 -51.98 -14.46 -15.18
CA LEU A 474 -51.42 -14.16 -16.48
C LEU A 474 -51.79 -15.23 -17.50
N ALA A 475 -51.83 -16.50 -17.06
CA ALA A 475 -52.20 -17.59 -17.96
C ALA A 475 -53.68 -17.58 -18.30
N SER A 476 -54.49 -16.96 -17.46
CA SER A 476 -55.93 -16.93 -17.64
C SER A 476 -56.39 -16.05 -18.79
N THR A 477 -55.48 -15.35 -19.47
CA THR A 477 -55.85 -14.41 -20.52
C THR A 477 -55.69 -14.98 -21.93
N ARG A 478 -55.49 -16.28 -22.06
CA ARG A 478 -55.48 -16.94 -23.37
C ARG A 478 -56.83 -17.63 -23.64
N SER B 11 -6.19 45.97 47.14
CA SER B 11 -5.33 45.07 46.38
C SER B 11 -4.16 45.81 45.72
N ASP B 12 -2.94 45.38 46.04
CA ASP B 12 -1.76 45.93 45.39
C ASP B 12 -1.52 45.32 44.01
N PHE B 13 -2.31 44.31 43.64
CA PHE B 13 -2.04 43.46 42.47
C PHE B 13 -3.35 42.90 41.96
N VAL B 14 -3.70 43.19 40.69
CA VAL B 14 -4.99 42.83 40.11
C VAL B 14 -4.79 42.19 38.74
N VAL B 15 -5.53 41.10 38.47
CA VAL B 15 -5.59 40.48 37.15
C VAL B 15 -6.98 40.70 36.57
N VAL B 16 -7.05 41.04 35.29
CA VAL B 16 -8.30 41.33 34.59
C VAL B 16 -8.39 40.43 33.37
N ALA B 17 -9.38 39.54 33.35
CA ALA B 17 -9.62 38.69 32.20
C ALA B 17 -11.10 38.44 32.06
N ASN B 18 -11.53 38.09 30.85
CA ASN B 18 -12.94 37.79 30.63
C ASN B 18 -13.38 36.61 31.49
N ARG B 19 -12.58 35.55 31.50
CA ARG B 19 -12.89 34.35 32.26
C ARG B 19 -12.42 34.47 33.71
N LEU B 20 -13.09 33.74 34.58
CA LEU B 20 -12.60 33.42 35.91
C LEU B 20 -11.97 32.04 35.90
N PRO B 21 -11.31 31.62 37.00
CA PRO B 21 -10.84 30.22 37.05
C PRO B 21 -11.94 29.20 37.30
N ILE B 22 -13.20 29.64 37.47
CA ILE B 22 -14.33 28.76 37.69
C ILE B 22 -15.45 29.13 36.71
N ASP B 23 -16.47 28.29 36.68
CA ASP B 23 -17.48 28.29 35.63
C ASP B 23 -18.77 27.73 36.23
N LEU B 24 -19.87 28.48 36.13
CA LEU B 24 -21.11 28.10 36.81
C LEU B 24 -22.01 27.30 35.89
N GLU B 25 -22.59 26.23 36.43
CA GLU B 25 -23.62 25.44 35.74
C GLU B 25 -24.96 25.54 36.47
N SER B 33 -23.98 25.11 40.49
CA SER B 33 -22.69 24.55 40.87
C SER B 33 -21.60 24.96 39.90
N TRP B 34 -20.35 24.83 40.33
CA TRP B 34 -19.20 25.39 39.63
C TRP B 34 -18.57 24.36 38.68
N LYS B 35 -17.46 24.76 38.05
CA LYS B 35 -16.66 23.92 37.16
C LYS B 35 -15.40 24.68 36.78
N ARG B 36 -14.39 23.95 36.35
CA ARG B 36 -13.18 24.56 35.81
C ARG B 36 -13.49 25.26 34.50
N SER B 37 -12.92 26.45 34.31
CA SER B 37 -13.10 27.14 33.03
C SER B 37 -12.19 26.53 31.97
N PRO B 38 -12.65 26.48 30.72
CA PRO B 38 -11.83 25.90 29.65
C PRO B 38 -10.73 26.86 29.18
N GLY B 39 -9.90 26.35 28.28
CA GLY B 39 -8.86 27.15 27.66
C GLY B 39 -7.53 27.11 28.40
N GLY B 40 -6.47 27.48 27.68
CA GLY B 40 -5.13 27.46 28.22
C GLY B 40 -4.76 28.65 29.09
N LEU B 41 -5.49 29.77 28.97
CA LEU B 41 -5.27 30.89 29.90
C LEU B 41 -5.63 30.49 31.33
N VAL B 42 -6.65 29.65 31.50
CA VAL B 42 -6.96 29.13 32.84
C VAL B 42 -5.93 28.07 33.25
N THR B 43 -5.59 27.16 32.32
CA THR B 43 -4.58 26.13 32.57
C THR B 43 -3.31 26.72 33.16
N ALA B 44 -2.92 27.92 32.73
CA ALA B 44 -1.66 28.52 33.11
C ALA B 44 -1.77 29.53 34.24
N LEU B 45 -2.78 30.41 34.21
CA LEU B 45 -2.87 31.46 35.22
C LEU B 45 -3.37 30.95 36.56
N GLU B 46 -4.25 29.94 36.55
CA GLU B 46 -4.83 29.48 37.80
C GLU B 46 -3.78 28.86 38.71
N PRO B 47 -2.90 27.96 38.25
CA PRO B 47 -1.84 27.48 39.14
C PRO B 47 -0.91 28.57 39.61
N LEU B 48 -0.72 29.61 38.82
CA LEU B 48 0.20 30.67 39.18
C LEU B 48 -0.40 31.61 40.20
N LEU B 49 -1.58 32.15 39.91
CA LEU B 49 -2.17 33.16 40.79
C LEU B 49 -2.74 32.54 42.05
N ARG B 50 -3.17 31.28 42.00
CA ARG B 50 -3.67 30.63 43.21
C ARG B 50 -2.63 30.67 44.32
N ARG B 51 -1.35 30.69 43.94
CA ARG B 51 -0.22 30.80 44.88
C ARG B 51 0.05 32.23 45.32
N ARG B 52 -0.69 33.20 44.81
CA ARG B 52 -0.39 34.62 44.98
C ARG B 52 -1.66 35.33 45.44
N ARG B 53 -1.71 35.67 46.73
CA ARG B 53 -2.85 36.44 47.22
C ARG B 53 -2.96 37.78 46.50
N GLY B 54 -4.19 38.15 46.17
CA GLY B 54 -4.47 39.30 45.32
C GLY B 54 -5.91 39.23 44.81
N ALA B 55 -6.15 39.91 43.68
CA ALA B 55 -7.48 40.08 43.12
C ALA B 55 -7.56 39.64 41.64
N TRP B 56 -8.77 39.27 41.23
CA TRP B 56 -9.06 38.81 39.87
C TRP B 56 -10.47 39.27 39.50
N ILE B 57 -10.62 39.79 38.30
CA ILE B 57 -11.87 40.34 37.79
C ILE B 57 -12.21 39.63 36.49
N GLY B 58 -13.43 39.13 36.40
CA GLY B 58 -13.81 38.28 35.29
C GLY B 58 -15.29 37.94 35.37
N TRP B 59 -15.74 37.38 34.31
CA TRP B 59 -17.16 37.11 34.12
C TRP B 59 -17.47 35.69 34.56
N PRO B 60 -18.53 35.47 35.32
CA PRO B 60 -18.86 34.13 35.81
C PRO B 60 -19.33 33.13 34.75
N GLY B 61 -19.16 33.44 33.47
CA GLY B 61 -19.53 32.49 32.44
C GLY B 61 -21.02 32.36 32.20
N ILE B 62 -21.85 33.20 32.83
CA ILE B 62 -23.30 33.18 32.60
C ILE B 62 -23.83 34.61 32.66
N PRO B 63 -24.94 34.86 31.96
CA PRO B 63 -25.55 36.19 32.00
C PRO B 63 -26.38 36.47 33.25
N ASP B 64 -26.31 37.72 33.70
CA ASP B 64 -27.15 38.24 34.77
C ASP B 64 -26.95 37.47 36.08
N SER B 65 -25.70 37.44 36.52
CA SER B 65 -25.37 36.96 37.85
C SER B 65 -25.30 38.13 38.81
N ASP B 66 -24.56 37.98 39.90
CA ASP B 66 -24.36 39.04 40.88
C ASP B 66 -22.95 39.60 40.77
N GLU B 67 -22.62 40.49 41.70
CA GLU B 67 -21.28 41.03 41.82
C GLU B 67 -20.68 40.75 43.19
N ASP B 68 -21.16 39.71 43.87
CA ASP B 68 -20.64 39.39 45.19
C ASP B 68 -19.41 38.51 45.07
N PRO B 69 -18.35 38.80 45.81
CA PRO B 69 -17.10 38.03 45.66
C PRO B 69 -17.11 36.70 46.41
N ILE B 70 -16.28 35.78 45.93
CA ILE B 70 -16.03 34.51 46.60
C ILE B 70 -14.53 34.42 46.91
N VAL B 71 -14.21 34.01 48.13
CA VAL B 71 -12.83 33.98 48.61
C VAL B 71 -12.38 32.55 48.85
N LEU B 75 -7.47 33.62 47.52
CA LEU B 75 -7.37 34.86 46.77
C LEU B 75 -8.79 35.34 46.58
N VAL B 76 -8.97 36.55 46.03
CA VAL B 76 -10.27 37.19 45.99
C VAL B 76 -10.68 37.40 44.53
N LEU B 77 -11.89 36.96 44.19
CA LEU B 77 -12.45 37.03 42.84
C LEU B 77 -13.64 37.98 42.80
N TYR B 78 -13.74 38.78 41.74
CA TYR B 78 -14.85 39.71 41.56
C TYR B 78 -15.63 39.41 40.28
N PRO B 79 -16.91 39.08 40.39
CA PRO B 79 -17.69 38.75 39.19
C PRO B 79 -18.22 40.00 38.50
N VAL B 80 -18.07 40.05 37.18
CA VAL B 80 -18.71 41.08 36.37
C VAL B 80 -19.99 40.47 35.81
N ARG B 81 -21.13 41.07 36.18
CA ARG B 81 -22.43 40.71 35.63
C ARG B 81 -22.54 41.23 34.20
N LEU B 82 -22.79 40.32 33.25
CA LEU B 82 -23.09 40.65 31.87
C LEU B 82 -24.55 40.34 31.58
N SER B 83 -25.24 41.24 30.88
CA SER B 83 -26.63 41.01 30.48
C SER B 83 -26.69 40.05 29.29
N ALA B 84 -27.91 39.65 28.93
CA ALA B 84 -28.08 38.75 27.78
C ALA B 84 -27.54 39.36 26.50
N ASP B 85 -27.65 40.69 26.35
CA ASP B 85 -27.17 41.37 25.16
C ASP B 85 -25.68 41.60 25.19
N ASP B 86 -25.11 41.82 26.39
CA ASP B 86 -23.65 41.88 26.50
C ASP B 86 -23.00 40.61 26.01
N VAL B 87 -23.56 39.46 26.37
CA VAL B 87 -22.98 38.18 25.97
C VAL B 87 -23.08 37.97 24.46
N ALA B 88 -24.26 38.20 23.87
CA ALA B 88 -24.46 37.94 22.46
C ALA B 88 -23.66 38.90 21.57
N GLN B 89 -23.43 40.13 22.01
CA GLN B 89 -22.88 41.16 21.14
C GLN B 89 -21.44 41.53 21.43
N TYR B 90 -20.98 41.43 22.66
CA TYR B 90 -19.58 41.67 22.99
C TYR B 90 -18.79 40.38 23.05
N TYR B 91 -19.36 39.35 23.68
CA TYR B 91 -18.66 38.08 23.84
C TYR B 91 -18.78 37.24 22.57
N GLU B 92 -19.98 36.73 22.28
CA GLU B 92 -20.16 35.90 21.09
C GLU B 92 -19.95 36.68 19.80
N GLY B 93 -20.16 38.00 19.84
CA GLY B 93 -20.18 38.82 18.65
C GLY B 93 -18.84 39.48 18.33
N PHE B 94 -18.56 40.64 18.95
CA PHE B 94 -17.34 41.36 18.60
C PHE B 94 -16.11 40.53 18.94
N SER B 95 -16.11 39.87 20.10
CA SER B 95 -14.94 39.09 20.49
C SER B 95 -14.77 37.86 19.61
N ASN B 96 -15.81 37.06 19.45
CA ASN B 96 -15.61 35.75 18.87
C ASN B 96 -16.07 35.62 17.43
N ALA B 97 -16.78 36.61 16.89
CA ALA B 97 -17.10 36.62 15.46
C ALA B 97 -16.48 37.79 14.71
N THR B 98 -15.76 38.69 15.38
CA THR B 98 -14.93 39.71 14.73
C THR B 98 -13.45 39.51 15.02
N LEU B 99 -13.03 39.65 16.27
CA LEU B 99 -11.60 39.65 16.60
C LEU B 99 -10.97 38.29 16.39
N TRP B 100 -11.61 37.24 16.93
CA TRP B 100 -11.05 35.90 16.80
C TRP B 100 -10.87 35.49 15.34
N PRO B 101 -11.91 35.52 14.47
CA PRO B 101 -11.66 35.06 13.08
C PRO B 101 -10.52 35.81 12.42
N LEU B 102 -10.43 37.10 12.68
CA LEU B 102 -9.51 37.98 11.96
C LEU B 102 -8.08 37.83 12.45
N TYR B 103 -7.90 37.71 13.77
CA TYR B 103 -6.57 37.61 14.32
C TYR B 103 -5.89 36.31 13.94
N HIS B 104 -6.66 35.27 13.60
CA HIS B 104 -6.08 34.03 13.07
C HIS B 104 -6.18 33.98 11.54
N ASP B 105 -5.70 35.02 10.88
CA ASP B 105 -5.51 35.02 9.43
C ASP B 105 -6.81 34.74 8.68
N VAL B 106 -7.90 35.38 9.13
CA VAL B 106 -9.25 35.27 8.56
C VAL B 106 -9.55 33.85 8.08
N ILE B 107 -9.35 32.87 8.97
CA ILE B 107 -9.73 31.50 8.67
C ILE B 107 -11.19 31.45 8.27
N VAL B 108 -12.01 32.10 9.07
CA VAL B 108 -13.42 32.31 8.80
C VAL B 108 -13.58 33.79 8.48
N LYS B 109 -14.53 34.10 7.61
CA LYS B 109 -14.74 35.49 7.26
C LYS B 109 -15.24 36.26 8.48
N PRO B 110 -14.56 37.33 8.89
CA PRO B 110 -15.06 38.15 9.99
C PRO B 110 -16.31 38.93 9.64
N ILE B 111 -17.05 39.29 10.68
CA ILE B 111 -18.21 40.14 10.58
C ILE B 111 -17.87 41.49 11.22
N TYR B 112 -18.29 42.57 10.55
CA TYR B 112 -18.09 43.94 11.03
C TYR B 112 -19.46 44.53 11.34
N ASN B 113 -19.72 44.79 12.62
CA ASN B 113 -21.03 45.21 13.09
C ASN B 113 -20.81 46.34 14.09
N ARG B 114 -21.51 47.45 13.89
CA ARG B 114 -21.31 48.61 14.74
C ARG B 114 -21.95 48.43 16.11
N GLN B 115 -23.09 47.74 16.21
CA GLN B 115 -23.68 47.51 17.51
C GLN B 115 -22.83 46.60 18.38
N TRP B 116 -22.12 45.64 17.77
CA TRP B 116 -21.21 44.79 18.54
C TRP B 116 -20.04 45.60 19.10
N TRP B 117 -19.51 46.52 18.28
CA TRP B 117 -18.41 47.36 18.71
C TRP B 117 -18.84 48.30 19.83
N GLU B 118 -20.03 48.89 19.71
CA GLU B 118 -20.54 49.78 20.75
C GLU B 118 -20.72 49.04 22.07
N ARG B 119 -21.16 47.78 22.01
CA ARG B 119 -21.26 46.97 23.21
C ARG B 119 -19.90 46.49 23.69
N TYR B 120 -18.98 46.24 22.76
CA TYR B 120 -17.60 45.96 23.13
C TYR B 120 -17.01 47.11 23.94
N VAL B 121 -17.20 48.34 23.48
CA VAL B 121 -16.67 49.51 24.19
C VAL B 121 -17.21 49.57 25.60
N GLU B 122 -18.51 49.31 25.76
CA GLU B 122 -19.18 49.51 27.03
C GLU B 122 -18.82 48.43 28.05
N VAL B 123 -18.61 47.20 27.59
CA VAL B 123 -18.22 46.13 28.51
C VAL B 123 -16.78 46.33 28.97
N ASN B 124 -15.89 46.71 28.06
CA ASN B 124 -14.53 47.04 28.46
C ASN B 124 -14.51 48.17 29.48
N ARG B 125 -15.45 49.10 29.38
CA ARG B 125 -15.49 50.22 30.31
C ARG B 125 -15.94 49.78 31.68
N ARG B 126 -16.85 48.81 31.72
CA ARG B 126 -17.27 48.27 33.00
C ARG B 126 -16.15 47.46 33.64
N PHE B 127 -15.34 46.78 32.83
CA PHE B 127 -14.19 46.05 33.38
C PHE B 127 -13.16 47.02 33.97
N ALA B 128 -12.84 48.10 33.23
CA ALA B 128 -11.94 49.13 33.75
C ALA B 128 -12.46 49.75 35.05
N GLU B 129 -13.77 49.85 35.21
CA GLU B 129 -14.27 50.44 36.43
C GLU B 129 -14.32 49.44 37.57
N ALA B 130 -14.42 48.15 37.28
CA ALA B 130 -14.34 47.15 38.34
C ALA B 130 -12.92 47.02 38.86
N THR B 131 -11.94 47.10 37.97
CA THR B 131 -10.54 47.16 38.36
C THR B 131 -10.27 48.32 39.30
N SER B 132 -10.76 49.51 38.94
CA SER B 132 -10.56 50.69 39.78
C SER B 132 -11.12 50.48 41.17
N ARG B 133 -12.36 49.99 41.27
CA ARG B 133 -12.90 49.68 42.58
C ARG B 133 -12.08 48.64 43.31
N ALA B 134 -11.18 47.95 42.62
CA ALA B 134 -10.30 46.97 43.24
C ALA B 134 -8.87 47.48 43.41
N ALA B 135 -8.36 48.28 42.47
CA ALA B 135 -6.94 48.65 42.43
C ALA B 135 -6.64 49.73 43.46
N ALA B 136 -5.87 49.36 44.50
CA ALA B 136 -5.33 50.32 45.44
C ALA B 136 -4.37 51.27 44.72
N ARG B 137 -3.77 52.19 45.48
CA ARG B 137 -3.08 53.31 44.87
C ARG B 137 -1.67 52.92 44.48
N GLY B 138 -1.32 53.20 43.24
CA GLY B 138 -0.06 52.77 42.70
C GLY B 138 0.00 51.31 42.36
N ALA B 139 -1.12 50.61 42.42
CA ALA B 139 -1.11 49.17 42.30
C ALA B 139 -0.62 48.74 40.92
N THR B 140 -0.41 47.44 40.78
CA THR B 140 0.02 46.82 39.53
C THR B 140 -1.16 46.02 38.97
N VAL B 141 -1.65 46.45 37.81
CA VAL B 141 -2.76 45.79 37.14
C VAL B 141 -2.22 45.07 35.91
N TRP B 142 -2.74 43.87 35.65
CA TRP B 142 -2.34 43.04 34.51
C TRP B 142 -3.58 42.56 33.77
N VAL B 143 -3.76 43.03 32.54
CA VAL B 143 -4.93 42.77 31.72
C VAL B 143 -4.61 41.68 30.71
N GLN B 144 -5.58 40.79 30.45
CA GLN B 144 -5.37 39.59 29.63
C GLN B 144 -6.32 39.55 28.45
N ASP B 145 -5.75 39.62 27.25
CA ASP B 145 -6.28 39.04 26.01
C ASP B 145 -7.24 39.91 25.20
N TYR B 146 -7.67 39.35 24.06
CA TYR B 146 -8.29 40.07 22.97
C TYR B 146 -9.64 40.69 23.32
N GLN B 147 -10.36 40.15 24.29
CA GLN B 147 -11.66 40.71 24.63
C GLN B 147 -11.57 42.06 25.34
N LEU B 148 -10.39 42.43 25.85
CA LEU B 148 -10.24 43.51 26.80
C LEU B 148 -9.17 44.52 26.37
N GLN B 149 -9.08 44.79 25.05
CA GLN B 149 -7.99 45.60 24.50
C GLN B 149 -8.15 47.10 24.74
N LEU B 150 -9.34 47.59 25.09
CA LEU B 150 -9.51 49.01 25.40
C LEU B 150 -9.27 49.35 26.87
N VAL B 151 -9.16 48.35 27.73
CA VAL B 151 -9.05 48.61 29.17
C VAL B 151 -7.77 49.33 29.55
N PRO B 152 -6.60 49.07 28.95
CA PRO B 152 -5.40 49.87 29.30
C PRO B 152 -5.60 51.37 29.22
N LYS B 153 -6.15 51.87 28.12
CA LYS B 153 -6.29 53.32 27.97
C LYS B 153 -7.39 53.85 28.88
N MET B 154 -8.54 53.17 28.91
CA MET B 154 -9.60 53.56 29.82
C MET B 154 -9.09 53.65 31.25
N LEU B 155 -8.36 52.61 31.68
CA LEU B 155 -7.93 52.50 33.07
C LEU B 155 -6.93 53.59 33.43
N ARG B 156 -6.04 53.96 32.49
CA ARG B 156 -5.16 55.08 32.73
C ARG B 156 -5.93 56.39 32.85
N GLU B 157 -6.99 56.56 32.05
CA GLU B 157 -7.76 57.79 32.13
C GLU B 157 -8.37 57.94 33.51
N LEU B 158 -8.98 56.87 34.01
CA LEU B 158 -9.56 56.90 35.35
C LEU B 158 -8.48 56.98 36.42
N ARG B 159 -7.37 56.30 36.21
CA ARG B 159 -6.48 55.90 37.30
C ARG B 159 -5.03 56.02 36.88
N PRO B 160 -4.52 57.26 36.78
CA PRO B 160 -3.15 57.46 36.29
C PRO B 160 -2.05 57.03 37.25
N ASP B 161 -2.37 56.48 38.42
CA ASP B 161 -1.31 55.99 39.29
C ASP B 161 -0.93 54.55 39.01
N LEU B 162 -1.73 53.82 38.23
CA LEU B 162 -1.50 52.39 38.10
C LEU B 162 -0.33 52.08 37.19
N THR B 163 0.31 50.93 37.47
CA THR B 163 1.23 50.27 36.56
C THR B 163 0.42 49.21 35.78
N ILE B 164 0.28 49.40 34.48
CA ILE B 164 -0.59 48.58 33.64
C ILE B 164 0.26 47.78 32.67
N GLY B 165 0.01 46.48 32.62
CA GLY B 165 0.61 45.63 31.59
C GLY B 165 -0.46 44.80 30.93
N PHE B 166 -0.19 44.41 29.68
CA PHE B 166 -1.15 43.69 28.85
C PHE B 166 -0.46 42.58 28.05
N PHE B 167 -1.02 41.38 28.11
CA PHE B 167 -0.52 40.25 27.34
C PHE B 167 -1.65 39.70 26.49
N LEU B 168 -1.40 39.59 25.19
CA LEU B 168 -2.32 38.98 24.23
C LEU B 168 -1.99 37.50 24.08
N HIS B 169 -2.96 36.64 24.33
CA HIS B 169 -2.71 35.20 24.24
C HIS B 169 -2.94 34.63 22.85
N ILE B 170 -3.44 35.41 21.91
CA ILE B 170 -3.69 34.92 20.55
C ILE B 170 -2.70 35.61 19.62
N PRO B 171 -2.49 35.16 18.39
CA PRO B 171 -1.56 35.89 17.53
C PRO B 171 -2.09 37.28 17.19
N PHE B 172 -1.17 38.15 16.79
CA PHE B 172 -1.51 39.45 16.26
C PHE B 172 -1.34 39.45 14.75
N PRO B 173 -2.40 39.72 13.95
CA PRO B 173 -2.37 39.35 12.50
C PRO B 173 -1.34 40.18 11.74
N PRO B 174 -1.09 39.85 10.48
CA PRO B 174 -0.31 40.74 9.61
C PRO B 174 -1.00 42.07 9.42
N VAL B 175 -0.19 43.09 9.16
CA VAL B 175 -0.72 44.45 9.04
C VAL B 175 -1.80 44.54 7.96
N GLU B 176 -1.57 43.91 6.80
CA GLU B 176 -2.52 44.04 5.69
C GLU B 176 -3.91 43.52 6.04
N LEU B 177 -4.03 42.66 7.04
CA LEU B 177 -5.30 42.12 7.50
C LEU B 177 -5.89 42.89 8.67
N PHE B 178 -5.07 43.31 9.64
CA PHE B 178 -5.60 44.11 10.74
C PHE B 178 -6.30 45.37 10.22
N MET B 179 -5.84 45.92 9.11
CA MET B 179 -6.42 47.17 8.62
C MET B 179 -7.84 47.04 8.08
N GLN B 180 -8.33 45.81 7.89
CA GLN B 180 -9.75 45.61 7.57
C GLN B 180 -10.65 46.23 8.63
N LEU B 181 -10.31 46.03 9.89
CA LEU B 181 -11.13 46.39 11.03
C LEU B 181 -11.55 47.86 10.98
N PRO B 182 -12.84 48.17 10.90
CA PRO B 182 -13.26 49.59 10.87
C PRO B 182 -12.76 50.39 12.05
N TRP B 183 -12.42 49.75 13.17
CA TRP B 183 -12.02 50.43 14.40
C TRP B 183 -10.55 50.20 14.74
N ARG B 184 -9.74 50.02 13.69
CA ARG B 184 -8.31 49.72 13.82
C ARG B 184 -7.56 50.73 14.68
N THR B 185 -8.00 51.99 14.69
CA THR B 185 -7.29 53.04 15.42
C THR B 185 -7.63 53.00 16.90
N GLU B 186 -8.90 52.75 17.21
CA GLU B 186 -9.35 52.68 18.61
C GLU B 186 -8.83 51.42 19.31
N ILE B 187 -8.54 50.35 18.56
CA ILE B 187 -7.96 49.18 19.19
C ILE B 187 -6.48 49.40 19.46
N THR B 188 -5.78 50.07 18.55
CA THR B 188 -4.35 50.32 18.77
C THR B 188 -4.14 51.26 19.95
N ASP B 189 -4.86 52.39 19.97
CA ASP B 189 -4.77 53.32 21.09
C ASP B 189 -5.20 52.66 22.40
N GLY B 190 -6.14 51.72 22.34
CA GLY B 190 -6.53 51.03 23.57
C GLY B 190 -5.39 50.24 24.14
N LEU B 191 -4.61 49.58 23.29
CA LEU B 191 -3.47 48.81 23.77
C LEU B 191 -2.34 49.69 24.26
N LEU B 192 -2.20 50.90 23.74
CA LEU B 192 -1.05 51.71 24.13
C LEU B 192 -1.27 52.50 25.41
N GLY B 193 -2.43 52.31 26.07
CA GLY B 193 -2.60 52.86 27.42
C GLY B 193 -1.77 52.13 28.47
N ALA B 194 -1.37 50.90 28.19
CA ALA B 194 -0.52 50.12 29.09
C ALA B 194 0.91 50.66 29.10
N ASP B 195 1.68 50.24 30.09
CA ASP B 195 3.11 50.52 30.12
C ASP B 195 3.92 49.43 29.42
N LEU B 196 3.43 48.20 29.42
CA LEU B 196 4.08 47.09 28.72
C LEU B 196 2.99 46.33 27.96
N VAL B 197 3.28 46.02 26.71
CA VAL B 197 2.40 45.20 25.87
C VAL B 197 3.19 43.96 25.43
N GLY B 198 2.67 42.77 25.75
CA GLY B 198 3.37 41.54 25.46
C GLY B 198 2.68 40.62 24.47
N PHE B 199 3.48 39.76 23.84
CA PHE B 199 2.98 38.78 22.90
C PHE B 199 3.70 37.47 23.15
N HIS B 200 3.15 36.40 22.59
CA HIS B 200 3.81 35.10 22.64
C HIS B 200 5.12 35.13 21.85
N LEU B 201 5.12 35.74 20.67
CA LEU B 201 6.19 35.59 19.71
C LEU B 201 6.77 36.96 19.34
N PRO B 202 8.02 37.00 18.91
CA PRO B 202 8.55 38.26 18.35
C PRO B 202 7.81 38.71 17.10
N GLY B 203 7.19 37.78 16.37
CA GLY B 203 6.41 38.16 15.21
C GLY B 203 5.25 39.06 15.55
N GLY B 204 4.55 38.75 16.65
CA GLY B 204 3.43 39.59 17.04
C GLY B 204 3.87 40.97 17.49
N ALA B 205 4.99 41.04 18.20
CA ALA B 205 5.46 42.32 18.72
C ALA B 205 5.93 43.26 17.60
N GLN B 206 6.52 42.70 16.53
CA GLN B 206 6.97 43.50 15.40
C GLN B 206 5.80 43.95 14.51
N ASN B 207 4.78 43.10 14.34
CA ASN B 207 3.54 43.59 13.74
C ASN B 207 3.02 44.81 14.47
N PHE B 208 3.15 44.83 15.80
CA PHE B 208 2.57 45.90 16.61
C PHE B 208 3.33 47.22 16.41
N LEU B 209 4.67 47.20 16.53
CA LEU B 209 5.44 48.43 16.37
C LEU B 209 5.23 49.06 15.00
N PHE B 210 5.10 48.22 13.97
CA PHE B 210 4.75 48.70 12.64
C PHE B 210 3.44 49.47 12.66
N LEU B 211 2.39 48.85 13.21
CA LEU B 211 1.06 49.43 13.25
C LEU B 211 1.02 50.69 14.11
N ALA B 212 1.85 50.78 15.14
CA ALA B 212 1.91 52.01 15.94
C ALA B 212 2.50 53.16 15.13
N ARG B 213 3.59 52.90 14.40
CA ARG B 213 4.18 53.95 13.56
C ARG B 213 3.25 54.35 12.43
N ARG B 214 2.56 53.37 11.82
CA ARG B 214 1.83 53.56 10.57
C ARG B 214 0.32 53.66 10.75
N LEU B 215 -0.14 54.09 11.93
CA LEU B 215 -1.57 54.29 12.16
C LEU B 215 -1.80 55.39 13.19
N VAL B 216 -1.15 55.29 14.36
CA VAL B 216 -1.18 56.35 15.38
C VAL B 216 -0.03 57.33 15.20
N GLY B 217 0.93 57.02 14.35
CA GLY B 217 2.00 57.96 14.04
C GLY B 217 2.99 58.21 15.17
N ALA B 218 3.31 57.17 15.95
CA ALA B 218 4.28 57.32 17.03
C ALA B 218 5.67 56.95 16.56
N ASN B 219 6.67 57.40 17.30
CA ASN B 219 8.04 56.97 17.11
C ASN B 219 8.21 55.60 17.75
N THR B 220 8.67 54.62 16.97
CA THR B 220 8.89 53.27 17.47
C THR B 220 10.35 52.87 17.22
N SER B 221 10.75 51.74 17.81
CA SER B 221 12.09 51.23 17.54
C SER B 221 12.07 50.37 16.28
N ARG B 222 13.25 50.21 15.67
CA ARG B 222 13.35 49.60 14.36
C ARG B 222 14.09 48.27 14.33
N ALA B 223 14.81 47.91 15.39
CA ALA B 223 15.44 46.59 15.48
C ALA B 223 14.36 45.51 15.62
N SER B 224 14.78 44.26 15.72
CA SER B 224 13.85 43.17 15.98
C SER B 224 13.79 42.88 17.48
N VAL B 225 12.62 42.38 17.94
CA VAL B 225 12.31 42.11 19.34
C VAL B 225 12.82 40.72 19.67
N GLY B 226 13.37 40.56 20.88
CA GLY B 226 13.85 39.28 21.35
C GLY B 226 12.92 38.60 22.34
N VAL B 227 13.10 37.29 22.44
CA VAL B 227 12.40 36.44 23.41
C VAL B 227 12.88 36.83 24.81
N ARG B 228 11.99 37.44 25.60
CA ARG B 228 12.30 37.84 26.97
C ARG B 228 13.54 38.74 27.01
N SER B 229 13.81 39.46 25.92
CA SER B 229 14.95 40.35 25.87
C SER B 229 14.80 41.23 24.63
N LYS B 230 15.72 42.18 24.49
CA LYS B 230 15.72 43.14 23.38
C LYS B 230 14.32 43.66 23.10
N PHE B 231 13.76 44.32 24.11
CA PHE B 231 12.40 44.81 24.03
C PHE B 231 12.35 46.06 23.16
N GLY B 232 11.22 46.26 22.45
CA GLY B 232 11.02 47.47 21.68
C GLY B 232 10.36 48.57 22.49
N GLU B 233 10.24 49.75 21.88
CA GLU B 233 9.63 50.88 22.55
C GLU B 233 8.79 51.72 21.59
N VAL B 234 7.66 52.23 22.09
CA VAL B 234 6.85 53.23 21.40
C VAL B 234 6.82 54.50 22.25
N GLN B 235 6.95 55.65 21.59
CA GLN B 235 6.99 56.95 22.28
C GLN B 235 5.63 57.63 22.12
N ILE B 236 4.89 57.69 23.21
CA ILE B 236 3.53 58.25 23.23
C ILE B 236 3.58 59.51 24.08
N GLY B 237 3.54 60.67 23.42
CA GLY B 237 3.65 61.95 24.09
C GLY B 237 4.68 61.98 25.19
N SER B 238 4.22 62.14 26.42
CA SER B 238 5.06 62.19 27.61
C SER B 238 5.29 60.83 28.25
N ARG B 239 4.89 59.74 27.60
CA ARG B 239 5.04 58.40 28.13
C ARG B 239 5.85 57.54 27.16
N THR B 240 6.38 56.43 27.67
CA THR B 240 7.12 55.49 26.85
C THR B 240 6.58 54.08 27.09
N VAL B 241 6.26 53.37 26.00
CA VAL B 241 5.53 52.10 26.06
C VAL B 241 6.48 51.00 25.64
N LYS B 242 6.62 49.98 26.49
CA LYS B 242 7.53 48.87 26.26
C LYS B 242 6.78 47.73 25.59
N VAL B 243 7.44 47.04 24.65
CA VAL B 243 6.85 45.93 23.90
C VAL B 243 7.79 44.73 23.94
N GLY B 244 7.22 43.52 24.09
CA GLY B 244 8.04 42.33 24.29
C GLY B 244 7.37 41.07 23.78
N ALA B 245 8.17 39.99 23.79
CA ALA B 245 7.76 38.64 23.40
C ALA B 245 8.06 37.69 24.54
N PHE B 246 7.00 37.06 25.07
CA PHE B 246 7.14 36.19 26.24
C PHE B 246 6.30 34.93 25.99
N PRO B 247 6.93 33.83 25.55
CA PRO B 247 6.20 32.59 25.19
C PRO B 247 5.71 31.83 26.43
N ILE B 248 4.39 31.70 26.56
CA ILE B 248 3.81 31.10 27.76
C ILE B 248 4.09 29.60 27.79
N SER B 249 3.88 29.00 28.96
CA SER B 249 4.05 27.57 29.10
C SER B 249 3.19 27.06 30.25
N ILE B 250 3.48 25.85 30.72
CA ILE B 250 2.66 25.17 31.71
C ILE B 250 3.50 25.00 32.97
N ASP B 251 2.83 24.63 34.05
CA ASP B 251 3.50 24.29 35.29
C ASP B 251 4.10 22.90 35.10
N SER B 252 5.26 22.87 34.43
CA SER B 252 5.78 21.63 33.88
C SER B 252 6.01 20.57 34.96
N ALA B 253 6.53 20.99 36.13
CA ALA B 253 7.04 20.03 37.10
C ALA B 253 5.92 19.32 37.84
N ASP B 254 4.84 20.02 38.16
CA ASP B 254 3.73 19.36 38.85
C ASP B 254 3.11 18.30 37.95
N LEU B 255 2.94 18.63 36.66
CA LEU B 255 2.35 17.73 35.68
C LEU B 255 3.25 16.53 35.40
N ASP B 256 4.54 16.79 35.16
CA ASP B 256 5.49 15.70 35.03
C ASP B 256 5.37 14.72 36.18
N ARG B 257 5.22 15.23 37.39
CA ARG B 257 5.15 14.39 38.58
C ARG B 257 3.79 13.74 38.72
N GLN B 258 2.72 14.50 38.48
CA GLN B 258 1.39 13.92 38.56
C GLN B 258 1.24 12.74 37.61
N ALA B 259 1.99 12.73 36.50
CA ALA B 259 1.93 11.67 35.51
C ALA B 259 2.62 10.40 35.95
N ARG B 260 3.31 10.39 37.08
CA ARG B 260 4.02 9.21 37.54
C ARG B 260 3.31 8.44 38.64
N GLN B 261 2.13 8.89 39.08
CA GLN B 261 1.35 8.09 40.02
C GLN B 261 1.04 6.73 39.42
N ARG B 262 1.16 5.67 40.23
CA ARG B 262 0.90 4.33 39.74
C ARG B 262 -0.51 4.21 39.17
N SER B 263 -1.45 4.99 39.73
CA SER B 263 -2.84 4.96 39.30
C SER B 263 -2.99 5.36 37.83
N ILE B 264 -2.23 6.36 37.40
CA ILE B 264 -2.34 6.86 36.04
C ILE B 264 -1.79 5.84 35.05
N ARG B 265 -0.60 5.28 35.37
CA ARG B 265 0.01 4.25 34.53
C ARG B 265 -0.90 3.06 34.35
N GLN B 266 -1.49 2.60 35.45
CA GLN B 266 -2.37 1.45 35.44
C GLN B 266 -3.64 1.74 34.68
N ARG B 267 -4.00 3.00 34.60
CA ARG B 267 -5.19 3.45 33.91
C ARG B 267 -4.93 3.59 32.42
N ALA B 268 -3.71 4.03 32.07
CA ALA B 268 -3.27 4.03 30.68
C ALA B 268 -3.33 2.64 30.10
N ARG B 269 -2.75 1.66 30.80
CA ARG B 269 -2.84 0.29 30.35
C ARG B 269 -4.30 -0.15 30.17
N GLN B 270 -5.18 0.19 31.11
CA GLN B 270 -6.56 -0.24 31.00
C GLN B 270 -7.26 0.39 29.81
N ILE B 271 -6.90 1.63 29.47
CA ILE B 271 -7.44 2.30 28.30
C ILE B 271 -7.17 1.47 27.04
N ARG B 272 -5.92 1.08 26.82
CA ARG B 272 -5.58 0.33 25.62
C ARG B 272 -6.25 -1.04 25.60
N ALA B 273 -6.57 -1.60 26.76
CA ALA B 273 -7.34 -2.83 26.80
C ALA B 273 -8.81 -2.57 26.45
N GLU B 274 -9.39 -1.51 27.02
CA GLU B 274 -10.75 -1.13 26.67
C GLU B 274 -10.92 -0.90 25.17
N LEU B 275 -9.84 -0.65 24.45
CA LEU B 275 -9.84 -0.50 22.99
C LEU B 275 -9.52 -1.78 22.26
N GLY B 276 -9.23 -2.87 22.96
CA GLY B 276 -8.92 -4.13 22.28
C GLY B 276 -7.47 -4.27 21.88
N ASN B 277 -6.56 -3.71 22.68
CA ASN B 277 -5.12 -3.75 22.56
C ASN B 277 -4.61 -3.46 21.15
N PRO B 278 -4.80 -2.24 20.67
CA PRO B 278 -4.19 -1.83 19.40
C PRO B 278 -2.68 -1.79 19.53
N ARG B 279 -2.02 -1.83 18.38
CA ARG B 279 -0.58 -1.65 18.36
C ARG B 279 -0.22 -0.18 18.47
N ARG B 280 -1.00 0.68 17.82
CA ARG B 280 -0.74 2.11 17.79
C ARG B 280 -2.00 2.85 18.15
N ILE B 281 -1.85 3.83 19.04
CA ILE B 281 -2.93 4.72 19.48
C ILE B 281 -2.52 6.13 19.09
N LEU B 282 -3.36 6.82 18.31
CA LEU B 282 -3.21 8.25 18.00
C LEU B 282 -4.24 9.05 18.77
N LEU B 283 -3.85 10.27 19.19
CA LEU B 283 -4.68 11.12 20.05
C LEU B 283 -4.75 12.57 19.55
N GLY B 284 -5.95 13.15 19.61
CA GLY B 284 -6.11 14.58 19.56
C GLY B 284 -6.90 15.07 20.77
N VAL B 285 -6.53 16.26 21.26
CA VAL B 285 -7.20 16.92 22.38
C VAL B 285 -7.33 18.41 22.08
N ASP B 286 -8.56 18.92 22.07
CA ASP B 286 -8.80 20.34 21.74
C ASP B 286 -10.22 20.76 22.10
N ARG B 287 -10.39 22.04 22.43
CA ARG B 287 -11.68 22.69 22.20
C ARG B 287 -12.08 22.49 20.75
N LEU B 288 -13.38 22.36 20.49
CA LEU B 288 -13.87 22.21 19.12
C LEU B 288 -13.94 23.60 18.47
N ASP B 289 -12.87 23.96 17.75
CA ASP B 289 -12.60 25.32 17.29
C ASP B 289 -11.91 25.27 15.94
N TYR B 290 -12.39 26.09 14.99
CA TYR B 290 -11.91 26.01 13.61
C TYR B 290 -10.42 26.34 13.45
N THR B 291 -9.79 26.93 14.46
CA THR B 291 -8.35 27.13 14.41
C THR B 291 -7.58 25.82 14.50
N LYS B 292 -8.21 24.75 15.04
CA LYS B 292 -7.51 23.63 15.63
C LYS B 292 -7.09 22.56 14.63
N GLY B 293 -7.61 22.56 13.41
CA GLY B 293 -7.17 21.56 12.45
C GLY B 293 -7.58 20.15 12.78
N ILE B 294 -8.68 19.98 13.52
CA ILE B 294 -9.22 18.65 13.78
C ILE B 294 -9.71 18.01 12.50
N ASP B 295 -10.19 18.82 11.56
CA ASP B 295 -10.65 18.31 10.27
C ASP B 295 -9.48 17.83 9.41
N VAL B 296 -8.30 18.42 9.59
CA VAL B 296 -7.12 18.00 8.82
C VAL B 296 -6.66 16.62 9.25
N ARG B 297 -6.57 16.39 10.57
CA ARG B 297 -6.05 15.10 11.05
C ARG B 297 -7.00 13.96 10.70
N LEU B 298 -8.30 14.20 10.67
CA LEU B 298 -9.26 13.16 10.30
C LEU B 298 -9.18 12.81 8.82
N GLN B 299 -9.04 13.84 7.97
CA GLN B 299 -8.91 13.60 6.54
C GLN B 299 -7.63 12.84 6.21
N ALA B 300 -6.53 13.22 6.87
CA ALA B 300 -5.27 12.51 6.65
C ALA B 300 -5.35 11.06 7.11
N PHE B 301 -5.99 10.83 8.26
CA PHE B 301 -6.19 9.45 8.73
C PHE B 301 -7.07 8.65 7.77
N ALA B 302 -8.14 9.28 7.25
CA ALA B 302 -9.03 8.57 6.33
C ALA B 302 -8.33 8.22 5.03
N GLU B 303 -7.50 9.11 4.50
CA GLU B 303 -6.83 8.76 3.26
C GLU B 303 -5.70 7.75 3.50
N LEU B 304 -5.16 7.68 4.72
CA LEU B 304 -4.17 6.66 5.01
C LEU B 304 -4.81 5.27 5.08
N LEU B 305 -5.98 5.17 5.73
CA LEU B 305 -6.75 3.92 5.65
C LEU B 305 -7.11 3.59 4.20
N ALA B 306 -7.55 4.58 3.44
CA ALA B 306 -7.89 4.38 2.03
C ALA B 306 -6.71 3.84 1.24
N GLU B 307 -5.50 4.30 1.55
CA GLU B 307 -4.32 3.91 0.81
C GLU B 307 -3.66 2.64 1.35
N GLY B 308 -4.21 2.03 2.40
CA GLY B 308 -3.60 0.84 2.95
C GLY B 308 -2.29 1.11 3.65
N ARG B 309 -2.06 2.34 4.11
CA ARG B 309 -0.76 2.73 4.65
C ARG B 309 -0.70 2.66 6.16
N VAL B 310 -1.85 2.62 6.83
CA VAL B 310 -1.97 2.13 8.20
C VAL B 310 -2.88 0.90 8.20
N ASN B 311 -2.70 0.07 9.23
CA ASN B 311 -3.47 -1.15 9.44
C ASN B 311 -4.77 -0.81 10.18
N ARG B 312 -5.91 -1.09 9.55
CA ARG B 312 -7.22 -0.74 10.12
C ARG B 312 -7.64 -1.62 11.27
N GLU B 313 -6.91 -2.69 11.57
CA GLU B 313 -7.30 -3.63 12.60
C GLU B 313 -6.48 -3.52 13.88
N ASP B 314 -5.35 -2.82 13.85
CA ASP B 314 -4.52 -2.68 15.04
C ASP B 314 -4.09 -1.24 15.28
N THR B 315 -4.79 -0.27 14.68
CA THR B 315 -4.49 1.16 14.77
C THR B 315 -5.78 1.96 14.91
N VAL B 316 -5.83 2.89 15.87
CA VAL B 316 -7.07 3.55 16.28
C VAL B 316 -6.75 4.98 16.69
N PHE B 317 -7.67 5.91 16.37
CA PHE B 317 -7.54 7.33 16.70
C PHE B 317 -8.68 7.76 17.62
N VAL B 318 -8.32 8.47 18.70
CA VAL B 318 -9.23 9.01 19.69
C VAL B 318 -9.22 10.54 19.59
N GLN B 319 -10.38 11.16 19.57
CA GLN B 319 -10.46 12.62 19.53
C GLN B 319 -11.32 13.08 20.70
N LEU B 320 -10.68 13.76 21.64
CA LEU B 320 -11.37 14.35 22.78
C LEU B 320 -11.60 15.81 22.48
N ALA B 321 -12.85 16.18 22.19
CA ALA B 321 -13.22 17.52 21.75
C ALA B 321 -14.14 18.17 22.77
N THR B 322 -13.72 19.33 23.33
CA THR B 322 -14.49 20.13 24.29
C THR B 322 -15.41 21.11 23.57
N PRO B 323 -16.70 21.19 23.94
CA PRO B 323 -17.58 22.17 23.30
C PRO B 323 -17.18 23.60 23.66
N SER B 324 -17.22 24.47 22.65
CA SER B 324 -16.75 25.85 22.82
C SER B 324 -17.55 26.77 21.91
N ARG B 325 -18.16 27.82 22.49
CA ARG B 325 -18.76 28.95 21.77
C ARG B 325 -19.85 28.50 20.80
N GLU B 326 -20.66 27.53 21.21
CA GLU B 326 -21.57 26.85 20.30
C GLU B 326 -22.78 27.66 19.87
N ARG B 327 -23.00 28.87 20.38
CA ARG B 327 -24.04 29.67 19.75
C ARG B 327 -23.53 30.47 18.56
N VAL B 328 -22.22 30.51 18.33
CA VAL B 328 -21.67 31.10 17.12
C VAL B 328 -21.83 30.11 15.97
N GLU B 329 -22.42 30.57 14.86
CA GLU B 329 -22.79 29.66 13.79
C GLU B 329 -21.58 29.09 13.05
N ALA B 330 -20.43 29.77 13.08
CA ALA B 330 -19.24 29.18 12.47
C ALA B 330 -18.75 27.98 13.24
N TYR B 331 -19.05 27.91 14.54
CA TYR B 331 -18.69 26.74 15.35
C TYR B 331 -19.68 25.60 15.15
N ARG B 332 -20.99 25.89 15.08
CA ARG B 332 -21.96 24.83 14.82
C ARG B 332 -21.76 24.23 13.44
N LEU B 333 -21.35 25.06 12.49
CA LEU B 333 -21.03 24.56 11.15
C LEU B 333 -19.89 23.57 11.21
N LEU B 334 -18.82 23.95 11.92
CA LEU B 334 -17.65 23.09 12.06
C LEU B 334 -18.01 21.79 12.79
N ARG B 335 -18.80 21.89 13.85
CA ARG B 335 -19.26 20.69 14.56
C ARG B 335 -19.98 19.73 13.61
N ASP B 336 -20.88 20.24 12.76
CA ASP B 336 -21.63 19.38 11.84
C ASP B 336 -20.70 18.64 10.87
N ASP B 337 -19.60 19.29 10.45
CA ASP B 337 -18.71 18.72 9.44
C ASP B 337 -17.75 17.70 10.04
N ILE B 338 -17.37 17.89 11.30
CA ILE B 338 -16.47 16.95 11.94
C ILE B 338 -17.21 15.68 12.33
N GLU B 339 -18.44 15.83 12.84
CA GLU B 339 -19.31 14.67 13.13
C GLU B 339 -19.55 13.82 11.88
N ARG B 340 -19.77 14.46 10.74
CA ARG B 340 -19.93 13.71 9.50
C ARG B 340 -18.69 12.89 9.20
N GLN B 341 -17.51 13.42 9.48
CA GLN B 341 -16.28 12.71 9.16
C GLN B 341 -16.13 11.44 9.98
N VAL B 342 -16.66 11.43 11.21
CA VAL B 342 -16.45 10.30 12.11
C VAL B 342 -17.33 9.12 11.73
N GLY B 343 -18.61 9.36 11.45
CA GLY B 343 -19.46 8.29 10.95
C GLY B 343 -19.02 7.80 9.58
N HIS B 344 -18.54 8.71 8.73
CA HIS B 344 -18.09 8.29 7.40
C HIS B 344 -16.91 7.33 7.52
N ILE B 345 -15.88 7.72 8.28
CA ILE B 345 -14.68 6.90 8.43
C ILE B 345 -15.01 5.56 9.09
N ASN B 346 -15.74 5.59 10.19
CA ASN B 346 -16.09 4.32 10.83
C ASN B 346 -16.97 3.47 9.91
N GLY B 347 -17.90 4.10 9.20
CA GLY B 347 -18.73 3.35 8.27
C GLY B 347 -17.95 2.54 7.26
N GLU B 348 -16.79 3.07 6.82
CA GLU B 348 -16.02 2.44 5.76
C GLU B 348 -15.01 1.43 6.27
N TYR B 349 -14.34 1.74 7.39
CA TYR B 349 -13.16 0.98 7.83
C TYR B 349 -13.31 0.29 9.18
N GLY B 350 -14.25 0.71 10.00
CA GLY B 350 -14.49 0.00 11.24
C GLY B 350 -15.27 -1.30 11.04
N GLU B 351 -15.39 -2.02 12.15
CA GLU B 351 -16.16 -3.24 12.27
C GLU B 351 -17.14 -3.07 13.43
N VAL B 352 -18.18 -3.89 13.46
CA VAL B 352 -19.12 -3.82 14.56
C VAL B 352 -18.44 -4.32 15.83
N GLY B 353 -18.38 -3.46 16.84
CA GLY B 353 -17.60 -3.72 18.01
C GLY B 353 -16.22 -3.10 17.94
N HIS B 354 -15.91 -2.36 16.87
CA HIS B 354 -14.54 -1.91 16.65
C HIS B 354 -14.48 -0.72 15.68
N PRO B 355 -14.75 0.50 16.14
CA PRO B 355 -14.45 1.67 15.31
C PRO B 355 -12.96 1.81 15.09
N VAL B 356 -12.60 2.66 14.11
CA VAL B 356 -11.22 3.13 13.97
C VAL B 356 -11.03 4.52 14.57
N VAL B 357 -12.10 5.31 14.66
CA VAL B 357 -12.10 6.63 15.29
C VAL B 357 -13.03 6.54 16.49
N HIS B 358 -12.55 6.97 17.65
CA HIS B 358 -13.44 7.18 18.80
C HIS B 358 -13.56 8.66 19.08
N TYR B 359 -14.78 9.15 19.11
CA TYR B 359 -15.07 10.57 19.14
C TYR B 359 -15.86 10.89 20.38
N LEU B 360 -15.35 11.81 21.18
CA LEU B 360 -16.02 12.23 22.40
C LEU B 360 -16.10 13.74 22.49
N HIS B 361 -17.30 14.25 22.79
CA HIS B 361 -17.60 15.68 22.71
C HIS B 361 -17.88 16.25 24.09
N ARG B 362 -16.95 16.06 25.02
CA ARG B 362 -17.15 16.57 26.37
C ARG B 362 -15.77 16.80 26.98
N PRO B 363 -15.68 17.58 28.05
CA PRO B 363 -14.39 17.77 28.72
C PRO B 363 -14.07 16.62 29.65
N VAL B 364 -12.91 16.02 29.46
CA VAL B 364 -12.45 14.90 30.29
C VAL B 364 -11.90 15.43 31.62
N PRO B 365 -12.05 14.71 32.73
CA PRO B 365 -11.40 15.15 33.97
C PRO B 365 -9.89 15.04 33.88
N ARG B 366 -9.21 15.85 34.69
CA ARG B 366 -7.76 16.04 34.51
C ARG B 366 -7.00 14.71 34.58
N GLU B 367 -7.29 13.90 35.59
CA GLU B 367 -6.57 12.65 35.77
C GLU B 367 -6.86 11.66 34.64
N GLU B 368 -8.10 11.63 34.14
CA GLU B 368 -8.42 10.77 33.00
C GLU B 368 -7.68 11.23 31.75
N LEU B 369 -7.53 12.54 31.56
CA LEU B 369 -6.82 13.05 30.39
C LEU B 369 -5.33 12.74 30.45
N ILE B 370 -4.75 12.76 31.66
CA ILE B 370 -3.32 12.45 31.79
C ILE B 370 -3.04 11.00 31.41
N ALA B 371 -3.95 10.09 31.78
CA ALA B 371 -3.81 8.69 31.37
C ALA B 371 -3.79 8.56 29.85
N PHE B 372 -4.62 9.35 29.15
CA PHE B 372 -4.64 9.32 27.68
C PHE B 372 -3.33 9.81 27.08
N PHE B 373 -2.75 10.89 27.62
CA PHE B 373 -1.43 11.32 27.18
C PHE B 373 -0.41 10.20 27.32
N VAL B 374 -0.48 9.45 28.42
CA VAL B 374 0.46 8.38 28.68
C VAL B 374 0.21 7.17 27.77
N ALA B 375 -1.06 6.89 27.42
CA ALA B 375 -1.37 5.74 26.59
C ALA B 375 -0.98 5.94 25.11
N ALA B 376 -0.73 7.18 24.69
CA ALA B 376 -0.76 7.57 23.29
C ALA B 376 0.63 7.42 22.64
N ASP B 377 0.68 6.64 21.54
CA ASP B 377 1.90 6.49 20.76
C ASP B 377 2.22 7.75 19.94
N VAL B 378 1.20 8.41 19.39
CA VAL B 378 1.35 9.57 18.51
C VAL B 378 0.36 10.67 18.94
N MET B 379 0.89 11.85 19.31
CA MET B 379 0.07 13.02 19.60
C MET B 379 -0.10 13.86 18.34
N LEU B 380 -1.34 14.26 18.04
CA LEU B 380 -1.68 14.99 16.80
C LEU B 380 -2.13 16.41 17.13
N VAL B 381 -1.28 17.40 16.85
CA VAL B 381 -1.57 18.79 17.17
C VAL B 381 -1.41 19.58 15.87
N THR B 382 -2.52 19.69 15.11
CA THR B 382 -2.43 20.22 13.74
C THR B 382 -3.13 21.56 13.47
N PRO B 383 -3.11 22.56 14.38
CA PRO B 383 -3.81 23.82 14.08
C PRO B 383 -3.33 24.51 12.83
N LEU B 384 -4.29 25.12 12.12
CA LEU B 384 -3.99 26.03 11.02
C LEU B 384 -3.32 27.32 11.51
N ARG B 385 -3.65 27.75 12.73
CA ARG B 385 -3.03 28.90 13.38
C ARG B 385 -3.30 28.82 14.87
N ASP B 386 -2.27 29.04 15.69
CA ASP B 386 -2.44 28.97 17.13
C ASP B 386 -1.41 29.87 17.81
N GLY B 387 -1.86 30.71 18.74
CA GLY B 387 -0.91 31.62 19.39
C GLY B 387 0.20 30.87 20.09
N MET B 388 -0.12 29.73 20.70
CA MET B 388 0.85 28.94 21.44
C MET B 388 0.56 27.44 21.34
N ASN B 389 -0.49 26.96 22.03
CA ASN B 389 -0.90 25.56 22.19
C ASN B 389 -0.15 24.90 23.35
N LEU B 390 -0.89 24.61 24.44
CA LEU B 390 -0.33 23.99 25.64
C LEU B 390 -0.57 22.49 25.72
N VAL B 391 -1.47 21.96 24.90
CA VAL B 391 -1.64 20.52 24.76
C VAL B 391 -0.33 19.86 24.35
N ALA B 392 0.37 20.49 23.41
CA ALA B 392 1.67 19.98 22.99
C ALA B 392 2.65 19.91 24.16
N LYS B 393 2.72 20.98 24.98
CA LYS B 393 3.64 21.00 26.11
C LYS B 393 3.20 20.06 27.22
N GLU B 394 1.88 19.86 27.41
CA GLU B 394 1.39 18.91 28.41
C GLU B 394 1.78 17.48 28.05
N TYR B 395 1.62 17.08 26.80
CA TYR B 395 2.00 15.72 26.39
C TYR B 395 3.47 15.45 26.71
N VAL B 396 4.34 16.41 26.38
CA VAL B 396 5.78 16.25 26.50
C VAL B 396 6.17 16.07 27.97
N ALA B 397 5.52 16.82 28.86
CA ALA B 397 5.80 16.69 30.28
C ALA B 397 5.30 15.36 30.83
N CYS B 398 4.24 14.80 30.26
CA CYS B 398 3.70 13.55 30.77
C CYS B 398 4.51 12.32 30.36
N ARG B 399 5.49 12.45 29.46
CA ARG B 399 6.20 11.28 28.92
C ARG B 399 7.59 11.16 29.53
N SER B 400 7.65 11.05 30.87
CA SER B 400 8.93 10.82 31.53
C SER B 400 9.50 9.43 31.26
N ASP B 401 8.74 8.56 30.59
CA ASP B 401 9.22 7.27 30.09
C ASP B 401 9.90 7.38 28.73
N LEU B 402 9.82 8.54 28.09
CA LEU B 402 10.41 8.87 26.79
C LEU B 402 9.76 8.17 25.60
N GLY B 403 8.69 7.40 25.81
CA GLY B 403 7.90 6.95 24.70
C GLY B 403 7.05 8.07 24.11
N GLY B 404 6.38 7.75 22.99
CA GLY B 404 5.47 8.68 22.34
C GLY B 404 6.10 9.42 21.17
N ALA B 405 5.27 10.21 20.50
CA ALA B 405 5.71 11.03 19.37
C ALA B 405 4.75 12.19 19.20
N LEU B 406 5.28 13.41 19.05
CA LEU B 406 4.48 14.62 18.87
C LEU B 406 4.53 15.06 17.41
N VAL B 407 3.37 15.04 16.76
CA VAL B 407 3.21 15.59 15.42
C VAL B 407 2.64 17.00 15.57
N LEU B 408 3.43 18.01 15.18
CA LEU B 408 3.21 19.39 15.59
C LEU B 408 3.10 20.32 14.37
N SER B 409 2.04 21.12 14.33
CA SER B 409 1.85 22.07 13.27
C SER B 409 2.84 23.22 13.42
N GLU B 410 3.43 23.65 12.31
CA GLU B 410 4.39 24.74 12.33
C GLU B 410 3.73 26.10 12.48
N PHE B 411 2.44 26.20 12.20
CA PHE B 411 1.71 27.45 12.43
C PHE B 411 1.27 27.63 13.89
N THR B 412 1.81 26.86 14.83
CA THR B 412 1.62 27.09 16.26
C THR B 412 2.83 27.86 16.81
N GLY B 413 2.60 28.64 17.86
CA GLY B 413 3.71 29.26 18.57
C GLY B 413 4.66 28.28 19.23
N ALA B 414 4.23 27.04 19.45
CA ALA B 414 5.07 26.05 20.12
C ALA B 414 6.18 25.52 19.22
N ALA B 415 5.91 25.37 17.92
CA ALA B 415 6.93 24.87 16.98
C ALA B 415 8.22 25.67 17.04
N ALA B 416 8.17 26.89 17.57
CA ALA B 416 9.38 27.69 17.74
C ALA B 416 10.24 27.18 18.89
N GLU B 417 9.64 26.53 19.88
CA GLU B 417 10.40 25.97 21.00
C GLU B 417 10.60 24.47 20.89
N LEU B 418 9.66 23.76 20.29
CA LEU B 418 9.60 22.31 20.17
C LEU B 418 10.10 21.83 18.80
N GLY B 419 11.29 22.26 18.40
CA GLY B 419 11.81 21.89 17.09
C GLY B 419 12.04 20.40 16.89
N GLN B 420 12.11 19.62 17.96
CA GLN B 420 12.43 18.21 17.85
C GLN B 420 11.21 17.32 17.70
N ALA B 421 10.01 17.90 17.71
CA ALA B 421 8.84 17.14 17.32
C ALA B 421 8.91 16.89 15.82
N TYR B 422 7.90 16.21 15.27
CA TYR B 422 7.77 16.09 13.82
C TYR B 422 6.86 17.23 13.35
N LEU B 423 7.40 18.17 12.58
CA LEU B 423 6.72 19.41 12.26
C LEU B 423 6.11 19.38 10.86
N VAL B 424 4.87 19.87 10.74
CA VAL B 424 4.10 19.80 9.50
C VAL B 424 3.54 21.15 9.12
N ASN B 425 3.38 21.36 7.80
CA ASN B 425 2.51 22.40 7.29
C ASN B 425 1.13 21.78 7.13
N PRO B 426 0.14 22.18 7.93
CA PRO B 426 -1.17 21.50 7.88
C PRO B 426 -1.92 21.64 6.55
N HIS B 427 -1.51 22.55 5.66
CA HIS B 427 -2.17 22.70 4.37
C HIS B 427 -1.64 21.77 3.29
N ASN B 428 -0.50 21.12 3.54
CA ASN B 428 0.10 20.16 2.64
C ASN B 428 -0.34 18.81 3.16
N LEU B 429 -1.40 18.25 2.56
CA LEU B 429 -1.99 17.07 3.19
C LEU B 429 -1.11 15.84 3.03
N ASP B 430 -0.33 15.77 1.94
CA ASP B 430 0.62 14.68 1.75
C ASP B 430 1.73 14.74 2.81
N HIS B 431 2.21 15.93 3.13
CA HIS B 431 3.21 16.08 4.20
C HIS B 431 2.68 15.61 5.54
N VAL B 432 1.40 15.91 5.83
CA VAL B 432 0.78 15.43 7.06
C VAL B 432 0.73 13.90 7.07
N LYS B 433 0.29 13.29 5.97
CA LYS B 433 0.18 11.84 5.94
C LYS B 433 1.55 11.18 6.03
N ASP B 434 2.52 11.68 5.26
CA ASP B 434 3.90 11.20 5.33
C ASP B 434 4.43 11.24 6.76
N THR B 435 4.23 12.36 7.45
CA THR B 435 4.80 12.52 8.78
C THR B 435 4.06 11.70 9.82
N MET B 436 2.76 11.43 9.60
CA MET B 436 2.09 10.53 10.51
C MET B 436 2.65 9.12 10.42
N VAL B 437 2.92 8.65 9.19
CA VAL B 437 3.49 7.32 8.99
C VAL B 437 4.87 7.21 9.63
N ALA B 438 5.69 8.25 9.51
CA ALA B 438 7.03 8.18 10.09
C ALA B 438 6.98 8.14 11.62
N ALA B 439 6.06 8.91 12.23
CA ALA B 439 5.99 8.88 13.69
C ALA B 439 5.54 7.52 14.18
N LEU B 440 4.59 6.91 13.46
CA LEU B 440 4.15 5.55 13.77
C LEU B 440 5.26 4.52 13.60
N ASN B 441 6.25 4.82 12.75
CA ASN B 441 7.31 3.89 12.40
C ASN B 441 8.65 4.22 13.03
N GLN B 442 8.72 5.21 13.93
CA GLN B 442 10.01 5.62 14.47
C GLN B 442 10.64 4.48 15.26
N THR B 443 11.98 4.48 15.29
CA THR B 443 12.69 3.54 16.14
C THR B 443 12.60 4.00 17.59
N PRO B 444 12.78 3.09 18.54
CA PRO B 444 12.86 3.52 19.94
C PRO B 444 13.95 4.55 20.17
N GLU B 445 15.15 4.33 19.63
CA GLU B 445 16.26 5.26 19.82
C GLU B 445 15.92 6.66 19.31
N GLU B 446 15.23 6.76 18.18
CA GLU B 446 14.92 8.07 17.63
C GLU B 446 13.83 8.76 18.44
N GLY B 447 12.79 8.03 18.83
CA GLY B 447 11.71 8.63 19.59
C GLY B 447 12.13 9.12 20.97
N ARG B 448 12.98 8.35 21.66
CA ARG B 448 13.47 8.77 22.96
C ARG B 448 14.45 9.94 22.83
N ARG B 449 15.25 9.98 21.77
CA ARG B 449 16.13 11.12 21.58
C ARG B 449 15.34 12.41 21.48
N ARG B 450 14.28 12.41 20.66
CA ARG B 450 13.44 13.59 20.50
C ARG B 450 12.71 13.93 21.81
N MET B 451 12.10 12.93 22.44
CA MET B 451 11.33 13.19 23.65
C MET B 451 12.23 13.75 24.74
N ARG B 452 13.50 13.37 24.74
CA ARG B 452 14.43 13.94 25.70
C ARG B 452 14.69 15.42 25.41
N ALA B 453 15.04 15.74 24.17
CA ALA B 453 15.28 17.13 23.80
C ALA B 453 14.05 18.01 24.07
N LEU B 454 12.84 17.49 23.78
CA LEU B 454 11.61 18.26 24.01
C LEU B 454 11.32 18.40 25.51
N ARG B 455 11.60 17.36 26.30
CA ARG B 455 11.31 17.44 27.73
C ARG B 455 12.27 18.40 28.43
N ARG B 456 13.52 18.45 27.98
CA ARG B 456 14.52 19.36 28.52
C ARG B 456 14.16 20.83 28.30
N GLN B 457 13.50 21.15 27.18
CA GLN B 457 13.08 22.53 26.96
C GLN B 457 11.87 22.90 27.82
N VAL B 458 10.88 22.03 27.90
CA VAL B 458 9.62 22.34 28.57
C VAL B 458 9.80 22.44 30.07
N LEU B 459 10.68 21.61 30.64
CA LEU B 459 10.89 21.68 32.08
C LEU B 459 11.67 22.92 32.46
N ALA B 460 12.54 23.39 31.55
CA ALA B 460 13.31 24.60 31.83
C ALA B 460 12.51 25.86 31.61
N HIS B 461 11.52 25.84 30.72
CA HIS B 461 10.72 27.01 30.37
C HIS B 461 9.26 26.69 30.72
N ASP B 462 8.93 26.88 31.99
CA ASP B 462 7.62 26.65 32.56
C ASP B 462 6.90 27.99 32.72
N VAL B 463 5.77 28.00 33.42
CA VAL B 463 4.97 29.22 33.55
C VAL B 463 5.63 30.21 34.51
N ASP B 464 6.33 29.71 35.53
CA ASP B 464 7.17 30.54 36.41
C ASP B 464 8.10 31.46 35.61
N LEU B 465 8.96 30.86 34.77
CA LEU B 465 9.88 31.65 33.95
C LEU B 465 9.13 32.70 33.14
N TRP B 466 7.95 32.35 32.63
CA TRP B 466 7.17 33.26 31.80
C TRP B 466 6.62 34.42 32.62
N ALA B 467 6.11 34.14 33.81
CA ALA B 467 5.50 35.21 34.61
C ALA B 467 6.54 36.15 35.20
N ARG B 468 7.70 35.64 35.61
CA ARG B 468 8.73 36.52 36.14
C ARG B 468 9.43 37.31 35.04
N SER B 469 9.42 36.81 33.81
CA SER B 469 9.97 37.58 32.71
C SER B 469 9.11 38.78 32.37
N PHE B 470 7.78 38.59 32.33
CA PHE B 470 6.86 39.69 32.00
C PHE B 470 6.84 40.76 33.10
N LEU B 471 6.69 40.35 34.36
CA LEU B 471 6.50 41.32 35.43
C LEU B 471 7.79 41.99 35.89
N ASP B 472 8.96 41.40 35.62
CA ASP B 472 10.19 42.14 35.83
C ASP B 472 10.38 43.20 34.75
N ALA B 473 9.94 42.88 33.53
CA ALA B 473 9.92 43.89 32.46
C ALA B 473 8.97 45.03 32.80
N LEU B 474 7.73 44.69 33.22
CA LEU B 474 6.77 45.71 33.65
C LEU B 474 7.32 46.55 34.80
N ALA B 475 7.99 45.91 35.77
CA ALA B 475 8.50 46.66 36.91
C ALA B 475 9.56 47.67 36.50
N SER B 476 10.33 47.38 35.45
CA SER B 476 11.31 48.35 35.00
C SER B 476 10.67 49.62 34.44
N THR B 477 9.42 49.57 33.98
CA THR B 477 8.81 50.75 33.35
C THR B 477 8.56 51.89 34.34
N ARG B 478 8.47 51.59 35.63
CA ARG B 478 8.25 52.61 36.66
C ARG B 478 9.48 53.51 36.86
N SER C 11 13.34 36.50 -32.45
CA SER C 11 13.10 37.85 -31.96
C SER C 11 13.99 38.13 -30.76
N ASP C 12 14.26 39.41 -30.49
CA ASP C 12 15.09 39.79 -29.34
C ASP C 12 14.29 40.41 -28.21
N PHE C 13 12.96 40.43 -28.31
CA PHE C 13 12.08 40.79 -27.21
C PHE C 13 10.90 39.83 -27.26
N VAL C 14 10.80 38.97 -26.26
CA VAL C 14 9.76 37.95 -26.20
C VAL C 14 8.96 38.16 -24.92
N VAL C 15 7.65 38.37 -25.07
CA VAL C 15 6.73 38.56 -23.96
C VAL C 15 5.98 37.26 -23.74
N VAL C 16 5.88 36.82 -22.51
CA VAL C 16 5.13 35.62 -22.20
C VAL C 16 4.04 35.98 -21.20
N ALA C 17 2.81 35.69 -21.56
CA ALA C 17 1.69 35.79 -20.63
C ALA C 17 0.75 34.64 -20.93
N ASN C 18 -0.07 34.28 -19.95
CA ASN C 18 -1.11 33.31 -20.24
C ASN C 18 -1.99 33.83 -21.37
N ARG C 19 -2.28 35.12 -21.35
CA ARG C 19 -3.25 35.73 -22.24
C ARG C 19 -2.56 36.27 -23.49
N LEU C 20 -3.26 36.17 -24.61
CA LEU C 20 -2.93 36.91 -25.81
C LEU C 20 -3.69 38.23 -25.82
N PRO C 21 -3.39 39.14 -26.76
CA PRO C 21 -4.16 40.39 -26.85
C PRO C 21 -5.50 40.23 -27.51
N ILE C 22 -5.74 39.10 -28.20
CA ILE C 22 -7.01 38.74 -28.78
C ILE C 22 -7.52 37.48 -28.09
N ASP C 23 -8.83 37.27 -28.14
CA ASP C 23 -9.45 36.08 -27.55
C ASP C 23 -10.47 35.51 -28.52
N LEU C 24 -10.46 34.19 -28.67
CA LEU C 24 -11.33 33.49 -29.61
C LEU C 24 -12.53 32.89 -28.91
N SER C 33 -13.08 33.93 -34.47
CA SER C 33 -13.08 35.38 -34.58
C SER C 33 -12.38 36.05 -33.40
N TRP C 34 -11.32 36.81 -33.67
CA TRP C 34 -10.48 37.39 -32.63
C TRP C 34 -11.14 38.62 -32.00
N LYS C 35 -11.09 38.69 -30.67
CA LYS C 35 -11.74 39.76 -29.91
C LYS C 35 -10.85 40.24 -28.76
N ARG C 36 -11.16 41.44 -28.26
CA ARG C 36 -10.36 42.07 -27.21
C ARG C 36 -10.27 41.17 -25.98
N SER C 37 -9.11 41.13 -25.39
CA SER C 37 -8.94 40.25 -24.23
C SER C 37 -9.29 40.98 -22.94
N PRO C 38 -9.85 40.26 -21.97
CA PRO C 38 -10.32 40.90 -20.73
C PRO C 38 -9.20 41.14 -19.72
N GLY C 39 -9.37 42.21 -18.96
CA GLY C 39 -8.45 42.46 -17.86
C GLY C 39 -7.54 43.64 -18.14
N GLY C 40 -6.90 44.11 -17.08
CA GLY C 40 -6.16 45.35 -17.15
C GLY C 40 -4.72 45.20 -17.55
N LEU C 41 -4.20 43.96 -17.47
CA LEU C 41 -2.86 43.69 -17.96
C LEU C 41 -2.75 43.99 -19.45
N VAL C 42 -3.80 43.71 -20.22
CA VAL C 42 -3.76 43.99 -21.66
C VAL C 42 -4.15 45.43 -21.98
N THR C 43 -5.05 46.05 -21.19
CA THR C 43 -5.47 47.43 -21.46
C THR C 43 -4.27 48.37 -21.53
N ALA C 44 -3.24 48.11 -20.73
CA ALA C 44 -2.09 49.00 -20.68
C ALA C 44 -1.06 48.66 -21.76
N LEU C 45 -0.68 47.38 -21.85
CA LEU C 45 0.41 46.92 -22.68
C LEU C 45 0.00 46.54 -24.10
N GLU C 46 -1.28 46.51 -24.42
CA GLU C 46 -1.69 46.36 -25.82
C GLU C 46 -1.16 47.51 -26.67
N PRO C 47 -1.49 48.80 -26.38
CA PRO C 47 -0.97 49.88 -27.22
C PRO C 47 0.49 50.16 -26.94
N LEU C 48 0.91 49.88 -25.70
CA LEU C 48 2.27 50.16 -25.28
C LEU C 48 3.27 49.38 -26.11
N LEU C 49 2.89 48.19 -26.56
CA LEU C 49 3.80 47.35 -27.34
C LEU C 49 3.42 47.26 -28.80
N ARG C 50 2.21 47.68 -29.18
CA ARG C 50 1.93 47.89 -30.59
C ARG C 50 2.94 48.86 -31.20
N ARG C 51 3.54 49.71 -30.38
CA ARG C 51 4.62 50.57 -30.83
C ARG C 51 5.79 49.72 -31.31
N ARG C 52 6.78 49.47 -30.45
CA ARG C 52 7.93 48.70 -30.88
C ARG C 52 7.52 47.26 -31.17
N ARG C 53 7.83 46.79 -32.38
CA ARG C 53 7.50 45.42 -32.75
C ARG C 53 8.40 44.44 -31.99
N GLY C 54 7.99 43.17 -31.97
CA GLY C 54 8.73 42.15 -31.24
C GLY C 54 8.25 40.72 -31.36
N ALA C 55 7.69 40.18 -30.28
CA ALA C 55 7.22 38.79 -30.18
C ALA C 55 6.47 38.61 -28.87
N TRP C 56 5.55 37.64 -28.84
CA TRP C 56 4.67 37.46 -27.67
C TRP C 56 4.15 36.04 -27.63
N ILE C 57 4.39 35.35 -26.52
CA ILE C 57 3.97 33.97 -26.32
C ILE C 57 2.79 33.96 -25.34
N GLY C 58 1.66 33.43 -25.79
CA GLY C 58 0.45 33.49 -25.00
C GLY C 58 -0.42 32.30 -25.33
N TRP C 59 -1.61 32.28 -24.73
CA TRP C 59 -2.63 31.28 -25.01
C TRP C 59 -3.86 31.95 -25.60
N PRO C 60 -4.47 31.36 -26.63
CA PRO C 60 -5.54 32.02 -27.37
C PRO C 60 -6.85 32.17 -26.61
N GLY C 61 -6.95 31.63 -25.39
CA GLY C 61 -8.20 31.63 -24.66
C GLY C 61 -9.10 30.46 -24.96
N ILE C 62 -8.67 29.55 -25.81
CA ILE C 62 -9.48 28.45 -26.30
C ILE C 62 -8.66 27.16 -26.23
N PRO C 63 -9.27 26.02 -25.87
CA PRO C 63 -8.53 24.76 -25.90
C PRO C 63 -7.98 24.46 -27.28
N ASP C 64 -6.94 23.64 -27.30
CA ASP C 64 -6.45 22.97 -28.51
C ASP C 64 -6.34 23.90 -29.71
N SER C 65 -5.33 24.76 -29.72
CA SER C 65 -5.08 25.66 -30.83
C SER C 65 -3.82 25.21 -31.57
N ASP C 66 -3.82 25.41 -32.89
CA ASP C 66 -2.83 24.75 -33.75
C ASP C 66 -1.58 25.58 -34.00
N GLU C 67 -1.54 26.84 -33.53
CA GLU C 67 -0.45 27.79 -33.80
C GLU C 67 0.09 27.70 -35.23
N VAL C 76 2.98 40.62 -34.67
CA VAL C 76 3.57 39.32 -34.37
C VAL C 76 2.97 38.76 -33.06
N LEU C 77 2.71 37.45 -33.02
CA LEU C 77 2.09 36.76 -31.89
C LEU C 77 2.42 35.26 -31.95
N TYR C 78 2.73 34.67 -30.78
CA TYR C 78 3.03 33.24 -30.65
C TYR C 78 2.09 32.58 -29.63
N PRO C 79 1.07 31.84 -30.06
CA PRO C 79 0.16 31.23 -29.06
C PRO C 79 0.57 29.83 -28.60
N VAL C 80 0.35 29.60 -27.30
CA VAL C 80 0.54 28.30 -26.67
C VAL C 80 -0.78 27.54 -26.71
N ARG C 81 -0.70 26.22 -26.90
CA ARG C 81 -1.88 25.36 -26.91
C ARG C 81 -2.02 24.64 -25.58
N LEU C 82 -3.25 24.54 -25.08
CA LEU C 82 -3.55 23.81 -23.86
C LEU C 82 -4.62 22.75 -24.14
N SER C 83 -4.45 21.57 -23.54
CA SER C 83 -5.49 20.56 -23.55
C SER C 83 -6.67 20.99 -22.68
N ALA C 84 -7.75 20.20 -22.73
CA ALA C 84 -8.88 20.45 -21.83
C ALA C 84 -8.55 20.08 -20.40
N ASP C 85 -7.52 19.26 -20.20
CA ASP C 85 -7.04 18.97 -18.86
C ASP C 85 -6.17 20.09 -18.34
N ASP C 86 -5.40 20.73 -19.20
CA ASP C 86 -4.56 21.83 -18.75
C ASP C 86 -5.40 23.07 -18.44
N VAL C 87 -6.50 23.28 -19.17
CA VAL C 87 -7.39 24.40 -18.85
C VAL C 87 -8.02 24.21 -17.49
N ALA C 88 -8.61 23.04 -17.24
CA ALA C 88 -9.29 22.80 -15.97
C ALA C 88 -8.33 22.95 -14.80
N GLN C 89 -7.19 22.26 -14.87
CA GLN C 89 -6.33 22.02 -13.72
C GLN C 89 -5.23 23.07 -13.54
N TYR C 90 -4.65 23.58 -14.63
CA TYR C 90 -3.66 24.64 -14.54
C TYR C 90 -4.29 26.02 -14.48
N TYR C 91 -5.41 26.23 -15.17
CA TYR C 91 -5.99 27.56 -15.35
C TYR C 91 -7.19 27.78 -14.42
N GLU C 92 -8.26 26.99 -14.60
CA GLU C 92 -9.37 27.08 -13.67
C GLU C 92 -8.98 26.59 -12.28
N GLY C 93 -8.10 25.60 -12.21
CA GLY C 93 -7.67 25.07 -10.93
C GLY C 93 -6.56 25.85 -10.24
N PHE C 94 -5.31 25.53 -10.55
CA PHE C 94 -4.22 26.03 -9.71
C PHE C 94 -4.13 27.54 -9.76
N SER C 95 -4.18 28.11 -10.97
CA SER C 95 -4.02 29.55 -11.08
C SER C 95 -5.15 30.29 -10.36
N ASN C 96 -6.40 30.00 -10.72
CA ASN C 96 -7.51 30.85 -10.27
C ASN C 96 -8.33 30.27 -9.10
N ALA C 97 -7.96 29.10 -8.60
CA ALA C 97 -8.57 28.53 -7.41
C ALA C 97 -7.57 28.21 -6.32
N THR C 98 -6.27 28.36 -6.60
CA THR C 98 -5.24 28.33 -5.56
C THR C 98 -4.60 29.69 -5.39
N LEU C 99 -3.96 30.20 -6.45
CA LEU C 99 -3.10 31.37 -6.35
C LEU C 99 -3.87 32.67 -6.20
N TRP C 100 -4.87 32.89 -7.05
CA TRP C 100 -5.63 34.15 -7.01
C TRP C 100 -6.32 34.36 -5.66
N PRO C 101 -7.08 33.41 -5.11
CA PRO C 101 -7.62 33.63 -3.75
C PRO C 101 -6.56 33.86 -2.69
N LEU C 102 -5.42 33.18 -2.78
CA LEU C 102 -4.44 33.28 -1.71
C LEU C 102 -3.74 34.63 -1.74
N TYR C 103 -3.38 35.09 -2.94
CA TYR C 103 -2.70 36.37 -3.10
C TYR C 103 -3.60 37.57 -2.81
N HIS C 104 -4.92 37.39 -2.82
CA HIS C 104 -5.85 38.44 -2.42
C HIS C 104 -6.37 38.20 -1.00
N ASP C 105 -5.44 38.15 -0.05
CA ASP C 105 -5.75 38.12 1.37
C ASP C 105 -6.83 37.10 1.71
N VAL C 106 -6.68 35.89 1.14
CA VAL C 106 -7.57 34.74 1.32
C VAL C 106 -9.04 35.13 1.45
N ILE C 107 -9.49 36.08 0.61
CA ILE C 107 -10.91 36.44 0.54
C ILE C 107 -11.76 35.19 0.36
N VAL C 108 -11.32 34.29 -0.50
CA VAL C 108 -11.92 32.97 -0.66
C VAL C 108 -10.91 31.95 -0.16
N LYS C 109 -11.41 30.87 0.43
CA LYS C 109 -10.57 29.78 0.91
C LYS C 109 -9.89 29.07 -0.25
N PRO C 110 -8.56 29.16 -0.39
CA PRO C 110 -7.88 28.47 -1.49
C PRO C 110 -7.93 26.95 -1.38
N ILE C 111 -7.79 26.29 -2.53
CA ILE C 111 -7.73 24.84 -2.61
C ILE C 111 -6.30 24.45 -2.93
N TYR C 112 -5.78 23.45 -2.20
CA TYR C 112 -4.40 22.97 -2.36
C TYR C 112 -4.44 21.53 -2.86
N ASN C 113 -4.38 21.35 -4.17
CA ASN C 113 -4.49 20.05 -4.79
C ASN C 113 -3.18 19.76 -5.51
N ARG C 114 -2.59 18.59 -5.25
CA ARG C 114 -1.29 18.29 -5.84
C ARG C 114 -1.37 18.03 -7.35
N GLN C 115 -2.48 17.49 -7.85
CA GLN C 115 -2.62 17.28 -9.29
C GLN C 115 -2.62 18.61 -10.05
N TRP C 116 -3.40 19.58 -9.58
CA TRP C 116 -3.32 20.94 -10.12
C TRP C 116 -1.89 21.42 -10.19
N TRP C 117 -1.12 21.14 -9.15
CA TRP C 117 0.25 21.65 -9.06
C TRP C 117 1.16 20.97 -10.07
N GLU C 118 0.96 19.67 -10.30
CA GLU C 118 1.76 18.96 -11.30
C GLU C 118 1.41 19.42 -12.71
N ARG C 119 0.15 19.76 -12.94
CA ARG C 119 -0.28 20.42 -14.17
C ARG C 119 0.44 21.74 -14.37
N TYR C 120 0.26 22.61 -13.40
CA TYR C 120 0.86 23.94 -13.41
C TYR C 120 2.34 23.88 -13.76
N VAL C 121 3.07 22.92 -13.15
CA VAL C 121 4.48 22.71 -13.51
C VAL C 121 4.62 22.41 -14.99
N GLU C 122 3.86 21.43 -15.49
CA GLU C 122 4.05 20.98 -16.86
C GLU C 122 3.69 22.06 -17.88
N VAL C 123 2.67 22.87 -17.57
CA VAL C 123 2.22 23.90 -18.51
C VAL C 123 3.25 25.02 -18.58
N ASN C 124 3.74 25.49 -17.42
CA ASN C 124 4.87 26.42 -17.41
C ASN C 124 6.03 25.94 -18.27
N ARG C 125 6.28 24.63 -18.24
CA ARG C 125 7.37 24.10 -19.04
C ARG C 125 7.16 24.38 -20.52
N ARG C 126 5.92 24.23 -21.00
CA ARG C 126 5.64 24.48 -22.42
C ARG C 126 5.78 25.95 -22.77
N PHE C 127 5.24 26.84 -21.94
CA PHE C 127 5.42 28.27 -22.18
C PHE C 127 6.89 28.60 -22.37
N ALA C 128 7.73 28.13 -21.43
CA ALA C 128 9.17 28.39 -21.50
C ALA C 128 9.80 27.89 -22.78
N GLU C 129 9.29 26.77 -23.33
CA GLU C 129 9.91 26.16 -24.49
C GLU C 129 9.53 26.88 -25.80
N ALA C 130 8.31 27.43 -25.86
CA ALA C 130 7.95 28.30 -26.98
C ALA C 130 8.74 29.61 -26.91
N THR C 131 8.89 30.14 -25.71
CA THR C 131 9.76 31.29 -25.49
C THR C 131 11.17 31.05 -26.02
N SER C 132 11.59 29.80 -26.08
CA SER C 132 12.96 29.44 -26.40
C SER C 132 13.20 29.39 -27.90
N ARG C 133 12.24 28.86 -28.66
CA ARG C 133 12.33 28.97 -30.11
C ARG C 133 12.19 30.41 -30.54
N ALA C 134 11.21 31.12 -30.00
CA ALA C 134 11.02 32.53 -30.29
C ALA C 134 12.22 33.38 -29.91
N ALA C 135 13.04 32.93 -28.98
CA ALA C 135 14.17 33.73 -28.53
C ALA C 135 15.41 33.41 -29.37
N ALA C 136 16.15 34.46 -29.71
CA ALA C 136 17.48 34.31 -30.28
C ALA C 136 18.51 34.49 -29.17
N ARG C 137 19.78 34.53 -29.53
CA ARG C 137 20.81 34.71 -28.51
C ARG C 137 20.72 36.10 -27.89
N GLY C 138 20.97 36.17 -26.59
CA GLY C 138 21.04 37.43 -25.86
C GLY C 138 19.73 38.16 -25.67
N ALA C 139 18.63 37.65 -26.23
CA ALA C 139 17.36 38.39 -26.28
C ALA C 139 16.86 38.78 -24.90
N THR C 140 15.92 39.73 -24.89
CA THR C 140 15.21 40.16 -23.70
C THR C 140 13.88 39.41 -23.62
N VAL C 141 13.57 38.87 -22.44
CA VAL C 141 12.30 38.21 -22.19
C VAL C 141 11.58 38.95 -21.06
N TRP C 142 10.26 39.03 -21.17
CA TRP C 142 9.45 39.66 -20.11
C TRP C 142 8.20 38.80 -19.95
N VAL C 143 8.22 37.95 -18.94
CA VAL C 143 7.09 37.05 -18.69
C VAL C 143 6.12 37.74 -17.74
N GLN C 144 4.82 37.46 -17.89
CA GLN C 144 3.76 38.20 -17.23
C GLN C 144 2.95 37.33 -16.28
N ASP C 145 2.72 37.84 -15.06
CA ASP C 145 1.64 37.46 -14.13
C ASP C 145 1.85 36.13 -13.39
N TYR C 146 0.93 35.83 -12.49
CA TYR C 146 0.96 34.69 -11.56
C TYR C 146 0.75 33.33 -12.22
N GLN C 147 0.31 33.25 -13.47
CA GLN C 147 0.12 31.93 -14.06
C GLN C 147 1.44 31.29 -14.49
N LEU C 148 2.53 32.04 -14.44
CA LEU C 148 3.78 31.66 -15.08
C LEU C 148 4.97 32.05 -14.18
N GLN C 149 4.92 31.65 -12.92
CA GLN C 149 6.00 32.01 -12.00
C GLN C 149 7.17 31.04 -12.04
N LEU C 150 6.99 29.84 -12.57
CA LEU C 150 8.11 28.91 -12.68
C LEU C 150 8.94 29.12 -13.94
N VAL C 151 8.47 29.91 -14.90
CA VAL C 151 9.15 29.96 -16.19
C VAL C 151 10.45 30.76 -16.14
N PRO C 152 10.64 31.75 -15.24
CA PRO C 152 11.99 32.38 -15.16
C PRO C 152 13.13 31.43 -14.85
N LYS C 153 12.97 30.52 -13.89
CA LYS C 153 14.03 29.55 -13.62
C LYS C 153 14.16 28.54 -14.74
N MET C 154 13.03 28.04 -15.25
CA MET C 154 13.06 27.05 -16.32
C MET C 154 13.78 27.58 -17.55
N LEU C 155 13.52 28.83 -17.94
CA LEU C 155 14.08 29.35 -19.18
C LEU C 155 15.57 29.70 -19.05
N ARG C 156 16.06 29.95 -17.84
CA ARG C 156 17.50 30.21 -17.68
C ARG C 156 18.31 28.92 -17.74
N GLU C 157 17.83 27.85 -17.11
CA GLU C 157 18.50 26.56 -17.23
C GLU C 157 18.56 26.12 -18.69
N LEU C 158 17.51 26.43 -19.45
CA LEU C 158 17.45 26.06 -20.86
C LEU C 158 18.30 26.98 -21.72
N ARG C 159 18.13 28.29 -21.56
CA ARG C 159 18.82 29.28 -22.39
C ARG C 159 19.48 30.30 -21.48
N PRO C 160 20.66 29.98 -20.95
CA PRO C 160 21.34 30.90 -20.02
C PRO C 160 21.78 32.22 -20.64
N ASP C 161 21.65 32.39 -21.95
CA ASP C 161 22.06 33.63 -22.59
C ASP C 161 21.02 34.74 -22.45
N LEU C 162 19.75 34.39 -22.24
CA LEU C 162 18.69 35.37 -22.26
C LEU C 162 18.73 36.24 -21.00
N THR C 163 18.28 37.48 -21.16
CA THR C 163 17.86 38.32 -20.04
C THR C 163 16.38 38.07 -19.79
N ILE C 164 16.01 37.95 -18.53
CA ILE C 164 14.64 37.59 -18.15
C ILE C 164 14.14 38.60 -17.11
N GLY C 165 13.00 39.23 -17.41
CA GLY C 165 12.32 40.03 -16.42
C GLY C 165 10.94 39.46 -16.12
N PHE C 166 10.41 39.77 -14.93
CA PHE C 166 9.08 39.32 -14.54
C PHE C 166 8.35 40.45 -13.82
N PHE C 167 7.07 40.61 -14.12
CA PHE C 167 6.23 41.56 -13.41
C PHE C 167 4.97 40.84 -12.92
N LEU C 168 4.66 41.00 -11.62
CA LEU C 168 3.43 40.45 -11.06
C LEU C 168 2.35 41.54 -11.03
N HIS C 169 1.20 41.22 -11.61
CA HIS C 169 0.12 42.19 -11.75
C HIS C 169 -0.92 42.12 -10.65
N ILE C 170 -0.82 41.15 -9.75
CA ILE C 170 -1.76 41.07 -8.65
C ILE C 170 -0.98 41.38 -7.39
N PRO C 171 -1.61 41.48 -6.21
CA PRO C 171 -0.82 41.73 -5.00
C PRO C 171 0.09 40.55 -4.67
N PHE C 172 1.16 40.84 -3.92
CA PHE C 172 1.99 39.77 -3.38
C PHE C 172 1.73 39.63 -1.88
N PRO C 173 1.31 38.45 -1.40
CA PRO C 173 0.61 38.35 -0.13
C PRO C 173 1.54 38.46 1.07
N PRO C 174 1.02 38.84 2.25
CA PRO C 174 1.85 38.80 3.47
C PRO C 174 2.43 37.42 3.71
N VAL C 175 3.57 37.40 4.39
CA VAL C 175 4.34 36.16 4.50
C VAL C 175 3.57 35.10 5.30
N GLU C 176 2.91 35.52 6.38
CA GLU C 176 2.06 34.61 7.17
C GLU C 176 1.02 33.87 6.31
N LEU C 177 0.61 34.46 5.20
CA LEU C 177 -0.38 33.80 4.35
C LEU C 177 0.27 32.97 3.26
N PHE C 178 1.31 33.51 2.63
CA PHE C 178 1.99 32.83 1.54
C PHE C 178 2.54 31.47 1.98
N MET C 179 2.97 31.36 3.24
CA MET C 179 3.57 30.12 3.72
C MET C 179 2.58 28.98 3.80
N GLN C 180 1.28 29.25 3.65
CA GLN C 180 0.28 28.19 3.51
C GLN C 180 0.60 27.28 2.33
N LEU C 181 1.06 27.86 1.23
CA LEU C 181 1.27 27.16 -0.02
C LEU C 181 2.20 25.96 0.17
N PRO C 182 1.74 24.73 -0.11
CA PRO C 182 2.64 23.57 0.00
C PRO C 182 3.87 23.67 -0.90
N TRP C 183 3.78 24.42 -1.99
CA TRP C 183 4.86 24.55 -2.96
C TRP C 183 5.49 25.94 -2.88
N ARG C 184 5.58 26.47 -1.65
CA ARG C 184 6.14 27.80 -1.40
C ARG C 184 7.58 27.91 -1.91
N THR C 185 8.40 26.90 -1.67
CA THR C 185 9.81 27.02 -2.02
C THR C 185 10.01 26.96 -3.54
N GLU C 186 9.22 26.15 -4.23
CA GLU C 186 9.34 26.04 -5.68
C GLU C 186 8.95 27.34 -6.39
N ILE C 187 7.88 28.00 -5.93
CA ILE C 187 7.44 29.24 -6.58
C ILE C 187 8.44 30.36 -6.36
N THR C 188 9.06 30.43 -5.18
CA THR C 188 10.11 31.41 -4.95
C THR C 188 11.33 31.15 -5.83
N ASP C 189 11.65 29.87 -6.09
CA ASP C 189 12.79 29.51 -6.92
C ASP C 189 12.51 29.66 -8.41
N GLY C 190 11.27 29.46 -8.82
CA GLY C 190 10.92 29.75 -10.21
C GLY C 190 10.98 31.23 -10.50
N LEU C 191 10.70 32.06 -9.51
CA LEU C 191 10.77 33.52 -9.65
C LEU C 191 12.22 33.99 -9.65
N LEU C 192 13.07 33.41 -8.81
CA LEU C 192 14.45 33.85 -8.76
C LEU C 192 15.24 33.45 -10.00
N GLY C 193 14.62 32.83 -11.00
CA GLY C 193 15.32 32.57 -12.24
C GLY C 193 15.49 33.77 -13.14
N ALA C 194 14.81 34.87 -12.82
CA ALA C 194 14.83 36.08 -13.62
C ALA C 194 15.94 37.02 -13.15
N ASP C 195 16.21 38.05 -13.96
CA ASP C 195 17.20 39.05 -13.62
C ASP C 195 16.59 40.25 -12.88
N LEU C 196 15.30 40.52 -13.08
CA LEU C 196 14.58 41.57 -12.34
C LEU C 196 13.14 41.13 -12.12
N VAL C 197 12.65 41.34 -10.90
CA VAL C 197 11.29 41.03 -10.49
C VAL C 197 10.58 42.33 -10.14
N GLY C 198 9.41 42.56 -10.72
CA GLY C 198 8.71 43.83 -10.56
C GLY C 198 7.33 43.66 -9.95
N PHE C 199 6.94 44.63 -9.11
CA PHE C 199 5.60 44.69 -8.52
C PHE C 199 5.09 46.12 -8.61
N HIS C 200 3.77 46.26 -8.50
CA HIS C 200 3.20 47.59 -8.37
C HIS C 200 3.79 48.32 -7.18
N LEU C 201 3.85 47.66 -6.02
CA LEU C 201 4.07 48.43 -4.81
C LEU C 201 5.34 48.04 -4.08
N PRO C 202 5.92 48.96 -3.31
CA PRO C 202 7.03 48.56 -2.42
C PRO C 202 6.61 47.51 -1.40
N GLY C 203 5.32 47.44 -1.06
CA GLY C 203 4.88 46.44 -0.09
C GLY C 203 5.09 45.02 -0.57
N GLY C 204 4.68 44.73 -1.81
CA GLY C 204 4.99 43.44 -2.39
C GLY C 204 6.48 43.25 -2.60
N ALA C 205 7.19 44.32 -2.96
CA ALA C 205 8.65 44.22 -3.15
C ALA C 205 9.34 43.82 -1.85
N GLN C 206 8.86 44.31 -0.72
CA GLN C 206 9.51 44.05 0.57
C GLN C 206 9.02 42.75 1.21
N ASN C 207 7.73 42.42 1.06
CA ASN C 207 7.27 41.09 1.42
C ASN C 207 8.09 40.02 0.70
N PHE C 208 8.52 40.30 -0.53
CA PHE C 208 9.23 39.31 -1.31
C PHE C 208 10.71 39.20 -0.95
N LEU C 209 11.31 40.27 -0.40
CA LEU C 209 12.71 40.17 0.03
C LEU C 209 12.85 39.30 1.26
N PHE C 210 11.98 39.50 2.24
CA PHE C 210 11.98 38.67 3.45
C PHE C 210 11.91 37.19 3.10
N LEU C 211 10.94 36.82 2.26
CA LEU C 211 10.77 35.44 1.82
C LEU C 211 12.06 34.84 1.27
N ALA C 212 12.69 35.52 0.32
CA ALA C 212 13.94 35.02 -0.25
C ALA C 212 14.98 34.76 0.83
N ARG C 213 15.10 35.65 1.80
CA ARG C 213 15.94 35.36 2.95
C ARG C 213 15.43 34.10 3.66
N ARG C 214 14.18 34.15 4.13
CA ARG C 214 13.69 33.12 5.05
C ARG C 214 13.49 31.77 4.36
N LEU C 215 12.92 31.76 3.16
CA LEU C 215 12.50 30.49 2.59
C LEU C 215 13.63 29.79 1.84
N VAL C 216 14.37 30.52 1.01
CA VAL C 216 15.43 29.90 0.20
C VAL C 216 16.82 30.09 0.80
N GLY C 217 16.98 30.99 1.77
CA GLY C 217 18.25 31.15 2.44
C GLY C 217 19.24 31.96 1.65
N ALA C 218 18.81 33.12 1.15
CA ALA C 218 19.65 33.98 0.32
C ALA C 218 19.94 35.30 1.03
N ASN C 219 21.00 35.98 0.56
CA ASN C 219 21.41 37.28 1.08
C ASN C 219 20.57 38.37 0.42
N THR C 220 19.72 39.05 1.20
CA THR C 220 18.82 40.06 0.67
C THR C 220 19.08 41.41 1.34
N SER C 221 18.69 42.48 0.62
CA SER C 221 18.78 43.82 1.16
C SER C 221 17.79 44.00 2.31
N ARG C 222 18.02 45.04 3.11
CA ARG C 222 17.22 45.24 4.33
C ARG C 222 16.30 46.45 4.29
N ALA C 223 16.63 47.47 3.50
CA ALA C 223 15.96 48.77 3.59
C ALA C 223 14.69 48.81 2.75
N SER C 224 13.80 49.73 3.14
CA SER C 224 12.61 50.04 2.37
C SER C 224 12.95 50.21 0.90
N VAL C 225 12.15 49.58 0.05
CA VAL C 225 12.25 49.81 -1.39
C VAL C 225 11.35 50.99 -1.73
N GLY C 226 11.90 51.92 -2.50
CA GLY C 226 11.13 53.04 -2.97
C GLY C 226 10.51 52.75 -4.32
N VAL C 227 9.62 53.67 -4.74
CA VAL C 227 8.97 53.57 -6.04
C VAL C 227 9.98 53.91 -7.14
N ARG C 228 10.09 53.01 -8.12
CA ARG C 228 10.96 53.16 -9.29
C ARG C 228 12.42 53.51 -8.92
N SER C 229 12.82 53.29 -7.66
CA SER C 229 14.13 53.65 -7.17
C SER C 229 14.33 52.95 -5.82
N LYS C 230 15.55 53.06 -5.29
CA LYS C 230 15.90 52.42 -4.02
C LYS C 230 15.51 50.95 -4.04
N PHE C 231 16.14 50.23 -4.97
CA PHE C 231 15.80 48.84 -5.21
C PHE C 231 16.38 47.97 -4.08
N GLY C 232 16.13 46.66 -4.17
CA GLY C 232 16.76 45.68 -3.33
C GLY C 232 17.57 44.71 -4.16
N GLU C 233 18.23 43.77 -3.48
CA GLU C 233 19.01 42.78 -4.20
C GLU C 233 19.02 41.46 -3.43
N VAL C 234 19.12 40.36 -4.18
CA VAL C 234 19.26 39.01 -3.63
C VAL C 234 20.51 38.34 -4.19
N VAL C 241 20.20 39.65 -8.63
CA VAL C 241 18.83 39.92 -9.09
C VAL C 241 18.25 41.18 -8.44
N LYS C 242 17.59 42.01 -9.25
CA LYS C 242 17.07 43.30 -8.81
C LYS C 242 15.58 43.20 -8.50
N VAL C 243 15.19 43.80 -7.37
CA VAL C 243 13.80 43.81 -6.91
C VAL C 243 13.34 45.26 -6.88
N GLY C 244 12.24 45.55 -7.58
CA GLY C 244 11.75 46.91 -7.67
C GLY C 244 10.24 47.00 -7.70
N ALA C 245 9.75 48.22 -7.48
CA ALA C 245 8.33 48.55 -7.44
C ALA C 245 7.99 49.47 -8.61
N PHE C 246 7.01 49.08 -9.43
CA PHE C 246 6.73 49.76 -10.69
C PHE C 246 5.24 49.92 -10.91
N PRO C 247 4.63 51.01 -10.42
CA PRO C 247 3.18 51.18 -10.54
C PRO C 247 2.72 51.29 -11.99
N ILE C 248 1.91 50.34 -12.43
CA ILE C 248 1.43 50.34 -13.80
C ILE C 248 0.34 51.40 -13.95
N SER C 249 0.26 52.01 -15.14
CA SER C 249 -0.77 53.00 -15.43
C SER C 249 -1.40 52.66 -16.77
N ILE C 250 -2.09 53.64 -17.36
CA ILE C 250 -2.75 53.44 -18.63
C ILE C 250 -2.09 54.31 -19.68
N ASP C 251 -2.69 54.38 -20.85
CA ASP C 251 -2.23 55.23 -21.93
C ASP C 251 -3.04 56.52 -21.82
N SER C 252 -2.55 57.44 -21.00
CA SER C 252 -3.40 58.46 -20.40
C SER C 252 -3.86 59.51 -21.41
N ALA C 253 -2.97 59.96 -22.29
CA ALA C 253 -3.33 61.02 -23.21
C ALA C 253 -4.21 60.53 -24.36
N ASP C 254 -4.06 59.27 -24.77
CA ASP C 254 -4.87 58.73 -25.86
C ASP C 254 -6.33 58.51 -25.43
N LEU C 255 -6.58 58.18 -24.17
CA LEU C 255 -7.96 58.07 -23.70
C LEU C 255 -8.60 59.45 -23.56
N ASP C 256 -7.82 60.45 -23.14
CA ASP C 256 -8.33 61.79 -22.92
C ASP C 256 -8.80 62.43 -24.23
N ARG C 257 -8.02 62.29 -25.28
CA ARG C 257 -8.46 62.80 -26.58
C ARG C 257 -9.65 62.01 -27.10
N GLN C 258 -9.64 60.69 -26.87
CA GLN C 258 -10.78 59.86 -27.28
C GLN C 258 -12.05 60.25 -26.54
N ALA C 259 -11.93 60.74 -25.29
CA ALA C 259 -13.10 61.10 -24.50
C ALA C 259 -13.71 62.44 -24.91
N ARG C 260 -12.96 63.30 -25.59
CA ARG C 260 -13.47 64.62 -25.98
C ARG C 260 -14.25 64.62 -27.28
N GLN C 261 -14.33 63.49 -27.98
CA GLN C 261 -15.05 63.45 -29.24
C GLN C 261 -16.48 63.91 -29.05
N ARG C 262 -16.96 64.72 -30.01
CA ARG C 262 -18.36 65.11 -30.05
C ARG C 262 -19.27 63.88 -30.04
N SER C 263 -18.85 62.82 -30.72
CA SER C 263 -19.63 61.59 -30.74
C SER C 263 -19.79 61.03 -29.34
N ILE C 264 -18.72 61.05 -28.54
CA ILE C 264 -18.78 60.49 -27.19
C ILE C 264 -19.64 61.36 -26.30
N ARG C 265 -19.54 62.68 -26.44
CA ARG C 265 -20.30 63.58 -25.59
C ARG C 265 -21.80 63.53 -25.90
N GLN C 266 -22.17 63.28 -27.16
CA GLN C 266 -23.59 63.18 -27.49
C GLN C 266 -24.19 61.87 -26.98
N ARG C 267 -23.43 60.78 -26.98
CA ARG C 267 -23.93 59.53 -26.43
C ARG C 267 -24.10 59.61 -24.92
N ALA C 268 -23.16 60.26 -24.22
CA ALA C 268 -23.33 60.48 -22.78
C ALA C 268 -24.67 61.14 -22.48
N ARG C 269 -25.03 62.16 -23.27
CA ARG C 269 -26.32 62.82 -23.14
C ARG C 269 -27.45 61.88 -23.52
N GLN C 270 -27.29 61.13 -24.63
CA GLN C 270 -28.27 60.12 -25.01
C GLN C 270 -28.46 59.10 -23.91
N ILE C 271 -27.39 58.73 -23.21
CA ILE C 271 -27.50 57.75 -22.15
C ILE C 271 -28.28 58.32 -20.97
N ARG C 272 -28.07 59.60 -20.65
CA ARG C 272 -28.81 60.16 -19.53
C ARG C 272 -30.30 60.27 -19.86
N ALA C 273 -30.62 60.60 -21.10
CA ALA C 273 -32.02 60.69 -21.47
C ALA C 273 -32.69 59.34 -21.49
N GLU C 274 -31.91 58.28 -21.77
CA GLU C 274 -32.46 56.94 -21.82
C GLU C 274 -32.79 56.37 -20.45
N LEU C 275 -32.39 57.05 -19.37
CA LEU C 275 -32.68 56.65 -18.00
C LEU C 275 -33.73 57.52 -17.34
N GLY C 276 -34.42 58.36 -18.11
CA GLY C 276 -35.36 59.30 -17.53
C GLY C 276 -34.71 60.54 -16.97
N ASN C 277 -33.58 60.96 -17.54
CA ASN C 277 -32.79 62.11 -17.11
C ASN C 277 -32.67 62.18 -15.59
N PRO C 278 -31.90 61.28 -14.99
CA PRO C 278 -31.68 61.35 -13.55
C PRO C 278 -30.88 62.59 -13.18
N ARG C 279 -31.01 62.99 -11.91
CA ARG C 279 -30.20 64.09 -11.40
C ARG C 279 -28.76 63.65 -11.17
N ARG C 280 -28.56 62.40 -10.70
CA ARG C 280 -27.25 61.80 -10.50
C ARG C 280 -27.20 60.38 -11.02
N ILE C 281 -26.05 60.03 -11.60
CA ILE C 281 -25.72 58.68 -12.01
C ILE C 281 -24.51 58.20 -11.19
N LEU C 282 -24.56 56.94 -10.74
CA LEU C 282 -23.39 56.25 -10.23
C LEU C 282 -23.03 55.12 -11.18
N LEU C 283 -21.74 54.81 -11.26
CA LEU C 283 -21.29 53.83 -12.22
C LEU C 283 -20.28 52.88 -11.59
N GLY C 284 -20.52 51.58 -11.75
CA GLY C 284 -19.54 50.57 -11.43
C GLY C 284 -19.14 49.89 -12.73
N VAL C 285 -17.86 49.59 -12.87
CA VAL C 285 -17.34 48.93 -14.06
C VAL C 285 -16.26 47.97 -13.59
N ASP C 286 -16.49 46.66 -13.74
CA ASP C 286 -15.44 45.69 -13.47
C ASP C 286 -15.82 44.31 -14.01
N ARG C 287 -14.83 43.42 -14.03
CA ARG C 287 -15.06 42.00 -14.12
C ARG C 287 -15.82 41.51 -12.89
N LEU C 288 -16.63 40.46 -13.08
CA LEU C 288 -17.42 39.88 -12.00
C LEU C 288 -16.54 38.92 -11.19
N ASP C 289 -15.82 39.51 -10.22
CA ASP C 289 -14.79 38.87 -9.40
C ASP C 289 -15.04 39.25 -7.95
N TYR C 290 -14.83 38.32 -7.03
CA TYR C 290 -15.11 38.60 -5.63
C TYR C 290 -14.13 39.59 -5.01
N THR C 291 -13.02 39.89 -5.67
CA THR C 291 -12.12 40.94 -5.19
C THR C 291 -12.64 42.35 -5.45
N LYS C 292 -13.59 42.52 -6.38
CA LYS C 292 -14.00 43.85 -6.86
C LYS C 292 -14.95 44.60 -5.92
N GLY C 293 -15.58 43.93 -4.95
CA GLY C 293 -16.41 44.63 -3.98
C GLY C 293 -17.74 45.11 -4.50
N ILE C 294 -18.23 44.51 -5.59
CA ILE C 294 -19.51 44.91 -6.18
C ILE C 294 -20.64 44.76 -5.18
N ASP C 295 -20.55 43.75 -4.31
CA ASP C 295 -21.55 43.50 -3.29
C ASP C 295 -21.59 44.60 -2.26
N VAL C 296 -20.43 45.19 -1.98
CA VAL C 296 -20.33 46.24 -0.97
C VAL C 296 -21.08 47.48 -1.42
N ARG C 297 -20.95 47.84 -2.70
CA ARG C 297 -21.63 49.04 -3.19
C ARG C 297 -23.12 48.83 -3.37
N LEU C 298 -23.55 47.60 -3.71
CA LEU C 298 -24.98 47.30 -3.75
C LEU C 298 -25.62 47.40 -2.37
N GLN C 299 -24.87 47.06 -1.33
CA GLN C 299 -25.42 47.04 0.03
C GLN C 299 -25.48 48.46 0.61
N ALA C 300 -24.42 49.23 0.43
CA ALA C 300 -24.43 50.63 0.82
C ALA C 300 -25.58 51.38 0.14
N PHE C 301 -25.78 51.14 -1.16
CA PHE C 301 -26.84 51.84 -1.88
C PHE C 301 -28.21 51.43 -1.39
N ALA C 302 -28.41 50.12 -1.14
CA ALA C 302 -29.70 49.67 -0.65
C ALA C 302 -30.04 50.28 0.70
N GLU C 303 -29.03 50.51 1.55
CA GLU C 303 -29.32 51.04 2.87
C GLU C 303 -29.57 52.55 2.83
N LEU C 304 -28.81 53.28 2.01
CA LEU C 304 -29.10 54.70 1.80
C LEU C 304 -30.55 54.91 1.35
N LEU C 305 -31.06 54.03 0.48
CA LEU C 305 -32.45 54.17 0.05
C LEU C 305 -33.44 53.83 1.15
N ALA C 306 -33.16 52.79 1.94
CA ALA C 306 -34.01 52.45 3.08
C ALA C 306 -34.03 53.59 4.10
N GLU C 307 -32.89 54.26 4.29
CA GLU C 307 -32.75 55.33 5.28
C GLU C 307 -33.27 56.67 4.80
N GLY C 308 -33.72 56.76 3.55
CA GLY C 308 -34.18 58.02 3.03
C GLY C 308 -33.10 59.00 2.66
N ARG C 309 -31.83 58.57 2.61
CA ARG C 309 -30.73 59.51 2.42
C ARG C 309 -30.35 59.70 0.96
N VAL C 310 -30.87 58.85 0.07
CA VAL C 310 -30.75 58.99 -1.37
C VAL C 310 -32.16 58.97 -1.96
N ASN C 311 -32.41 59.82 -2.96
CA ASN C 311 -33.74 59.99 -3.53
C ASN C 311 -33.98 58.99 -4.66
N ARG C 312 -34.93 58.07 -4.43
CA ARG C 312 -35.23 56.99 -5.37
C ARG C 312 -35.78 57.47 -6.69
N GLU C 313 -36.12 58.75 -6.81
CA GLU C 313 -36.75 59.25 -8.01
C GLU C 313 -35.78 59.90 -8.98
N ASP C 314 -34.65 60.42 -8.51
CA ASP C 314 -33.74 61.12 -9.39
C ASP C 314 -32.32 60.57 -9.41
N THR C 315 -32.03 59.53 -8.62
CA THR C 315 -30.69 58.94 -8.51
C THR C 315 -30.74 57.47 -8.92
N VAL C 316 -29.78 57.03 -9.73
CA VAL C 316 -29.80 55.70 -10.34
C VAL C 316 -28.38 55.13 -10.40
N PHE C 317 -28.24 53.81 -10.17
CA PHE C 317 -26.96 53.13 -10.20
C PHE C 317 -26.86 52.23 -11.42
N VAL C 318 -25.75 52.33 -12.15
CA VAL C 318 -25.45 51.49 -13.31
C VAL C 318 -24.20 50.64 -13.04
N GLN C 319 -24.34 49.33 -13.20
CA GLN C 319 -23.24 48.39 -12.97
C GLN C 319 -23.00 47.56 -14.23
N LEU C 320 -21.82 47.74 -14.82
CA LEU C 320 -21.41 46.99 -16.00
C LEU C 320 -20.36 45.97 -15.58
N ALA C 321 -20.73 44.69 -15.62
CA ALA C 321 -19.89 43.59 -15.16
C ALA C 321 -19.66 42.57 -16.26
N THR C 322 -18.39 42.28 -16.56
CA THR C 322 -17.95 41.29 -17.56
C THR C 322 -17.81 39.92 -16.92
N PRO C 323 -18.43 38.88 -17.48
CA PRO C 323 -18.23 37.52 -16.95
C PRO C 323 -16.76 37.13 -16.92
N SER C 324 -16.38 36.41 -15.86
CA SER C 324 -15.00 36.02 -15.63
C SER C 324 -14.98 34.68 -14.91
N ARG C 325 -14.24 33.71 -15.46
CA ARG C 325 -13.96 32.42 -14.81
C ARG C 325 -15.23 31.73 -14.31
N GLU C 326 -16.22 31.64 -15.17
CA GLU C 326 -17.49 31.16 -14.65
C GLU C 326 -17.57 29.64 -14.58
N ARG C 327 -16.55 28.91 -15.02
CA ARG C 327 -16.52 27.48 -14.70
C ARG C 327 -15.99 27.22 -13.30
N VAL C 328 -15.54 28.25 -12.59
CA VAL C 328 -14.99 28.13 -11.25
C VAL C 328 -16.10 28.45 -10.26
N GLU C 329 -16.30 27.55 -9.30
CA GLU C 329 -17.50 27.56 -8.47
C GLU C 329 -17.67 28.87 -7.68
N ALA C 330 -16.58 29.36 -7.08
CA ALA C 330 -16.66 30.57 -6.26
C ALA C 330 -17.11 31.78 -7.07
N TYR C 331 -16.96 31.76 -8.38
CA TYR C 331 -17.41 32.88 -9.19
C TYR C 331 -18.89 32.77 -9.50
N ARG C 332 -19.35 31.55 -9.80
CA ARG C 332 -20.78 31.35 -10.02
C ARG C 332 -21.59 31.69 -8.77
N LEU C 333 -21.02 31.39 -7.58
CA LEU C 333 -21.70 31.72 -6.32
C LEU C 333 -21.75 33.22 -6.07
N LEU C 334 -20.66 33.91 -6.37
CA LEU C 334 -20.69 35.37 -6.36
C LEU C 334 -21.77 35.90 -7.30
N ARG C 335 -21.80 35.40 -8.53
CA ARG C 335 -22.77 35.82 -9.54
C ARG C 335 -24.20 35.69 -9.02
N ASP C 336 -24.53 34.54 -8.43
CA ASP C 336 -25.88 34.35 -7.89
C ASP C 336 -26.19 35.41 -6.84
N ASP C 337 -25.25 35.65 -5.92
CA ASP C 337 -25.48 36.56 -4.79
C ASP C 337 -25.72 37.99 -5.29
N ILE C 338 -24.98 38.40 -6.31
CA ILE C 338 -25.06 39.77 -6.81
C ILE C 338 -26.34 39.97 -7.62
N GLU C 339 -26.75 38.97 -8.41
CA GLU C 339 -28.02 39.05 -9.11
C GLU C 339 -29.19 39.17 -8.14
N ARG C 340 -29.11 38.49 -7.00
CA ARG C 340 -30.18 38.55 -6.02
C ARG C 340 -30.26 39.93 -5.38
N GLN C 341 -29.12 40.56 -5.11
CA GLN C 341 -29.16 41.93 -4.59
C GLN C 341 -29.81 42.87 -5.60
N VAL C 342 -29.50 42.70 -6.89
CA VAL C 342 -30.06 43.55 -7.94
C VAL C 342 -31.58 43.41 -8.02
N GLY C 343 -32.07 42.16 -7.99
CA GLY C 343 -33.51 41.93 -7.94
C GLY C 343 -34.16 42.43 -6.66
N HIS C 344 -33.42 42.45 -5.55
CA HIS C 344 -34.01 42.85 -4.28
C HIS C 344 -34.15 44.37 -4.15
N ILE C 345 -33.17 45.14 -4.65
CA ILE C 345 -33.22 46.59 -4.52
C ILE C 345 -34.23 47.18 -5.50
N ASN C 346 -34.36 46.57 -6.69
CA ASN C 346 -35.31 47.08 -7.66
C ASN C 346 -36.76 46.79 -7.25
N GLY C 347 -37.06 45.58 -6.77
CA GLY C 347 -38.40 45.30 -6.29
C GLY C 347 -38.79 46.07 -5.05
N GLU C 348 -37.82 46.66 -4.36
CA GLU C 348 -38.01 47.46 -3.15
C GLU C 348 -38.18 48.94 -3.47
N TYR C 349 -37.30 49.51 -4.29
CA TYR C 349 -37.36 50.94 -4.57
C TYR C 349 -37.61 51.32 -6.02
N GLY C 350 -37.57 50.39 -6.96
CA GLY C 350 -37.88 50.71 -8.33
C GLY C 350 -39.37 50.80 -8.58
N GLU C 351 -39.73 51.55 -9.61
CA GLU C 351 -41.11 51.63 -10.09
C GLU C 351 -41.17 50.98 -11.47
N VAL C 352 -42.37 50.57 -11.87
CA VAL C 352 -42.51 49.88 -13.15
C VAL C 352 -42.18 50.85 -14.29
N GLY C 353 -41.24 50.45 -15.13
CA GLY C 353 -40.62 51.35 -16.07
C GLY C 353 -39.46 52.13 -15.54
N HIS C 354 -39.06 51.93 -14.27
CA HIS C 354 -37.98 52.75 -13.72
C HIS C 354 -37.24 52.08 -12.56
N PRO C 355 -36.26 51.23 -12.84
CA PRO C 355 -35.48 50.62 -11.76
C PRO C 355 -34.61 51.66 -11.06
N VAL C 356 -34.04 51.27 -9.92
CA VAL C 356 -32.98 52.07 -9.32
C VAL C 356 -31.59 51.53 -9.67
N VAL C 357 -31.49 50.29 -10.14
CA VAL C 357 -30.22 49.67 -10.51
C VAL C 357 -30.39 48.99 -11.87
N HIS C 358 -29.60 49.41 -12.86
CA HIS C 358 -29.50 48.70 -14.12
C HIS C 358 -28.18 47.93 -14.12
N TYR C 359 -28.26 46.63 -14.39
CA TYR C 359 -27.12 45.75 -14.25
C TYR C 359 -26.93 45.01 -15.56
N LEU C 360 -25.71 45.01 -16.09
CA LEU C 360 -25.43 44.48 -17.43
C LEU C 360 -24.30 43.48 -17.36
N HIS C 361 -24.56 42.24 -17.78
CA HIS C 361 -23.63 41.13 -17.63
C HIS C 361 -23.01 40.78 -18.99
N ARG C 362 -22.25 41.73 -19.53
CA ARG C 362 -21.61 41.58 -20.83
C ARG C 362 -20.54 42.65 -20.97
N PRO C 363 -19.44 42.37 -21.66
CA PRO C 363 -18.44 43.42 -21.89
C PRO C 363 -18.98 44.40 -22.90
N VAL C 364 -18.67 45.67 -22.67
CA VAL C 364 -19.20 46.78 -23.44
C VAL C 364 -18.10 47.25 -24.39
N PRO C 365 -18.43 47.73 -25.60
CA PRO C 365 -17.38 48.25 -26.49
C PRO C 365 -16.75 49.54 -25.97
N ARG C 366 -15.47 49.71 -26.30
CA ARG C 366 -14.66 50.80 -25.74
C ARG C 366 -15.34 52.16 -25.87
N GLU C 367 -15.83 52.48 -27.07
CA GLU C 367 -16.37 53.82 -27.29
C GLU C 367 -17.59 54.09 -26.42
N GLU C 368 -18.40 53.05 -26.17
CA GLU C 368 -19.57 53.15 -25.33
C GLU C 368 -19.21 53.14 -23.85
N LEU C 369 -18.12 52.46 -23.47
CA LEU C 369 -17.67 52.54 -22.09
C LEU C 369 -17.23 53.96 -21.75
N ILE C 370 -16.40 54.56 -22.60
CA ILE C 370 -15.94 55.93 -22.37
C ILE C 370 -17.13 56.88 -22.23
N ALA C 371 -18.18 56.66 -23.01
CA ALA C 371 -19.39 57.48 -22.91
C ALA C 371 -20.05 57.34 -21.55
N PHE C 372 -19.92 56.16 -20.95
CA PHE C 372 -20.42 55.95 -19.60
C PHE C 372 -19.56 56.67 -18.57
N PHE C 373 -18.24 56.68 -18.79
CA PHE C 373 -17.35 57.43 -17.92
C PHE C 373 -17.69 58.92 -17.93
N VAL C 374 -18.04 59.43 -19.10
CA VAL C 374 -18.32 60.85 -19.22
C VAL C 374 -19.70 61.18 -18.64
N ALA C 375 -20.65 60.25 -18.70
CA ALA C 375 -21.99 60.51 -18.19
C ALA C 375 -22.07 60.47 -16.66
N ALA C 376 -21.22 59.68 -16.02
CA ALA C 376 -21.40 59.34 -14.61
C ALA C 376 -20.91 60.45 -13.70
N ASP C 377 -21.77 60.86 -12.76
CA ASP C 377 -21.39 61.83 -11.74
C ASP C 377 -20.54 61.24 -10.63
N VAL C 378 -20.69 59.95 -10.30
CA VAL C 378 -19.87 59.29 -9.27
C VAL C 378 -19.42 57.90 -9.76
N MET C 379 -18.11 57.65 -9.72
CA MET C 379 -17.51 56.35 -10.04
C MET C 379 -17.28 55.56 -8.76
N LEU C 380 -17.88 54.36 -8.66
CA LEU C 380 -17.76 53.49 -7.48
C LEU C 380 -16.66 52.46 -7.72
N VAL C 381 -15.54 52.59 -6.98
CA VAL C 381 -14.40 51.68 -7.11
C VAL C 381 -14.07 51.14 -5.71
N THR C 382 -14.66 49.97 -5.36
CA THR C 382 -14.65 49.44 -4.00
C THR C 382 -14.05 48.04 -3.84
N PRO C 383 -12.96 47.67 -4.54
CA PRO C 383 -12.32 46.38 -4.28
C PRO C 383 -11.98 46.17 -2.81
N LEU C 384 -12.22 44.95 -2.36
CA LEU C 384 -11.68 44.48 -1.09
C LEU C 384 -10.16 44.29 -1.17
N ARG C 385 -9.62 43.93 -2.35
CA ARG C 385 -8.19 43.90 -2.59
C ARG C 385 -7.95 44.02 -4.09
N ASP C 386 -7.07 44.93 -4.49
CA ASP C 386 -6.71 45.03 -5.89
C ASP C 386 -5.24 45.41 -6.03
N GLY C 387 -4.59 44.83 -7.02
CA GLY C 387 -3.17 45.10 -7.20
C GLY C 387 -2.91 46.50 -7.71
N MET C 388 -3.86 47.04 -8.48
CA MET C 388 -3.75 48.40 -8.98
C MET C 388 -5.12 49.03 -9.15
N ASN C 389 -5.83 48.53 -10.16
CA ASN C 389 -7.11 49.00 -10.68
C ASN C 389 -6.94 50.17 -11.63
N LEU C 390 -7.12 49.90 -12.92
CA LEU C 390 -7.04 50.92 -13.96
C LEU C 390 -8.38 51.57 -14.30
N VAL C 391 -9.50 50.98 -13.89
CA VAL C 391 -10.79 51.60 -14.15
C VAL C 391 -10.86 52.97 -13.47
N ALA C 392 -10.22 53.13 -12.32
CA ALA C 392 -10.17 54.44 -11.70
C ALA C 392 -9.37 55.43 -12.54
N LYS C 393 -8.20 55.01 -13.02
CA LYS C 393 -7.39 55.88 -13.87
C LYS C 393 -8.11 56.22 -15.17
N GLU C 394 -8.89 55.28 -15.69
CA GLU C 394 -9.59 55.53 -16.95
C GLU C 394 -10.61 56.66 -16.79
N TYR C 395 -11.46 56.56 -15.77
CA TYR C 395 -12.45 57.60 -15.48
C TYR C 395 -11.81 58.97 -15.30
N VAL C 396 -10.67 59.02 -14.58
CA VAL C 396 -9.96 60.27 -14.34
C VAL C 396 -9.52 60.91 -15.67
N ALA C 397 -9.01 60.11 -16.60
CA ALA C 397 -8.52 60.65 -17.86
C ALA C 397 -9.65 61.06 -18.79
N CYS C 398 -10.83 60.46 -18.65
CA CYS C 398 -11.96 60.83 -19.50
C CYS C 398 -12.57 62.18 -19.14
N ARG C 399 -12.51 62.57 -17.86
CA ARG C 399 -13.23 63.77 -17.41
C ARG C 399 -12.37 65.02 -17.61
N SER C 400 -12.05 65.29 -18.89
CA SER C 400 -11.38 66.54 -19.24
C SER C 400 -12.19 67.75 -18.82
N ASP C 401 -13.51 67.57 -18.65
CA ASP C 401 -14.39 68.65 -18.23
C ASP C 401 -14.24 69.00 -16.75
N LEU C 402 -13.60 68.13 -15.95
CA LEU C 402 -13.36 68.28 -14.51
C LEU C 402 -14.61 67.99 -13.66
N GLY C 403 -15.74 67.58 -14.25
CA GLY C 403 -16.86 67.09 -13.48
C GLY C 403 -16.62 65.67 -13.00
N GLY C 404 -17.57 65.18 -12.21
CA GLY C 404 -17.53 63.82 -11.70
C GLY C 404 -16.94 63.74 -10.31
N ALA C 405 -16.88 62.51 -9.80
CA ALA C 405 -16.24 62.23 -8.52
C ALA C 405 -15.86 60.76 -8.47
N LEU C 406 -14.75 60.47 -7.80
CA LEU C 406 -14.20 59.11 -7.73
C LEU C 406 -14.13 58.68 -6.27
N VAL C 407 -14.97 57.70 -5.91
CA VAL C 407 -14.90 57.03 -4.61
C VAL C 407 -14.05 55.78 -4.80
N LEU C 408 -12.94 55.69 -4.07
CA LEU C 408 -11.92 54.68 -4.32
C LEU C 408 -11.55 53.91 -3.04
N SER C 409 -11.54 52.58 -3.14
CA SER C 409 -11.11 51.71 -2.04
C SER C 409 -9.63 51.85 -1.72
N GLU C 410 -9.33 51.90 -0.42
CA GLU C 410 -7.95 52.09 0.03
C GLU C 410 -7.10 50.85 -0.19
N PHE C 411 -7.71 49.69 -0.47
CA PHE C 411 -6.98 48.46 -0.72
C PHE C 411 -6.68 48.25 -2.20
N THR C 412 -6.59 49.34 -2.97
CA THR C 412 -6.09 49.31 -4.34
C THR C 412 -4.69 49.89 -4.38
N GLY C 413 -3.87 49.39 -5.30
CA GLY C 413 -2.59 50.03 -5.50
C GLY C 413 -2.76 51.48 -5.90
N ALA C 414 -3.86 51.79 -6.59
CA ALA C 414 -4.10 53.13 -7.09
C ALA C 414 -4.21 54.13 -5.95
N ALA C 415 -4.72 53.69 -4.81
CA ALA C 415 -4.95 54.64 -3.73
C ALA C 415 -3.66 55.31 -3.30
N ALA C 416 -2.51 54.73 -3.69
CA ALA C 416 -1.21 55.31 -3.41
C ALA C 416 -0.87 56.49 -4.30
N GLU C 417 -1.48 56.57 -5.49
CA GLU C 417 -1.30 57.71 -6.39
C GLU C 417 -2.51 58.63 -6.46
N LEU C 418 -3.72 58.15 -6.16
CA LEU C 418 -4.94 58.95 -6.23
C LEU C 418 -5.41 59.30 -4.82
N GLY C 419 -4.61 60.10 -4.11
CA GLY C 419 -4.95 60.46 -2.75
C GLY C 419 -6.04 61.51 -2.61
N GLN C 420 -6.35 62.23 -3.68
CA GLN C 420 -7.45 63.20 -3.64
C GLN C 420 -8.78 62.61 -4.08
N ALA C 421 -8.84 61.33 -4.42
CA ALA C 421 -10.14 60.69 -4.52
C ALA C 421 -10.81 60.68 -3.15
N TYR C 422 -12.09 60.29 -3.12
CA TYR C 422 -12.85 60.04 -1.88
C TYR C 422 -12.55 58.63 -1.43
N LEU C 423 -11.60 58.48 -0.51
CA LEU C 423 -11.09 57.18 -0.08
C LEU C 423 -11.97 56.56 1.00
N VAL C 424 -12.20 55.25 0.89
CA VAL C 424 -13.00 54.48 1.83
C VAL C 424 -12.28 53.20 2.21
N ASN C 425 -12.57 52.71 3.42
CA ASN C 425 -12.27 51.33 3.78
C ASN C 425 -13.55 50.55 3.51
N PRO C 426 -13.56 49.63 2.54
CA PRO C 426 -14.83 48.99 2.17
C PRO C 426 -15.41 48.05 3.21
N HIS C 427 -14.71 47.81 4.33
CA HIS C 427 -15.28 47.03 5.42
C HIS C 427 -15.99 47.93 6.41
N ASN C 428 -15.83 49.24 6.27
CA ASN C 428 -16.58 50.23 7.05
C ASN C 428 -17.77 50.68 6.21
N LEU C 429 -18.80 49.84 6.19
CA LEU C 429 -20.01 50.16 5.43
C LEU C 429 -20.61 51.52 5.82
N ASP C 430 -20.49 51.91 7.10
CA ASP C 430 -21.06 53.17 7.56
C ASP C 430 -20.32 54.36 6.98
N HIS C 431 -19.01 54.22 6.76
CA HIS C 431 -18.19 55.26 6.15
C HIS C 431 -18.32 55.29 4.64
N VAL C 432 -18.44 54.10 4.02
CA VAL C 432 -18.76 54.02 2.60
C VAL C 432 -20.03 54.79 2.30
N LYS C 433 -21.08 54.55 3.08
CA LYS C 433 -22.35 55.24 2.88
C LYS C 433 -22.20 56.75 3.06
N ASP C 434 -21.58 57.18 4.17
CA ASP C 434 -21.34 58.62 4.36
C ASP C 434 -20.58 59.23 3.19
N THR C 435 -19.63 58.49 2.63
CA THR C 435 -18.84 59.02 1.53
C THR C 435 -19.64 59.05 0.22
N MET C 436 -20.57 58.13 0.02
CA MET C 436 -21.41 58.22 -1.17
C MET C 436 -22.32 59.44 -1.13
N VAL C 437 -22.84 59.79 0.04
CA VAL C 437 -23.68 60.99 0.18
C VAL C 437 -22.87 62.27 -0.07
N ALA C 438 -21.63 62.33 0.42
CA ALA C 438 -20.82 63.53 0.21
C ALA C 438 -20.38 63.67 -1.26
N ALA C 439 -20.01 62.57 -1.92
CA ALA C 439 -19.67 62.66 -3.33
C ALA C 439 -20.88 62.95 -4.21
N LEU C 440 -22.06 62.49 -3.80
CA LEU C 440 -23.26 62.76 -4.61
C LEU C 440 -23.70 64.22 -4.50
N ASN C 441 -23.32 64.92 -3.42
CA ASN C 441 -23.77 66.29 -3.19
C ASN C 441 -22.61 67.24 -3.01
N GLN C 442 -21.42 66.89 -3.47
CA GLN C 442 -20.29 67.81 -3.46
C GLN C 442 -20.64 69.10 -4.19
N THR C 443 -19.99 70.18 -3.79
CA THR C 443 -20.05 71.40 -4.58
C THR C 443 -19.32 71.19 -5.90
N PRO C 444 -19.72 71.88 -6.97
CA PRO C 444 -18.89 71.88 -8.19
C PRO C 444 -17.44 72.22 -7.90
N GLU C 445 -17.22 73.21 -7.03
CA GLU C 445 -15.86 73.63 -6.69
C GLU C 445 -15.08 72.51 -6.02
N GLU C 446 -15.66 71.85 -5.01
CA GLU C 446 -14.99 70.70 -4.43
C GLU C 446 -14.68 69.64 -5.49
N GLY C 447 -15.65 69.32 -6.34
CA GLY C 447 -15.45 68.31 -7.36
C GLY C 447 -14.32 68.62 -8.34
N ARG C 448 -14.31 69.83 -8.90
CA ARG C 448 -13.28 70.24 -9.86
C ARG C 448 -11.88 70.21 -9.24
N ARG C 449 -11.80 70.51 -7.96
CA ARG C 449 -10.53 70.62 -7.29
C ARG C 449 -9.84 69.28 -7.21
N ARG C 450 -10.58 68.28 -6.74
CA ARG C 450 -10.06 66.92 -6.66
C ARG C 450 -9.69 66.38 -8.04
N MET C 451 -10.48 66.72 -9.06
CA MET C 451 -10.27 66.12 -10.38
C MET C 451 -9.10 66.75 -11.13
N ARG C 452 -8.80 68.02 -10.87
CA ARG C 452 -7.59 68.60 -11.48
C ARG C 452 -6.32 67.94 -10.96
N ALA C 453 -6.27 67.63 -9.66
CA ALA C 453 -5.10 66.95 -9.12
C ALA C 453 -5.01 65.51 -9.60
N LEU C 454 -6.14 64.79 -9.65
CA LEU C 454 -6.14 63.43 -10.17
C LEU C 454 -5.56 63.38 -11.59
N ARG C 455 -6.05 64.26 -12.48
CA ARG C 455 -5.55 64.31 -13.85
C ARG C 455 -4.08 64.66 -13.89
N ARG C 456 -3.63 65.55 -13.01
CA ARG C 456 -2.22 65.87 -12.96
C ARG C 456 -1.37 64.62 -12.78
N GLN C 457 -1.77 63.75 -11.85
CA GLN C 457 -1.03 62.51 -11.61
C GLN C 457 -1.13 61.56 -12.80
N VAL C 458 -2.35 61.25 -13.23
CA VAL C 458 -2.55 60.22 -14.24
C VAL C 458 -1.97 60.66 -15.59
N LEU C 459 -2.05 61.95 -15.91
CA LEU C 459 -1.47 62.43 -17.16
C LEU C 459 0.06 62.36 -17.15
N ALA C 460 0.69 62.55 -15.99
CA ALA C 460 2.13 62.53 -15.94
C ALA C 460 2.72 61.14 -15.69
N HIS C 461 1.94 60.19 -15.18
CA HIS C 461 2.42 58.84 -14.88
C HIS C 461 1.51 57.83 -15.60
N ASP C 462 1.93 57.47 -16.81
CA ASP C 462 1.15 56.70 -17.77
C ASP C 462 1.86 55.40 -18.06
N VAL C 463 1.35 54.66 -19.05
CA VAL C 463 1.87 53.31 -19.29
C VAL C 463 3.32 53.36 -19.77
N ASP C 464 3.68 54.38 -20.56
CA ASP C 464 5.02 54.44 -21.13
C ASP C 464 6.05 54.89 -20.11
N LEU C 465 5.67 55.79 -19.20
CA LEU C 465 6.55 56.10 -18.08
C LEU C 465 6.86 54.85 -17.27
N TRP C 466 5.86 53.96 -17.12
CA TRP C 466 6.04 52.77 -16.31
C TRP C 466 6.99 51.78 -16.99
N ALA C 467 6.83 51.59 -18.30
CA ALA C 467 7.65 50.64 -19.04
C ALA C 467 9.13 51.06 -19.09
N ARG C 468 9.40 52.33 -19.42
CA ARG C 468 10.79 52.79 -19.46
C ARG C 468 11.50 52.62 -18.11
N SER C 469 10.74 52.51 -17.02
CA SER C 469 11.34 52.35 -15.70
C SER C 469 11.84 50.93 -15.48
N PHE C 470 10.93 49.96 -15.52
CA PHE C 470 11.28 48.55 -15.37
C PHE C 470 12.47 48.17 -16.27
N LEU C 471 12.36 48.48 -17.56
CA LEU C 471 13.34 47.99 -18.53
C LEU C 471 14.70 48.66 -18.37
N ASP C 472 14.74 49.93 -17.93
CA ASP C 472 16.01 50.51 -17.53
C ASP C 472 16.67 49.68 -16.44
N ALA C 473 15.89 49.35 -15.41
CA ALA C 473 16.35 48.40 -14.39
C ALA C 473 16.73 47.07 -15.03
N LEU C 474 15.86 46.53 -15.89
CA LEU C 474 16.16 45.27 -16.56
C LEU C 474 17.41 45.40 -17.42
N ALA C 475 17.52 46.49 -18.19
CA ALA C 475 18.68 46.68 -19.06
C ALA C 475 19.93 46.96 -18.24
N SER C 476 19.79 47.53 -17.05
CA SER C 476 20.93 47.68 -16.16
C SER C 476 21.65 46.35 -15.96
N ASP D 10 -75.13 39.98 20.66
CA ASP D 10 -75.75 38.84 20.01
C ASP D 10 -76.21 39.13 18.58
N SER D 11 -75.40 38.72 17.61
CA SER D 11 -75.72 38.83 16.19
C SER D 11 -76.27 37.52 15.65
N ASP D 12 -77.26 37.59 14.77
CA ASP D 12 -77.85 36.40 14.20
C ASP D 12 -77.07 35.86 13.01
N PHE D 13 -75.88 36.39 12.75
CA PHE D 13 -75.07 35.95 11.62
C PHE D 13 -73.63 36.42 11.84
N VAL D 14 -72.68 35.48 11.91
CA VAL D 14 -71.30 35.78 12.25
C VAL D 14 -70.38 34.95 11.37
N VAL D 15 -69.36 35.59 10.82
CA VAL D 15 -68.29 34.96 10.03
C VAL D 15 -67.02 35.01 10.87
N VAL D 16 -66.24 33.93 10.82
CA VAL D 16 -65.01 33.85 11.59
C VAL D 16 -63.88 33.35 10.70
N ALA D 17 -62.79 34.12 10.63
CA ALA D 17 -61.63 33.79 9.83
C ALA D 17 -60.38 34.24 10.59
N ASN D 18 -59.21 33.72 10.20
CA ASN D 18 -58.02 34.17 10.90
C ASN D 18 -57.75 35.65 10.60
N ARG D 19 -57.89 36.02 9.34
CA ARG D 19 -57.72 37.41 8.95
C ARG D 19 -58.99 38.20 9.20
N LEU D 20 -58.81 39.49 9.52
CA LEU D 20 -59.80 40.54 9.36
C LEU D 20 -59.61 41.23 8.02
N PRO D 21 -60.62 41.95 7.51
CA PRO D 21 -60.45 42.64 6.21
C PRO D 21 -59.47 43.81 6.26
N ILE D 22 -58.82 44.05 7.39
CA ILE D 22 -57.82 45.10 7.53
C ILE D 22 -56.63 44.54 8.29
N ASP D 23 -55.49 45.19 8.09
CA ASP D 23 -54.24 44.73 8.68
C ASP D 23 -53.53 45.94 9.25
N LEU D 24 -53.11 45.85 10.50
CA LEU D 24 -52.46 46.96 11.18
C LEU D 24 -50.96 46.79 11.07
N GLU D 25 -50.29 47.81 10.54
CA GLU D 25 -48.85 47.81 10.38
C GLU D 25 -48.17 48.52 11.54
N SER D 33 -51.34 52.39 11.20
CA SER D 33 -52.27 52.81 10.15
C SER D 33 -52.77 51.60 9.38
N TRP D 34 -54.04 51.62 8.98
CA TRP D 34 -54.68 50.46 8.38
C TRP D 34 -54.40 50.35 6.90
N LYS D 35 -54.25 49.10 6.45
CA LYS D 35 -54.18 48.75 5.04
C LYS D 35 -55.17 47.61 4.78
N ARG D 36 -55.44 47.37 3.50
CA ARG D 36 -56.26 46.23 3.13
C ARG D 36 -55.48 44.95 3.33
N SER D 37 -56.14 43.94 3.92
CA SER D 37 -55.50 42.67 4.19
C SER D 37 -55.27 41.88 2.91
N PRO D 38 -54.26 41.00 2.89
CA PRO D 38 -53.98 40.20 1.69
C PRO D 38 -54.87 38.98 1.58
N GLY D 39 -54.87 38.40 0.38
CA GLY D 39 -55.49 37.13 0.07
C GLY D 39 -56.78 37.27 -0.72
N GLY D 40 -57.11 36.20 -1.47
CA GLY D 40 -58.38 36.14 -2.15
C GLY D 40 -59.54 35.75 -1.27
N LEU D 41 -59.26 35.23 -0.08
CA LEU D 41 -60.32 35.07 0.91
C LEU D 41 -60.97 36.42 1.24
N VAL D 42 -60.17 37.50 1.31
CA VAL D 42 -60.66 38.85 1.61
C VAL D 42 -61.34 39.49 0.40
N THR D 43 -60.84 39.23 -0.81
CA THR D 43 -61.39 39.86 -2.01
C THR D 43 -62.81 39.40 -2.29
N ALA D 44 -63.12 38.14 -2.01
CA ALA D 44 -64.45 37.61 -2.28
C ALA D 44 -65.43 37.96 -1.19
N LEU D 45 -65.02 37.84 0.07
CA LEU D 45 -65.95 37.94 1.19
C LEU D 45 -66.26 39.38 1.59
N GLU D 46 -65.27 40.27 1.50
CA GLU D 46 -65.45 41.66 1.90
C GLU D 46 -66.64 42.32 1.20
N PRO D 47 -66.67 42.42 -0.14
CA PRO D 47 -67.77 43.18 -0.77
C PRO D 47 -69.14 42.61 -0.47
N LEU D 48 -69.20 41.45 0.17
CA LEU D 48 -70.44 40.77 0.47
C LEU D 48 -70.97 41.10 1.87
N LEU D 49 -70.08 41.34 2.82
CA LEU D 49 -70.47 41.63 4.19
C LEU D 49 -70.63 43.12 4.47
N ARG D 50 -70.34 43.96 3.49
CA ARG D 50 -70.81 45.33 3.54
C ARG D 50 -72.30 45.41 3.18
N ARG D 51 -72.78 44.44 2.39
CA ARG D 51 -74.18 44.42 2.00
C ARG D 51 -75.07 43.86 3.11
N ARG D 52 -74.66 42.75 3.72
CA ARG D 52 -75.47 42.12 4.75
C ARG D 52 -74.99 42.52 6.13
N ARG D 53 -75.92 42.60 7.07
CA ARG D 53 -75.51 42.78 8.45
C ARG D 53 -74.84 41.54 8.98
N GLY D 54 -74.10 41.72 10.06
CA GLY D 54 -73.46 40.61 10.72
C GLY D 54 -72.17 41.05 11.40
N ALA D 55 -71.55 40.06 12.06
CA ALA D 55 -70.29 40.23 12.76
C ALA D 55 -69.21 39.41 12.10
N TRP D 56 -67.98 39.82 12.36
CA TRP D 56 -66.81 39.15 11.80
C TRP D 56 -65.72 39.10 12.86
N ILE D 57 -65.30 37.90 13.20
CA ILE D 57 -64.21 37.69 14.14
C ILE D 57 -62.96 37.37 13.34
N GLY D 58 -61.85 38.00 13.70
CA GLY D 58 -60.58 37.69 13.08
C GLY D 58 -59.46 38.36 13.87
N TRP D 59 -58.24 38.05 13.46
CA TRP D 59 -57.01 38.51 14.09
C TRP D 59 -56.46 39.70 13.33
N PRO D 60 -56.21 40.82 14.02
CA PRO D 60 -55.94 42.08 13.33
C PRO D 60 -54.58 42.16 12.62
N GLY D 61 -53.77 41.12 12.62
CA GLY D 61 -52.55 41.13 11.85
C GLY D 61 -51.29 41.41 12.63
N ILE D 62 -51.42 41.79 13.91
CA ILE D 62 -50.25 41.91 14.78
C ILE D 62 -50.56 41.26 16.13
N PRO D 63 -49.59 41.16 17.04
CA PRO D 63 -49.87 40.58 18.35
C PRO D 63 -50.23 41.62 19.41
N ASP D 64 -50.66 41.12 20.55
CA ASP D 64 -50.92 41.91 21.75
C ASP D 64 -51.73 43.16 21.46
N SER D 65 -52.66 43.05 20.49
CA SER D 65 -53.69 44.07 20.29
C SER D 65 -54.73 44.00 21.41
N ASP D 66 -55.57 45.01 21.48
CA ASP D 66 -56.65 45.00 22.46
C ASP D 66 -57.89 44.33 21.85
N GLU D 67 -58.94 44.24 22.66
CA GLU D 67 -60.16 43.54 22.25
C GLU D 67 -61.26 44.48 21.79
N ASP D 68 -61.02 45.78 21.83
CA ASP D 68 -62.07 46.74 21.53
C ASP D 68 -62.48 46.63 20.06
N PRO D 69 -63.76 46.79 19.75
CA PRO D 69 -64.25 46.58 18.39
C PRO D 69 -64.06 47.84 17.52
N ILE D 70 -64.23 47.65 16.20
CA ILE D 70 -63.75 48.61 15.20
C ILE D 70 -64.88 49.03 14.25
N VAL D 71 -64.78 50.26 13.74
CA VAL D 71 -65.83 50.89 12.93
C VAL D 71 -65.38 50.90 11.47
N ASP D 72 -65.70 49.82 10.75
CA ASP D 72 -65.28 49.74 9.34
C ASP D 72 -66.32 50.38 8.41
N GLY D 73 -66.80 51.56 8.79
CA GLY D 73 -67.98 52.09 8.14
C GLY D 73 -69.22 51.39 8.69
N ASP D 74 -69.95 50.70 7.82
CA ASP D 74 -71.09 49.90 8.28
C ASP D 74 -70.59 48.62 8.94
N LEU D 75 -69.64 47.96 8.30
CA LEU D 75 -69.03 46.76 8.86
C LEU D 75 -68.52 47.01 10.27
N VAL D 76 -68.73 46.03 11.15
CA VAL D 76 -68.26 46.06 12.53
C VAL D 76 -67.49 44.77 12.81
N LEU D 77 -66.34 44.89 13.47
CA LEU D 77 -65.35 43.82 13.54
C LEU D 77 -64.94 43.52 14.99
N TYR D 78 -64.64 42.25 15.27
CA TYR D 78 -64.13 41.83 16.58
C TYR D 78 -62.70 41.36 16.45
N PRO D 79 -61.73 42.13 16.92
CA PRO D 79 -60.33 41.68 16.85
C PRO D 79 -60.06 40.56 17.85
N VAL D 80 -59.31 39.55 17.39
CA VAL D 80 -58.87 38.44 18.23
C VAL D 80 -57.40 38.66 18.57
N ARG D 81 -57.11 38.84 19.85
CA ARG D 81 -55.73 39.07 20.28
C ARG D 81 -54.94 37.77 20.25
N LEU D 82 -53.73 37.84 19.69
CA LEU D 82 -52.75 36.78 19.76
C LEU D 82 -51.48 37.31 20.41
N SER D 83 -50.84 36.50 21.25
CA SER D 83 -49.53 36.89 21.75
C SER D 83 -48.48 36.59 20.68
N ALA D 84 -47.25 37.04 20.93
CA ALA D 84 -46.18 36.76 19.98
C ALA D 84 -46.03 35.26 19.76
N ASP D 85 -46.17 34.47 20.83
CA ASP D 85 -46.07 33.02 20.72
C ASP D 85 -47.27 32.42 20.01
N ASP D 86 -48.43 33.08 20.03
CA ASP D 86 -49.53 32.65 19.19
C ASP D 86 -49.21 32.86 17.72
N VAL D 87 -48.55 33.98 17.39
CA VAL D 87 -48.19 34.25 16.00
C VAL D 87 -47.16 33.25 15.50
N ALA D 88 -46.18 32.92 16.32
CA ALA D 88 -45.08 32.08 15.88
C ALA D 88 -45.51 30.63 15.67
N GLN D 89 -46.22 30.07 16.66
CA GLN D 89 -46.45 28.63 16.65
C GLN D 89 -47.78 28.25 16.03
N TYR D 90 -48.80 29.10 16.14
CA TYR D 90 -50.10 28.81 15.52
C TYR D 90 -50.17 29.33 14.08
N TYR D 91 -49.84 30.60 13.86
CA TYR D 91 -49.91 31.18 12.53
C TYR D 91 -48.74 30.73 11.68
N GLU D 92 -47.53 31.17 12.03
CA GLU D 92 -46.35 30.86 11.23
C GLU D 92 -46.02 29.37 11.27
N GLY D 93 -46.26 28.73 12.42
CA GLY D 93 -45.92 27.34 12.64
C GLY D 93 -46.95 26.40 12.07
N PHE D 94 -47.98 26.06 12.85
CA PHE D 94 -48.86 24.96 12.45
C PHE D 94 -49.60 25.26 11.16
N SER D 95 -50.20 26.45 11.05
CA SER D 95 -50.94 26.76 9.83
C SER D 95 -50.03 26.77 8.60
N ASN D 96 -48.94 27.53 8.66
CA ASN D 96 -48.26 27.87 7.43
C ASN D 96 -46.92 27.16 7.24
N ALA D 97 -46.50 26.34 8.20
CA ALA D 97 -45.35 25.47 8.02
C ALA D 97 -45.69 24.02 8.32
N THR D 98 -46.96 23.71 8.60
CA THR D 98 -47.46 22.35 8.61
C THR D 98 -48.64 22.16 7.66
N LEU D 99 -49.71 22.94 7.82
CA LEU D 99 -50.92 22.72 7.03
C LEU D 99 -50.76 23.20 5.60
N TRP D 100 -50.27 24.41 5.40
CA TRP D 100 -50.15 24.92 4.03
C TRP D 100 -49.27 24.03 3.16
N PRO D 101 -48.03 23.69 3.53
CA PRO D 101 -47.21 22.84 2.62
C PRO D 101 -47.81 21.48 2.35
N LEU D 102 -48.53 20.91 3.31
CA LEU D 102 -48.99 19.53 3.16
C LEU D 102 -50.25 19.44 2.30
N TYR D 103 -51.16 20.40 2.46
CA TYR D 103 -52.38 20.42 1.67
C TYR D 103 -52.11 20.74 0.21
N HIS D 104 -50.97 21.34 -0.08
CA HIS D 104 -50.53 21.61 -1.46
C HIS D 104 -49.52 20.57 -1.91
N ASP D 105 -49.86 19.29 -1.71
CA ASP D 105 -49.13 18.14 -2.25
C ASP D 105 -47.65 18.16 -1.89
N VAL D 106 -47.36 18.49 -0.63
CA VAL D 106 -46.02 18.56 -0.04
C VAL D 106 -44.98 19.16 -0.99
N ILE D 107 -45.31 20.33 -1.58
CA ILE D 107 -44.36 21.07 -2.40
C ILE D 107 -43.12 21.42 -1.58
N VAL D 108 -43.31 21.57 -0.28
CA VAL D 108 -42.26 21.84 0.68
C VAL D 108 -42.52 20.92 1.86
N LYS D 109 -41.46 20.48 2.50
CA LYS D 109 -41.59 19.44 3.52
C LYS D 109 -42.27 20.00 4.76
N PRO D 110 -43.45 19.49 5.16
CA PRO D 110 -44.11 19.97 6.38
C PRO D 110 -43.30 19.63 7.64
N ILE D 111 -43.39 20.50 8.63
CA ILE D 111 -42.75 20.27 9.92
C ILE D 111 -43.85 19.86 10.89
N TYR D 112 -43.72 18.67 11.49
CA TYR D 112 -44.71 18.15 12.42
C TYR D 112 -44.20 18.38 13.83
N ASN D 113 -44.91 19.24 14.57
CA ASN D 113 -44.43 19.78 15.84
C ASN D 113 -45.60 19.74 16.82
N ARG D 114 -45.39 19.04 17.95
CA ARG D 114 -46.45 18.83 18.90
C ARG D 114 -46.81 20.11 19.65
N GLN D 115 -45.80 20.97 19.93
CA GLN D 115 -46.07 22.24 20.61
C GLN D 115 -46.82 23.21 19.70
N TRP D 116 -46.51 23.21 18.40
CA TRP D 116 -47.33 23.94 17.44
C TRP D 116 -48.74 23.37 17.37
N TRP D 117 -48.87 22.04 17.48
CA TRP D 117 -50.20 21.45 17.57
C TRP D 117 -50.91 21.91 18.83
N GLU D 118 -50.19 22.02 19.95
CA GLU D 118 -50.81 22.39 21.21
C GLU D 118 -51.34 23.80 21.17
N ARG D 119 -50.57 24.74 20.61
CA ARG D 119 -51.04 26.12 20.52
C ARG D 119 -52.01 26.37 19.38
N TYR D 120 -52.00 25.54 18.33
CA TYR D 120 -53.09 25.56 17.35
C TYR D 120 -54.40 25.13 18.00
N VAL D 121 -54.34 24.17 18.92
CA VAL D 121 -55.51 23.80 19.72
C VAL D 121 -56.00 24.99 20.53
N GLU D 122 -55.10 25.59 21.33
CA GLU D 122 -55.49 26.67 22.24
C GLU D 122 -56.17 27.82 21.49
N VAL D 123 -55.63 28.21 20.33
CA VAL D 123 -56.13 29.38 19.62
C VAL D 123 -57.50 29.09 18.98
N ASN D 124 -57.64 27.94 18.33
CA ASN D 124 -58.95 27.53 17.84
C ASN D 124 -60.00 27.66 18.95
N ARG D 125 -59.62 27.34 20.17
CA ARG D 125 -60.54 27.52 21.31
C ARG D 125 -60.82 28.99 21.55
N ARG D 126 -59.80 29.84 21.46
CA ARG D 126 -59.96 31.28 21.63
C ARG D 126 -60.94 31.84 20.61
N PHE D 127 -60.78 31.45 19.34
CA PHE D 127 -61.67 31.87 18.26
C PHE D 127 -63.09 31.34 18.48
N ALA D 128 -63.24 30.10 18.95
CA ALA D 128 -64.58 29.58 19.21
C ALA D 128 -65.24 30.29 20.39
N GLU D 129 -64.46 30.66 21.40
CA GLU D 129 -65.03 31.39 22.53
C GLU D 129 -65.50 32.78 22.13
N ALA D 130 -64.78 33.42 21.21
CA ALA D 130 -65.15 34.78 20.79
C ALA D 130 -66.37 34.77 19.89
N THR D 131 -66.57 33.71 19.10
CA THR D 131 -67.77 33.61 18.28
C THR D 131 -69.01 33.40 19.15
N SER D 132 -68.89 32.57 20.19
CA SER D 132 -70.04 32.23 21.03
C SER D 132 -70.59 33.47 21.73
N ARG D 133 -69.71 34.37 22.16
CA ARG D 133 -70.14 35.64 22.72
C ARG D 133 -70.94 36.44 21.70
N ALA D 134 -70.52 36.40 20.44
CA ALA D 134 -71.12 37.21 19.41
C ALA D 134 -72.41 36.59 18.88
N ALA D 135 -72.47 35.27 18.79
CA ALA D 135 -73.64 34.63 18.18
C ALA D 135 -74.84 34.68 19.11
N ALA D 136 -75.99 35.08 18.56
CA ALA D 136 -77.25 35.04 19.28
C ALA D 136 -77.75 33.61 19.39
N ARG D 137 -78.84 33.43 20.14
CA ARG D 137 -79.50 32.12 20.24
C ARG D 137 -80.12 31.79 18.89
N GLY D 138 -79.61 30.75 18.24
CA GLY D 138 -80.10 30.34 16.95
C GLY D 138 -79.37 30.93 15.76
N ALA D 139 -78.35 31.74 15.99
CA ALA D 139 -77.63 32.43 14.92
C ALA D 139 -77.01 31.45 13.92
N THR D 140 -76.55 31.99 12.80
CA THR D 140 -75.80 31.24 11.79
C THR D 140 -74.33 31.66 11.86
N VAL D 141 -73.43 30.66 11.88
CA VAL D 141 -72.00 30.91 11.87
C VAL D 141 -71.39 30.23 10.66
N TRP D 142 -70.50 30.96 9.98
CA TRP D 142 -69.78 30.49 8.80
C TRP D 142 -68.29 30.64 9.08
N VAL D 143 -67.58 29.50 9.26
CA VAL D 143 -66.17 29.42 9.62
C VAL D 143 -65.33 29.20 8.36
N GLN D 144 -64.20 29.92 8.26
CA GLN D 144 -63.40 29.99 7.04
C GLN D 144 -62.01 29.40 7.23
N ASP D 145 -61.71 28.36 6.45
CA ASP D 145 -60.37 27.95 5.99
C ASP D 145 -59.60 27.10 6.97
N TYR D 146 -58.33 26.81 6.61
CA TYR D 146 -57.51 25.81 7.28
C TYR D 146 -56.99 26.25 8.65
N GLN D 147 -56.99 27.55 8.97
CA GLN D 147 -56.48 27.93 10.28
C GLN D 147 -57.42 27.54 11.41
N LEU D 148 -58.64 27.12 11.11
CA LEU D 148 -59.70 27.11 12.11
C LEU D 148 -60.56 25.87 12.01
N GLN D 149 -59.93 24.71 11.80
CA GLN D 149 -60.68 23.49 11.50
C GLN D 149 -61.10 22.72 12.72
N LEU D 150 -60.62 23.09 13.90
CA LEU D 150 -61.17 22.55 15.13
C LEU D 150 -62.30 23.41 15.69
N VAL D 151 -62.49 24.61 15.14
CA VAL D 151 -63.51 25.52 15.68
C VAL D 151 -64.92 24.94 15.59
N PRO D 152 -65.35 24.29 14.50
CA PRO D 152 -66.75 23.82 14.45
C PRO D 152 -67.11 22.85 15.55
N LYS D 153 -66.27 21.83 15.76
CA LYS D 153 -66.50 20.89 16.86
C LYS D 153 -66.48 21.61 18.21
N MET D 154 -65.56 22.56 18.39
CA MET D 154 -65.51 23.31 19.63
C MET D 154 -66.77 24.15 19.84
N LEU D 155 -67.25 24.80 18.77
CA LEU D 155 -68.42 25.65 18.92
C LEU D 155 -69.71 24.85 19.08
N ARG D 156 -69.84 23.71 18.40
CA ARG D 156 -71.02 22.89 18.64
C ARG D 156 -71.06 22.39 20.09
N GLU D 157 -69.87 22.22 20.72
CA GLU D 157 -69.81 21.78 22.10
C GLU D 157 -70.21 22.89 23.05
N LEU D 158 -69.76 24.12 22.79
CA LEU D 158 -70.22 25.26 23.59
C LEU D 158 -71.69 25.58 23.34
N ARG D 159 -72.13 25.54 22.08
CA ARG D 159 -73.38 26.16 21.65
C ARG D 159 -74.17 25.22 20.75
N PRO D 160 -74.88 24.24 21.32
CA PRO D 160 -75.63 23.30 20.47
C PRO D 160 -76.77 23.93 19.71
N ASP D 161 -77.13 25.18 20.04
CA ASP D 161 -78.21 25.94 19.41
C ASP D 161 -77.80 26.60 18.08
N LEU D 162 -76.59 26.36 17.61
CA LEU D 162 -76.03 27.14 16.51
C LEU D 162 -76.03 26.33 15.23
N THR D 163 -76.18 27.04 14.11
CA THR D 163 -76.01 26.49 12.77
C THR D 163 -74.63 26.85 12.27
N ILE D 164 -73.80 25.84 12.01
CA ILE D 164 -72.39 25.99 11.73
C ILE D 164 -72.10 25.64 10.27
N GLY D 165 -71.46 26.56 9.55
CA GLY D 165 -70.90 26.25 8.25
C GLY D 165 -69.39 26.42 8.25
N PHE D 166 -68.70 25.61 7.45
CA PHE D 166 -67.26 25.69 7.28
C PHE D 166 -66.89 25.59 5.80
N PHE D 167 -66.02 26.49 5.32
CA PHE D 167 -65.49 26.40 3.96
C PHE D 167 -63.97 26.44 3.96
N LEU D 168 -63.34 25.50 3.23
CA LEU D 168 -61.91 25.39 3.09
C LEU D 168 -61.48 25.98 1.75
N HIS D 169 -60.71 27.06 1.80
CA HIS D 169 -60.35 27.82 0.60
C HIS D 169 -59.15 27.24 -0.14
N ILE D 170 -58.49 26.24 0.42
CA ILE D 170 -57.29 25.63 -0.19
C ILE D 170 -57.66 24.20 -0.58
N PRO D 171 -56.83 23.45 -1.30
CA PRO D 171 -57.23 22.08 -1.66
C PRO D 171 -57.14 21.15 -0.46
N PHE D 172 -57.87 20.04 -0.55
CA PHE D 172 -57.83 19.00 0.46
C PHE D 172 -57.01 17.84 -0.08
N PRO D 173 -55.93 17.43 0.56
CA PRO D 173 -54.91 16.60 -0.11
C PRO D 173 -55.43 15.19 -0.33
N PRO D 174 -54.80 14.42 -1.22
CA PRO D 174 -55.15 13.00 -1.33
C PRO D 174 -54.86 12.29 -0.02
N VAL D 175 -55.57 11.19 0.19
CA VAL D 175 -55.52 10.50 1.48
C VAL D 175 -54.09 10.05 1.80
N GLU D 176 -53.31 9.65 0.80
CA GLU D 176 -51.99 9.07 1.07
C GLU D 176 -51.04 10.05 1.74
N LEU D 177 -51.26 11.35 1.58
CA LEU D 177 -50.40 12.34 2.24
C LEU D 177 -51.02 12.94 3.48
N PHE D 178 -52.36 13.04 3.54
CA PHE D 178 -53.02 13.55 4.73
C PHE D 178 -52.76 12.64 5.92
N MET D 179 -52.55 11.34 5.66
CA MET D 179 -52.28 10.39 6.72
C MET D 179 -50.95 10.62 7.41
N GLN D 180 -50.01 11.32 6.78
CA GLN D 180 -48.75 11.69 7.40
C GLN D 180 -48.93 12.51 8.66
N LEU D 181 -50.08 13.12 8.84
CA LEU D 181 -50.28 14.08 9.92
C LEU D 181 -50.61 13.34 11.22
N PRO D 182 -49.77 13.45 12.25
CA PRO D 182 -50.09 12.73 13.51
C PRO D 182 -51.42 13.13 14.12
N TRP D 183 -51.99 14.27 13.72
CA TRP D 183 -53.28 14.72 14.22
C TRP D 183 -54.36 14.65 13.15
N ARG D 184 -54.24 13.68 12.23
CA ARG D 184 -55.21 13.51 11.16
C ARG D 184 -56.62 13.29 11.71
N THR D 185 -56.74 12.47 12.77
CA THR D 185 -58.04 12.15 13.34
C THR D 185 -58.69 13.39 13.96
N GLU D 186 -57.92 14.14 14.76
CA GLU D 186 -58.46 15.31 15.43
C GLU D 186 -58.85 16.43 14.47
N ILE D 187 -58.15 16.56 13.35
CA ILE D 187 -58.59 17.55 12.36
C ILE D 187 -59.87 17.10 11.66
N THR D 188 -59.97 15.82 11.28
CA THR D 188 -61.21 15.33 10.68
C THR D 188 -62.40 15.44 11.65
N ASP D 189 -62.20 15.07 12.93
CA ASP D 189 -63.26 15.25 13.93
C ASP D 189 -63.71 16.69 14.02
N GLY D 190 -62.76 17.65 14.00
CA GLY D 190 -63.09 19.05 14.17
C GLY D 190 -63.88 19.65 13.01
N LEU D 191 -63.68 19.16 11.80
CA LEU D 191 -64.48 19.62 10.68
C LEU D 191 -65.91 19.09 10.75
N LEU D 192 -66.09 17.93 11.37
CA LEU D 192 -67.37 17.24 11.39
C LEU D 192 -68.36 17.78 12.42
N GLY D 193 -67.98 18.78 13.20
CA GLY D 193 -68.93 19.45 14.07
C GLY D 193 -69.82 20.44 13.36
N ALA D 194 -69.59 20.65 12.08
CA ALA D 194 -70.34 21.61 11.29
C ALA D 194 -71.58 20.97 10.67
N ASP D 195 -72.59 21.81 10.43
CA ASP D 195 -73.74 21.34 9.71
C ASP D 195 -73.48 21.20 8.21
N LEU D 196 -72.51 21.93 7.66
CA LEU D 196 -72.13 21.77 6.25
C LEU D 196 -70.65 22.06 6.09
N VAL D 197 -69.98 21.21 5.32
CA VAL D 197 -68.55 21.29 5.05
C VAL D 197 -68.40 21.48 3.54
N GLY D 198 -67.80 22.59 3.13
CA GLY D 198 -67.72 22.94 1.73
C GLY D 198 -66.30 22.99 1.19
N PHE D 199 -66.16 22.70 -0.11
CA PHE D 199 -64.90 22.74 -0.84
C PHE D 199 -65.12 23.42 -2.18
N HIS D 200 -64.00 23.84 -2.79
CA HIS D 200 -64.06 24.40 -4.14
C HIS D 200 -64.57 23.37 -5.14
N LEU D 201 -64.10 22.14 -5.05
CA LEU D 201 -64.22 21.15 -6.12
C LEU D 201 -64.77 19.85 -5.57
N PRO D 202 -65.29 18.98 -6.45
CA PRO D 202 -65.77 17.68 -5.98
C PRO D 202 -64.65 16.73 -5.59
N GLY D 203 -63.46 16.89 -6.16
CA GLY D 203 -62.33 16.09 -5.72
C GLY D 203 -62.06 16.28 -4.24
N GLY D 204 -61.92 17.53 -3.79
CA GLY D 204 -61.75 17.78 -2.37
C GLY D 204 -62.88 17.23 -1.53
N ALA D 205 -64.11 17.35 -2.00
CA ALA D 205 -65.25 16.79 -1.26
C ALA D 205 -65.15 15.28 -1.15
N GLN D 206 -64.72 14.61 -2.22
CA GLN D 206 -64.73 13.15 -2.21
C GLN D 206 -63.61 12.56 -1.36
N ASN D 207 -62.46 13.25 -1.29
CA ASN D 207 -61.41 12.87 -0.35
C ASN D 207 -61.92 12.88 1.09
N PHE D 208 -62.66 13.93 1.47
CA PHE D 208 -63.11 14.09 2.85
C PHE D 208 -64.05 12.97 3.25
N LEU D 209 -64.97 12.56 2.37
CA LEU D 209 -65.85 11.46 2.71
C LEU D 209 -65.12 10.13 2.79
N PHE D 210 -63.98 10.01 2.12
CA PHE D 210 -63.14 8.83 2.22
C PHE D 210 -62.43 8.78 3.56
N LEU D 211 -61.84 9.90 3.98
CA LEU D 211 -61.21 9.98 5.30
C LEU D 211 -62.21 9.75 6.44
N ALA D 212 -63.48 10.11 6.26
CA ALA D 212 -64.46 9.92 7.32
C ALA D 212 -64.84 8.45 7.47
N ARG D 213 -65.02 7.72 6.37
CA ARG D 213 -65.31 6.29 6.50
C ARG D 213 -64.07 5.53 6.96
N ARG D 214 -62.90 5.93 6.46
CA ARG D 214 -61.67 5.23 6.75
C ARG D 214 -61.16 5.54 8.15
N LEU D 215 -61.21 6.79 8.58
CA LEU D 215 -60.60 7.17 9.85
C LEU D 215 -61.56 7.08 11.04
N VAL D 216 -62.66 7.84 11.00
CA VAL D 216 -63.58 7.87 12.13
C VAL D 216 -64.61 6.75 12.08
N GLY D 217 -64.55 5.88 11.07
CA GLY D 217 -65.50 4.78 10.99
C GLY D 217 -66.94 5.19 10.80
N ALA D 218 -67.18 6.34 10.17
CA ALA D 218 -68.56 6.78 9.98
C ALA D 218 -69.14 6.18 8.70
N ASN D 219 -70.46 6.16 8.64
CA ASN D 219 -71.19 5.73 7.44
C ASN D 219 -71.32 6.93 6.52
N THR D 220 -70.95 6.75 5.25
CA THR D 220 -70.78 7.87 4.34
C THR D 220 -71.46 7.58 3.01
N SER D 221 -72.09 8.60 2.43
CA SER D 221 -72.57 8.47 1.06
C SER D 221 -71.39 8.20 0.14
N ARG D 222 -71.56 7.26 -0.80
CA ARG D 222 -70.42 6.79 -1.58
C ARG D 222 -70.46 7.24 -3.05
N ALA D 223 -71.46 8.03 -3.45
CA ALA D 223 -71.61 8.45 -4.83
C ALA D 223 -70.81 9.71 -5.12
N SER D 224 -70.66 10.01 -6.40
CA SER D 224 -70.02 11.25 -6.80
C SER D 224 -70.78 12.44 -6.25
N VAL D 225 -70.06 13.53 -6.00
CA VAL D 225 -70.64 14.78 -5.53
C VAL D 225 -70.57 15.77 -6.68
N GLY D 226 -71.68 16.47 -6.92
CA GLY D 226 -71.75 17.42 -8.01
C GLY D 226 -71.37 18.83 -7.60
N VAL D 227 -71.50 19.74 -8.56
CA VAL D 227 -71.11 21.14 -8.40
C VAL D 227 -72.33 21.92 -7.89
N ARG D 228 -72.28 22.35 -6.63
CA ARG D 228 -73.38 23.05 -5.99
C ARG D 228 -74.67 22.23 -5.99
N SER D 229 -74.52 20.91 -6.08
CA SER D 229 -75.62 19.97 -6.15
C SER D 229 -75.05 18.58 -5.91
N LYS D 230 -75.91 17.57 -5.85
CA LYS D 230 -75.49 16.19 -5.62
C LYS D 230 -74.60 16.09 -4.38
N PHE D 231 -75.10 16.61 -3.27
CA PHE D 231 -74.33 16.70 -2.05
C PHE D 231 -74.07 15.32 -1.45
N GLY D 232 -72.92 15.18 -0.78
CA GLY D 232 -72.63 14.01 0.01
C GLY D 232 -73.12 14.16 1.45
N GLU D 233 -73.07 13.06 2.19
CA GLU D 233 -73.56 13.06 3.57
C GLU D 233 -72.65 12.23 4.48
N VAL D 234 -72.65 12.59 5.77
CA VAL D 234 -71.84 11.95 6.80
C VAL D 234 -72.69 11.77 8.04
N GLN D 235 -72.79 10.53 8.55
CA GLN D 235 -73.65 10.22 9.68
C GLN D 235 -72.86 10.28 10.97
N ILE D 236 -73.24 11.20 11.86
CA ILE D 236 -72.58 11.43 13.13
C ILE D 236 -73.63 11.20 14.21
N GLY D 237 -73.76 9.95 14.68
CA GLY D 237 -74.77 9.62 15.65
C GLY D 237 -76.18 9.96 15.21
N SER D 238 -76.75 11.01 15.79
CA SER D 238 -78.04 11.52 15.36
C SER D 238 -77.92 12.70 14.40
N ARG D 239 -76.74 13.35 14.37
CA ARG D 239 -76.48 14.53 13.54
C ARG D 239 -75.97 14.09 12.17
N THR D 240 -76.41 14.81 11.14
CA THR D 240 -76.02 14.53 9.77
C THR D 240 -75.30 15.76 9.23
N VAL D 241 -74.15 15.55 8.61
CA VAL D 241 -73.32 16.64 8.12
C VAL D 241 -73.34 16.60 6.60
N LYS D 242 -73.84 17.67 6.00
CA LYS D 242 -73.92 17.79 4.55
C LYS D 242 -72.57 18.19 3.99
N VAL D 243 -72.23 17.68 2.80
CA VAL D 243 -70.95 17.96 2.17
C VAL D 243 -71.16 18.29 0.70
N GLY D 244 -70.47 19.33 0.21
CA GLY D 244 -70.66 19.77 -1.15
C GLY D 244 -69.44 20.46 -1.72
N ALA D 245 -69.57 20.87 -2.98
CA ALA D 245 -68.55 21.58 -3.73
C ALA D 245 -69.08 22.94 -4.15
N PHE D 246 -68.35 24.00 -3.80
CA PHE D 246 -68.75 25.37 -4.12
C PHE D 246 -67.55 26.18 -4.64
N PRO D 247 -67.48 26.45 -5.95
CA PRO D 247 -66.30 27.11 -6.53
C PRO D 247 -66.37 28.62 -6.40
N ILE D 248 -65.52 29.18 -5.53
CA ILE D 248 -65.61 30.61 -5.25
C ILE D 248 -65.34 31.42 -6.53
N SER D 249 -65.77 32.67 -6.52
CA SER D 249 -65.59 33.56 -7.67
C SER D 249 -65.40 34.99 -7.18
N ILE D 250 -65.42 35.93 -8.13
CA ILE D 250 -65.25 37.33 -7.81
C ILE D 250 -66.55 38.08 -8.12
N ASP D 251 -66.56 39.37 -7.79
CA ASP D 251 -67.71 40.22 -8.09
C ASP D 251 -67.62 40.62 -9.56
N SER D 252 -68.10 39.71 -10.41
CA SER D 252 -67.79 39.76 -11.84
C SER D 252 -68.22 41.06 -12.50
N ALA D 253 -69.47 41.49 -12.28
CA ALA D 253 -70.02 42.66 -12.96
C ALA D 253 -69.44 43.98 -12.43
N ASP D 254 -69.20 44.07 -11.13
CA ASP D 254 -68.61 45.29 -10.58
C ASP D 254 -67.18 45.51 -11.07
N LEU D 255 -66.39 44.45 -11.21
CA LEU D 255 -65.04 44.61 -11.73
C LEU D 255 -65.05 45.07 -13.18
N ASP D 256 -65.93 44.47 -13.99
CA ASP D 256 -66.07 44.83 -15.39
C ASP D 256 -66.33 46.32 -15.58
N ARG D 257 -67.18 46.90 -14.72
CA ARG D 257 -67.50 48.32 -14.85
C ARG D 257 -66.37 49.20 -14.35
N GLN D 258 -65.68 48.77 -13.29
CA GLN D 258 -64.52 49.52 -12.83
C GLN D 258 -63.47 49.63 -13.91
N ALA D 259 -63.40 48.64 -14.81
CA ALA D 259 -62.37 48.60 -15.84
C ALA D 259 -62.72 49.47 -17.04
N ARG D 260 -63.98 49.87 -17.19
CA ARG D 260 -64.45 50.71 -18.27
C ARG D 260 -64.20 52.20 -18.06
N GLN D 261 -63.66 52.61 -16.92
CA GLN D 261 -63.50 54.04 -16.67
C GLN D 261 -62.36 54.63 -17.50
N ARG D 262 -62.58 55.85 -17.98
CA ARG D 262 -61.56 56.55 -18.75
C ARG D 262 -60.24 56.59 -17.99
N SER D 263 -60.29 57.00 -16.72
CA SER D 263 -59.07 57.11 -15.92
C SER D 263 -58.33 55.78 -15.86
N ILE D 264 -59.06 54.67 -15.77
CA ILE D 264 -58.38 53.37 -15.78
C ILE D 264 -57.86 53.07 -17.19
N ARG D 265 -58.54 53.54 -18.22
CA ARG D 265 -58.10 53.23 -19.58
C ARG D 265 -56.96 54.14 -20.05
N GLN D 266 -56.75 55.30 -19.43
CA GLN D 266 -55.57 56.04 -19.85
C GLN D 266 -54.35 55.70 -19.02
N ARG D 267 -54.52 55.39 -17.75
CA ARG D 267 -53.43 54.80 -16.97
C ARG D 267 -52.86 53.59 -17.71
N ALA D 268 -53.74 52.75 -18.29
CA ALA D 268 -53.30 51.63 -19.13
C ALA D 268 -52.46 52.10 -20.31
N ARG D 269 -52.87 53.17 -20.99
CA ARG D 269 -52.06 53.67 -22.10
C ARG D 269 -50.75 54.27 -21.63
N GLN D 270 -50.77 54.87 -20.44
CA GLN D 270 -49.59 55.48 -19.85
C GLN D 270 -48.63 54.43 -19.32
N ILE D 271 -49.15 53.36 -18.71
CA ILE D 271 -48.29 52.26 -18.31
C ILE D 271 -47.42 51.84 -19.50
N ARG D 272 -48.04 51.56 -20.65
CA ARG D 272 -47.30 51.06 -21.79
C ARG D 272 -46.27 52.08 -22.29
N ALA D 273 -46.53 53.37 -22.10
CA ALA D 273 -45.59 54.39 -22.58
C ALA D 273 -44.34 54.46 -21.70
N GLU D 274 -44.53 54.33 -20.39
CA GLU D 274 -43.39 54.31 -19.47
C GLU D 274 -42.58 53.04 -19.58
N LEU D 275 -43.11 52.01 -20.24
CA LEU D 275 -42.33 50.85 -20.60
C LEU D 275 -41.70 51.00 -21.98
N GLY D 276 -41.80 52.19 -22.57
CA GLY D 276 -41.20 52.42 -23.87
C GLY D 276 -42.01 51.87 -25.00
N ASN D 277 -43.32 51.76 -24.82
CA ASN D 277 -44.31 51.24 -25.77
C ASN D 277 -43.89 49.92 -26.39
N PRO D 278 -43.81 48.85 -25.61
CA PRO D 278 -43.51 47.54 -26.18
C PRO D 278 -44.67 47.05 -27.02
N ARG D 279 -44.37 46.11 -27.90
CA ARG D 279 -45.45 45.51 -28.65
C ARG D 279 -46.23 44.51 -27.81
N ARG D 280 -45.56 43.84 -26.87
CA ARG D 280 -46.19 42.82 -26.02
C ARG D 280 -45.78 42.99 -24.56
N ILE D 281 -46.78 42.97 -23.67
CA ILE D 281 -46.59 43.02 -22.21
C ILE D 281 -47.09 41.72 -21.60
N LEU D 282 -46.26 41.08 -20.77
CA LEU D 282 -46.70 39.92 -19.99
C LEU D 282 -46.76 40.29 -18.51
N LEU D 283 -47.78 39.77 -17.82
CA LEU D 283 -48.03 40.14 -16.43
C LEU D 283 -48.28 38.91 -15.55
N GLY D 284 -47.65 38.91 -14.39
CA GLY D 284 -48.01 37.98 -13.31
C GLY D 284 -48.34 38.81 -12.09
N VAL D 285 -49.34 38.34 -11.32
CA VAL D 285 -49.78 38.99 -10.08
C VAL D 285 -50.10 37.90 -9.07
N ASP D 286 -49.29 37.80 -8.01
CA ASP D 286 -49.56 36.86 -6.91
C ASP D 286 -48.83 37.32 -5.64
N ARG D 287 -49.31 36.82 -4.49
CA ARG D 287 -48.47 36.73 -3.28
C ARG D 287 -47.18 35.97 -3.61
N LEU D 288 -46.05 36.41 -3.04
CA LEU D 288 -44.81 35.68 -3.20
C LEU D 288 -44.89 34.39 -2.37
N ASP D 289 -45.37 33.33 -3.02
CA ASP D 289 -45.68 32.05 -2.40
C ASP D 289 -45.22 30.93 -3.33
N TYR D 290 -44.66 29.87 -2.74
CA TYR D 290 -44.06 28.84 -3.57
C TYR D 290 -45.08 27.96 -4.28
N THR D 291 -46.37 28.13 -4.01
CA THR D 291 -47.38 27.40 -4.77
C THR D 291 -47.72 28.06 -6.09
N LYS D 292 -47.13 29.23 -6.39
CA LYS D 292 -47.60 30.14 -7.43
C LYS D 292 -46.91 29.98 -8.78
N GLY D 293 -45.80 29.26 -8.88
CA GLY D 293 -45.20 29.08 -10.18
C GLY D 293 -44.49 30.27 -10.76
N ILE D 294 -44.12 31.25 -9.95
CA ILE D 294 -43.46 32.41 -10.49
C ILE D 294 -42.06 32.04 -10.97
N ASP D 295 -41.40 31.11 -10.27
CA ASP D 295 -40.12 30.65 -10.78
C ASP D 295 -40.29 30.03 -12.16
N VAL D 296 -41.39 29.29 -12.35
CA VAL D 296 -41.63 28.59 -13.60
C VAL D 296 -41.72 29.57 -14.76
N ARG D 297 -42.53 30.62 -14.59
CA ARG D 297 -42.75 31.58 -15.68
C ARG D 297 -41.51 32.42 -15.98
N LEU D 298 -40.65 32.63 -14.98
CA LEU D 298 -39.38 33.32 -15.22
C LEU D 298 -38.39 32.41 -15.95
N GLN D 299 -38.36 31.12 -15.59
CA GLN D 299 -37.50 30.17 -16.29
C GLN D 299 -37.88 30.06 -17.77
N ALA D 300 -39.19 29.94 -18.04
CA ALA D 300 -39.67 29.81 -19.41
C ALA D 300 -39.36 31.05 -20.23
N PHE D 301 -39.61 32.23 -19.66
CA PHE D 301 -39.30 33.50 -20.33
C PHE D 301 -37.83 33.56 -20.73
N ALA D 302 -36.94 33.23 -19.79
CA ALA D 302 -35.50 33.33 -20.02
C ALA D 302 -35.05 32.42 -21.14
N GLU D 303 -35.58 31.21 -21.20
CA GLU D 303 -35.17 30.25 -22.20
C GLU D 303 -35.73 30.61 -23.57
N LEU D 304 -36.90 31.23 -23.62
CA LEU D 304 -37.41 31.74 -24.90
C LEU D 304 -36.52 32.86 -25.44
N LEU D 305 -36.05 33.76 -24.56
CA LEU D 305 -35.08 34.77 -24.99
C LEU D 305 -33.76 34.14 -25.42
N ALA D 306 -33.26 33.17 -24.65
CA ALA D 306 -32.01 32.50 -25.01
C ALA D 306 -32.09 31.92 -26.42
N GLU D 307 -33.17 31.16 -26.68
CA GLU D 307 -33.42 30.49 -27.95
C GLU D 307 -33.85 31.44 -29.05
N GLY D 308 -34.11 32.71 -28.75
CA GLY D 308 -34.46 33.68 -29.76
C GLY D 308 -35.88 33.65 -30.21
N ARG D 309 -36.74 32.86 -29.55
CA ARG D 309 -38.13 32.67 -29.96
C ARG D 309 -39.05 33.80 -29.50
N VAL D 310 -38.58 34.68 -28.63
CA VAL D 310 -39.31 35.88 -28.24
C VAL D 310 -38.36 37.07 -28.39
N ASN D 311 -38.89 38.18 -28.91
CA ASN D 311 -38.09 39.33 -29.36
C ASN D 311 -37.72 40.21 -28.18
N ARG D 312 -36.41 40.33 -27.87
CA ARG D 312 -36.02 41.01 -26.64
C ARG D 312 -36.18 42.51 -26.71
N GLU D 313 -36.43 43.06 -27.90
CA GLU D 313 -36.54 44.52 -28.01
C GLU D 313 -37.96 45.03 -27.86
N ASP D 314 -39.00 44.21 -28.09
CA ASP D 314 -40.37 44.73 -27.96
C ASP D 314 -41.29 43.87 -27.12
N THR D 315 -40.75 42.96 -26.29
CA THR D 315 -41.51 42.18 -25.32
C THR D 315 -40.92 42.42 -23.93
N VAL D 316 -41.79 42.58 -22.91
CA VAL D 316 -41.35 42.79 -21.53
C VAL D 316 -42.36 42.11 -20.58
N PHE D 317 -41.84 41.49 -19.51
CA PHE D 317 -42.65 40.82 -18.49
C PHE D 317 -42.66 41.65 -17.21
N VAL D 318 -43.85 41.84 -16.64
CA VAL D 318 -44.04 42.60 -15.40
C VAL D 318 -44.57 41.65 -14.31
N GLN D 319 -43.88 41.60 -13.18
CA GLN D 319 -44.29 40.74 -12.07
C GLN D 319 -44.57 41.59 -10.84
N LEU D 320 -45.79 41.46 -10.32
CA LEU D 320 -46.26 42.19 -9.14
C LEU D 320 -46.48 41.18 -8.02
N ALA D 321 -45.57 41.16 -7.06
CA ALA D 321 -45.57 40.16 -6.00
C ALA D 321 -45.65 40.88 -4.66
N THR D 322 -46.66 40.51 -3.86
CA THR D 322 -46.90 41.01 -2.51
C THR D 322 -46.18 40.15 -1.49
N PRO D 323 -45.34 40.72 -0.61
CA PRO D 323 -44.71 39.91 0.43
C PRO D 323 -45.76 39.21 1.29
N SER D 324 -45.42 38.01 1.74
CA SER D 324 -46.36 37.15 2.44
C SER D 324 -45.58 36.28 3.41
N ARG D 325 -46.01 36.22 4.66
CA ARG D 325 -45.49 35.25 5.63
C ARG D 325 -43.95 35.21 5.62
N GLU D 326 -43.33 36.38 5.56
CA GLU D 326 -41.89 36.49 5.35
C GLU D 326 -41.05 35.99 6.51
N ARG D 327 -41.65 35.62 7.65
CA ARG D 327 -40.92 35.05 8.78
C ARG D 327 -40.84 33.53 8.76
N VAL D 328 -41.45 32.88 7.76
CA VAL D 328 -41.32 31.43 7.52
C VAL D 328 -40.14 31.23 6.57
N GLU D 329 -39.24 30.30 6.93
CA GLU D 329 -37.96 30.26 6.22
C GLU D 329 -38.10 29.82 4.78
N ALA D 330 -39.07 28.95 4.48
CA ALA D 330 -39.27 28.53 3.09
C ALA D 330 -39.61 29.72 2.20
N TYR D 331 -40.28 30.74 2.77
CA TYR D 331 -40.69 31.93 2.03
C TYR D 331 -39.53 32.89 1.77
N ARG D 332 -38.55 32.97 2.68
CA ARG D 332 -37.38 33.78 2.40
C ARG D 332 -36.49 33.12 1.36
N LEU D 333 -36.42 31.78 1.38
CA LEU D 333 -35.60 31.09 0.39
C LEU D 333 -36.20 31.24 -0.99
N LEU D 334 -37.52 31.16 -1.08
CA LEU D 334 -38.19 31.38 -2.35
C LEU D 334 -37.94 32.80 -2.86
N ARG D 335 -38.11 33.78 -1.98
CA ARG D 335 -37.87 35.17 -2.34
C ARG D 335 -36.48 35.36 -2.94
N ASP D 336 -35.47 34.71 -2.39
CA ASP D 336 -34.11 34.97 -2.83
C ASP D 336 -33.77 34.25 -4.14
N ASP D 337 -34.37 33.09 -4.41
CA ASP D 337 -34.19 32.43 -5.70
C ASP D 337 -34.83 33.21 -6.83
N ILE D 338 -35.98 33.82 -6.56
CA ILE D 338 -36.70 34.59 -7.58
C ILE D 338 -35.98 35.90 -7.88
N GLU D 339 -35.56 36.62 -6.84
CA GLU D 339 -34.77 37.84 -7.04
C GLU D 339 -33.49 37.56 -7.83
N ARG D 340 -32.89 36.39 -7.60
CA ARG D 340 -31.73 35.96 -8.38
C ARG D 340 -32.10 35.86 -9.86
N GLN D 341 -33.22 35.20 -10.16
CA GLN D 341 -33.68 35.06 -11.54
C GLN D 341 -33.90 36.42 -12.20
N VAL D 342 -34.47 37.38 -11.46
CA VAL D 342 -34.76 38.71 -12.02
C VAL D 342 -33.47 39.38 -12.47
N GLY D 343 -32.49 39.48 -11.57
CA GLY D 343 -31.23 40.10 -11.97
C GLY D 343 -30.55 39.37 -13.10
N HIS D 344 -30.64 38.03 -13.11
CA HIS D 344 -29.92 37.20 -14.08
C HIS D 344 -30.41 37.45 -15.51
N ILE D 345 -31.74 37.50 -15.70
CA ILE D 345 -32.35 37.71 -17.02
C ILE D 345 -32.14 39.14 -17.50
N ASN D 346 -32.30 40.13 -16.62
CA ASN D 346 -32.12 41.51 -17.06
C ASN D 346 -30.68 41.76 -17.48
N GLY D 347 -29.71 41.15 -16.79
CA GLY D 347 -28.30 41.30 -17.13
C GLY D 347 -27.87 40.53 -18.36
N GLU D 348 -28.60 39.50 -18.75
CA GLU D 348 -28.28 38.75 -19.96
C GLU D 348 -28.93 39.37 -21.20
N TYR D 349 -30.18 39.80 -21.07
CA TYR D 349 -31.00 40.22 -22.20
C TYR D 349 -31.43 41.67 -22.18
N GLY D 350 -31.38 42.35 -21.02
CA GLY D 350 -31.79 43.73 -20.95
C GLY D 350 -30.74 44.66 -21.50
N GLU D 351 -31.13 45.90 -21.76
CA GLU D 351 -30.22 46.99 -22.05
C GLU D 351 -30.30 48.03 -20.93
N VAL D 352 -29.31 48.92 -20.86
CA VAL D 352 -29.35 49.97 -19.85
C VAL D 352 -30.47 50.95 -20.19
N GLY D 353 -31.37 51.18 -19.25
CA GLY D 353 -32.58 51.91 -19.50
C GLY D 353 -33.74 51.06 -19.96
N HIS D 354 -33.54 49.76 -20.19
CA HIS D 354 -34.57 48.90 -20.77
C HIS D 354 -34.35 47.47 -20.31
N PRO D 355 -34.88 47.10 -19.15
CA PRO D 355 -34.88 45.68 -18.75
C PRO D 355 -35.89 44.88 -19.57
N VAL D 356 -35.79 43.55 -19.46
CA VAL D 356 -36.82 42.68 -20.03
C VAL D 356 -37.78 42.16 -18.95
N VAL D 357 -37.53 42.45 -17.68
CA VAL D 357 -38.39 42.01 -16.59
C VAL D 357 -38.55 43.17 -15.63
N HIS D 358 -39.78 43.47 -15.27
CA HIS D 358 -40.06 44.46 -14.24
C HIS D 358 -40.73 43.73 -13.08
N TYR D 359 -40.15 43.89 -11.89
CA TYR D 359 -40.58 43.19 -10.70
C TYR D 359 -40.79 44.19 -9.58
N LEU D 360 -41.96 44.15 -8.94
CA LEU D 360 -42.19 44.98 -7.76
C LEU D 360 -42.63 44.15 -6.58
N HIS D 361 -42.07 44.47 -5.42
CA HIS D 361 -42.22 43.63 -4.24
C HIS D 361 -43.09 44.37 -3.24
N ARG D 362 -44.30 44.76 -3.64
CA ARG D 362 -45.19 45.54 -2.78
C ARG D 362 -46.62 45.36 -3.26
N PRO D 363 -47.62 45.53 -2.37
CA PRO D 363 -49.00 45.55 -2.84
C PRO D 363 -49.29 46.79 -3.66
N VAL D 364 -50.05 46.58 -4.73
CA VAL D 364 -50.41 47.64 -5.67
C VAL D 364 -51.82 48.12 -5.36
N PRO D 365 -52.12 49.41 -5.48
CA PRO D 365 -53.51 49.86 -5.27
C PRO D 365 -54.45 49.28 -6.30
N ARG D 366 -55.73 49.16 -5.91
CA ARG D 366 -56.67 48.36 -6.69
C ARG D 366 -56.94 48.98 -8.06
N GLU D 367 -57.07 50.31 -8.14
CA GLU D 367 -57.26 50.93 -9.45
C GLU D 367 -56.00 50.87 -10.31
N GLU D 368 -54.82 50.78 -9.68
CA GLU D 368 -53.59 50.60 -10.44
C GLU D 368 -53.49 49.18 -10.96
N LEU D 369 -53.91 48.21 -10.14
CA LEU D 369 -53.92 46.82 -10.55
C LEU D 369 -54.85 46.60 -11.74
N ILE D 370 -56.03 47.22 -11.71
CA ILE D 370 -56.99 47.05 -12.79
C ILE D 370 -56.41 47.56 -14.10
N ALA D 371 -55.70 48.69 -14.05
CA ALA D 371 -55.11 49.24 -15.26
C ALA D 371 -54.02 48.33 -15.82
N PHE D 372 -53.37 47.56 -14.94
CA PHE D 372 -52.36 46.61 -15.43
C PHE D 372 -53.01 45.43 -16.13
N PHE D 373 -54.12 44.94 -15.59
CA PHE D 373 -54.91 43.92 -16.27
C PHE D 373 -55.29 44.37 -17.68
N VAL D 374 -55.69 45.64 -17.81
CA VAL D 374 -56.15 46.14 -19.10
C VAL D 374 -54.98 46.25 -20.08
N ALA D 375 -53.84 46.76 -19.62
CA ALA D 375 -52.71 46.96 -20.51
C ALA D 375 -52.05 45.65 -20.93
N ALA D 376 -52.33 44.55 -20.24
CA ALA D 376 -51.54 43.34 -20.38
C ALA D 376 -52.03 42.49 -21.53
N ASP D 377 -51.11 42.14 -22.44
CA ASP D 377 -51.45 41.33 -23.60
C ASP D 377 -51.58 39.85 -23.24
N VAL D 378 -50.75 39.36 -22.30
CA VAL D 378 -50.75 37.96 -21.83
C VAL D 378 -50.68 37.94 -20.30
N MET D 379 -51.65 37.28 -19.66
CA MET D 379 -51.66 37.04 -18.24
C MET D 379 -51.07 35.67 -17.96
N LEU D 380 -50.04 35.60 -17.10
CA LEU D 380 -49.38 34.35 -16.76
C LEU D 380 -49.84 33.87 -15.39
N VAL D 381 -50.58 32.78 -15.34
CA VAL D 381 -51.11 32.23 -14.09
C VAL D 381 -50.68 30.77 -14.01
N THR D 382 -49.50 30.50 -13.37
CA THR D 382 -48.89 29.18 -13.45
C THR D 382 -48.64 28.49 -12.10
N PRO D 383 -49.58 28.53 -11.15
CA PRO D 383 -49.35 27.80 -9.89
C PRO D 383 -49.15 26.30 -10.09
N LEU D 384 -48.25 25.76 -9.28
CA LEU D 384 -48.13 24.32 -9.16
C LEU D 384 -49.38 23.70 -8.53
N ARG D 385 -50.13 24.47 -7.74
CA ARG D 385 -51.36 24.02 -7.12
C ARG D 385 -52.04 25.22 -6.47
N ASP D 386 -53.36 25.31 -6.64
CA ASP D 386 -54.12 26.40 -6.05
C ASP D 386 -55.56 25.93 -5.86
N GLY D 387 -56.13 26.18 -4.66
CA GLY D 387 -57.49 25.75 -4.40
C GLY D 387 -58.47 26.28 -5.44
N MET D 388 -58.26 27.51 -5.88
CA MET D 388 -59.09 28.11 -6.92
C MET D 388 -58.27 29.03 -7.81
N ASN D 389 -57.94 30.22 -7.28
CA ASN D 389 -57.13 31.30 -7.87
C ASN D 389 -58.04 32.33 -8.54
N LEU D 390 -58.04 33.56 -8.03
CA LEU D 390 -59.00 34.59 -8.45
C LEU D 390 -58.41 35.59 -9.45
N VAL D 391 -57.08 35.71 -9.49
CA VAL D 391 -56.42 36.61 -10.44
C VAL D 391 -56.82 36.25 -11.86
N ALA D 392 -56.98 34.96 -12.14
CA ALA D 392 -57.42 34.51 -13.46
C ALA D 392 -58.81 35.01 -13.78
N LYS D 393 -59.67 35.08 -12.77
CA LYS D 393 -61.03 35.56 -12.97
C LYS D 393 -61.07 37.08 -13.01
N GLU D 394 -60.23 37.74 -12.18
CA GLU D 394 -60.17 39.20 -12.19
C GLU D 394 -59.70 39.74 -13.53
N TYR D 395 -58.70 39.09 -14.14
CA TYR D 395 -58.23 39.51 -15.46
C TYR D 395 -59.34 39.42 -16.49
N VAL D 396 -60.02 38.29 -16.54
CA VAL D 396 -61.03 38.06 -17.55
C VAL D 396 -62.14 39.10 -17.44
N ALA D 397 -62.60 39.37 -16.21
CA ALA D 397 -63.68 40.33 -16.02
C ALA D 397 -63.30 41.72 -16.52
N CYS D 398 -62.00 42.04 -16.52
CA CYS D 398 -61.57 43.39 -16.88
C CYS D 398 -61.54 43.63 -18.39
N ARG D 399 -61.44 42.57 -19.19
CA ARG D 399 -61.20 42.67 -20.63
C ARG D 399 -62.51 42.62 -21.41
N SER D 400 -63.35 43.64 -21.15
CA SER D 400 -64.59 43.85 -21.88
C SER D 400 -64.37 44.20 -23.34
N ASP D 401 -63.14 44.59 -23.70
CA ASP D 401 -62.71 44.80 -25.07
C ASP D 401 -62.52 43.49 -25.82
N LEU D 402 -62.51 42.36 -25.12
CA LEU D 402 -62.29 41.01 -25.63
C LEU D 402 -60.86 40.78 -26.09
N GLY D 403 -59.93 41.69 -25.75
CA GLY D 403 -58.51 41.47 -25.99
C GLY D 403 -57.86 40.72 -24.83
N GLY D 404 -56.60 40.37 -25.02
CA GLY D 404 -55.86 39.64 -24.00
C GLY D 404 -55.77 38.14 -24.29
N ALA D 405 -54.98 37.47 -23.45
CA ALA D 405 -54.83 36.01 -23.48
C ALA D 405 -54.49 35.49 -22.10
N LEU D 406 -55.19 34.45 -21.66
CA LEU D 406 -55.04 33.86 -20.32
C LEU D 406 -54.26 32.55 -20.46
N VAL D 407 -53.07 32.51 -19.84
CA VAL D 407 -52.30 31.27 -19.72
C VAL D 407 -52.50 30.74 -18.30
N LEU D 408 -53.12 29.57 -18.19
CA LEU D 408 -53.63 29.08 -16.90
C LEU D 408 -53.12 27.67 -16.61
N SER D 409 -52.49 27.50 -15.45
CA SER D 409 -52.06 26.19 -14.99
C SER D 409 -53.28 25.28 -14.72
N GLU D 410 -53.20 24.04 -15.16
CA GLU D 410 -54.30 23.11 -14.98
C GLU D 410 -54.40 22.58 -13.54
N PHE D 411 -53.40 22.85 -12.69
CA PHE D 411 -53.45 22.52 -11.28
C PHE D 411 -54.09 23.63 -10.43
N THR D 412 -54.71 24.62 -11.05
CA THR D 412 -55.54 25.58 -10.35
C THR D 412 -56.99 25.11 -10.38
N GLY D 413 -57.72 25.35 -9.29
CA GLY D 413 -59.13 25.06 -9.29
C GLY D 413 -59.88 25.73 -10.44
N ALA D 414 -59.41 26.90 -10.88
CA ALA D 414 -60.13 27.67 -11.91
C ALA D 414 -60.12 27.00 -13.28
N ALA D 415 -59.18 26.08 -13.53
CA ALA D 415 -59.07 25.43 -14.83
C ALA D 415 -60.30 24.59 -15.16
N ALA D 416 -61.11 24.24 -14.15
CA ALA D 416 -62.31 23.45 -14.36
C ALA D 416 -63.50 24.29 -14.79
N GLU D 417 -63.43 25.62 -14.62
CA GLU D 417 -64.42 26.50 -15.22
C GLU D 417 -63.88 27.26 -16.44
N LEU D 418 -62.57 27.43 -16.55
CA LEU D 418 -61.94 28.23 -17.60
C LEU D 418 -61.21 27.34 -18.61
N GLY D 419 -61.93 26.41 -19.23
CA GLY D 419 -61.33 25.47 -20.18
C GLY D 419 -60.85 26.09 -21.48
N GLN D 420 -61.33 27.28 -21.83
CA GLN D 420 -60.94 27.96 -23.05
C GLN D 420 -59.76 28.91 -22.83
N ALA D 421 -59.08 28.80 -21.70
CA ALA D 421 -57.79 29.46 -21.56
C ALA D 421 -56.73 28.61 -22.27
N TYR D 422 -55.52 29.14 -22.34
CA TYR D 422 -54.38 28.36 -22.80
C TYR D 422 -53.85 27.61 -21.58
N LEU D 423 -54.15 26.31 -21.51
CA LEU D 423 -53.90 25.48 -20.33
C LEU D 423 -52.57 24.74 -20.45
N VAL D 424 -51.82 24.72 -19.35
CA VAL D 424 -50.48 24.15 -19.30
C VAL D 424 -50.36 23.28 -18.06
N ASN D 425 -49.52 22.24 -18.16
CA ASN D 425 -48.92 21.63 -16.98
C ASN D 425 -47.66 22.41 -16.66
N PRO D 426 -47.56 23.04 -15.49
CA PRO D 426 -46.35 23.82 -15.18
C PRO D 426 -45.08 22.97 -15.10
N HIS D 427 -45.19 21.68 -14.89
CA HIS D 427 -44.00 20.85 -14.82
C HIS D 427 -43.43 20.55 -16.20
N ASN D 428 -44.20 20.80 -17.27
CA ASN D 428 -43.78 20.52 -18.64
C ASN D 428 -43.26 21.81 -19.25
N LEU D 429 -42.04 22.18 -18.90
CA LEU D 429 -41.53 23.50 -19.28
C LEU D 429 -41.53 23.68 -20.80
N ASP D 430 -41.12 22.66 -21.57
CA ASP D 430 -41.20 22.77 -23.03
C ASP D 430 -42.58 23.23 -23.49
N HIS D 431 -43.62 22.62 -22.94
CA HIS D 431 -44.96 22.98 -23.37
C HIS D 431 -45.33 24.35 -22.86
N VAL D 432 -44.92 24.70 -21.64
CA VAL D 432 -45.19 26.03 -21.09
C VAL D 432 -44.59 27.09 -21.99
N LYS D 433 -43.38 26.84 -22.49
CA LYS D 433 -42.72 27.81 -23.38
C LYS D 433 -43.44 27.90 -24.72
N ASP D 434 -43.91 26.78 -25.27
CA ASP D 434 -44.67 26.82 -26.52
C ASP D 434 -46.01 27.54 -26.35
N THR D 435 -46.71 27.27 -25.25
CA THR D 435 -47.98 27.93 -25.00
C THR D 435 -47.80 29.44 -24.80
N MET D 436 -46.69 29.86 -24.18
CA MET D 436 -46.38 31.28 -24.08
C MET D 436 -46.12 31.89 -25.44
N VAL D 437 -45.46 31.16 -26.35
CA VAL D 437 -45.21 31.69 -27.69
C VAL D 437 -46.51 31.82 -28.48
N ALA D 438 -47.41 30.84 -28.36
CA ALA D 438 -48.68 30.91 -29.10
C ALA D 438 -49.60 32.00 -28.58
N ALA D 439 -49.63 32.24 -27.27
CA ALA D 439 -50.48 33.30 -26.74
C ALA D 439 -50.00 34.66 -27.21
N LEU D 440 -48.69 34.87 -27.26
CA LEU D 440 -48.14 36.14 -27.72
C LEU D 440 -48.41 36.39 -29.21
N ASN D 441 -48.62 35.34 -30.01
CA ASN D 441 -48.77 35.45 -31.45
C ASN D 441 -50.18 35.15 -31.95
N GLN D 442 -51.17 35.03 -31.06
CA GLN D 442 -52.54 34.67 -31.46
C GLN D 442 -53.12 35.72 -32.41
N THR D 443 -53.95 35.25 -33.35
CA THR D 443 -54.70 36.19 -34.16
C THR D 443 -55.72 36.93 -33.30
N PRO D 444 -56.12 38.14 -33.71
CA PRO D 444 -57.24 38.81 -33.02
C PRO D 444 -58.49 37.95 -33.00
N GLU D 445 -58.80 37.32 -34.14
CA GLU D 445 -59.95 36.45 -34.25
C GLU D 445 -59.95 35.36 -33.17
N GLU D 446 -58.80 34.76 -32.90
CA GLU D 446 -58.73 33.63 -31.98
C GLU D 446 -58.77 34.05 -30.52
N GLY D 447 -58.20 35.21 -30.17
CA GLY D 447 -58.22 35.66 -28.80
C GLY D 447 -59.60 36.12 -28.35
N ARG D 448 -60.35 36.75 -29.26
CA ARG D 448 -61.70 37.18 -28.93
C ARG D 448 -62.64 36.00 -28.73
N ARG D 449 -62.44 34.94 -29.52
CA ARG D 449 -63.23 33.73 -29.34
C ARG D 449 -63.04 33.17 -27.95
N ARG D 450 -61.79 33.05 -27.51
CA ARG D 450 -61.55 32.52 -26.18
C ARG D 450 -62.00 33.50 -25.12
N MET D 451 -61.56 34.76 -25.23
CA MET D 451 -61.96 35.77 -24.24
C MET D 451 -63.47 35.87 -24.12
N ARG D 452 -64.19 35.79 -25.24
CA ARG D 452 -65.63 35.91 -25.17
C ARG D 452 -66.26 34.71 -24.46
N ALA D 453 -65.67 33.52 -24.62
CA ALA D 453 -66.17 32.32 -23.94
C ALA D 453 -65.81 32.30 -22.45
N LEU D 454 -64.60 32.80 -22.11
CA LEU D 454 -64.20 32.89 -20.70
C LEU D 454 -65.07 33.87 -19.91
N ARG D 455 -65.36 35.03 -20.50
CA ARG D 455 -66.17 36.06 -19.83
C ARG D 455 -67.62 35.62 -19.65
N ARG D 456 -68.15 34.81 -20.56
CA ARG D 456 -69.52 34.29 -20.39
C ARG D 456 -69.65 33.46 -19.12
N GLN D 457 -68.59 32.74 -18.74
CA GLN D 457 -68.62 31.92 -17.54
C GLN D 457 -68.43 32.77 -16.29
N VAL D 458 -67.47 33.70 -16.33
CA VAL D 458 -67.14 34.50 -15.14
C VAL D 458 -68.30 35.41 -14.75
N LEU D 459 -68.98 36.00 -15.73
CA LEU D 459 -70.10 36.89 -15.44
C LEU D 459 -71.34 36.14 -14.97
N ALA D 460 -71.50 34.88 -15.39
CA ALA D 460 -72.62 34.07 -14.92
C ALA D 460 -72.35 33.34 -13.61
N HIS D 461 -71.08 33.12 -13.25
CA HIS D 461 -70.70 32.39 -12.03
C HIS D 461 -69.81 33.30 -11.21
N ASP D 462 -70.43 34.16 -10.44
CA ASP D 462 -69.77 35.22 -9.69
C ASP D 462 -69.79 34.88 -8.21
N VAL D 463 -69.40 35.83 -7.37
CA VAL D 463 -69.32 35.50 -5.94
C VAL D 463 -70.74 35.42 -5.34
N ASP D 464 -71.68 36.21 -5.83
CA ASP D 464 -73.05 36.10 -5.33
C ASP D 464 -73.60 34.69 -5.53
N LEU D 465 -73.40 34.12 -6.72
CA LEU D 465 -73.91 32.77 -6.99
C LEU D 465 -73.29 31.75 -6.05
N TRP D 466 -71.99 31.92 -5.73
CA TRP D 466 -71.28 30.98 -4.87
C TRP D 466 -71.80 31.02 -3.44
N ALA D 467 -71.87 32.21 -2.84
CA ALA D 467 -72.34 32.33 -1.48
C ALA D 467 -73.82 31.99 -1.34
N ARG D 468 -74.62 32.23 -2.38
CA ARG D 468 -76.05 31.99 -2.30
C ARG D 468 -76.35 30.51 -2.12
N SER D 469 -75.71 29.65 -2.89
CA SER D 469 -76.00 28.22 -2.82
C SER D 469 -75.24 27.51 -1.71
N PHE D 470 -74.08 28.04 -1.27
CA PHE D 470 -73.47 27.51 -0.06
C PHE D 470 -74.38 27.75 1.14
N LEU D 471 -74.83 28.99 1.30
CA LEU D 471 -75.57 29.34 2.50
C LEU D 471 -76.99 28.80 2.48
N ASP D 472 -77.61 28.75 1.30
CA ASP D 472 -78.90 28.08 1.20
C ASP D 472 -78.75 26.59 1.46
N ALA D 473 -77.60 26.00 1.11
CA ALA D 473 -77.32 24.62 1.52
C ALA D 473 -77.17 24.52 3.03
N LEU D 474 -76.54 25.53 3.64
CA LEU D 474 -76.43 25.58 5.10
C LEU D 474 -77.81 25.68 5.74
N ALA D 475 -78.62 26.65 5.31
CA ALA D 475 -79.94 26.84 5.88
C ALA D 475 -80.87 25.65 5.65
N SER D 476 -80.53 24.75 4.72
CA SER D 476 -81.27 23.51 4.47
C SER D 476 -81.01 22.44 5.52
N THR D 477 -80.19 22.69 6.54
CA THR D 477 -79.92 21.73 7.60
C THR D 477 -80.79 21.95 8.84
N ARG D 478 -81.66 22.96 8.86
CA ARG D 478 -82.56 23.20 10.00
C ARG D 478 -83.85 22.38 9.92
N ASP E 10 2.23 -17.05 46.73
CA ASP E 10 2.44 -18.50 46.81
C ASP E 10 3.87 -18.90 47.25
N SER E 11 4.85 -18.74 46.35
CA SER E 11 6.24 -19.11 46.62
C SER E 11 7.06 -17.88 46.98
N ASP E 12 8.01 -18.07 47.89
CA ASP E 12 8.90 -16.98 48.31
C ASP E 12 10.26 -17.02 47.60
N PHE E 13 10.47 -17.98 46.70
CA PHE E 13 11.66 -17.99 45.86
C PHE E 13 11.34 -18.78 44.60
N VAL E 14 11.33 -18.12 43.43
CA VAL E 14 10.93 -18.74 42.17
C VAL E 14 12.06 -18.59 41.17
N VAL E 15 12.53 -19.72 40.63
CA VAL E 15 13.51 -19.77 39.54
C VAL E 15 12.75 -19.89 38.23
N VAL E 16 13.15 -19.11 37.22
CA VAL E 16 12.52 -19.14 35.90
C VAL E 16 13.61 -19.35 34.84
N ALA E 17 13.48 -20.42 34.05
CA ALA E 17 14.34 -20.61 32.89
C ALA E 17 13.50 -21.24 31.79
N ASN E 18 14.01 -21.21 30.56
CA ASN E 18 13.31 -21.88 29.48
C ASN E 18 13.25 -23.39 29.73
N ARG E 19 14.31 -23.97 30.31
CA ARG E 19 14.37 -25.40 30.54
C ARG E 19 13.87 -25.75 31.94
N LEU E 20 13.07 -26.81 32.03
CA LEU E 20 12.89 -27.52 33.29
C LEU E 20 13.96 -28.62 33.39
N PRO E 21 14.16 -29.21 34.58
CA PRO E 21 15.18 -30.28 34.67
C PRO E 21 14.79 -31.57 33.98
N ILE E 22 13.55 -31.71 33.54
CA ILE E 22 13.07 -32.93 32.89
C ILE E 22 12.53 -32.55 31.51
N ASP E 23 12.29 -33.59 30.70
CA ASP E 23 12.03 -33.40 29.28
C ASP E 23 11.32 -34.63 28.79
N LEU E 24 10.24 -34.47 28.03
CA LEU E 24 9.41 -35.59 27.57
C LEU E 24 9.84 -36.03 26.19
N GLU E 25 10.05 -37.34 26.04
CA GLU E 25 10.36 -37.96 24.76
C GLU E 25 9.16 -38.71 24.18
N SER E 33 9.50 -41.77 28.29
CA SER E 33 8.53 -40.75 28.68
C SER E 33 9.24 -39.51 29.18
N TRP E 34 9.69 -39.52 30.43
CA TRP E 34 10.47 -38.44 30.99
C TRP E 34 11.96 -38.74 30.88
N LYS E 35 12.76 -37.69 30.79
CA LYS E 35 14.20 -37.83 30.76
C LYS E 35 14.84 -36.55 31.26
N ARG E 36 16.14 -36.59 31.41
CA ARG E 36 16.86 -35.44 31.94
C ARG E 36 17.20 -34.47 30.82
N SER E 37 16.95 -33.18 31.06
CA SER E 37 17.14 -32.16 30.03
C SER E 37 18.62 -31.94 29.75
N PRO E 38 18.97 -31.51 28.53
CA PRO E 38 20.38 -31.30 28.18
C PRO E 38 20.89 -29.96 28.69
N GLY E 39 22.22 -29.84 28.73
CA GLY E 39 22.84 -28.56 28.95
C GLY E 39 23.39 -28.38 30.36
N GLY E 40 24.28 -27.41 30.48
CA GLY E 40 24.99 -27.15 31.71
C GLY E 40 24.24 -26.27 32.68
N LEU E 41 23.25 -25.51 32.20
CA LEU E 41 22.39 -24.75 33.11
C LEU E 41 21.60 -25.68 34.03
N VAL E 42 21.26 -26.89 33.55
CA VAL E 42 20.58 -27.85 34.41
C VAL E 42 21.57 -28.64 35.29
N THR E 43 22.78 -28.94 34.78
CA THR E 43 23.74 -29.70 35.56
C THR E 43 24.11 -28.99 36.86
N ALA E 44 24.01 -27.67 36.90
CA ALA E 44 24.37 -26.91 38.10
C ALA E 44 23.19 -26.52 38.97
N LEU E 45 22.08 -26.06 38.37
CA LEU E 45 20.93 -25.58 39.14
C LEU E 45 20.15 -26.71 39.82
N GLU E 46 20.09 -27.88 39.20
CA GLU E 46 19.26 -28.95 39.75
C GLU E 46 19.73 -29.38 41.13
N PRO E 47 21.02 -29.63 41.39
CA PRO E 47 21.42 -29.97 42.78
C PRO E 47 21.06 -28.90 43.78
N LEU E 48 21.26 -27.64 43.40
CA LEU E 48 21.02 -26.51 44.30
C LEU E 48 19.57 -26.44 44.76
N LEU E 49 18.64 -26.54 43.81
CA LEU E 49 17.20 -26.46 44.11
C LEU E 49 16.66 -27.70 44.80
N ARG E 50 17.37 -28.83 44.73
CA ARG E 50 17.02 -29.94 45.57
C ARG E 50 17.35 -29.66 47.03
N ARG E 51 18.24 -28.70 47.30
CA ARG E 51 18.65 -28.32 48.64
C ARG E 51 17.90 -27.13 49.19
N ARG E 52 17.39 -26.26 48.32
CA ARG E 52 16.69 -25.04 48.75
C ARG E 52 15.20 -25.21 48.48
N ARG E 53 14.38 -24.70 49.40
CA ARG E 53 12.96 -24.64 49.14
C ARG E 53 12.69 -23.62 48.03
N GLY E 54 11.73 -23.90 47.16
CA GLY E 54 11.36 -22.96 46.11
C GLY E 54 10.82 -23.65 44.87
N ALA E 55 10.40 -22.81 43.92
CA ALA E 55 9.70 -23.24 42.70
C ALA E 55 10.53 -22.96 41.44
N TRP E 56 10.18 -23.69 40.38
CA TRP E 56 10.93 -23.66 39.12
C TRP E 56 9.95 -23.66 37.95
N ILE E 57 9.99 -22.58 37.14
CA ILE E 57 9.13 -22.41 35.97
C ILE E 57 9.94 -22.70 34.72
N GLY E 58 9.34 -23.40 33.77
CA GLY E 58 10.07 -23.71 32.55
C GLY E 58 9.20 -24.45 31.59
N TRP E 59 9.75 -24.71 30.41
CA TRP E 59 8.94 -25.36 29.40
C TRP E 59 9.27 -26.84 29.29
N PRO E 60 8.25 -27.70 29.16
CA PRO E 60 8.47 -29.15 29.27
C PRO E 60 9.37 -29.76 28.20
N GLY E 61 9.73 -29.02 27.17
CA GLY E 61 10.47 -29.59 26.08
C GLY E 61 9.65 -30.18 24.96
N ILE E 62 8.32 -30.06 25.02
CA ILE E 62 7.47 -30.37 23.88
C ILE E 62 6.38 -29.32 23.77
N PRO E 63 5.81 -29.15 22.58
CA PRO E 63 4.72 -28.19 22.42
C PRO E 63 3.40 -28.72 22.93
N ASP E 64 2.50 -27.78 23.26
CA ASP E 64 1.09 -28.04 23.56
C ASP E 64 0.87 -28.84 24.84
N SER E 65 1.87 -28.94 25.71
CA SER E 65 1.71 -29.63 26.98
C SER E 65 0.60 -28.99 27.81
N ASP E 66 0.24 -29.64 28.91
CA ASP E 66 -0.63 -29.03 29.90
C ASP E 66 0.23 -28.33 30.96
N GLU E 67 -0.29 -27.23 31.49
CA GLU E 67 0.45 -26.45 32.46
C GLU E 67 0.23 -26.94 33.88
N ASP E 68 -0.17 -28.19 34.04
CA ASP E 68 -0.39 -28.73 35.36
C ASP E 68 0.94 -28.98 36.05
N PRO E 69 1.07 -28.60 37.33
CA PRO E 69 2.33 -28.79 38.07
C PRO E 69 2.81 -30.25 38.08
N ILE E 70 4.08 -30.42 38.43
CA ILE E 70 4.72 -31.73 38.45
C ILE E 70 5.58 -31.87 39.70
N VAL E 71 5.53 -33.04 40.34
CA VAL E 71 6.28 -33.30 41.56
C VAL E 71 7.43 -34.27 41.27
N ASP E 72 8.58 -33.73 40.86
CA ASP E 72 9.81 -34.50 40.65
C ASP E 72 10.55 -34.56 41.98
N GLY E 73 10.24 -35.60 42.75
CA GLY E 73 10.80 -35.74 44.07
C GLY E 73 10.25 -34.68 44.99
N ASP E 74 11.17 -33.86 45.51
CA ASP E 74 10.85 -32.70 46.34
C ASP E 74 10.53 -31.48 45.52
N LEU E 75 11.09 -31.43 44.32
CA LEU E 75 10.98 -30.25 43.48
C LEU E 75 9.54 -29.99 43.07
N VAL E 76 9.19 -28.72 42.93
CA VAL E 76 7.87 -28.31 42.46
C VAL E 76 8.05 -27.51 41.17
N LEU E 77 7.42 -27.97 40.09
CA LEU E 77 7.70 -27.47 38.76
C LEU E 77 6.42 -26.98 38.09
N TYR E 78 6.48 -25.80 37.49
CA TYR E 78 5.34 -25.27 36.76
C TYR E 78 5.64 -25.18 35.28
N PRO E 79 5.15 -26.13 34.48
CA PRO E 79 5.41 -26.10 33.04
C PRO E 79 4.70 -24.93 32.36
N VAL E 80 5.35 -24.40 31.33
CA VAL E 80 4.80 -23.36 30.46
C VAL E 80 4.53 -23.97 29.08
N ARG E 81 3.31 -23.78 28.58
CA ARG E 81 2.91 -24.39 27.32
C ARG E 81 3.42 -23.54 26.16
N LEU E 82 3.97 -24.20 25.14
CA LEU E 82 4.34 -23.53 23.90
C LEU E 82 3.60 -24.16 22.74
N SER E 83 2.98 -23.31 21.91
CA SER E 83 2.43 -23.78 20.65
C SER E 83 3.55 -24.28 19.74
N ALA E 84 3.17 -25.06 18.73
CA ALA E 84 4.15 -25.43 17.70
C ALA E 84 4.78 -24.21 17.07
N ASP E 85 4.02 -23.11 16.97
CA ASP E 85 4.58 -21.86 16.44
C ASP E 85 5.56 -21.23 17.43
N ASP E 86 5.24 -21.27 18.72
CA ASP E 86 6.15 -20.77 19.74
C ASP E 86 7.50 -21.46 19.65
N VAL E 87 7.51 -22.77 19.44
CA VAL E 87 8.76 -23.53 19.45
C VAL E 87 9.64 -23.12 18.28
N ALA E 88 9.02 -22.79 17.15
CA ALA E 88 9.77 -22.55 15.93
C ALA E 88 10.26 -21.11 15.83
N GLN E 89 9.48 -20.15 16.33
CA GLN E 89 9.80 -18.74 16.20
C GLN E 89 10.46 -18.17 17.45
N TYR E 90 10.07 -18.63 18.63
CA TYR E 90 10.71 -18.17 19.86
C TYR E 90 11.97 -18.95 20.17
N TYR E 91 11.90 -20.27 20.07
CA TYR E 91 12.98 -21.16 20.53
C TYR E 91 13.98 -21.46 19.43
N GLU E 92 13.55 -22.19 18.40
CA GLU E 92 14.47 -22.50 17.32
C GLU E 92 14.83 -21.28 16.50
N GLY E 93 13.95 -20.29 16.44
CA GLY E 93 14.17 -19.12 15.63
C GLY E 93 14.97 -18.03 16.33
N PHE E 94 14.28 -17.21 17.13
CA PHE E 94 14.96 -16.06 17.67
C PHE E 94 16.01 -16.44 18.73
N SER E 95 15.72 -17.45 19.55
CA SER E 95 16.67 -17.82 20.59
C SER E 95 17.94 -18.44 20.00
N ASN E 96 17.78 -19.36 19.06
CA ASN E 96 18.89 -20.21 18.62
C ASN E 96 19.37 -19.97 17.21
N ALA E 97 18.65 -19.20 16.39
CA ALA E 97 19.16 -18.79 15.08
C ALA E 97 19.44 -17.29 15.00
N THR E 98 19.03 -16.52 16.01
CA THR E 98 19.41 -15.11 16.12
C THR E 98 20.42 -14.93 17.25
N LEU E 99 20.01 -15.17 18.49
CA LEU E 99 20.83 -14.74 19.64
C LEU E 99 22.03 -15.65 19.91
N TRP E 100 21.87 -16.97 19.81
CA TRP E 100 23.02 -17.85 20.04
C TRP E 100 24.18 -17.61 19.08
N PRO E 101 24.00 -17.51 17.76
CA PRO E 101 25.18 -17.26 16.91
C PRO E 101 25.79 -15.88 17.14
N LEU E 102 24.98 -14.85 17.41
CA LEU E 102 25.54 -13.51 17.57
C LEU E 102 26.40 -13.39 18.81
N TYR E 103 25.94 -13.94 19.94
CA TYR E 103 26.67 -13.80 21.19
C TYR E 103 27.97 -14.57 21.21
N HIS E 104 28.07 -15.60 20.38
CA HIS E 104 29.32 -16.34 20.21
C HIS E 104 30.10 -15.83 19.00
N ASP E 105 30.22 -14.50 18.91
CA ASP E 105 31.07 -13.82 17.91
C ASP E 105 30.73 -14.20 16.46
N VAL E 106 29.45 -14.31 16.14
CA VAL E 106 28.89 -14.65 14.82
C VAL E 106 29.67 -15.77 14.14
N ILE E 107 29.88 -16.88 14.87
CA ILE E 107 30.48 -18.07 14.26
C ILE E 107 29.66 -18.50 13.06
N VAL E 108 28.35 -18.50 13.21
CA VAL E 108 27.38 -18.67 12.14
C VAL E 108 26.61 -17.37 12.03
N LYS E 109 26.30 -16.96 10.81
CA LYS E 109 25.64 -15.67 10.59
C LYS E 109 24.22 -15.60 11.17
N PRO E 110 23.94 -14.68 12.08
CA PRO E 110 22.57 -14.59 12.63
C PRO E 110 21.52 -14.18 11.60
N ILE E 111 20.29 -14.61 11.84
CA ILE E 111 19.18 -14.26 10.96
C ILE E 111 18.31 -13.29 11.73
N TYR E 112 18.02 -12.13 11.10
CA TYR E 112 17.27 -11.04 11.74
C TYR E 112 15.86 -11.00 11.13
N ASN E 113 14.89 -11.53 11.88
CA ASN E 113 13.53 -11.77 11.38
C ASN E 113 12.55 -11.12 12.34
N ARG E 114 11.68 -10.27 11.82
CA ARG E 114 10.83 -9.47 12.70
C ARG E 114 9.73 -10.31 13.34
N GLN E 115 9.18 -11.31 12.65
CA GLN E 115 8.15 -12.12 13.29
C GLN E 115 8.73 -13.03 14.36
N TRP E 116 10.01 -13.42 14.23
CA TRP E 116 10.67 -14.12 15.33
C TRP E 116 10.79 -13.20 16.54
N TRP E 117 11.09 -11.93 16.30
CA TRP E 117 11.15 -11.01 17.41
C TRP E 117 9.81 -10.90 18.12
N GLU E 118 8.72 -10.76 17.34
CA GLU E 118 7.39 -10.57 17.90
C GLU E 118 6.93 -11.78 18.72
N ARG E 119 7.30 -13.00 18.30
CA ARG E 119 6.93 -14.20 19.05
C ARG E 119 7.77 -14.36 20.32
N TYR E 120 9.05 -13.98 20.25
CA TYR E 120 9.92 -14.01 21.42
C TYR E 120 9.43 -13.07 22.51
N VAL E 121 9.02 -11.86 22.12
CA VAL E 121 8.39 -10.94 23.07
C VAL E 121 7.15 -11.57 23.68
N GLU E 122 6.28 -12.15 22.83
CA GLU E 122 5.02 -12.70 23.31
C GLU E 122 5.26 -13.84 24.30
N VAL E 123 6.26 -14.68 24.03
CA VAL E 123 6.55 -15.79 24.93
C VAL E 123 7.24 -15.30 26.20
N ASN E 124 8.06 -14.25 26.08
CA ASN E 124 8.62 -13.59 27.25
C ASN E 124 7.53 -13.04 28.16
N ARG E 125 6.40 -12.61 27.59
CA ARG E 125 5.32 -12.06 28.40
C ARG E 125 4.57 -13.15 29.15
N ARG E 126 4.37 -14.30 28.52
CA ARG E 126 3.71 -15.41 29.17
C ARG E 126 4.57 -16.02 30.29
N PHE E 127 5.90 -16.02 30.13
CA PHE E 127 6.80 -16.44 31.20
C PHE E 127 6.73 -15.47 32.39
N ALA E 128 6.59 -14.17 32.12
CA ALA E 128 6.49 -13.17 33.18
C ALA E 128 5.22 -13.33 34.01
N GLU E 129 4.14 -13.76 33.36
CA GLU E 129 2.88 -13.90 34.09
C GLU E 129 2.83 -15.20 34.87
N ALA E 130 3.40 -16.28 34.33
CA ALA E 130 3.57 -17.50 35.13
C ALA E 130 4.37 -17.25 36.40
N THR E 131 5.39 -16.39 36.33
CA THR E 131 6.20 -16.09 37.51
C THR E 131 5.41 -15.30 38.56
N SER E 132 4.72 -14.25 38.12
CA SER E 132 3.94 -13.46 39.05
C SER E 132 2.85 -14.30 39.72
N ARG E 133 2.27 -15.25 38.97
CA ARG E 133 1.21 -16.09 39.55
C ARG E 133 1.73 -16.97 40.67
N ALA E 134 3.02 -17.27 40.66
CA ALA E 134 3.65 -18.19 41.60
C ALA E 134 4.52 -17.49 42.65
N ALA E 135 4.72 -16.18 42.53
CA ALA E 135 5.56 -15.42 43.45
C ALA E 135 4.67 -14.73 44.48
N ALA E 136 4.82 -15.12 45.75
CA ALA E 136 4.15 -14.41 46.82
C ALA E 136 4.67 -12.99 46.91
N ARG E 137 3.96 -12.18 47.67
CA ARG E 137 4.31 -10.77 47.80
C ARG E 137 5.75 -10.65 48.30
N GLY E 138 6.55 -9.87 47.60
CA GLY E 138 7.89 -9.57 48.05
C GLY E 138 8.91 -10.67 47.88
N ALA E 139 8.56 -11.74 47.15
CA ALA E 139 9.43 -12.89 46.99
C ALA E 139 10.70 -12.50 46.21
N THR E 140 11.49 -13.52 45.86
CA THR E 140 12.74 -13.33 45.14
C THR E 140 12.69 -14.19 43.89
N VAL E 141 12.75 -13.55 42.73
CA VAL E 141 12.73 -14.22 41.43
C VAL E 141 14.14 -14.23 40.86
N TRP E 142 14.60 -15.39 40.40
CA TRP E 142 15.88 -15.50 39.70
C TRP E 142 15.61 -15.97 38.26
N VAL E 143 15.79 -15.07 37.28
CA VAL E 143 15.57 -15.33 35.86
C VAL E 143 16.89 -15.73 35.20
N GLN E 144 16.86 -16.78 34.36
CA GLN E 144 18.07 -17.39 33.79
C GLN E 144 18.10 -17.28 32.27
N ASP E 145 19.18 -16.69 31.75
CA ASP E 145 19.74 -16.91 30.40
C ASP E 145 19.06 -16.18 29.24
N TYR E 146 19.55 -16.43 28.00
CA TYR E 146 19.33 -15.55 26.85
C TYR E 146 17.91 -15.60 26.28
N GLN E 147 17.12 -16.63 26.60
CA GLN E 147 15.78 -16.69 26.04
C GLN E 147 14.80 -15.74 26.70
N LEU E 148 15.14 -15.24 27.89
CA LEU E 148 14.19 -14.49 28.69
C LEU E 148 14.79 -13.18 29.18
N GLN E 149 15.52 -12.51 28.29
CA GLN E 149 16.13 -11.21 28.60
C GLN E 149 15.09 -10.11 28.81
N LEU E 150 13.90 -10.25 28.23
CA LEU E 150 12.84 -9.25 28.37
C LEU E 150 12.04 -9.41 29.66
N VAL E 151 12.05 -10.61 30.23
CA VAL E 151 11.19 -10.90 31.39
C VAL E 151 11.43 -9.98 32.57
N PRO E 152 12.66 -9.63 32.96
CA PRO E 152 12.84 -8.82 34.19
C PRO E 152 12.14 -7.48 34.20
N LYS E 153 12.22 -6.73 33.09
CA LYS E 153 11.50 -5.46 33.03
C LYS E 153 10.01 -5.69 33.03
N MET E 154 9.55 -6.66 32.22
CA MET E 154 8.13 -6.94 32.14
C MET E 154 7.57 -7.31 33.50
N LEU E 155 8.28 -8.17 34.24
CA LEU E 155 7.80 -8.60 35.54
C LEU E 155 7.78 -7.48 36.57
N ARG E 156 8.68 -6.48 36.45
CA ARG E 156 8.65 -5.36 37.39
C ARG E 156 7.45 -4.44 37.11
N GLU E 157 7.08 -4.28 35.83
CA GLU E 157 5.83 -3.60 35.52
C GLU E 157 4.66 -4.27 36.24
N LEU E 158 4.49 -5.58 36.02
CA LEU E 158 3.37 -6.28 36.64
C LEU E 158 3.44 -6.23 38.16
N ARG E 159 4.62 -6.46 38.73
CA ARG E 159 4.77 -6.71 40.16
C ARG E 159 5.95 -5.93 40.71
N PRO E 160 5.77 -4.64 41.00
CA PRO E 160 6.87 -3.83 41.53
C PRO E 160 7.39 -4.27 42.89
N ASP E 161 6.64 -5.11 43.62
CA ASP E 161 7.04 -5.51 44.96
C ASP E 161 8.20 -6.50 44.96
N LEU E 162 8.48 -7.13 43.82
CA LEU E 162 9.38 -8.27 43.74
C LEU E 162 10.84 -7.86 43.63
N THR E 163 11.71 -8.74 44.11
CA THR E 163 13.15 -8.59 43.99
C THR E 163 13.64 -9.53 42.88
N ILE E 164 14.23 -8.98 41.82
CA ILE E 164 14.43 -9.69 40.56
C ILE E 164 15.92 -9.80 40.26
N GLY E 165 16.38 -11.03 40.04
CA GLY E 165 17.72 -11.28 39.58
C GLY E 165 17.71 -11.78 38.15
N PHE E 166 18.82 -11.63 37.44
CA PHE E 166 19.01 -12.22 36.12
C PHE E 166 20.46 -12.67 35.98
N PHE E 167 20.68 -13.80 35.30
CA PHE E 167 22.03 -14.26 35.06
C PHE E 167 22.16 -14.82 33.64
N LEU E 168 23.19 -14.38 32.90
CA LEU E 168 23.40 -14.80 31.52
C LEU E 168 24.46 -15.91 31.47
N HIS E 169 24.07 -17.07 30.93
CA HIS E 169 24.89 -18.26 30.94
C HIS E 169 25.79 -18.38 29.72
N ILE E 170 25.60 -17.54 28.71
CA ILE E 170 26.44 -17.58 27.52
C ILE E 170 27.28 -16.31 27.56
N PRO E 171 28.24 -16.10 26.66
CA PRO E 171 29.03 -14.87 26.74
C PRO E 171 28.24 -13.67 26.24
N PHE E 172 28.63 -12.48 26.71
CA PHE E 172 27.99 -11.26 26.25
C PHE E 172 28.90 -10.58 25.24
N PRO E 173 28.42 -10.35 24.02
CA PRO E 173 29.32 -10.19 22.89
C PRO E 173 30.02 -8.85 22.91
N PRO E 174 31.04 -8.67 22.06
CA PRO E 174 31.58 -7.34 21.80
C PRO E 174 30.48 -6.35 21.40
N VAL E 175 30.63 -5.11 21.85
CA VAL E 175 29.64 -4.07 21.61
C VAL E 175 29.43 -3.81 20.12
N GLU E 176 30.51 -3.90 19.33
CA GLU E 176 30.43 -3.69 17.88
C GLU E 176 29.60 -4.77 17.18
N LEU E 177 29.46 -5.94 17.79
CA LEU E 177 28.61 -7.01 17.29
C LEU E 177 27.18 -6.95 17.83
N PHE E 178 26.99 -6.62 19.11
CA PHE E 178 25.65 -6.44 19.67
C PHE E 178 24.86 -5.36 18.90
N MET E 179 25.53 -4.27 18.51
CA MET E 179 24.87 -3.19 17.76
C MET E 179 24.16 -3.67 16.50
N GLN E 180 24.51 -4.85 15.99
CA GLN E 180 23.85 -5.39 14.81
C GLN E 180 22.37 -5.62 15.04
N LEU E 181 22.02 -6.10 16.23
CA LEU E 181 20.66 -6.54 16.53
C LEU E 181 19.68 -5.39 16.31
N PRO E 182 18.73 -5.52 15.38
CA PRO E 182 17.70 -4.48 15.23
C PRO E 182 17.09 -4.03 16.53
N TRP E 183 16.88 -4.97 17.46
CA TRP E 183 16.19 -4.72 18.72
C TRP E 183 17.16 -4.54 19.87
N ARG E 184 18.32 -3.95 19.60
CA ARG E 184 19.32 -3.78 20.64
C ARG E 184 18.78 -3.04 21.86
N THR E 185 17.99 -1.97 21.64
CA THR E 185 17.54 -1.14 22.77
C THR E 185 16.52 -1.86 23.63
N GLU E 186 15.59 -2.59 23.02
CA GLU E 186 14.58 -3.32 23.79
C GLU E 186 15.25 -4.36 24.70
N ILE E 187 16.17 -5.14 24.15
CA ILE E 187 16.94 -6.12 24.92
C ILE E 187 17.54 -5.48 26.16
N THR E 188 18.35 -4.43 25.97
CA THR E 188 19.08 -3.83 27.09
C THR E 188 18.15 -3.33 28.18
N ASP E 189 17.04 -2.69 27.80
CA ASP E 189 16.10 -2.19 28.80
C ASP E 189 15.29 -3.31 29.44
N GLY E 190 15.14 -4.45 28.74
CA GLY E 190 14.54 -5.61 29.37
C GLY E 190 15.42 -6.19 30.46
N LEU E 191 16.72 -6.28 30.18
CA LEU E 191 17.69 -6.69 31.18
C LEU E 191 17.68 -5.76 32.39
N LEU E 192 17.58 -4.45 32.16
CA LEU E 192 17.68 -3.46 33.23
C LEU E 192 16.45 -3.36 34.13
N GLY E 193 15.40 -4.15 33.89
CA GLY E 193 14.30 -4.18 34.85
C GLY E 193 14.59 -4.97 36.10
N ALA E 194 15.77 -5.60 36.18
CA ALA E 194 16.24 -6.36 37.32
C ALA E 194 17.08 -5.51 38.26
N ASP E 195 17.15 -5.95 39.54
CA ASP E 195 17.99 -5.30 40.53
C ASP E 195 19.43 -5.78 40.51
N LEU E 196 19.68 -6.96 39.94
CA LEU E 196 21.03 -7.49 39.78
C LEU E 196 21.08 -8.25 38.47
N VAL E 197 22.10 -7.94 37.66
CA VAL E 197 22.36 -8.62 36.41
C VAL E 197 23.74 -9.24 36.51
N GLY E 198 23.84 -10.55 36.29
CA GLY E 198 25.08 -11.28 36.46
C GLY E 198 25.66 -11.86 35.18
N PHE E 199 27.00 -12.01 35.17
CA PHE E 199 27.73 -12.65 34.08
C PHE E 199 28.78 -13.59 34.67
N HIS E 200 29.30 -14.50 33.84
CA HIS E 200 30.42 -15.34 34.27
C HIS E 200 31.67 -14.52 34.53
N LEU E 201 31.98 -13.57 33.65
CA LEU E 201 33.27 -12.91 33.60
C LEU E 201 33.11 -11.40 33.56
N PRO E 202 34.12 -10.67 34.08
CA PRO E 202 34.03 -9.20 34.07
C PRO E 202 33.81 -8.59 32.71
N GLY E 203 34.45 -9.14 31.66
CA GLY E 203 34.29 -8.58 30.33
C GLY E 203 32.85 -8.47 29.89
N GLY E 204 32.04 -9.48 30.18
CA GLY E 204 30.62 -9.39 29.87
C GLY E 204 29.95 -8.28 30.65
N ALA E 205 30.27 -8.15 31.94
CA ALA E 205 29.68 -7.10 32.74
C ALA E 205 30.07 -5.72 32.21
N GLN E 206 31.31 -5.58 31.73
CA GLN E 206 31.81 -4.29 31.27
C GLN E 206 31.22 -3.92 29.91
N ASN E 207 31.05 -4.92 29.02
CA ASN E 207 30.29 -4.71 27.80
C ASN E 207 28.90 -4.13 28.10
N PHE E 208 28.19 -4.74 29.05
CA PHE E 208 26.83 -4.32 29.37
C PHE E 208 26.79 -2.90 29.94
N LEU E 209 27.78 -2.52 30.76
CA LEU E 209 27.79 -1.19 31.37
C LEU E 209 28.04 -0.09 30.35
N PHE E 210 28.86 -0.38 29.34
CA PHE E 210 29.10 0.59 28.29
C PHE E 210 27.83 0.79 27.46
N LEU E 211 27.05 -0.28 27.25
CA LEU E 211 25.84 -0.20 26.43
C LEU E 211 24.65 0.38 27.16
N ALA E 212 24.67 0.39 28.49
CA ALA E 212 23.64 1.12 29.22
C ALA E 212 23.82 2.64 29.07
N ARG E 213 25.05 3.12 28.91
CA ARG E 213 25.29 4.50 28.55
C ARG E 213 24.94 4.75 27.09
N ARG E 214 25.69 4.10 26.19
CA ARG E 214 25.71 4.34 24.76
C ARG E 214 24.37 4.10 24.08
N LEU E 215 23.45 3.46 24.73
CA LEU E 215 22.20 3.13 24.04
C LEU E 215 20.96 3.61 24.79
N VAL E 216 20.97 3.53 26.12
CA VAL E 216 19.80 3.89 26.93
C VAL E 216 19.96 5.23 27.64
N GLY E 217 21.17 5.80 27.68
CA GLY E 217 21.35 7.11 28.29
C GLY E 217 21.29 7.14 29.79
N ALA E 218 21.68 6.06 30.46
CA ALA E 218 21.76 6.02 31.91
C ALA E 218 23.19 6.18 32.36
N ASN E 219 23.35 6.65 33.60
CA ASN E 219 24.66 6.89 34.20
C ASN E 219 25.18 5.61 34.86
N THR E 220 26.45 5.30 34.59
CA THR E 220 27.07 4.06 35.04
C THR E 220 28.42 4.34 35.67
N SER E 221 28.81 3.47 36.61
CA SER E 221 30.19 3.42 37.09
C SER E 221 31.12 3.07 35.94
N ARG E 222 32.34 3.62 36.00
CA ARG E 222 33.28 3.48 34.88
C ARG E 222 34.46 2.55 35.15
N ALA E 223 34.76 2.24 36.42
CA ALA E 223 35.87 1.34 36.74
C ALA E 223 35.58 -0.09 36.32
N SER E 224 36.63 -0.89 36.27
CA SER E 224 36.46 -2.29 35.92
C SER E 224 35.73 -3.04 37.04
N VAL E 225 35.13 -4.17 36.67
CA VAL E 225 34.31 -4.98 37.58
C VAL E 225 35.11 -6.20 38.01
N GLY E 226 35.01 -6.57 39.28
CA GLY E 226 35.74 -7.71 39.79
C GLY E 226 34.98 -9.03 39.69
N VAL E 227 35.65 -10.10 40.14
CA VAL E 227 35.06 -11.42 40.26
C VAL E 227 34.39 -11.53 41.63
N ARG E 228 33.06 -11.69 41.64
CA ARG E 228 32.28 -11.79 42.89
C ARG E 228 32.58 -10.64 43.84
N SER E 229 32.94 -9.48 43.30
CA SER E 229 33.27 -8.31 44.09
C SER E 229 33.35 -7.13 43.14
N LYS E 230 33.55 -5.94 43.71
CA LYS E 230 33.73 -4.70 42.95
C LYS E 230 32.68 -4.59 41.84
N PHE E 231 31.42 -4.60 42.27
CA PHE E 231 30.32 -4.59 41.33
C PHE E 231 30.18 -3.22 40.69
N GLY E 232 29.58 -3.20 39.50
CA GLY E 232 29.22 -1.96 38.83
C GLY E 232 27.84 -1.46 39.25
N GLU E 233 27.36 -0.43 38.55
CA GLU E 233 26.07 0.16 38.87
C GLU E 233 25.54 0.95 37.69
N VAL E 234 24.22 0.95 37.53
CA VAL E 234 23.52 1.76 36.55
C VAL E 234 22.40 2.48 37.28
N GLN E 235 22.24 3.77 36.98
CA GLN E 235 21.24 4.61 37.62
C GLN E 235 20.26 5.08 36.56
N GLY E 237 16.26 5.11 36.79
CA GLY E 237 16.31 6.54 37.02
C GLY E 237 16.14 6.88 38.49
N SER E 238 15.18 6.22 39.12
CA SER E 238 14.91 6.41 40.54
C SER E 238 15.43 5.23 41.33
N ARG E 239 15.95 4.23 40.62
CA ARG E 239 16.46 3.02 41.26
C ARG E 239 17.86 2.69 40.76
N THR E 240 18.52 1.77 41.46
CA THR E 240 19.85 1.35 41.09
C THR E 240 19.89 -0.11 40.65
N VAL E 241 20.73 -0.39 39.66
CA VAL E 241 20.90 -1.74 39.14
C VAL E 241 22.35 -2.16 39.39
N LYS E 242 22.56 -3.22 40.17
CA LYS E 242 23.89 -3.73 40.42
C LYS E 242 24.28 -4.74 39.34
N VAL E 243 25.58 -4.79 39.04
CA VAL E 243 26.10 -5.54 37.89
C VAL E 243 27.35 -6.32 38.33
N GLY E 244 27.35 -7.64 38.10
CA GLY E 244 28.44 -8.45 38.64
C GLY E 244 28.87 -9.61 37.77
N ALA E 245 30.02 -10.18 38.15
CA ALA E 245 30.63 -11.33 37.51
C ALA E 245 30.68 -12.47 38.51
N PHE E 246 30.06 -13.60 38.16
CA PHE E 246 29.93 -14.75 39.06
C PHE E 246 30.17 -16.01 38.22
N PRO E 247 31.40 -16.51 38.17
CA PRO E 247 31.73 -17.66 37.30
C PRO E 247 31.21 -18.97 37.89
N ILE E 248 30.31 -19.63 37.12
CA ILE E 248 29.55 -20.77 37.62
C ILE E 248 30.46 -22.00 37.72
N SER E 249 30.03 -22.98 38.52
CA SER E 249 30.83 -24.18 38.74
C SER E 249 29.89 -25.38 38.89
N ILE E 250 30.42 -26.50 39.37
CA ILE E 250 29.63 -27.69 39.60
C ILE E 250 29.66 -28.01 41.09
N ASP E 251 28.86 -28.99 41.47
CA ASP E 251 28.87 -29.58 42.81
C ASP E 251 30.11 -30.47 42.96
N SER E 252 31.26 -29.83 43.18
CA SER E 252 32.54 -30.50 42.98
C SER E 252 32.74 -31.69 43.94
N ALA E 253 32.44 -31.49 45.22
CA ALA E 253 32.69 -32.54 46.20
C ALA E 253 31.81 -33.76 45.98
N ASP E 254 30.54 -33.54 45.63
CA ASP E 254 29.63 -34.65 45.35
C ASP E 254 30.07 -35.45 44.12
N LEU E 255 30.39 -34.76 43.02
CA LEU E 255 30.79 -35.49 41.82
C LEU E 255 32.07 -36.26 42.04
N ASP E 256 32.95 -35.73 42.89
CA ASP E 256 34.24 -36.35 43.17
C ASP E 256 34.07 -37.74 43.76
N ARG E 257 33.24 -37.89 44.80
CA ARG E 257 33.09 -39.19 45.41
C ARG E 257 32.05 -40.06 44.70
N GLN E 258 31.34 -39.54 43.73
CA GLN E 258 30.61 -40.44 42.86
C GLN E 258 31.57 -41.22 41.98
N ALA E 259 32.66 -40.57 41.53
CA ALA E 259 33.64 -41.21 40.67
C ALA E 259 34.59 -42.13 41.42
N ARG E 260 34.35 -42.38 42.72
CA ARG E 260 35.14 -43.29 43.54
C ARG E 260 34.47 -44.64 43.77
N GLN E 261 33.28 -44.88 43.24
CA GLN E 261 32.62 -46.16 43.49
C GLN E 261 33.29 -47.25 42.65
N ARG E 262 33.42 -48.45 43.24
CA ARG E 262 34.12 -49.55 42.58
C ARG E 262 33.45 -49.92 41.28
N SER E 263 32.11 -49.87 41.25
CA SER E 263 31.40 -50.12 40.01
C SER E 263 31.84 -49.19 38.90
N ILE E 264 32.32 -47.99 39.24
CA ILE E 264 32.75 -47.04 38.20
C ILE E 264 34.22 -47.24 37.85
N ARG E 265 35.06 -47.56 38.83
CA ARG E 265 36.45 -47.91 38.52
C ARG E 265 36.50 -49.15 37.64
N GLN E 266 35.64 -50.13 37.92
CA GLN E 266 35.65 -51.36 37.14
C GLN E 266 35.07 -51.15 35.74
N ARG E 267 34.04 -50.31 35.62
CA ARG E 267 33.52 -50.00 34.29
C ARG E 267 34.57 -49.28 33.46
N ALA E 268 35.38 -48.42 34.10
CA ALA E 268 36.45 -47.72 33.41
C ALA E 268 37.48 -48.70 32.86
N ARG E 269 37.74 -49.78 33.60
CA ARG E 269 38.63 -50.83 33.13
C ARG E 269 38.02 -51.60 31.96
N GLN E 270 36.72 -51.89 32.02
CA GLN E 270 36.07 -52.66 30.96
C GLN E 270 35.94 -51.86 29.66
N ILE E 271 35.63 -50.55 29.75
CA ILE E 271 35.63 -49.69 28.57
C ILE E 271 36.94 -49.86 27.82
N ARG E 272 38.03 -49.96 28.57
CA ARG E 272 39.36 -50.03 27.99
C ARG E 272 39.62 -51.39 27.36
N ALA E 273 39.09 -52.45 27.94
CA ALA E 273 39.17 -53.77 27.32
C ALA E 273 38.31 -53.82 26.06
N GLU E 274 37.07 -53.33 26.14
CA GLU E 274 36.16 -53.33 24.99
C GLU E 274 36.78 -52.65 23.78
N LEU E 275 37.70 -51.71 24.01
CA LEU E 275 38.47 -51.02 22.99
C LEU E 275 39.79 -51.71 22.64
N GLY E 276 40.01 -52.94 23.11
CA GLY E 276 41.22 -53.65 22.75
C GLY E 276 42.46 -53.13 23.44
N ASN E 277 42.29 -52.56 24.62
CA ASN E 277 43.40 -52.07 25.45
C ASN E 277 44.40 -51.17 24.73
N PRO E 278 43.96 -49.98 24.27
CA PRO E 278 44.90 -49.00 23.76
C PRO E 278 45.78 -48.50 24.89
N ARG E 279 46.96 -47.98 24.51
CA ARG E 279 47.80 -47.35 25.52
C ARG E 279 47.25 -45.98 25.91
N ARG E 280 46.65 -45.26 24.95
CA ARG E 280 46.10 -43.93 25.23
C ARG E 280 44.66 -43.81 24.72
N ILE E 281 43.82 -43.13 25.49
CA ILE E 281 42.44 -42.83 25.11
C ILE E 281 42.27 -41.31 25.19
N LEU E 282 41.72 -40.70 24.13
CA LEU E 282 41.30 -39.31 24.13
C LEU E 282 39.77 -39.26 24.16
N LEU E 283 39.21 -38.26 24.87
CA LEU E 283 37.76 -38.14 25.03
C LEU E 283 37.28 -36.73 24.69
N GLY E 284 36.19 -36.65 23.92
CA GLY E 284 35.39 -35.43 23.82
C GLY E 284 33.95 -35.68 24.25
N VAL E 285 33.41 -34.75 25.04
CA VAL E 285 32.01 -34.80 25.53
C VAL E 285 31.37 -33.43 25.33
N ASP E 286 30.36 -33.34 24.45
CA ASP E 286 29.59 -32.09 24.30
C ASP E 286 28.31 -32.32 23.51
N ARG E 287 27.38 -31.38 23.64
CA ARG E 287 26.29 -31.27 22.67
C ARG E 287 26.83 -30.99 21.29
N LEU E 288 26.18 -31.55 20.28
CA LEU E 288 26.59 -31.31 18.90
C LEU E 288 26.19 -29.90 18.48
N ASP E 289 27.09 -28.92 18.73
CA ASP E 289 26.90 -27.48 18.55
C ASP E 289 28.17 -26.89 17.92
N TYR E 290 28.01 -25.84 17.10
CA TYR E 290 29.12 -25.34 16.30
C TYR E 290 30.10 -24.48 17.10
N THR E 291 29.76 -24.13 18.35
CA THR E 291 30.65 -23.34 19.18
C THR E 291 31.73 -24.19 19.84
N LYS E 292 31.55 -25.51 19.87
CA LYS E 292 32.30 -26.40 20.77
C LYS E 292 33.57 -26.99 20.17
N GLY E 293 33.86 -26.74 18.89
CA GLY E 293 35.14 -27.11 18.32
C GLY E 293 35.38 -28.59 18.12
N ILE E 294 34.32 -29.37 17.91
CA ILE E 294 34.47 -30.80 17.64
C ILE E 294 35.15 -30.99 16.29
N ASP E 295 34.93 -30.07 15.36
CA ASP E 295 35.60 -30.14 14.07
C ASP E 295 37.10 -29.88 14.20
N VAL E 296 37.51 -29.03 15.14
CA VAL E 296 38.92 -28.69 15.32
C VAL E 296 39.72 -29.91 15.80
N ARG E 297 39.25 -30.56 16.88
CA ARG E 297 39.99 -31.67 17.45
C ARG E 297 40.07 -32.88 16.51
N LEU E 298 39.07 -33.06 15.64
CA LEU E 298 39.10 -34.11 14.61
C LEU E 298 40.15 -33.81 13.54
N GLN E 299 40.23 -32.56 13.10
CA GLN E 299 41.24 -32.20 12.11
C GLN E 299 42.64 -32.40 12.68
N ALA E 300 42.87 -31.98 13.92
CA ALA E 300 44.18 -32.12 14.52
C ALA E 300 44.56 -33.59 14.69
N PHE E 301 43.58 -34.44 14.97
CA PHE E 301 43.84 -35.87 15.13
C PHE E 301 44.20 -36.49 13.79
N ALA E 302 43.47 -36.12 12.73
CA ALA E 302 43.74 -36.65 11.39
C ALA E 302 45.12 -36.24 10.89
N GLU E 303 45.54 -35.02 11.19
CA GLU E 303 46.81 -34.56 10.67
C GLU E 303 47.95 -35.16 11.45
N LEU E 304 47.75 -35.39 12.76
CA LEU E 304 48.75 -36.09 13.56
C LEU E 304 48.96 -37.51 13.06
N LEU E 305 47.87 -38.21 12.74
CA LEU E 305 47.94 -39.55 12.17
C LEU E 305 48.62 -39.55 10.81
N ALA E 306 48.19 -38.68 9.90
CA ALA E 306 48.84 -38.59 8.58
C ALA E 306 50.31 -38.25 8.72
N GLU E 307 50.66 -37.42 9.70
CA GLU E 307 52.07 -37.11 9.95
C GLU E 307 52.76 -38.17 10.79
N GLY E 308 52.05 -39.22 11.21
CA GLY E 308 52.69 -40.26 11.96
C GLY E 308 53.22 -39.83 13.31
N ARG E 309 52.79 -38.68 13.81
CA ARG E 309 53.21 -38.22 15.12
C ARG E 309 52.39 -38.86 16.26
N VAL E 310 51.36 -39.63 15.92
CA VAL E 310 50.55 -40.39 16.87
C VAL E 310 50.43 -41.82 16.35
N ASN E 311 50.55 -42.81 17.25
CA ASN E 311 50.51 -44.22 16.85
C ASN E 311 49.06 -44.69 16.70
N ARG E 312 48.71 -45.18 15.51
CA ARG E 312 47.33 -45.50 15.22
C ARG E 312 46.93 -46.90 15.68
N GLU E 313 47.87 -47.68 16.22
CA GLU E 313 47.58 -49.00 16.76
C GLU E 313 47.30 -48.99 18.24
N ASP E 314 47.81 -48.01 18.99
CA ASP E 314 47.63 -47.99 20.44
C ASP E 314 47.00 -46.71 20.98
N THR E 315 46.41 -45.88 20.11
CA THR E 315 45.72 -44.68 20.54
C THR E 315 44.40 -44.56 19.80
N VAL E 316 43.32 -44.24 20.53
CA VAL E 316 41.97 -44.11 20.00
C VAL E 316 41.34 -42.83 20.57
N PHE E 317 40.46 -42.20 19.78
CA PHE E 317 39.70 -41.04 20.20
C PHE E 317 38.22 -41.39 20.17
N VAL E 318 37.52 -41.05 21.26
CA VAL E 318 36.10 -41.33 21.47
C VAL E 318 35.39 -39.98 21.59
N GLN E 319 34.40 -39.74 20.72
CA GLN E 319 33.59 -38.54 20.78
C GLN E 319 32.15 -38.92 21.11
N LEU E 320 31.66 -38.38 22.22
CA LEU E 320 30.28 -38.56 22.66
C LEU E 320 29.51 -37.26 22.39
N ALA E 321 28.62 -37.28 21.39
CA ALA E 321 27.94 -36.08 20.92
C ALA E 321 26.44 -36.23 21.07
N THR E 322 25.80 -35.33 21.91
CA THR E 322 24.35 -35.35 22.18
C THR E 322 23.59 -34.56 21.12
N PRO E 323 22.56 -35.14 20.48
CA PRO E 323 21.74 -34.34 19.57
C PRO E 323 21.17 -33.08 20.24
N SER E 324 21.26 -31.96 19.53
CA SER E 324 20.85 -30.69 20.09
C SER E 324 20.30 -29.82 18.96
N ARG E 325 19.06 -29.34 19.14
CA ARG E 325 18.43 -28.40 18.21
C ARG E 325 18.51 -28.86 16.76
N GLU E 326 18.21 -30.13 16.53
CA GLU E 326 18.54 -30.72 15.23
C GLU E 326 17.68 -30.21 14.09
N ARG E 327 16.80 -29.24 14.32
CA ARG E 327 15.98 -28.68 13.26
C ARG E 327 16.25 -27.21 13.05
N VAL E 328 17.28 -26.68 13.67
CA VAL E 328 17.94 -25.50 13.15
C VAL E 328 18.88 -25.94 12.04
N GLU E 329 18.84 -25.25 10.91
CA GLU E 329 19.55 -25.72 9.73
C GLU E 329 21.06 -25.68 9.94
N ALA E 330 21.57 -24.61 10.56
CA ALA E 330 23.00 -24.52 10.86
C ALA E 330 23.48 -25.68 11.71
N TYR E 331 22.59 -26.28 12.51
CA TYR E 331 22.97 -27.44 13.31
C TYR E 331 22.99 -28.72 12.47
N ARG E 332 22.15 -28.81 11.44
CA ARG E 332 22.12 -30.01 10.63
C ARG E 332 23.31 -30.07 9.67
N LEU E 333 23.79 -28.91 9.23
CA LEU E 333 24.99 -28.83 8.41
C LEU E 333 26.24 -29.25 9.18
N LEU E 334 26.35 -28.83 10.44
CA LEU E 334 27.51 -29.22 11.24
C LEU E 334 27.55 -30.73 11.46
N ARG E 335 26.40 -31.34 11.80
CA ARG E 335 26.30 -32.79 11.91
C ARG E 335 26.85 -33.49 10.66
N ASP E 336 26.43 -33.05 9.47
CA ASP E 336 26.91 -33.68 8.25
C ASP E 336 28.43 -33.56 8.09
N ASP E 337 29.01 -32.44 8.51
CA ASP E 337 30.46 -32.28 8.36
C ASP E 337 31.22 -33.14 9.35
N ILE E 338 30.80 -33.12 10.62
CA ILE E 338 31.38 -33.96 11.66
C ILE E 338 31.31 -35.43 11.27
N GLU E 339 30.13 -35.90 10.85
CA GLU E 339 29.93 -37.27 10.40
C GLU E 339 30.85 -37.62 9.22
N ARG E 340 31.17 -36.64 8.37
CA ARG E 340 32.08 -36.90 7.25
C ARG E 340 33.51 -37.13 7.74
N GLN E 341 33.97 -36.32 8.69
CA GLN E 341 35.33 -36.47 9.21
C GLN E 341 35.53 -37.81 9.89
N VAL E 342 34.51 -38.30 10.60
CA VAL E 342 34.64 -39.58 11.32
C VAL E 342 34.88 -40.72 10.32
N GLY E 343 34.02 -40.84 9.32
CA GLY E 343 34.21 -41.87 8.32
C GLY E 343 35.47 -41.71 7.50
N HIS E 344 35.92 -40.46 7.28
CA HIS E 344 37.13 -40.23 6.48
C HIS E 344 38.38 -40.66 7.26
N ILE E 345 38.45 -40.30 8.55
CA ILE E 345 39.61 -40.62 9.38
C ILE E 345 39.71 -42.13 9.60
N ASN E 346 38.58 -42.80 9.83
CA ASN E 346 38.64 -44.25 10.02
C ASN E 346 39.00 -44.97 8.71
N GLY E 347 38.45 -44.54 7.58
CA GLY E 347 38.84 -45.14 6.31
C GLY E 347 40.33 -45.08 6.01
N GLU E 348 41.02 -44.04 6.51
CA GLU E 348 42.44 -43.79 6.20
C GLU E 348 43.39 -44.46 7.18
N TYR E 349 43.02 -44.60 8.46
CA TYR E 349 43.93 -45.13 9.48
C TYR E 349 43.36 -46.26 10.32
N GLY E 350 42.06 -46.52 10.26
CA GLY E 350 41.52 -47.65 10.96
C GLY E 350 41.79 -48.96 10.23
N GLU E 351 41.70 -50.06 10.95
CA GLU E 351 41.68 -51.40 10.37
C GLU E 351 40.30 -52.01 10.61
N VAL E 352 39.96 -53.03 9.82
CA VAL E 352 38.64 -53.64 9.96
C VAL E 352 38.62 -54.36 11.32
N GLY E 353 37.66 -53.98 12.17
CA GLY E 353 37.69 -54.43 13.53
C GLY E 353 38.38 -53.48 14.49
N HIS E 354 38.85 -52.32 14.01
CA HIS E 354 39.59 -51.41 14.87
C HIS E 354 39.63 -49.99 14.31
N PRO E 355 38.60 -49.19 14.56
CA PRO E 355 38.66 -47.76 14.26
C PRO E 355 39.67 -47.01 15.13
N VAL E 356 40.07 -45.82 14.67
CA VAL E 356 40.77 -44.83 15.51
C VAL E 356 39.80 -43.83 16.14
N VAL E 357 38.62 -43.63 15.56
CA VAL E 357 37.60 -42.73 16.09
C VAL E 357 36.36 -43.56 16.37
N HIS E 358 35.82 -43.42 17.58
CA HIS E 358 34.53 -43.96 17.98
C HIS E 358 33.56 -42.81 18.25
N TYR E 359 32.44 -42.80 17.53
CA TYR E 359 31.54 -41.64 17.57
C TYR E 359 30.15 -42.11 17.95
N LEU E 360 29.60 -41.57 19.06
CA LEU E 360 28.24 -41.84 19.51
C LEU E 360 27.37 -40.58 19.43
N HIS E 361 26.26 -40.70 18.72
CA HIS E 361 25.28 -39.62 18.54
C HIS E 361 24.09 -39.88 19.47
N ARG E 362 24.37 -39.77 20.78
CA ARG E 362 23.36 -39.98 21.82
C ARG E 362 23.84 -39.44 23.16
N PRO E 363 22.91 -39.08 24.05
CA PRO E 363 23.30 -38.73 25.43
C PRO E 363 23.54 -40.00 26.23
N VAL E 364 24.61 -39.97 27.02
CA VAL E 364 25.06 -41.15 27.75
C VAL E 364 24.59 -41.10 29.21
N PRO E 365 24.15 -42.22 29.79
CA PRO E 365 23.75 -42.21 31.20
C PRO E 365 24.87 -41.73 32.11
N ARG E 366 24.47 -41.03 33.18
CA ARG E 366 25.41 -40.28 34.01
C ARG E 366 26.56 -41.17 34.49
N GLU E 367 26.23 -42.33 35.04
CA GLU E 367 27.28 -43.20 35.57
C GLU E 367 28.18 -43.73 34.48
N GLU E 368 27.68 -43.90 33.26
CA GLU E 368 28.57 -44.29 32.19
C GLU E 368 29.44 -43.13 31.73
N LEU E 369 28.92 -41.91 31.78
CA LEU E 369 29.73 -40.75 31.43
C LEU E 369 30.88 -40.56 32.40
N ILE E 370 30.66 -40.87 33.67
CA ILE E 370 31.66 -40.66 34.71
C ILE E 370 32.77 -41.71 34.61
N ALA E 371 32.42 -42.93 34.18
CA ALA E 371 33.43 -43.95 33.91
C ALA E 371 34.32 -43.59 32.73
N PHE E 372 33.78 -42.90 31.72
CA PHE E 372 34.61 -42.45 30.63
C PHE E 372 35.61 -41.40 31.10
N PHE E 373 35.17 -40.45 31.94
CA PHE E 373 36.09 -39.46 32.51
C PHE E 373 37.26 -40.16 33.22
N VAL E 374 37.00 -41.25 33.91
CA VAL E 374 38.05 -41.95 34.66
C VAL E 374 38.95 -42.76 33.75
N ALA E 375 38.45 -43.22 32.61
CA ALA E 375 39.27 -44.00 31.68
C ALA E 375 40.15 -43.13 30.82
N ALA E 376 39.78 -41.86 30.61
CA ALA E 376 40.33 -41.04 29.55
C ALA E 376 41.66 -40.42 29.98
N ASP E 377 42.70 -40.67 29.19
CA ASP E 377 44.02 -40.13 29.49
C ASP E 377 44.14 -38.66 29.11
N VAL E 378 43.45 -38.22 28.05
CA VAL E 378 43.44 -36.82 27.63
C VAL E 378 42.01 -36.38 27.37
N MET E 379 41.65 -35.22 27.88
CA MET E 379 40.33 -34.62 27.70
C MET E 379 40.46 -33.48 26.70
N LEU E 380 39.73 -33.59 25.59
CA LEU E 380 39.78 -32.60 24.52
C LEU E 380 38.61 -31.63 24.70
N VAL E 381 38.90 -30.41 25.18
CA VAL E 381 37.86 -29.40 25.36
C VAL E 381 38.23 -28.12 24.58
N THR E 382 37.85 -28.09 23.29
CA THR E 382 38.31 -27.14 22.28
C THR E 382 37.29 -26.15 21.71
N PRO E 383 36.36 -25.58 22.48
CA PRO E 383 35.38 -24.67 21.88
C PRO E 383 35.98 -23.43 21.22
N LEU E 384 35.35 -23.01 20.13
CA LEU E 384 35.69 -21.71 19.57
C LEU E 384 35.25 -20.59 20.50
N ARG E 385 34.23 -20.84 21.33
CA ARG E 385 33.67 -19.90 22.30
C ARG E 385 32.68 -20.62 23.23
N ASP E 386 32.78 -20.40 24.55
CA ASP E 386 31.90 -21.03 25.52
C ASP E 386 31.80 -20.11 26.73
N GLY E 387 30.60 -19.72 27.12
CA GLY E 387 30.47 -18.89 28.32
C GLY E 387 31.20 -19.46 29.52
N MET E 388 31.14 -20.77 29.69
CA MET E 388 31.69 -21.52 30.80
C MET E 388 31.48 -22.98 30.44
N ASN E 389 32.56 -23.71 30.27
CA ASN E 389 32.47 -25.12 29.93
C ASN E 389 32.56 -25.95 31.21
N LEU E 390 31.46 -26.66 31.57
CA LEU E 390 31.42 -27.47 32.79
C LEU E 390 32.03 -28.87 32.60
N VAL E 391 32.13 -29.34 31.36
CA VAL E 391 32.74 -30.63 31.09
C VAL E 391 34.18 -30.64 31.58
N ALA E 392 34.90 -29.53 31.35
CA ALA E 392 36.29 -29.44 31.78
C ALA E 392 36.42 -29.56 33.28
N LYS E 393 35.49 -28.96 34.03
CA LYS E 393 35.51 -29.01 35.47
C LYS E 393 35.07 -30.37 35.99
N GLU E 394 34.13 -31.01 35.30
CA GLU E 394 33.67 -32.33 35.73
C GLU E 394 34.80 -33.35 35.61
N TYR E 395 35.49 -33.35 34.46
CA TYR E 395 36.65 -34.22 34.30
C TYR E 395 37.63 -34.02 35.44
N VAL E 396 37.97 -32.75 35.73
CA VAL E 396 38.89 -32.43 36.83
C VAL E 396 38.42 -33.05 38.15
N ALA E 397 37.13 -33.00 38.43
CA ALA E 397 36.66 -33.49 39.72
C ALA E 397 36.70 -35.01 39.79
N CYS E 398 36.50 -35.69 38.66
CA CYS E 398 36.51 -37.14 38.65
C CYS E 398 37.91 -37.75 38.83
N ARG E 399 38.97 -36.98 38.58
CA ARG E 399 40.34 -37.50 38.58
C ARG E 399 40.98 -37.40 39.95
N SER E 400 40.33 -37.93 40.98
CA SER E 400 40.94 -37.97 42.29
C SER E 400 42.16 -38.89 42.36
N ASP E 401 42.43 -39.67 41.31
CA ASP E 401 43.65 -40.47 41.25
C ASP E 401 44.84 -39.68 40.70
N LEU E 402 44.64 -38.41 40.35
CA LEU E 402 45.64 -37.46 39.87
C LEU E 402 46.16 -37.79 38.48
N GLY E 403 45.65 -38.83 37.82
CA GLY E 403 45.97 -39.08 36.43
C GLY E 403 45.18 -38.18 35.51
N GLY E 404 45.44 -38.32 34.22
CA GLY E 404 44.70 -37.59 33.21
C GLY E 404 45.36 -36.29 32.79
N ALA E 405 44.83 -35.71 31.70
CA ALA E 405 45.33 -34.45 31.15
C ALA E 405 44.18 -33.70 30.48
N LEU E 406 44.10 -32.40 30.74
CA LEU E 406 43.07 -31.54 30.16
C LEU E 406 43.71 -30.63 29.11
N VAL E 407 43.16 -30.66 27.91
CA VAL E 407 43.48 -29.69 26.85
C VAL E 407 42.30 -28.74 26.77
N LEU E 408 42.53 -27.46 27.06
CA LEU E 408 41.45 -26.50 27.20
C LEU E 408 41.66 -25.31 26.27
N SER E 409 40.59 -24.91 25.58
CA SER E 409 40.62 -23.73 24.74
C SER E 409 40.58 -22.46 25.59
N GLU E 410 41.36 -21.46 25.19
CA GLU E 410 41.41 -20.22 25.95
C GLU E 410 40.20 -19.34 25.73
N PHE E 411 39.29 -19.72 24.84
CA PHE E 411 38.07 -18.98 24.56
C PHE E 411 36.87 -19.50 25.33
N THR E 412 37.09 -20.39 26.31
CA THR E 412 36.07 -20.78 27.27
C THR E 412 36.23 -19.95 28.54
N GLY E 413 35.12 -19.74 29.23
CA GLY E 413 35.18 -19.04 30.50
C GLY E 413 36.05 -19.71 31.54
N ALA E 414 36.26 -21.03 31.42
CA ALA E 414 36.97 -21.78 32.44
C ALA E 414 38.48 -21.65 32.34
N ALA E 415 39.02 -21.27 31.18
CA ALA E 415 40.45 -21.01 31.07
C ALA E 415 40.91 -19.91 32.04
N ALA E 416 39.98 -19.09 32.53
CA ALA E 416 40.30 -18.03 33.49
C ALA E 416 40.57 -18.57 34.89
N GLU E 417 39.96 -19.69 35.27
CA GLU E 417 40.23 -20.37 36.54
C GLU E 417 41.19 -21.55 36.39
N LEU E 418 41.07 -22.29 35.29
CA LEU E 418 41.82 -23.52 35.03
C LEU E 418 43.13 -23.25 34.28
N GLY E 419 43.92 -22.28 34.76
CA GLY E 419 45.11 -21.87 34.02
C GLY E 419 46.25 -22.88 33.98
N GLN E 420 46.22 -23.93 34.81
CA GLN E 420 47.25 -24.95 34.78
C GLN E 420 46.95 -26.08 33.78
N ALA E 421 45.80 -26.06 33.12
CA ALA E 421 45.52 -27.00 32.04
C ALA E 421 46.47 -26.72 30.87
N TYR E 422 46.39 -27.54 29.83
CA TYR E 422 47.09 -27.26 28.58
C TYR E 422 46.24 -26.34 27.70
N LEU E 423 46.55 -25.04 27.72
CA LEU E 423 45.76 -24.02 27.05
C LEU E 423 46.08 -23.95 25.55
N VAL E 424 45.04 -23.78 24.72
CA VAL E 424 45.21 -23.63 23.29
C VAL E 424 44.31 -22.55 22.75
N ASN E 425 44.77 -21.94 21.64
CA ASN E 425 43.95 -21.14 20.75
C ASN E 425 43.47 -22.07 19.64
N PRO E 426 42.17 -22.40 19.58
CA PRO E 426 41.72 -23.44 18.63
C PRO E 426 41.84 -23.03 17.18
N HIS E 427 42.06 -21.75 16.88
CA HIS E 427 42.28 -21.33 15.50
C HIS E 427 43.69 -21.68 15.02
N ASN E 428 44.60 -21.96 15.94
CA ASN E 428 46.00 -22.23 15.63
C ASN E 428 46.16 -23.75 15.61
N LEU E 429 45.85 -24.35 14.46
CA LEU E 429 45.82 -25.81 14.41
C LEU E 429 47.19 -26.40 14.71
N ASP E 430 48.26 -25.82 14.15
CA ASP E 430 49.60 -26.37 14.38
C ASP E 430 49.92 -26.47 15.85
N HIS E 431 49.46 -25.50 16.65
CA HIS E 431 49.74 -25.51 18.08
C HIS E 431 48.76 -26.35 18.85
N VAL E 432 47.54 -26.53 18.32
CA VAL E 432 46.63 -27.52 18.87
C VAL E 432 47.21 -28.93 18.72
N LYS E 433 47.81 -29.22 17.56
CA LYS E 433 48.38 -30.55 17.32
C LYS E 433 49.59 -30.82 18.21
N ASP E 434 50.44 -29.79 18.41
CA ASP E 434 51.59 -29.95 19.31
C ASP E 434 51.15 -30.14 20.74
N THR E 435 50.16 -29.37 21.19
CA THR E 435 49.66 -29.51 22.55
C THR E 435 49.09 -30.90 22.78
N MET E 436 48.45 -31.46 21.76
CA MET E 436 47.87 -32.79 21.91
C MET E 436 48.94 -33.85 22.05
N VAL E 437 50.11 -33.61 21.46
CA VAL E 437 51.23 -34.56 21.57
C VAL E 437 51.92 -34.41 22.92
N ALA E 438 52.05 -33.18 23.41
CA ALA E 438 52.54 -32.97 24.78
C ALA E 438 51.68 -33.68 25.81
N ALA E 439 50.36 -33.50 25.73
CA ALA E 439 49.48 -34.09 26.74
C ALA E 439 49.49 -35.62 26.66
N LEU E 440 49.57 -36.18 25.45
CA LEU E 440 49.59 -37.64 25.29
C LEU E 440 50.87 -38.26 25.83
N ASN E 441 51.96 -37.50 25.92
CA ASN E 441 53.26 -38.02 26.29
C ASN E 441 53.82 -37.33 27.51
N GLN E 442 52.97 -36.75 28.35
CA GLN E 442 53.44 -36.09 29.58
C GLN E 442 54.07 -37.10 30.51
N THR E 443 55.03 -36.63 31.32
CA THR E 443 55.49 -37.47 32.41
C THR E 443 54.37 -37.58 33.45
N PRO E 444 54.26 -38.72 34.12
CA PRO E 444 53.43 -38.81 35.32
C PRO E 444 53.68 -37.68 36.31
N GLU E 445 54.92 -37.18 36.41
CA GLU E 445 55.25 -36.16 37.39
C GLU E 445 54.54 -34.85 37.09
N GLU E 446 54.59 -34.43 35.83
CA GLU E 446 54.00 -33.15 35.43
C GLU E 446 52.48 -33.24 35.33
N GLY E 447 51.96 -34.38 34.90
CA GLY E 447 50.52 -34.59 34.90
C GLY E 447 49.94 -34.42 36.29
N ARG E 448 50.42 -35.25 37.24
CA ARG E 448 50.02 -35.15 38.63
C ARG E 448 50.07 -33.72 39.13
N ARG E 449 51.16 -33.02 38.83
CA ARG E 449 51.36 -31.66 39.31
C ARG E 449 50.25 -30.75 38.81
N ARG E 450 49.96 -30.81 37.51
CA ARG E 450 48.91 -29.97 36.92
C ARG E 450 47.52 -30.34 37.43
N MET E 451 47.24 -31.66 37.58
CA MET E 451 45.90 -32.09 37.97
C MET E 451 45.63 -31.83 39.42
N ARG E 452 46.66 -31.82 40.24
CA ARG E 452 46.49 -31.45 41.63
C ARG E 452 46.26 -29.93 41.78
N ALA E 453 46.88 -29.12 40.92
CA ALA E 453 46.62 -27.67 40.94
C ALA E 453 45.22 -27.34 40.45
N LEU E 454 44.73 -28.05 39.41
CA LEU E 454 43.40 -27.82 38.86
C LEU E 454 42.31 -28.20 39.86
N ARG E 455 42.50 -29.33 40.56
CA ARG E 455 41.52 -29.82 41.52
C ARG E 455 41.39 -28.88 42.72
N ARG E 456 42.51 -28.41 43.26
CA ARG E 456 42.46 -27.45 44.35
C ARG E 456 41.64 -26.20 44.00
N GLN E 457 41.70 -25.77 42.72
CA GLN E 457 40.81 -24.70 42.26
C GLN E 457 39.35 -25.16 42.24
N VAL E 458 39.08 -26.31 41.60
CA VAL E 458 37.72 -26.71 41.29
C VAL E 458 36.95 -27.13 42.55
N LEU E 459 37.61 -27.78 43.50
CA LEU E 459 36.92 -28.18 44.74
C LEU E 459 36.54 -26.98 45.59
N ALA E 460 37.41 -25.98 45.66
CA ALA E 460 37.15 -24.82 46.48
C ALA E 460 36.16 -23.85 45.84
N HIS E 461 36.05 -23.89 44.52
CA HIS E 461 35.19 -22.98 43.76
C HIS E 461 34.09 -23.79 43.08
N ASP E 462 33.03 -24.06 43.86
CA ASP E 462 31.95 -24.97 43.52
C ASP E 462 30.69 -24.18 43.20
N VAL E 463 29.58 -24.90 43.01
CA VAL E 463 28.32 -24.26 42.71
C VAL E 463 27.76 -23.56 43.96
N ASP E 464 28.10 -24.04 45.15
CA ASP E 464 27.70 -23.34 46.37
C ASP E 464 28.37 -21.97 46.45
N LEU E 465 29.68 -21.93 46.18
CA LEU E 465 30.38 -20.65 46.27
C LEU E 465 29.75 -19.65 45.31
N TRP E 466 29.37 -20.12 44.12
CA TRP E 466 28.78 -19.26 43.10
C TRP E 466 27.42 -18.72 43.53
N ALA E 467 26.59 -19.58 44.13
CA ALA E 467 25.21 -19.21 44.44
C ALA E 467 25.07 -18.33 45.67
N ARG E 468 25.94 -18.48 46.68
CA ARG E 468 25.90 -17.56 47.81
C ARG E 468 26.30 -16.15 47.36
N SER E 469 27.37 -16.04 46.58
CA SER E 469 27.83 -14.76 46.06
C SER E 469 26.71 -14.02 45.32
N PHE E 470 26.04 -14.70 44.39
CA PHE E 470 25.02 -14.04 43.57
C PHE E 470 23.84 -13.61 44.43
N LEU E 471 23.32 -14.52 45.25
CA LEU E 471 22.13 -14.25 46.05
C LEU E 471 22.40 -13.38 47.27
N ASP E 472 23.65 -13.24 47.70
CA ASP E 472 23.92 -12.22 48.72
C ASP E 472 24.01 -10.85 48.10
N ALA E 473 24.52 -10.75 46.86
CA ALA E 473 24.46 -9.49 46.14
C ALA E 473 23.02 -9.06 45.89
N LEU E 474 22.21 -9.96 45.32
CA LEU E 474 20.79 -9.67 45.09
C LEU E 474 20.08 -9.29 46.39
N ALA E 475 20.42 -9.94 47.50
CA ALA E 475 19.74 -9.61 48.75
C ALA E 475 20.12 -8.21 49.24
N SER E 476 21.35 -7.77 48.99
CA SER E 476 21.79 -6.49 49.55
C SER E 476 21.11 -5.29 48.89
N THR E 477 20.52 -5.47 47.70
CA THR E 477 19.83 -4.39 46.98
C THR E 477 18.53 -4.00 47.62
N ARG E 478 18.19 -4.50 48.80
CA ARG E 478 17.00 -4.04 49.49
C ARG E 478 17.32 -2.87 50.41
N ASP F 10 61.02 -56.03 -32.53
CA ASP F 10 59.65 -55.88 -32.99
C ASP F 10 58.85 -57.16 -32.70
N SER F 11 57.65 -56.99 -32.12
CA SER F 11 56.85 -58.10 -31.62
C SER F 11 55.69 -58.41 -32.56
N ASP F 12 55.24 -59.66 -32.53
CA ASP F 12 54.08 -60.11 -33.31
C ASP F 12 52.78 -60.13 -32.50
N PHE F 13 52.76 -59.51 -31.33
CA PHE F 13 51.57 -59.45 -30.48
C PHE F 13 51.78 -58.30 -29.50
N VAL F 14 50.93 -57.27 -29.60
CA VAL F 14 51.02 -56.07 -28.77
C VAL F 14 49.66 -55.83 -28.13
N VAL F 15 49.67 -55.27 -26.92
CA VAL F 15 48.45 -54.87 -26.21
C VAL F 15 48.60 -53.39 -25.83
N VAL F 16 47.60 -52.59 -26.14
CA VAL F 16 47.65 -51.15 -25.91
C VAL F 16 46.49 -50.80 -24.98
N ALA F 17 46.82 -50.28 -23.80
CA ALA F 17 45.84 -49.69 -22.91
C ALA F 17 46.50 -48.55 -22.18
N ASN F 18 45.66 -47.65 -21.67
CA ASN F 18 46.14 -46.54 -20.85
C ASN F 18 46.93 -47.05 -19.64
N ARG F 19 46.47 -48.17 -19.07
CA ARG F 19 47.13 -48.78 -17.92
C ARG F 19 48.17 -49.81 -18.37
N LEU F 20 49.39 -49.66 -17.88
CA LEU F 20 50.25 -50.82 -17.72
C LEU F 20 49.78 -51.61 -16.50
N PRO F 21 50.14 -52.89 -16.39
CA PRO F 21 49.74 -53.67 -15.21
C PRO F 21 50.51 -53.33 -13.93
N ILE F 22 51.59 -52.55 -14.03
CA ILE F 22 52.23 -51.94 -12.88
C ILE F 22 51.94 -50.45 -12.89
N ASP F 23 52.05 -49.84 -11.70
CA ASP F 23 51.64 -48.46 -11.49
C ASP F 23 52.69 -47.80 -10.62
N LEU F 24 53.17 -46.63 -11.02
CA LEU F 24 54.30 -45.99 -10.33
C LEU F 24 53.79 -45.05 -9.23
N GLU F 25 54.34 -45.20 -8.04
CA GLU F 25 53.91 -44.45 -6.86
C GLU F 25 54.76 -43.19 -6.63
N SER F 33 59.15 -47.48 -7.21
CA SER F 33 58.48 -48.56 -6.48
C SER F 33 57.09 -48.83 -7.04
N TRP F 34 56.96 -49.95 -7.76
CA TRP F 34 55.73 -50.29 -8.45
C TRP F 34 54.68 -50.89 -7.52
N LYS F 35 53.42 -50.69 -7.88
CA LYS F 35 52.31 -51.37 -7.24
C LYS F 35 51.44 -52.00 -8.32
N ARG F 36 50.58 -52.92 -7.90
CA ARG F 36 49.60 -53.49 -8.82
C ARG F 36 48.61 -52.42 -9.24
N SER F 37 48.29 -52.37 -10.54
CA SER F 37 47.37 -51.39 -11.09
C SER F 37 45.92 -51.66 -10.66
N PRO F 38 45.06 -50.63 -10.68
CA PRO F 38 43.65 -50.82 -10.32
C PRO F 38 42.83 -51.36 -11.48
N GLY F 39 41.60 -51.77 -11.16
CA GLY F 39 40.57 -52.04 -12.15
C GLY F 39 40.60 -53.45 -12.71
N GLY F 40 39.46 -53.87 -13.27
CA GLY F 40 39.28 -55.21 -13.79
C GLY F 40 39.90 -55.48 -15.16
N LEU F 41 40.18 -54.44 -15.95
CA LEU F 41 40.97 -54.66 -17.16
C LEU F 41 42.31 -55.32 -16.83
N VAL F 42 43.00 -54.82 -15.78
CA VAL F 42 44.31 -55.34 -15.43
C VAL F 42 44.20 -56.70 -14.73
N THR F 43 43.17 -56.90 -13.90
CA THR F 43 43.04 -58.13 -13.12
C THR F 43 42.86 -59.35 -14.02
N ALA F 44 42.29 -59.18 -15.21
CA ALA F 44 42.06 -60.30 -16.11
C ALA F 44 43.11 -60.42 -17.21
N LEU F 45 43.56 -59.30 -17.78
CA LEU F 45 44.59 -59.34 -18.82
C LEU F 45 45.93 -59.84 -18.27
N GLU F 46 46.28 -59.47 -17.03
CA GLU F 46 47.64 -59.73 -16.55
C GLU F 46 47.93 -61.22 -16.40
N PRO F 47 47.17 -62.02 -15.63
CA PRO F 47 47.47 -63.45 -15.57
C PRO F 47 47.42 -64.11 -16.92
N LEU F 48 46.53 -63.63 -17.78
CA LEU F 48 46.32 -64.24 -19.09
C LEU F 48 47.52 -64.04 -20.01
N LEU F 49 48.33 -63.01 -19.79
CA LEU F 49 49.42 -62.63 -20.69
C LEU F 49 50.81 -62.81 -20.11
N ARG F 50 50.93 -63.18 -18.84
CA ARG F 50 52.12 -63.89 -18.41
C ARG F 50 52.23 -65.25 -19.10
N ARG F 51 51.20 -65.67 -19.81
CA ARG F 51 51.18 -66.90 -20.59
C ARG F 51 51.60 -66.65 -22.04
N ARG F 52 51.03 -65.62 -22.67
CA ARG F 52 51.35 -65.27 -24.06
C ARG F 52 52.50 -64.27 -24.15
N ALA F 55 54.23 -57.71 -26.46
CA ALA F 55 54.34 -56.30 -26.08
C ALA F 55 53.07 -55.78 -25.36
N TRP F 56 53.25 -54.93 -24.36
CA TRP F 56 52.17 -54.23 -23.68
C TRP F 56 52.58 -52.77 -23.55
N ILE F 57 51.79 -51.86 -24.13
CA ILE F 57 52.10 -50.44 -24.17
C ILE F 57 51.07 -49.68 -23.34
N GLY F 58 51.54 -48.83 -22.44
CA GLY F 58 50.61 -48.03 -21.67
C GLY F 58 51.32 -47.01 -20.80
N TRP F 59 50.52 -46.15 -20.20
CA TRP F 59 50.97 -45.12 -19.27
C TRP F 59 51.30 -45.76 -17.92
N PRO F 60 52.44 -45.37 -17.31
CA PRO F 60 52.81 -45.95 -16.01
C PRO F 60 52.29 -45.17 -14.79
N GLY F 61 51.15 -44.51 -14.93
CA GLY F 61 50.48 -43.91 -13.78
C GLY F 61 51.14 -42.69 -13.17
N ILE F 62 52.26 -42.23 -13.70
CA ILE F 62 52.87 -40.98 -13.26
C ILE F 62 53.02 -40.07 -14.47
N PRO F 63 53.00 -38.76 -14.30
CA PRO F 63 53.40 -37.88 -15.41
C PRO F 63 54.91 -37.81 -15.54
N ASP F 64 55.35 -37.51 -16.76
CA ASP F 64 56.76 -37.34 -17.11
C ASP F 64 57.59 -38.56 -16.69
N SER F 65 57.09 -39.73 -17.06
CA SER F 65 57.85 -40.96 -16.93
C SER F 65 58.84 -41.08 -18.08
N ASP F 66 59.90 -41.86 -17.85
CA ASP F 66 60.85 -42.18 -18.91
C ASP F 66 60.16 -43.00 -19.99
N GLU F 67 60.89 -43.41 -21.02
CA GLU F 67 60.33 -44.28 -22.05
C GLU F 67 61.27 -45.43 -22.35
N ASP F 68 61.84 -46.04 -21.30
CA ASP F 68 62.59 -47.25 -21.63
C ASP F 68 61.76 -48.49 -21.33
N PRO F 69 61.89 -49.55 -22.13
CA PRO F 69 61.11 -50.78 -21.95
C PRO F 69 61.40 -51.49 -20.63
N GLY F 73 60.63 -58.91 -17.39
CA GLY F 73 61.53 -59.87 -17.99
C GLY F 73 60.79 -61.00 -18.66
N ASP F 74 59.83 -61.58 -17.95
CA ASP F 74 58.91 -62.54 -18.56
C ASP F 74 58.23 -61.93 -19.77
N LEU F 75 57.96 -60.64 -19.70
CA LEU F 75 57.34 -59.88 -20.78
C LEU F 75 58.10 -58.56 -20.94
N VAL F 76 57.70 -57.80 -21.95
CA VAL F 76 58.28 -56.50 -22.26
C VAL F 76 57.16 -55.46 -22.26
N LEU F 77 57.42 -54.28 -21.68
CA LEU F 77 56.42 -53.23 -21.55
C LEU F 77 57.00 -51.91 -22.06
N TYR F 78 56.25 -51.22 -22.93
CA TYR F 78 56.63 -49.89 -23.41
C TYR F 78 55.77 -48.84 -22.73
N PRO F 79 56.36 -47.95 -21.92
CA PRO F 79 55.54 -46.99 -21.16
C PRO F 79 55.41 -45.62 -21.84
N VAL F 80 54.17 -45.14 -22.01
CA VAL F 80 53.92 -43.89 -22.72
C VAL F 80 54.08 -42.72 -21.75
N ARG F 81 54.70 -41.64 -22.23
CA ARG F 81 54.98 -40.48 -21.41
C ARG F 81 53.86 -39.47 -21.53
N LEU F 82 53.20 -39.17 -20.42
CA LEU F 82 52.16 -38.13 -20.36
C LEU F 82 52.69 -36.96 -19.55
N SER F 83 52.59 -35.77 -20.12
CA SER F 83 52.89 -34.59 -19.33
C SER F 83 51.74 -34.29 -18.37
N ALA F 84 51.94 -33.28 -17.53
CA ALA F 84 50.93 -32.91 -16.55
C ALA F 84 49.63 -32.52 -17.22
N ASP F 85 49.70 -31.75 -18.31
CA ASP F 85 48.47 -31.37 -18.99
C ASP F 85 47.82 -32.55 -19.69
N ASP F 86 48.62 -33.47 -20.23
CA ASP F 86 48.07 -34.69 -20.80
C ASP F 86 47.28 -35.47 -19.76
N VAL F 87 47.86 -35.67 -18.58
CA VAL F 87 47.11 -36.31 -17.49
C VAL F 87 45.86 -35.51 -17.17
N ALA F 88 46.03 -34.19 -17.01
CA ALA F 88 44.92 -33.33 -16.61
C ALA F 88 43.79 -33.31 -17.64
N GLN F 89 44.13 -33.30 -18.92
CA GLN F 89 43.12 -33.05 -19.94
C GLN F 89 42.74 -34.27 -20.75
N TYR F 90 43.64 -35.23 -20.89
CA TYR F 90 43.29 -36.42 -21.63
C TYR F 90 42.69 -37.49 -20.72
N TYR F 91 43.31 -37.74 -19.56
CA TYR F 91 42.91 -38.81 -18.66
C TYR F 91 41.82 -38.34 -17.70
N GLU F 92 42.10 -37.28 -16.96
CA GLU F 92 41.15 -36.75 -15.99
C GLU F 92 40.03 -35.98 -16.66
N GLY F 93 40.35 -35.19 -17.69
CA GLY F 93 39.33 -34.55 -18.47
C GLY F 93 38.53 -35.48 -19.37
N PHE F 94 38.93 -35.59 -20.64
CA PHE F 94 38.05 -36.18 -21.64
C PHE F 94 37.72 -37.64 -21.33
N SER F 95 38.69 -38.42 -20.85
CA SER F 95 38.38 -39.82 -20.55
C SER F 95 37.37 -39.94 -19.42
N ASN F 96 37.64 -39.31 -18.28
CA ASN F 96 36.87 -39.65 -17.10
C ASN F 96 35.87 -38.58 -16.65
N ALA F 97 35.89 -37.38 -17.23
CA ALA F 97 34.82 -36.43 -16.97
C ALA F 97 33.93 -36.17 -18.18
N THR F 98 34.22 -36.79 -19.32
CA THR F 98 33.33 -36.74 -20.48
C THR F 98 32.82 -38.14 -20.79
N LEU F 99 33.70 -39.07 -21.19
CA LEU F 99 33.23 -40.36 -21.71
C LEU F 99 32.68 -41.25 -20.60
N TRP F 100 33.35 -41.28 -19.44
CA TRP F 100 32.91 -42.16 -18.34
C TRP F 100 31.50 -41.81 -17.86
N PRO F 101 31.17 -40.57 -17.47
CA PRO F 101 29.78 -40.31 -17.06
C PRO F 101 28.77 -40.62 -18.16
N LEU F 102 29.10 -40.35 -19.42
CA LEU F 102 28.09 -40.43 -20.48
C LEU F 102 27.80 -41.86 -20.90
N TYR F 103 28.83 -42.71 -21.00
CA TYR F 103 28.62 -44.11 -21.31
C TYR F 103 27.91 -44.84 -20.18
N HIS F 104 27.97 -44.31 -18.97
CA HIS F 104 27.25 -44.91 -17.84
C HIS F 104 25.95 -44.16 -17.56
N ASP F 105 25.18 -43.92 -18.62
CA ASP F 105 23.81 -43.42 -18.49
C ASP F 105 23.78 -42.06 -17.79
N VAL F 106 24.77 -41.21 -18.03
CA VAL F 106 24.87 -39.86 -17.49
C VAL F 106 24.45 -39.80 -16.01
N ILE F 107 24.95 -40.75 -15.20
CA ILE F 107 24.78 -40.67 -13.75
C ILE F 107 25.26 -39.32 -13.25
N VAL F 108 26.34 -38.83 -13.83
CA VAL F 108 26.92 -37.51 -13.58
C VAL F 108 26.94 -36.78 -14.92
N LYS F 109 26.73 -35.46 -14.87
CA LYS F 109 26.63 -34.65 -16.10
C LYS F 109 27.95 -34.59 -16.86
N PRO F 110 28.03 -35.13 -18.08
CA PRO F 110 29.29 -35.04 -18.86
C PRO F 110 29.66 -33.60 -19.12
N ILE F 111 30.97 -33.34 -19.16
CA ILE F 111 31.52 -32.02 -19.44
C ILE F 111 32.04 -32.04 -20.88
N TYR F 112 31.57 -31.11 -21.71
CA TYR F 112 31.92 -31.07 -23.13
C TYR F 112 32.88 -29.91 -23.36
N ASN F 113 34.17 -30.21 -23.52
CA ASN F 113 35.23 -29.22 -23.58
C ASN F 113 36.18 -29.53 -24.75
N ARG F 114 36.48 -28.51 -25.56
CA ARG F 114 37.15 -28.74 -26.83
C ARG F 114 38.65 -28.97 -26.68
N GLN F 115 39.32 -28.23 -25.80
CA GLN F 115 40.74 -28.43 -25.58
C GLN F 115 41.04 -29.80 -24.98
N TRP F 116 40.13 -30.32 -24.14
CA TRP F 116 40.22 -31.70 -23.71
C TRP F 116 40.13 -32.67 -24.89
N TRP F 117 39.22 -32.40 -25.83
CA TRP F 117 39.09 -33.23 -27.02
C TRP F 117 40.38 -33.27 -27.81
N GLU F 118 41.02 -32.11 -28.00
CA GLU F 118 42.24 -32.05 -28.80
C GLU F 118 43.41 -32.68 -28.07
N ARG F 119 43.46 -32.50 -26.75
CA ARG F 119 44.43 -33.22 -25.94
C ARG F 119 44.27 -34.72 -26.09
N TYR F 120 43.02 -35.21 -26.07
CA TYR F 120 42.73 -36.63 -26.20
C TYR F 120 43.08 -37.16 -27.59
N VAL F 121 42.93 -36.33 -28.62
CA VAL F 121 43.32 -36.69 -29.98
C VAL F 121 44.84 -36.83 -30.09
N GLU F 122 45.58 -35.84 -29.57
CA GLU F 122 47.03 -35.87 -29.71
C GLU F 122 47.67 -36.99 -28.90
N VAL F 123 47.05 -37.41 -27.79
CA VAL F 123 47.59 -38.52 -27.01
C VAL F 123 47.29 -39.84 -27.69
N ASN F 124 46.05 -40.03 -28.18
CA ASN F 124 45.76 -41.21 -29.00
C ASN F 124 46.75 -41.33 -30.14
N ARG F 125 47.15 -40.20 -30.70
CA ARG F 125 48.17 -40.20 -31.74
C ARG F 125 49.47 -40.80 -31.23
N ARG F 126 49.92 -40.39 -30.04
CA ARG F 126 51.20 -40.87 -29.56
C ARG F 126 51.14 -42.34 -29.15
N PHE F 127 50.04 -42.76 -28.51
CA PHE F 127 49.83 -44.18 -28.23
C PHE F 127 49.98 -45.04 -29.49
N ALA F 128 49.42 -44.59 -30.61
CA ALA F 128 49.44 -45.33 -31.87
C ALA F 128 50.82 -45.37 -32.52
N GLU F 129 51.73 -44.46 -32.14
CA GLU F 129 53.09 -44.53 -32.66
C GLU F 129 53.90 -45.58 -31.94
N ALA F 130 53.92 -45.52 -30.60
CA ALA F 130 54.67 -46.48 -29.82
C ALA F 130 54.20 -47.90 -30.10
N THR F 131 52.95 -48.05 -30.54
CA THR F 131 52.47 -49.34 -31.00
C THR F 131 53.23 -49.78 -32.24
N SER F 132 53.39 -48.86 -33.19
CA SER F 132 54.04 -49.20 -34.45
C SER F 132 55.54 -49.43 -34.27
N ARG F 133 56.17 -48.67 -33.36
CA ARG F 133 57.58 -48.92 -33.02
C ARG F 133 57.78 -50.33 -32.50
N ALA F 134 56.80 -50.85 -31.76
CA ALA F 134 56.88 -52.20 -31.23
C ALA F 134 56.28 -53.23 -32.18
N ALA F 135 55.49 -52.80 -33.15
CA ALA F 135 54.81 -53.73 -34.05
C ALA F 135 55.75 -54.22 -35.15
N ALA F 136 55.72 -55.52 -35.39
CA ALA F 136 56.36 -56.12 -36.54
C ALA F 136 55.33 -56.32 -37.65
N ARG F 137 55.82 -56.64 -38.84
CA ARG F 137 54.93 -56.79 -39.99
C ARG F 137 53.95 -57.95 -39.77
N GLY F 138 52.73 -57.77 -40.26
CA GLY F 138 51.73 -58.81 -40.06
C GLY F 138 51.34 -59.07 -38.63
N ALA F 139 51.84 -58.29 -37.68
CA ALA F 139 51.58 -58.56 -36.27
C ALA F 139 50.12 -58.29 -35.92
N THR F 140 49.71 -58.81 -34.76
CA THR F 140 48.34 -58.71 -34.26
C THR F 140 48.31 -57.84 -33.01
N VAL F 141 47.54 -56.75 -33.07
CA VAL F 141 47.48 -55.76 -32.00
C VAL F 141 46.06 -55.70 -31.44
N TRP F 142 45.97 -55.47 -30.13
CA TRP F 142 44.70 -55.44 -29.39
C TRP F 142 44.62 -54.18 -28.53
N VAL F 143 43.71 -53.27 -28.90
CA VAL F 143 43.54 -51.99 -28.22
C VAL F 143 42.39 -52.11 -27.25
N GLN F 144 42.58 -51.62 -26.02
CA GLN F 144 41.62 -51.80 -24.94
C GLN F 144 40.93 -50.49 -24.56
N ASP F 145 39.60 -50.50 -24.59
CA ASP F 145 38.72 -49.63 -23.80
C ASP F 145 38.66 -48.17 -24.23
N TYR F 146 37.88 -47.37 -23.47
CA TYR F 146 37.33 -46.09 -23.89
C TYR F 146 38.38 -44.99 -24.02
N GLN F 147 39.58 -45.15 -23.49
CA GLN F 147 40.55 -44.06 -23.56
C GLN F 147 41.27 -44.00 -24.89
N LEU F 148 41.15 -45.03 -25.73
CA LEU F 148 41.97 -45.14 -26.92
C LEU F 148 41.11 -45.44 -28.15
N GLN F 149 39.87 -44.95 -28.16
CA GLN F 149 38.91 -45.28 -29.22
C GLN F 149 39.32 -44.81 -30.58
N LEU F 150 40.31 -43.91 -30.68
CA LEU F 150 40.78 -43.41 -31.98
C LEU F 150 41.99 -44.15 -32.50
N VAL F 151 42.76 -44.80 -31.64
CA VAL F 151 43.98 -45.52 -32.00
C VAL F 151 43.77 -46.46 -33.18
N PRO F 152 42.64 -47.23 -33.29
CA PRO F 152 42.54 -48.22 -34.38
C PRO F 152 42.72 -47.64 -35.75
N LYS F 153 41.82 -46.71 -36.09
CA LYS F 153 41.90 -46.00 -37.36
C LYS F 153 43.26 -45.36 -37.55
N MET F 154 43.80 -44.77 -36.49
CA MET F 154 45.06 -44.06 -36.63
C MET F 154 46.20 -45.02 -36.93
N LEU F 155 46.21 -46.19 -36.26
CA LEU F 155 47.24 -47.19 -36.51
C LEU F 155 47.05 -47.85 -37.87
N ARG F 156 45.81 -48.03 -38.31
CA ARG F 156 45.55 -48.62 -39.63
C ARG F 156 46.12 -47.77 -40.75
N GLU F 157 46.02 -46.44 -40.61
CA GLU F 157 46.59 -45.56 -41.61
C GLU F 157 48.12 -45.59 -41.57
N LEU F 158 48.68 -45.73 -40.37
CA LEU F 158 50.14 -45.79 -40.25
C LEU F 158 50.69 -47.17 -40.63
N ARG F 159 49.99 -48.24 -40.28
CA ARG F 159 50.47 -49.61 -40.45
C ARG F 159 49.36 -50.44 -41.06
N PRO F 160 49.15 -50.32 -42.38
CA PRO F 160 48.10 -51.14 -43.02
C PRO F 160 48.36 -52.64 -42.99
N ASP F 161 49.58 -53.05 -42.62
CA ASP F 161 50.01 -54.45 -42.64
C ASP F 161 49.45 -55.30 -41.50
N LEU F 162 48.62 -54.74 -40.61
CA LEU F 162 48.31 -55.40 -39.36
C LEU F 162 46.81 -55.70 -39.24
N THR F 163 46.51 -56.68 -38.39
CA THR F 163 45.15 -56.89 -37.90
C THR F 163 44.92 -56.14 -36.59
N ILE F 164 43.75 -55.53 -36.47
CA ILE F 164 43.42 -54.68 -35.34
C ILE F 164 42.07 -55.11 -34.80
N GLY F 165 42.03 -55.43 -33.51
CA GLY F 165 40.78 -55.63 -32.80
C GLY F 165 40.67 -54.63 -31.67
N PHE F 166 39.44 -54.31 -31.31
CA PHE F 166 39.19 -53.37 -30.22
C PHE F 166 38.13 -53.95 -29.29
N PHE F 167 38.36 -53.86 -27.98
CA PHE F 167 37.38 -54.29 -27.01
C PHE F 167 37.07 -53.15 -26.05
N LEU F 168 35.78 -52.87 -25.88
CA LEU F 168 35.30 -51.88 -24.91
C LEU F 168 34.88 -52.56 -23.62
N HIS F 169 35.46 -52.10 -22.49
CA HIS F 169 35.26 -52.71 -21.19
C HIS F 169 34.14 -52.06 -20.39
N ILE F 170 33.52 -51.00 -20.92
CA ILE F 170 32.44 -50.28 -20.24
C ILE F 170 31.23 -50.34 -21.16
N PRO F 171 30.03 -49.96 -20.71
CA PRO F 171 28.87 -49.96 -21.61
C PRO F 171 29.03 -49.01 -22.80
N PHE F 172 28.37 -49.35 -23.90
CA PHE F 172 28.19 -48.39 -24.98
C PHE F 172 26.81 -47.79 -24.87
N PRO F 173 26.68 -46.46 -24.72
CA PRO F 173 25.40 -45.89 -24.28
C PRO F 173 24.34 -46.00 -25.36
N PRO F 174 23.06 -45.82 -25.00
CA PRO F 174 22.01 -45.73 -26.01
C PRO F 174 22.20 -44.52 -26.91
N VAL F 175 21.47 -44.51 -28.03
CA VAL F 175 21.78 -43.52 -29.06
C VAL F 175 21.27 -42.13 -28.66
N GLU F 176 20.17 -42.04 -27.91
CA GLU F 176 19.68 -40.71 -27.49
C GLU F 176 20.72 -39.98 -26.64
N LEU F 177 21.55 -40.73 -25.91
CA LEU F 177 22.59 -40.21 -25.04
C LEU F 177 23.89 -39.96 -25.79
N PHE F 178 24.38 -40.99 -26.50
CA PHE F 178 25.66 -40.92 -27.18
C PHE F 178 25.74 -39.74 -28.15
N MET F 179 24.61 -39.40 -28.79
CA MET F 179 24.54 -38.31 -29.75
C MET F 179 24.78 -36.94 -29.11
N GLN F 180 24.64 -36.81 -27.79
CA GLN F 180 25.01 -35.56 -27.13
C GLN F 180 26.44 -35.15 -27.47
N LEU F 181 27.32 -36.12 -27.65
CA LEU F 181 28.75 -35.82 -27.70
C LEU F 181 29.09 -35.08 -28.98
N PRO F 182 29.81 -33.95 -28.89
CA PRO F 182 30.12 -33.16 -30.09
C PRO F 182 31.00 -33.90 -31.09
N TRP F 183 31.76 -34.88 -30.67
CA TRP F 183 32.64 -35.62 -31.55
C TRP F 183 32.15 -37.04 -31.75
N ARG F 184 30.83 -37.21 -31.70
CA ARG F 184 30.21 -38.51 -31.95
C ARG F 184 30.71 -39.15 -33.24
N THR F 185 30.84 -38.34 -34.30
CA THR F 185 31.23 -38.89 -35.60
C THR F 185 32.68 -39.35 -35.58
N GLU F 186 33.60 -38.52 -35.07
CA GLU F 186 35.03 -38.86 -35.06
C GLU F 186 35.34 -40.07 -34.19
N ILE F 187 34.58 -40.31 -33.11
CA ILE F 187 34.79 -41.48 -32.27
C ILE F 187 34.38 -42.76 -33.01
N THR F 188 33.17 -42.74 -33.60
CA THR F 188 32.71 -43.88 -34.38
C THR F 188 33.71 -44.23 -35.47
N ASP F 189 34.18 -43.24 -36.22
CA ASP F 189 35.20 -43.45 -37.24
C ASP F 189 36.44 -44.10 -36.63
N GLY F 190 36.86 -43.65 -35.44
CA GLY F 190 38.09 -44.15 -34.84
C GLY F 190 38.02 -45.63 -34.47
N LEU F 191 36.82 -46.12 -34.14
CA LEU F 191 36.62 -47.52 -33.80
C LEU F 191 36.56 -48.41 -35.05
N LEU F 192 36.05 -47.90 -36.17
CA LEU F 192 35.92 -48.67 -37.39
C LEU F 192 37.23 -48.86 -38.14
N GLY F 193 38.32 -48.23 -37.70
CA GLY F 193 39.65 -48.57 -38.19
C GLY F 193 40.11 -49.96 -37.82
N ALA F 194 39.35 -50.66 -36.98
CA ALA F 194 39.65 -52.01 -36.53
C ALA F 194 39.09 -53.06 -37.49
N ASP F 195 39.58 -54.29 -37.35
CA ASP F 195 39.00 -55.41 -38.06
C ASP F 195 37.86 -56.06 -37.29
N LEU F 196 37.89 -55.98 -35.95
CA LEU F 196 36.85 -56.51 -35.07
C LEU F 196 36.66 -55.56 -33.89
N VAL F 197 35.40 -55.21 -33.59
CA VAL F 197 35.04 -54.43 -32.40
C VAL F 197 34.23 -55.32 -31.48
N GLY F 198 34.73 -55.55 -30.27
CA GLY F 198 34.08 -56.42 -29.30
C GLY F 198 33.46 -55.64 -28.16
N PHE F 199 32.36 -56.18 -27.63
CA PHE F 199 31.66 -55.67 -26.45
C PHE F 199 31.39 -56.83 -25.49
N HIS F 200 30.98 -56.47 -24.26
CA HIS F 200 30.56 -57.50 -23.31
C HIS F 200 29.26 -58.17 -23.77
N LEU F 201 28.33 -57.39 -24.31
CA LEU F 201 26.96 -57.87 -24.44
C LEU F 201 26.40 -57.63 -25.84
N PRO F 202 25.48 -58.51 -26.31
CA PRO F 202 24.73 -58.22 -27.53
C PRO F 202 24.26 -56.77 -27.64
N GLY F 203 23.97 -56.13 -26.50
CA GLY F 203 23.42 -54.79 -26.52
C GLY F 203 24.35 -53.73 -27.07
N GLY F 204 25.53 -53.57 -26.44
CA GLY F 204 26.50 -52.62 -26.93
C GLY F 204 26.83 -52.83 -28.40
N ALA F 205 26.99 -54.09 -28.81
CA ALA F 205 27.33 -54.36 -30.20
C ALA F 205 26.22 -53.93 -31.15
N GLN F 206 24.96 -54.14 -30.75
CA GLN F 206 23.83 -53.71 -31.56
C GLN F 206 23.65 -52.20 -31.54
N ASN F 207 23.83 -51.57 -30.36
CA ASN F 207 23.86 -50.12 -30.26
C ASN F 207 24.87 -49.53 -31.24
N PHE F 208 26.04 -50.14 -31.31
CA PHE F 208 27.07 -49.72 -32.25
C PHE F 208 26.59 -49.83 -33.69
N LEU F 209 25.97 -50.96 -34.05
CA LEU F 209 25.54 -51.15 -35.43
C LEU F 209 24.56 -50.07 -35.87
N PHE F 210 23.61 -49.72 -35.01
CA PHE F 210 22.69 -48.64 -35.34
C PHE F 210 23.43 -47.36 -35.66
N LEU F 211 24.49 -47.08 -34.91
CA LEU F 211 25.12 -45.78 -34.97
C LEU F 211 26.14 -45.67 -36.10
N ALA F 212 26.59 -46.79 -36.65
CA ALA F 212 27.32 -46.71 -37.92
C ALA F 212 26.40 -46.33 -39.06
N ARG F 213 25.16 -46.81 -39.05
CA ARG F 213 24.19 -46.42 -40.07
C ARG F 213 23.83 -44.94 -39.94
N ARG F 214 23.44 -44.52 -38.73
CA ARG F 214 22.87 -43.18 -38.56
C ARG F 214 23.92 -42.09 -38.70
N LEU F 215 25.17 -42.38 -38.36
CA LEU F 215 26.17 -41.33 -38.22
C LEU F 215 27.26 -41.40 -39.28
N VAL F 216 27.66 -42.60 -39.69
CA VAL F 216 28.61 -42.77 -40.78
C VAL F 216 27.93 -43.22 -42.08
N GLY F 217 26.71 -43.73 -42.00
CA GLY F 217 25.98 -44.09 -43.20
C GLY F 217 26.46 -45.37 -43.84
N ALA F 218 27.18 -46.20 -43.11
CA ALA F 218 27.63 -47.46 -43.66
C ALA F 218 26.46 -48.42 -43.81
N ASN F 219 26.65 -49.41 -44.67
CA ASN F 219 25.73 -50.54 -44.74
C ASN F 219 26.08 -51.53 -43.63
N THR F 220 25.10 -51.85 -42.79
CA THR F 220 25.33 -52.72 -41.66
C THR F 220 24.29 -53.83 -41.64
N SER F 221 24.61 -54.91 -40.93
CA SER F 221 23.65 -55.97 -40.69
C SER F 221 22.49 -55.46 -39.86
N ARG F 222 21.29 -55.92 -40.18
CA ARG F 222 20.09 -55.52 -39.46
C ARG F 222 19.66 -56.53 -38.39
N ALA F 223 20.42 -57.62 -38.20
CA ALA F 223 20.02 -58.70 -37.29
C ALA F 223 20.60 -58.50 -35.89
N SER F 224 20.17 -59.38 -34.98
CA SER F 224 20.69 -59.36 -33.62
C SER F 224 22.04 -60.06 -33.58
N VAL F 225 22.78 -59.78 -32.52
CA VAL F 225 24.09 -60.36 -32.30
C VAL F 225 23.98 -61.45 -31.23
N GLY F 226 24.65 -62.57 -31.48
CA GLY F 226 24.73 -63.59 -30.46
C GLY F 226 25.88 -63.34 -29.50
N VAL F 227 25.85 -64.08 -28.39
CA VAL F 227 26.99 -64.15 -27.49
C VAL F 227 28.05 -65.03 -28.17
N ARG F 228 29.20 -64.43 -28.51
CA ARG F 228 30.30 -65.15 -29.13
C ARG F 228 29.86 -65.86 -30.40
N SER F 229 28.87 -65.31 -31.10
CA SER F 229 28.21 -65.94 -32.24
C SER F 229 27.31 -64.89 -32.88
N LYS F 230 26.73 -65.27 -34.02
CA LYS F 230 25.79 -64.40 -34.75
C LYS F 230 26.35 -63.00 -34.82
N PHE F 231 27.46 -62.86 -35.54
CA PHE F 231 28.20 -61.60 -35.58
C PHE F 231 27.47 -60.58 -36.45
N GLY F 232 27.75 -59.31 -36.17
CA GLY F 232 27.34 -58.23 -37.03
C GLY F 232 28.45 -57.83 -37.99
N GLU F 233 28.15 -56.84 -38.82
CA GLU F 233 29.05 -56.55 -39.93
C GLU F 233 28.85 -55.10 -40.35
N VAL F 234 29.96 -54.42 -40.69
CA VAL F 234 29.94 -53.04 -41.17
C VAL F 234 30.82 -52.95 -42.41
N GLN F 235 30.25 -52.42 -43.50
CA GLN F 235 30.97 -52.20 -44.76
C GLN F 235 31.40 -50.74 -44.91
N SER F 238 33.82 -50.54 -48.36
CA SER F 238 34.95 -51.26 -48.95
C SER F 238 35.46 -52.36 -48.04
N ARG F 239 36.01 -51.97 -46.89
CA ARG F 239 36.42 -52.98 -45.92
C ARG F 239 35.19 -53.60 -45.29
N THR F 240 35.41 -54.63 -44.49
CA THR F 240 34.36 -55.22 -43.68
C THR F 240 34.83 -55.31 -42.25
N VAL F 241 34.05 -54.74 -41.33
CA VAL F 241 34.36 -54.72 -39.90
C VAL F 241 33.46 -55.73 -39.21
N LYS F 242 34.07 -56.69 -38.51
CA LYS F 242 33.33 -57.68 -37.75
C LYS F 242 32.98 -57.13 -36.36
N VAL F 243 31.80 -57.49 -35.88
CA VAL F 243 31.25 -57.02 -34.60
C VAL F 243 30.72 -58.22 -33.83
N GLY F 244 30.86 -58.20 -32.50
CA GLY F 244 30.29 -59.24 -31.67
C GLY F 244 30.40 -58.93 -30.18
N ALA F 245 29.91 -59.88 -29.38
CA ALA F 245 29.86 -59.77 -27.92
C ALA F 245 30.67 -60.89 -27.28
N PHE F 246 31.55 -60.52 -26.35
CA PHE F 246 32.43 -61.46 -25.65
C PHE F 246 32.46 -61.04 -24.19
N PRO F 247 31.66 -61.67 -23.33
CA PRO F 247 31.61 -61.23 -21.91
C PRO F 247 32.90 -61.61 -21.20
N ILE F 248 33.66 -60.60 -20.78
CA ILE F 248 34.90 -60.86 -20.07
C ILE F 248 34.61 -61.68 -18.81
N SER F 249 35.64 -62.29 -18.25
CA SER F 249 35.51 -63.10 -17.05
C SER F 249 36.89 -63.22 -16.38
N ILE F 250 36.96 -64.09 -15.37
CA ILE F 250 38.14 -64.25 -14.53
C ILE F 250 38.80 -65.58 -14.81
N ASP F 251 40.01 -65.75 -14.29
CA ASP F 251 40.62 -67.08 -14.27
C ASP F 251 39.96 -67.84 -13.13
N SER F 252 38.85 -68.50 -13.48
CA SER F 252 37.99 -69.09 -12.47
C SER F 252 38.69 -70.19 -11.71
N ALA F 253 39.43 -71.05 -12.41
CA ALA F 253 40.00 -72.22 -11.77
C ALA F 253 41.17 -71.85 -10.85
N ASP F 254 41.85 -70.74 -11.13
CA ASP F 254 43.00 -70.35 -10.34
C ASP F 254 42.59 -69.74 -9.00
N LEU F 255 41.56 -68.89 -9.01
CA LEU F 255 41.11 -68.27 -7.77
C LEU F 255 40.40 -69.26 -6.86
N ASP F 256 39.57 -70.13 -7.45
CA ASP F 256 38.90 -71.18 -6.69
C ASP F 256 39.90 -72.01 -5.90
N ARG F 257 40.91 -72.52 -6.60
CA ARG F 257 42.00 -73.25 -5.95
C ARG F 257 42.71 -72.38 -4.91
N GLN F 258 42.98 -71.12 -5.24
CA GLN F 258 43.64 -70.21 -4.31
C GLN F 258 42.81 -70.05 -3.04
N ALA F 259 41.48 -69.99 -3.17
CA ALA F 259 40.63 -69.75 -2.02
C ALA F 259 40.52 -70.96 -1.10
N ARG F 260 40.93 -72.14 -1.55
CA ARG F 260 40.82 -73.34 -0.71
C ARG F 260 42.01 -73.53 0.21
N GLN F 261 43.01 -72.65 0.14
CA GLN F 261 44.17 -72.83 0.98
C GLN F 261 43.79 -72.64 2.44
N ARG F 262 44.45 -73.42 3.30
CA ARG F 262 44.15 -73.45 4.72
C ARG F 262 44.47 -72.11 5.38
N SER F 263 45.51 -71.43 4.90
CA SER F 263 45.89 -70.13 5.44
C SER F 263 44.82 -69.08 5.25
N ILE F 264 44.06 -69.16 4.16
CA ILE F 264 42.97 -68.21 3.92
C ILE F 264 41.82 -68.50 4.86
N ARG F 265 41.51 -69.78 5.04
CA ARG F 265 40.37 -70.16 5.87
C ARG F 265 40.65 -69.92 7.35
N GLN F 266 41.91 -70.00 7.78
CA GLN F 266 42.25 -69.57 9.14
C GLN F 266 42.15 -68.05 9.27
N ARG F 267 42.54 -67.34 8.22
CA ARG F 267 42.43 -65.90 8.19
C ARG F 267 40.99 -65.43 8.19
N ALA F 268 40.12 -66.15 7.48
CA ALA F 268 38.69 -65.82 7.48
C ALA F 268 38.06 -66.03 8.85
N ARG F 269 38.58 -66.97 9.63
CA ARG F 269 38.10 -67.15 11.00
C ARG F 269 38.55 -66.00 11.89
N GLN F 270 39.85 -65.68 11.86
CA GLN F 270 40.39 -64.57 12.64
C GLN F 270 39.70 -63.26 12.31
N ILE F 271 39.29 -63.11 11.05
CA ILE F 271 38.58 -61.91 10.64
C ILE F 271 37.27 -61.77 11.39
N ARG F 272 36.47 -62.84 11.42
CA ARG F 272 35.19 -62.80 12.11
C ARG F 272 35.39 -62.70 13.62
N ALA F 273 36.45 -63.33 14.12
CA ALA F 273 36.81 -63.18 15.52
C ALA F 273 37.12 -61.73 15.86
N GLU F 274 37.98 -61.10 15.07
CA GLU F 274 38.34 -59.69 15.28
C GLU F 274 37.14 -58.75 15.15
N LEU F 275 36.02 -59.20 14.60
CA LEU F 275 34.81 -58.41 14.49
C LEU F 275 33.84 -58.68 15.63
N GLY F 276 34.28 -59.37 16.68
CA GLY F 276 33.39 -59.64 17.80
C GLY F 276 32.45 -60.80 17.57
N ASN F 277 32.78 -61.68 16.63
CA ASN F 277 32.00 -62.87 16.28
C ASN F 277 30.59 -62.51 15.84
N PRO F 278 30.42 -61.78 14.74
CA PRO F 278 29.07 -61.54 14.25
C PRO F 278 28.46 -62.83 13.75
N ARG F 279 27.13 -62.90 13.86
CA ARG F 279 26.39 -64.00 13.26
C ARG F 279 26.40 -63.91 11.73
N ARG F 280 26.28 -62.69 11.18
CA ARG F 280 26.22 -62.42 9.74
C ARG F 280 27.17 -61.29 9.39
N ILE F 281 27.86 -61.45 8.26
CA ILE F 281 28.81 -60.46 7.74
C ILE F 281 28.40 -60.12 6.31
N LEU F 282 28.16 -58.83 6.04
CA LEU F 282 27.91 -58.34 4.69
C LEU F 282 29.13 -57.60 4.16
N LEU F 283 29.48 -57.83 2.89
CA LEU F 283 30.71 -57.32 2.31
C LEU F 283 30.46 -56.51 1.04
N GLY F 284 31.12 -55.36 0.94
CA GLY F 284 31.25 -54.62 -0.31
C GLY F 284 32.71 -54.44 -0.66
N VAL F 285 33.03 -54.55 -1.95
CA VAL F 285 34.39 -54.44 -2.48
C VAL F 285 34.30 -53.72 -3.82
N ASP F 286 34.77 -52.46 -3.90
CA ASP F 286 34.74 -51.75 -5.18
C ASP F 286 35.81 -50.65 -5.20
N ARG F 287 36.06 -50.14 -6.42
CA ARG F 287 36.61 -48.79 -6.57
C ARG F 287 35.58 -47.80 -6.09
N LEU F 288 36.05 -46.73 -5.47
CA LEU F 288 35.15 -45.68 -4.99
C LEU F 288 34.72 -44.85 -6.19
N ASP F 289 33.61 -45.27 -6.81
CA ASP F 289 33.13 -44.74 -8.08
C ASP F 289 31.61 -44.64 -7.95
N TYR F 290 31.04 -43.55 -8.49
CA TYR F 290 29.62 -43.30 -8.38
C TYR F 290 28.76 -44.23 -9.22
N THR F 291 29.38 -45.13 -10.01
CA THR F 291 28.65 -46.19 -10.69
C THR F 291 28.35 -47.37 -9.78
N LYS F 292 29.09 -47.52 -8.68
CA LYS F 292 29.09 -48.75 -7.92
C LYS F 292 27.89 -48.91 -6.99
N GLY F 293 27.12 -47.87 -6.75
CA GLY F 293 25.98 -48.02 -5.86
C GLY F 293 26.36 -48.28 -4.42
N ILE F 294 27.53 -47.79 -3.99
CA ILE F 294 27.92 -47.93 -2.59
C ILE F 294 26.98 -47.10 -1.70
N ASP F 295 26.60 -45.91 -2.15
CA ASP F 295 25.61 -45.09 -1.46
C ASP F 295 24.28 -45.83 -1.27
N VAL F 296 23.90 -46.68 -2.23
CA VAL F 296 22.62 -47.39 -2.15
C VAL F 296 22.66 -48.47 -1.09
N ARG F 297 23.78 -49.19 -0.96
CA ARG F 297 23.84 -50.26 0.03
C ARG F 297 23.96 -49.71 1.45
N LEU F 298 24.40 -48.46 1.60
CA LEU F 298 24.43 -47.88 2.94
C LEU F 298 23.07 -47.37 3.36
N GLN F 299 22.31 -46.79 2.42
CA GLN F 299 20.96 -46.36 2.75
C GLN F 299 20.09 -47.56 3.10
N ALA F 300 20.16 -48.63 2.30
CA ALA F 300 19.40 -49.85 2.60
C ALA F 300 19.76 -50.41 3.97
N PHE F 301 21.05 -50.48 4.28
CA PHE F 301 21.48 -50.99 5.57
C PHE F 301 20.96 -50.14 6.72
N ALA F 302 21.13 -48.82 6.60
CA ALA F 302 20.77 -47.93 7.70
C ALA F 302 19.29 -48.02 8.02
N GLU F 303 18.45 -48.10 6.98
CA GLU F 303 17.00 -48.11 7.18
C GLU F 303 16.52 -49.45 7.71
N LEU F 304 17.20 -50.53 7.34
CA LEU F 304 16.88 -51.84 7.91
C LEU F 304 17.13 -51.86 9.41
N LEU F 305 18.19 -51.18 9.85
CA LEU F 305 18.47 -51.06 11.27
C LEU F 305 17.45 -50.13 11.94
N ALA F 306 17.09 -49.05 11.28
CA ALA F 306 16.08 -48.15 11.84
C ALA F 306 14.75 -48.85 12.03
N GLU F 307 14.41 -49.82 11.17
CA GLU F 307 13.14 -50.52 11.26
C GLU F 307 13.20 -51.77 12.16
N GLY F 308 14.34 -52.00 12.81
CA GLY F 308 14.46 -53.19 13.62
C GLY F 308 14.45 -54.48 12.82
N ARG F 309 14.62 -54.44 11.51
CA ARG F 309 14.62 -55.66 10.73
C ARG F 309 15.96 -56.37 10.73
N VAL F 310 17.03 -55.70 11.17
CA VAL F 310 18.37 -56.26 11.25
C VAL F 310 18.91 -56.00 12.65
N ASN F 311 19.47 -57.04 13.28
CA ASN F 311 19.94 -56.99 14.66
C ASN F 311 21.27 -56.28 14.70
N ARG F 312 21.31 -55.11 15.35
CA ARG F 312 22.50 -54.28 15.43
C ARG F 312 23.58 -54.89 16.31
N GLU F 313 23.29 -55.97 17.04
CA GLU F 313 24.30 -56.56 17.89
C GLU F 313 25.08 -57.70 17.25
N ASP F 314 24.50 -58.41 16.26
CA ASP F 314 25.15 -59.60 15.71
C ASP F 314 25.35 -59.59 14.20
N THR F 315 24.84 -58.57 13.51
CA THR F 315 25.05 -58.36 12.07
C THR F 315 25.98 -57.17 11.86
N VAL F 316 26.90 -57.27 10.90
CA VAL F 316 27.86 -56.20 10.64
C VAL F 316 28.15 -56.12 9.14
N PHE F 317 28.52 -54.93 8.68
CA PHE F 317 28.74 -54.65 7.25
C PHE F 317 30.12 -54.03 7.09
N VAL F 318 30.95 -54.65 6.24
CA VAL F 318 32.29 -54.15 5.93
C VAL F 318 32.30 -53.64 4.50
N GLN F 319 32.94 -52.49 4.26
CA GLN F 319 33.10 -51.93 2.93
C GLN F 319 34.58 -51.66 2.68
N LEU F 320 35.11 -52.28 1.60
CA LEU F 320 36.49 -52.07 1.17
C LEU F 320 36.51 -51.30 -0.15
N ALA F 321 36.90 -50.02 -0.08
CA ALA F 321 36.83 -49.09 -1.21
C ALA F 321 38.22 -48.62 -1.59
N THR F 322 38.59 -48.81 -2.85
CA THR F 322 39.88 -48.35 -3.40
C THR F 322 39.79 -46.91 -3.86
N PRO F 323 40.67 -46.02 -3.42
CA PRO F 323 40.69 -44.66 -3.98
C PRO F 323 40.79 -44.67 -5.50
N SER F 324 39.99 -43.83 -6.16
CA SER F 324 40.00 -43.78 -7.63
C SER F 324 39.73 -42.37 -8.13
N ARG F 325 40.59 -41.88 -9.02
CA ARG F 325 40.34 -40.66 -9.82
C ARG F 325 39.98 -39.46 -8.94
N GLU F 326 40.75 -39.27 -7.86
CA GLU F 326 40.34 -38.36 -6.78
C GLU F 326 40.44 -36.89 -7.15
N ARG F 327 41.26 -36.52 -8.14
CA ARG F 327 41.32 -35.13 -8.55
C ARG F 327 40.25 -34.76 -9.55
N VAL F 328 39.41 -35.70 -9.92
CA VAL F 328 38.17 -35.41 -10.62
C VAL F 328 37.13 -35.04 -9.57
N GLU F 329 36.53 -33.87 -9.71
CA GLU F 329 35.76 -33.32 -8.62
C GLU F 329 34.47 -34.12 -8.36
N ALA F 330 33.91 -34.79 -9.38
CA ALA F 330 32.73 -35.62 -9.15
C ALA F 330 33.05 -36.79 -8.24
N TYR F 331 34.28 -37.28 -8.31
CA TYR F 331 34.72 -38.36 -7.44
C TYR F 331 34.97 -37.88 -6.01
N ARG F 332 35.32 -36.60 -5.82
CA ARG F 332 35.56 -36.08 -4.47
C ARG F 332 34.27 -35.76 -3.72
N LEU F 333 33.20 -35.39 -4.44
CA LEU F 333 31.92 -35.17 -3.78
C LEU F 333 31.25 -36.47 -3.38
N LEU F 334 31.55 -37.57 -4.07
CA LEU F 334 30.92 -38.83 -3.69
C LEU F 334 31.57 -39.40 -2.43
N ARG F 335 32.91 -39.38 -2.38
CA ARG F 335 33.64 -39.70 -1.16
C ARG F 335 33.04 -39.02 0.06
N ASP F 336 32.83 -37.71 -0.03
CA ASP F 336 32.28 -36.93 1.08
C ASP F 336 30.93 -37.47 1.53
N ASP F 337 30.11 -37.92 0.58
CA ASP F 337 28.78 -38.43 0.92
C ASP F 337 28.84 -39.84 1.47
N ILE F 338 29.70 -40.69 0.90
CA ILE F 338 29.92 -42.01 1.47
C ILE F 338 30.43 -41.88 2.91
N GLU F 339 31.54 -41.14 3.08
CA GLU F 339 32.11 -40.91 4.40
C GLU F 339 31.08 -40.37 5.37
N ARG F 340 30.19 -39.48 4.92
CA ARG F 340 29.16 -38.96 5.80
C ARG F 340 28.18 -40.05 6.22
N GLN F 341 27.79 -40.91 5.29
CA GLN F 341 26.87 -41.98 5.64
C GLN F 341 27.47 -42.90 6.70
N VAL F 342 28.79 -43.12 6.68
CA VAL F 342 29.40 -44.10 7.58
C VAL F 342 29.42 -43.59 9.01
N GLY F 343 29.97 -42.39 9.23
CA GLY F 343 29.95 -41.81 10.56
C GLY F 343 28.54 -41.60 11.09
N HIS F 344 27.56 -41.54 10.20
CA HIS F 344 26.18 -41.27 10.64
C HIS F 344 25.50 -42.54 11.15
N ILE F 345 25.67 -43.66 10.41
CA ILE F 345 25.08 -44.92 10.84
C ILE F 345 25.77 -45.45 12.08
N ASN F 346 27.08 -45.24 12.19
CA ASN F 346 27.82 -45.72 13.34
C ASN F 346 27.45 -44.94 14.59
N GLY F 347 27.33 -43.63 14.49
CA GLY F 347 26.85 -42.86 15.64
C GLY F 347 25.42 -43.19 16.05
N GLU F 348 24.63 -43.78 15.18
CA GLU F 348 23.24 -44.05 15.45
C GLU F 348 23.04 -45.42 16.10
N TYR F 349 23.75 -46.45 15.63
CA TYR F 349 23.56 -47.82 16.11
C TYR F 349 24.82 -48.50 16.66
N GLY F 350 26.01 -47.97 16.40
CA GLY F 350 27.22 -48.53 16.99
C GLY F 350 27.24 -48.35 18.49
N GLU F 351 28.14 -49.09 19.14
CA GLU F 351 28.50 -48.91 20.54
C GLU F 351 30.00 -48.70 20.63
N VAL F 352 30.46 -47.99 21.66
CA VAL F 352 31.90 -47.77 21.81
C VAL F 352 32.60 -49.11 21.81
N GLY F 353 33.54 -49.28 20.88
CA GLY F 353 34.20 -50.55 20.69
C GLY F 353 33.50 -51.49 19.73
N HIS F 354 32.41 -51.06 19.09
CA HIS F 354 31.64 -51.93 18.23
C HIS F 354 30.86 -51.16 17.16
N PRO F 355 31.48 -50.83 16.02
CA PRO F 355 30.72 -50.24 14.90
C PRO F 355 29.78 -51.27 14.27
N VAL F 356 28.82 -50.77 13.48
CA VAL F 356 28.04 -51.66 12.61
C VAL F 356 28.47 -51.57 11.17
N VAL F 357 29.38 -50.66 10.85
CA VAL F 357 29.91 -50.46 9.51
C VAL F 357 31.41 -50.29 9.64
N HIS F 358 32.17 -51.15 8.97
CA HIS F 358 33.61 -50.95 8.84
C HIS F 358 33.95 -50.63 7.39
N TYR F 359 34.78 -49.61 7.24
CA TYR F 359 35.00 -48.96 5.96
C TYR F 359 36.49 -48.68 5.80
N LEU F 360 37.08 -49.17 4.70
CA LEU F 360 38.52 -49.08 4.45
C LEU F 360 38.79 -48.43 3.09
N HIS F 361 39.51 -47.32 3.10
CA HIS F 361 39.77 -46.53 1.90
C HIS F 361 41.20 -46.74 1.42
N ARG F 362 41.47 -47.98 1.01
CA ARG F 362 42.80 -48.44 0.57
C ARG F 362 42.66 -49.81 -0.10
N PRO F 363 43.55 -50.18 -0.99
CA PRO F 363 43.43 -51.50 -1.60
C PRO F 363 44.01 -52.53 -0.66
N VAL F 364 43.39 -53.69 -0.69
CA VAL F 364 43.75 -54.75 0.26
C VAL F 364 44.59 -55.77 -0.48
N PRO F 365 45.57 -56.40 0.18
CA PRO F 365 46.33 -57.45 -0.49
C PRO F 365 45.41 -58.58 -0.91
N ARG F 366 45.86 -59.28 -1.95
CA ARG F 366 45.00 -60.22 -2.66
C ARG F 366 44.56 -61.38 -1.76
N GLU F 367 45.54 -62.02 -1.09
CA GLU F 367 45.22 -63.10 -0.15
C GLU F 367 44.29 -62.62 0.96
N GLU F 368 44.45 -61.36 1.37
CA GLU F 368 43.58 -60.79 2.39
C GLU F 368 42.18 -60.52 1.84
N LEU F 369 42.09 -60.08 0.58
CA LEU F 369 40.79 -59.91 -0.06
C LEU F 369 40.04 -61.23 -0.15
N ILE F 370 40.73 -62.28 -0.60
CA ILE F 370 40.15 -63.61 -0.75
C ILE F 370 39.61 -64.10 0.60
N ALA F 371 40.37 -63.88 1.68
CA ALA F 371 39.92 -64.19 3.03
C ALA F 371 38.58 -63.53 3.35
N PHE F 372 38.44 -62.27 3.00
CA PHE F 372 37.18 -61.58 3.21
C PHE F 372 36.06 -62.20 2.39
N PHE F 373 36.34 -62.56 1.13
CA PHE F 373 35.39 -63.30 0.29
C PHE F 373 34.89 -64.58 0.98
N VAL F 374 35.76 -65.27 1.70
CA VAL F 374 35.37 -66.52 2.35
C VAL F 374 34.57 -66.25 3.62
N ALA F 375 34.89 -65.18 4.36
CA ALA F 375 34.19 -64.90 5.62
C ALA F 375 32.78 -64.35 5.43
N ALA F 376 32.44 -63.86 4.23
CA ALA F 376 31.25 -63.06 4.01
C ALA F 376 30.00 -63.92 3.77
N ASP F 377 28.99 -63.72 4.62
CA ASP F 377 27.71 -64.42 4.50
C ASP F 377 26.85 -63.85 3.39
N VAL F 378 27.08 -62.59 3.02
CA VAL F 378 26.34 -61.94 1.94
C VAL F 378 27.30 -60.99 1.23
N MET F 379 27.44 -61.15 -0.08
CA MET F 379 28.20 -60.24 -0.92
C MET F 379 27.24 -59.25 -1.55
N LEU F 380 27.53 -57.96 -1.44
CA LEU F 380 26.64 -56.91 -1.93
C LEU F 380 27.28 -56.18 -3.11
N VAL F 381 26.73 -56.42 -4.30
CA VAL F 381 27.22 -55.85 -5.54
C VAL F 381 26.07 -55.13 -6.22
N THR F 382 25.82 -53.87 -5.81
CA THR F 382 24.63 -53.16 -6.25
C THR F 382 24.88 -51.98 -7.18
N PRO F 383 25.75 -52.09 -8.19
CA PRO F 383 26.04 -50.92 -9.04
C PRO F 383 24.80 -50.36 -9.70
N LEU F 384 24.88 -49.09 -10.10
CA LEU F 384 23.83 -48.49 -10.90
C LEU F 384 24.03 -48.69 -12.38
N ARG F 385 25.27 -48.93 -12.81
CA ARG F 385 25.60 -49.40 -14.16
C ARG F 385 27.05 -49.86 -14.20
N ASP F 386 27.29 -51.03 -14.78
CA ASP F 386 28.61 -51.61 -14.81
C ASP F 386 28.73 -52.37 -16.12
N GLY F 387 29.86 -52.20 -16.82
CA GLY F 387 30.10 -52.99 -18.01
C GLY F 387 29.97 -54.48 -17.73
N MET F 388 30.69 -54.97 -16.73
CA MET F 388 30.61 -56.37 -16.31
C MET F 388 30.41 -56.51 -14.81
N ASN F 389 31.47 -56.18 -14.07
CA ASN F 389 31.68 -56.41 -12.64
C ASN F 389 32.29 -57.79 -12.38
N LEU F 390 33.55 -57.82 -11.94
CA LEU F 390 34.26 -59.07 -11.72
C LEU F 390 34.27 -59.50 -10.26
N VAL F 391 34.00 -58.58 -9.33
CA VAL F 391 33.86 -58.94 -7.92
C VAL F 391 32.78 -59.99 -7.74
N ALA F 392 31.64 -59.83 -8.44
CA ALA F 392 30.55 -60.80 -8.41
C ALA F 392 31.02 -62.22 -8.66
N LYS F 393 31.98 -62.38 -9.58
CA LYS F 393 32.48 -63.67 -10.03
C LYS F 393 33.63 -64.19 -9.20
N GLU F 394 34.47 -63.30 -8.66
CA GLU F 394 35.49 -63.76 -7.74
C GLU F 394 34.86 -64.27 -6.46
N TYR F 395 33.82 -63.58 -5.98
CA TYR F 395 33.11 -64.09 -4.81
C TYR F 395 32.60 -65.52 -5.08
N VAL F 396 31.86 -65.69 -6.17
CA VAL F 396 31.33 -67.00 -6.56
C VAL F 396 32.45 -68.03 -6.68
N ALA F 397 33.59 -67.64 -7.29
CA ALA F 397 34.70 -68.56 -7.48
C ALA F 397 35.38 -68.98 -6.19
N CYS F 398 35.30 -68.16 -5.13
CA CYS F 398 36.00 -68.49 -3.89
C CYS F 398 35.22 -69.44 -3.00
N ARG F 399 33.92 -69.52 -3.19
CA ARG F 399 33.04 -70.26 -2.28
C ARG F 399 32.88 -71.71 -2.72
N SER F 400 34.01 -72.39 -2.87
CA SER F 400 33.99 -73.84 -3.12
C SER F 400 33.33 -74.60 -1.98
N ASP F 401 33.03 -73.94 -0.89
CA ASP F 401 32.29 -74.56 0.19
C ASP F 401 30.80 -74.47 0.00
N LEU F 402 30.34 -73.67 -0.96
CA LEU F 402 28.93 -73.51 -1.33
C LEU F 402 28.11 -72.79 -0.26
N GLY F 403 28.76 -72.12 0.68
CA GLY F 403 28.07 -71.17 1.54
C GLY F 403 27.97 -69.82 0.88
N GLY F 404 27.38 -68.87 1.59
CA GLY F 404 27.31 -67.51 1.12
C GLY F 404 26.11 -67.23 0.22
N ALA F 405 25.98 -65.95 -0.12
CA ALA F 405 24.91 -65.47 -0.98
C ALA F 405 25.35 -64.20 -1.70
N LEU F 406 24.87 -64.02 -2.92
CA LEU F 406 25.25 -62.87 -3.73
C LEU F 406 24.00 -62.06 -4.09
N VAL F 407 23.91 -60.84 -3.58
CA VAL F 407 22.89 -59.89 -4.02
C VAL F 407 23.48 -59.06 -5.16
N LEU F 408 22.83 -59.08 -6.33
CA LEU F 408 23.44 -58.57 -7.56
C LEU F 408 22.49 -57.64 -8.29
N SER F 409 22.92 -56.39 -8.51
CA SER F 409 22.13 -55.48 -9.34
C SER F 409 21.96 -56.04 -10.74
N GLU F 410 20.80 -55.79 -11.34
CA GLU F 410 20.54 -56.19 -12.71
C GLU F 410 21.17 -55.24 -13.73
N PHE F 411 21.79 -54.14 -13.28
CA PHE F 411 22.45 -53.18 -14.17
C PHE F 411 23.95 -53.44 -14.28
N THR F 412 24.39 -54.67 -14.01
CA THR F 412 25.72 -55.13 -14.34
C THR F 412 25.65 -56.14 -15.49
N GLY F 413 26.69 -56.16 -16.32
CA GLY F 413 26.78 -57.18 -17.34
C GLY F 413 26.80 -58.59 -16.78
N ALA F 414 27.16 -58.74 -15.49
CA ALA F 414 27.24 -60.08 -14.92
C ALA F 414 25.88 -60.70 -14.70
N ALA F 415 24.85 -59.87 -14.42
CA ALA F 415 23.51 -60.40 -14.19
C ALA F 415 23.01 -61.25 -15.36
N ALA F 416 23.50 -61.00 -16.57
CA ALA F 416 23.13 -61.82 -17.71
C ALA F 416 23.68 -63.24 -17.60
N GLU F 417 24.78 -63.44 -16.88
CA GLU F 417 25.34 -64.77 -16.67
C GLU F 417 25.00 -65.38 -15.31
N LEU F 418 24.72 -64.54 -14.31
CA LEU F 418 24.55 -64.97 -12.93
C LEU F 418 23.10 -64.83 -12.51
N GLY F 419 22.17 -65.40 -13.29
CA GLY F 419 20.76 -65.20 -13.01
C GLY F 419 20.29 -65.80 -11.70
N GLN F 420 21.01 -66.80 -11.19
CA GLN F 420 20.67 -67.47 -9.95
C GLN F 420 21.00 -66.64 -8.71
N ALA F 421 21.70 -65.52 -8.87
CA ALA F 421 21.94 -64.63 -7.74
C ALA F 421 20.62 -63.96 -7.33
N TYR F 422 20.65 -63.22 -6.21
CA TYR F 422 19.46 -62.44 -5.83
C TYR F 422 19.49 -61.12 -6.58
N LEU F 423 18.74 -61.06 -7.68
CA LEU F 423 18.74 -59.87 -8.53
C LEU F 423 17.89 -58.77 -7.92
N VAL F 424 18.42 -57.52 -7.95
CA VAL F 424 17.69 -56.36 -7.46
C VAL F 424 17.75 -55.26 -8.50
N ASN F 425 16.74 -54.39 -8.48
CA ASN F 425 16.83 -53.11 -9.17
C ASN F 425 17.31 -52.10 -8.15
N PRO F 426 18.54 -51.56 -8.29
CA PRO F 426 19.11 -50.68 -7.24
C PRO F 426 18.27 -49.45 -6.92
N HIS F 427 17.48 -48.95 -7.88
CA HIS F 427 16.60 -47.81 -7.66
C HIS F 427 15.35 -48.17 -6.89
N ASN F 428 15.06 -49.47 -6.72
CA ASN F 428 13.90 -49.93 -5.94
C ASN F 428 14.43 -50.25 -4.55
N LEU F 429 14.52 -49.22 -3.71
CA LEU F 429 15.15 -49.39 -2.41
C LEU F 429 14.38 -50.38 -1.53
N ASP F 430 13.04 -50.34 -1.58
CA ASP F 430 12.24 -51.30 -0.83
C ASP F 430 12.62 -52.73 -1.18
N HIS F 431 12.75 -53.02 -2.47
CA HIS F 431 13.07 -54.38 -2.86
C HIS F 431 14.53 -54.70 -2.61
N VAL F 432 15.41 -53.70 -2.65
CA VAL F 432 16.78 -53.93 -2.20
C VAL F 432 16.77 -54.42 -0.75
N LYS F 433 16.14 -53.64 0.13
CA LYS F 433 16.05 -54.00 1.55
C LYS F 433 15.39 -55.36 1.75
N ASP F 434 14.23 -55.59 1.11
CA ASP F 434 13.57 -56.90 1.17
C ASP F 434 14.51 -58.05 0.80
N THR F 435 15.27 -57.88 -0.29
CA THR F 435 16.20 -58.91 -0.73
C THR F 435 17.36 -59.11 0.25
N MET F 436 17.90 -58.03 0.82
CA MET F 436 18.97 -58.16 1.81
C MET F 436 18.52 -58.98 3.02
N VAL F 437 17.28 -58.78 3.49
CA VAL F 437 16.82 -59.55 4.64
C VAL F 437 16.70 -61.02 4.27
N ALA F 438 16.22 -61.32 3.06
CA ALA F 438 16.02 -62.70 2.65
C ALA F 438 17.33 -63.44 2.50
N ALA F 439 18.35 -62.79 1.93
CA ALA F 439 19.68 -63.40 1.83
C ALA F 439 20.33 -63.57 3.19
N LEU F 440 20.10 -62.64 4.13
CA LEU F 440 20.69 -62.79 5.47
C LEU F 440 20.13 -63.98 6.22
N ASN F 441 18.98 -64.50 5.81
CA ASN F 441 18.24 -65.50 6.58
C ASN F 441 17.94 -66.76 5.77
N GLN F 442 18.57 -66.94 4.62
CA GLN F 442 18.24 -68.05 3.75
C GLN F 442 18.47 -69.40 4.43
N THR F 443 17.74 -70.41 3.97
CA THR F 443 18.07 -71.76 4.37
C THR F 443 19.42 -72.14 3.77
N PRO F 444 20.20 -72.98 4.46
CA PRO F 444 21.41 -73.53 3.85
C PRO F 444 21.16 -74.17 2.50
N GLU F 445 19.98 -74.77 2.32
CA GLU F 445 19.65 -75.50 1.10
C GLU F 445 19.44 -74.56 -0.07
N GLU F 446 18.83 -73.40 0.17
CA GLU F 446 18.67 -72.39 -0.86
C GLU F 446 20.02 -71.80 -1.26
N GLY F 447 20.84 -71.43 -0.28
CA GLY F 447 22.17 -70.91 -0.57
C GLY F 447 23.04 -71.88 -1.37
N ARG F 448 23.04 -73.16 -0.99
CA ARG F 448 23.79 -74.16 -1.75
C ARG F 448 23.30 -74.27 -3.19
N ARG F 449 21.99 -74.33 -3.38
CA ARG F 449 21.42 -74.52 -4.71
C ARG F 449 21.73 -73.34 -5.63
N ARG F 450 21.74 -72.13 -5.08
CA ARG F 450 22.06 -70.94 -5.88
C ARG F 450 23.55 -70.87 -6.19
N MET F 451 24.38 -71.11 -5.17
CA MET F 451 25.83 -71.00 -5.30
C MET F 451 26.38 -72.04 -6.28
N ARG F 452 25.94 -73.29 -6.16
CA ARG F 452 26.44 -74.33 -7.06
C ARG F 452 26.11 -74.01 -8.52
N ALA F 453 24.93 -73.44 -8.77
CA ALA F 453 24.57 -73.08 -10.13
C ALA F 453 25.40 -71.91 -10.63
N LEU F 454 25.72 -70.96 -9.75
CA LEU F 454 26.55 -69.82 -10.15
C LEU F 454 27.97 -70.26 -10.46
N ARG F 455 28.46 -71.24 -9.70
CA ARG F 455 29.82 -71.76 -9.86
C ARG F 455 30.00 -72.62 -11.10
N ARG F 456 28.99 -73.40 -11.47
CA ARG F 456 29.08 -74.11 -12.73
C ARG F 456 29.24 -73.15 -13.90
N GLN F 457 28.68 -71.95 -13.79
CA GLN F 457 28.79 -70.98 -14.88
C GLN F 457 30.16 -70.31 -14.90
N VAL F 458 30.61 -69.84 -13.74
CA VAL F 458 31.83 -69.04 -13.69
C VAL F 458 33.05 -69.90 -14.04
N LEU F 459 33.07 -71.15 -13.60
CA LEU F 459 34.19 -72.04 -13.91
C LEU F 459 34.15 -72.54 -15.34
N ALA F 460 32.96 -72.67 -15.92
CA ALA F 460 32.84 -73.05 -17.32
C ALA F 460 33.16 -71.89 -18.25
N HIS F 461 32.89 -70.66 -17.81
CA HIS F 461 33.01 -69.47 -18.66
C HIS F 461 33.98 -68.51 -18.00
N ASP F 462 35.28 -68.66 -18.32
CA ASP F 462 36.38 -67.99 -17.66
C ASP F 462 37.12 -67.09 -18.65
N VAL F 463 38.30 -66.60 -18.24
CA VAL F 463 39.02 -65.64 -19.07
C VAL F 463 39.67 -66.32 -20.27
N ASP F 464 40.11 -67.57 -20.14
CA ASP F 464 40.67 -68.29 -21.29
C ASP F 464 39.61 -68.54 -22.34
N LEU F 465 38.37 -68.81 -21.93
CA LEU F 465 37.27 -68.92 -22.88
C LEU F 465 37.04 -67.59 -23.59
N TRP F 466 36.96 -66.51 -22.82
CA TRP F 466 36.66 -65.20 -23.39
C TRP F 466 37.68 -64.78 -24.45
N ALA F 467 38.97 -64.90 -24.13
CA ALA F 467 40.00 -64.40 -25.03
C ALA F 467 40.12 -65.24 -26.30
N ARG F 468 40.07 -66.57 -26.16
CA ARG F 468 40.19 -67.43 -27.33
C ARG F 468 39.10 -67.11 -28.36
N SER F 469 37.90 -66.76 -27.87
CA SER F 469 36.81 -66.44 -28.79
C SER F 469 37.08 -65.14 -29.55
N PHE F 470 37.57 -64.12 -28.85
CA PHE F 470 37.89 -62.84 -29.49
C PHE F 470 38.95 -63.02 -30.58
N LEU F 471 40.00 -63.80 -30.29
CA LEU F 471 41.15 -63.92 -31.19
C LEU F 471 40.93 -64.87 -32.36
N ASP F 472 39.99 -65.81 -32.23
CA ASP F 472 39.55 -66.61 -33.36
C ASP F 472 38.64 -65.81 -34.28
N ALA F 473 37.89 -64.86 -33.72
CA ALA F 473 37.15 -63.91 -34.55
C ALA F 473 38.09 -62.97 -35.27
N LEU F 474 39.18 -62.58 -34.60
CA LEU F 474 40.15 -61.67 -35.22
C LEU F 474 40.91 -62.36 -36.35
N ALA F 475 41.32 -63.61 -36.14
CA ALA F 475 42.03 -64.35 -37.19
C ALA F 475 41.16 -64.51 -38.42
N SER F 476 39.88 -64.78 -38.23
CA SER F 476 38.96 -64.98 -39.35
C SER F 476 38.72 -63.72 -40.17
N THR F 477 39.27 -62.57 -39.79
CA THR F 477 38.98 -61.35 -40.54
C THR F 477 39.80 -61.22 -41.81
N ARG F 478 40.81 -62.07 -42.01
CA ARG F 478 41.61 -62.02 -43.24
C ARG F 478 40.97 -62.83 -44.35
N SER G 11 -22.94 -38.68 -23.60
CA SER G 11 -21.89 -38.14 -24.46
C SER G 11 -21.12 -39.27 -25.15
N ASP G 12 -20.81 -39.08 -26.43
CA ASP G 12 -20.27 -40.13 -27.28
C ASP G 12 -18.77 -40.00 -27.52
N PHE G 13 -18.14 -38.98 -26.96
CA PHE G 13 -16.75 -38.63 -27.30
C PHE G 13 -16.17 -37.90 -26.10
N VAL G 14 -15.06 -38.42 -25.55
CA VAL G 14 -14.53 -37.93 -24.29
C VAL G 14 -13.00 -38.00 -24.29
N VAL G 15 -12.37 -36.96 -23.74
CA VAL G 15 -10.91 -36.85 -23.61
C VAL G 15 -10.56 -36.65 -22.13
N VAL G 16 -9.49 -37.30 -21.67
CA VAL G 16 -9.04 -37.20 -20.29
C VAL G 16 -7.69 -36.50 -20.28
N ALA G 17 -7.55 -35.53 -19.38
CA ALA G 17 -6.31 -34.77 -19.30
C ALA G 17 -6.20 -34.20 -17.90
N ASN G 18 -4.97 -33.86 -17.53
CA ASN G 18 -4.67 -33.49 -16.15
C ASN G 18 -5.30 -32.15 -15.79
N ARG G 19 -4.78 -31.06 -16.35
CA ARG G 19 -5.33 -29.74 -16.06
C ARG G 19 -6.21 -29.30 -17.22
N VAL G 42 -3.13 -27.43 -24.23
CA VAL G 42 -4.28 -26.54 -24.29
C VAL G 42 -4.10 -25.56 -25.44
N THR G 43 -2.84 -25.18 -25.69
CA THR G 43 -2.55 -24.27 -26.79
C THR G 43 -2.86 -24.87 -28.15
N ALA G 44 -2.98 -26.19 -28.24
CA ALA G 44 -3.24 -26.84 -29.52
C ALA G 44 -4.40 -27.82 -29.49
N LEU G 45 -5.06 -28.01 -28.36
CA LEU G 45 -6.23 -28.89 -28.30
C LEU G 45 -7.52 -28.18 -27.95
N GLU G 46 -7.45 -27.10 -27.16
CA GLU G 46 -8.56 -26.17 -27.03
C GLU G 46 -9.06 -25.79 -28.42
N PRO G 47 -8.17 -25.54 -29.42
CA PRO G 47 -8.68 -25.29 -30.78
C PRO G 47 -9.36 -26.47 -31.45
N LEU G 48 -9.58 -27.56 -30.73
CA LEU G 48 -10.37 -28.68 -31.28
C LEU G 48 -11.34 -29.27 -30.29
N LEU G 49 -11.11 -29.13 -28.99
CA LEU G 49 -12.13 -29.51 -28.02
C LEU G 49 -13.41 -28.73 -28.26
N ARG G 50 -13.28 -27.42 -28.50
CA ARG G 50 -14.42 -26.62 -28.90
C ARG G 50 -14.96 -27.03 -30.29
N ARG G 51 -14.43 -28.10 -30.87
CA ARG G 51 -14.89 -28.62 -32.16
C ARG G 51 -15.52 -30.01 -32.01
N TRP G 56 -14.76 -33.76 -21.28
CA TRP G 56 -13.42 -33.46 -20.78
C TRP G 56 -13.32 -33.66 -19.27
N ILE G 57 -12.61 -34.72 -18.87
CA ILE G 57 -12.31 -34.95 -17.45
C ILE G 57 -10.98 -34.31 -17.14
N GLY G 58 -10.95 -33.55 -16.06
CA GLY G 58 -9.71 -32.94 -15.64
C GLY G 58 -9.90 -32.20 -14.35
N TRP G 59 -8.83 -31.74 -13.84
CA TRP G 59 -8.69 -31.00 -12.59
C TRP G 59 -8.59 -29.50 -12.87
N PRO G 60 -9.32 -28.69 -12.08
CA PRO G 60 -9.28 -27.23 -12.28
C PRO G 60 -7.89 -26.62 -12.24
N GLY G 61 -7.34 -26.48 -11.04
CA GLY G 61 -6.05 -25.85 -10.87
C GLY G 61 -5.79 -25.41 -9.45
N ILE G 62 -6.54 -25.99 -8.52
CA ILE G 62 -6.39 -25.66 -7.12
C ILE G 62 -6.99 -26.79 -6.30
N PRO G 63 -6.67 -26.86 -5.02
CA PRO G 63 -7.41 -27.70 -4.12
C PRO G 63 -8.86 -27.77 -4.33
N ASP G 64 -9.41 -28.23 -3.29
CA ASP G 64 -10.66 -27.96 -3.35
C ASP G 64 -11.30 -26.75 -2.78
N VAL G 80 -12.54 -32.45 -11.02
CA VAL G 80 -12.05 -33.61 -10.30
C VAL G 80 -11.62 -33.20 -8.89
N ARG G 81 -11.94 -34.02 -7.91
CA ARG G 81 -11.62 -33.74 -6.52
C ARG G 81 -10.17 -34.08 -6.24
N LEU G 82 -9.32 -33.07 -6.09
CA LEU G 82 -7.91 -33.25 -5.77
C LEU G 82 -7.59 -32.43 -4.54
N SER G 83 -7.02 -33.07 -3.52
CA SER G 83 -6.56 -32.39 -2.33
C SER G 83 -5.20 -31.72 -2.60
N ALA G 84 -4.73 -30.96 -1.61
CA ALA G 84 -3.36 -30.45 -1.67
C ALA G 84 -2.34 -31.58 -1.67
N ASP G 85 -2.63 -32.68 -0.97
CA ASP G 85 -1.75 -33.84 -0.97
C ASP G 85 -1.79 -34.60 -2.28
N ASP G 86 -2.96 -34.65 -2.93
CA ASP G 86 -3.04 -35.23 -4.26
C ASP G 86 -2.29 -34.40 -5.27
N VAL G 87 -2.29 -33.07 -5.09
CA VAL G 87 -1.44 -32.20 -5.88
C VAL G 87 0.02 -32.47 -5.58
N ALA G 88 0.41 -32.39 -4.31
CA ALA G 88 1.82 -32.43 -3.96
C ALA G 88 2.45 -33.77 -4.32
N GLN G 89 1.69 -34.85 -4.24
CA GLN G 89 2.22 -36.19 -4.39
C GLN G 89 1.95 -36.79 -5.76
N TYR G 90 0.77 -36.56 -6.32
CA TYR G 90 0.49 -37.11 -7.64
C TYR G 90 1.11 -36.25 -8.74
N TYR G 91 1.01 -34.93 -8.59
CA TYR G 91 1.35 -34.01 -9.67
C TYR G 91 2.78 -33.50 -9.54
N GLU G 92 3.06 -32.70 -8.49
CA GLU G 92 4.42 -32.18 -8.34
C GLU G 92 5.40 -33.32 -8.10
N GLY G 93 4.96 -34.35 -7.40
CA GLY G 93 5.81 -35.49 -7.08
C GLY G 93 6.06 -36.42 -8.24
N PHE G 94 5.20 -37.44 -8.38
CA PHE G 94 5.44 -38.51 -9.35
C PHE G 94 5.50 -37.95 -10.76
N SER G 95 4.51 -37.15 -11.13
CA SER G 95 4.43 -36.64 -12.50
C SER G 95 5.66 -35.82 -12.88
N ASN G 96 6.03 -34.83 -12.06
CA ASN G 96 7.02 -33.85 -12.48
C ASN G 96 8.36 -33.96 -11.77
N ALA G 97 8.47 -34.78 -10.71
CA ALA G 97 9.74 -35.04 -10.06
C ALA G 97 10.26 -36.45 -10.28
N THR G 98 9.45 -37.37 -10.79
CA THR G 98 9.90 -38.70 -11.16
C THR G 98 9.90 -38.92 -12.67
N LEU G 99 8.75 -38.75 -13.34
CA LEU G 99 8.65 -39.17 -14.73
C LEU G 99 9.13 -38.10 -15.70
N TRP G 100 8.78 -36.83 -15.46
CA TRP G 100 9.27 -35.77 -16.32
C TRP G 100 10.80 -35.70 -16.36
N PRO G 101 11.53 -35.77 -15.24
CA PRO G 101 13.00 -35.80 -15.37
C PRO G 101 13.52 -37.03 -16.11
N LEU G 102 12.84 -38.18 -15.98
CA LEU G 102 13.36 -39.42 -16.56
C LEU G 102 13.00 -39.57 -18.04
N TYR G 103 11.80 -39.18 -18.44
CA TYR G 103 11.47 -39.25 -19.85
C TYR G 103 12.30 -38.28 -20.68
N HIS G 104 12.84 -37.23 -20.08
CA HIS G 104 13.74 -36.28 -20.75
C HIS G 104 15.21 -36.57 -20.47
N ASP G 105 15.64 -37.83 -20.59
CA ASP G 105 17.06 -38.20 -20.58
C ASP G 105 17.76 -37.78 -19.29
N VAL G 106 17.08 -37.98 -18.16
CA VAL G 106 17.55 -37.72 -16.79
C VAL G 106 18.44 -36.47 -16.73
N ILE G 107 17.98 -35.40 -17.39
CA ILE G 107 18.64 -34.10 -17.32
C ILE G 107 18.73 -33.64 -15.87
N VAL G 108 17.67 -33.90 -15.10
CA VAL G 108 17.68 -33.85 -13.64
C VAL G 108 17.52 -35.28 -13.13
N LYS G 109 18.09 -35.55 -11.97
CA LYS G 109 18.03 -36.88 -11.35
C LYS G 109 16.61 -37.24 -10.90
N PRO G 110 16.04 -38.35 -11.38
CA PRO G 110 14.73 -38.79 -10.88
C PRO G 110 14.75 -39.20 -9.41
N ILE G 111 13.61 -38.99 -8.76
CA ILE G 111 13.38 -39.35 -7.37
C ILE G 111 12.32 -40.43 -7.38
N TYR G 112 12.63 -41.59 -6.78
CA TYR G 112 11.71 -42.74 -6.70
C TYR G 112 11.18 -42.82 -5.29
N ASN G 113 9.88 -42.55 -5.13
CA ASN G 113 9.24 -42.44 -3.83
C ASN G 113 7.96 -43.27 -3.88
N ARG G 114 7.83 -44.22 -2.95
CA ARG G 114 6.71 -45.16 -3.00
C ARG G 114 5.39 -44.53 -2.63
N GLN G 115 5.41 -43.44 -1.85
CA GLN G 115 4.17 -42.77 -1.48
C GLN G 115 3.65 -41.90 -2.61
N TRP G 116 4.54 -41.27 -3.38
CA TRP G 116 4.12 -40.66 -4.64
C TRP G 116 3.51 -41.68 -5.57
N TRP G 117 4.13 -42.84 -5.68
CA TRP G 117 3.65 -43.85 -6.61
C TRP G 117 2.22 -44.25 -6.28
N GLU G 118 1.98 -44.55 -5.01
CA GLU G 118 0.67 -45.01 -4.58
C GLU G 118 -0.38 -43.92 -4.70
N ARG G 119 0.02 -42.65 -4.52
CA ARG G 119 -0.92 -41.54 -4.77
C ARG G 119 -1.11 -41.31 -6.26
N TYR G 120 -0.10 -41.58 -7.08
CA TYR G 120 -0.26 -41.53 -8.54
C TYR G 120 -1.32 -42.53 -9.02
N VAL G 121 -1.34 -43.73 -8.43
CA VAL G 121 -2.24 -44.77 -8.89
C VAL G 121 -3.67 -44.47 -8.47
N GLU G 122 -3.84 -43.91 -7.26
CA GLU G 122 -5.20 -43.64 -6.78
C GLU G 122 -5.85 -42.53 -7.58
N VAL G 123 -5.07 -41.51 -7.98
CA VAL G 123 -5.63 -40.42 -8.76
C VAL G 123 -5.96 -40.89 -10.17
N ASN G 124 -5.06 -41.64 -10.80
CA ASN G 124 -5.37 -42.24 -12.09
C ASN G 124 -6.72 -42.92 -12.05
N ARG G 125 -7.14 -43.36 -10.86
CA ARG G 125 -8.40 -44.07 -10.72
C ARG G 125 -9.58 -43.14 -10.62
N ARG G 126 -9.43 -42.00 -9.94
CA ARG G 126 -10.54 -41.06 -9.95
C ARG G 126 -10.77 -40.53 -11.36
N PHE G 127 -9.69 -40.40 -12.13
CA PHE G 127 -9.82 -40.04 -13.54
C PHE G 127 -10.57 -41.12 -14.31
N ALA G 128 -10.24 -42.38 -14.06
CA ALA G 128 -10.93 -43.46 -14.73
C ALA G 128 -12.41 -43.51 -14.33
N GLU G 129 -12.74 -43.23 -13.07
CA GLU G 129 -14.15 -43.33 -12.71
C GLU G 129 -14.95 -42.15 -13.20
N ALA G 130 -14.34 -40.98 -13.34
CA ALA G 130 -15.05 -39.84 -13.90
C ALA G 130 -15.28 -40.04 -15.39
N THR G 131 -14.37 -40.74 -16.07
CA THR G 131 -14.55 -40.99 -17.49
C THR G 131 -15.76 -41.89 -17.75
N SER G 132 -15.79 -43.07 -17.12
CA SER G 132 -16.86 -44.02 -17.40
C SER G 132 -18.22 -43.47 -16.99
N ARG G 133 -18.26 -42.65 -15.94
CA ARG G 133 -19.46 -41.91 -15.58
C ARG G 133 -19.63 -40.71 -16.50
N ALA G 134 -19.64 -41.00 -17.81
CA ALA G 134 -19.75 -39.98 -18.85
C ALA G 134 -19.84 -40.57 -20.26
N ALA G 135 -19.43 -41.82 -20.43
CA ALA G 135 -19.25 -42.41 -21.75
C ALA G 135 -20.18 -43.59 -21.96
N ALA G 136 -20.73 -43.69 -23.17
CA ALA G 136 -21.73 -44.70 -23.53
C ALA G 136 -21.13 -45.94 -24.21
N ALA G 139 -18.73 -45.81 -26.74
CA ALA G 139 -18.04 -44.52 -26.97
C ALA G 139 -16.52 -44.66 -27.04
N THR G 140 -15.87 -43.67 -27.64
CA THR G 140 -14.41 -43.64 -27.76
C THR G 140 -13.81 -42.65 -26.77
N VAL G 141 -12.87 -43.14 -25.91
CA VAL G 141 -12.13 -42.33 -24.95
C VAL G 141 -10.74 -42.05 -25.52
N TRP G 142 -10.19 -40.88 -25.19
CA TRP G 142 -8.83 -40.54 -25.61
C TRP G 142 -8.08 -39.89 -24.43
N VAL G 143 -7.16 -40.66 -23.83
CA VAL G 143 -6.35 -40.22 -22.71
C VAL G 143 -5.13 -39.46 -23.20
N GLN G 144 -4.69 -38.48 -22.43
CA GLN G 144 -3.66 -37.53 -22.83
C GLN G 144 -2.51 -37.48 -21.84
N ASP G 145 -1.31 -37.87 -22.31
CA ASP G 145 -0.03 -37.49 -21.73
C ASP G 145 0.41 -38.28 -20.50
N TYR G 146 1.53 -37.85 -19.91
CA TYR G 146 2.31 -38.67 -19.00
C TYR G 146 1.67 -38.77 -17.62
N GLN G 147 0.80 -37.84 -17.24
CA GLN G 147 0.25 -37.90 -15.90
C GLN G 147 -0.80 -39.00 -15.74
N LEU G 148 -1.14 -39.72 -16.81
CA LEU G 148 -2.34 -40.56 -16.82
C LEU G 148 -2.10 -41.83 -17.62
N GLN G 149 -0.95 -42.46 -17.44
CA GLN G 149 -0.61 -43.61 -18.28
C GLN G 149 -1.21 -44.91 -17.78
N LEU G 150 -1.89 -44.93 -16.63
CA LEU G 150 -2.56 -46.14 -16.18
C LEU G 150 -4.05 -46.13 -16.46
N VAL G 151 -4.64 -44.96 -16.63
CA VAL G 151 -6.06 -44.81 -16.93
C VAL G 151 -6.52 -45.74 -18.05
N PRO G 152 -5.79 -45.93 -19.15
CA PRO G 152 -6.40 -46.69 -20.27
C PRO G 152 -6.78 -48.11 -19.90
N LYS G 153 -5.88 -48.82 -19.22
CA LYS G 153 -6.23 -50.15 -18.75
C LYS G 153 -7.24 -50.11 -17.61
N MET G 154 -7.05 -49.18 -16.66
CA MET G 154 -7.95 -49.08 -15.53
C MET G 154 -9.37 -48.73 -15.94
N LEU G 155 -9.50 -47.91 -16.99
CA LEU G 155 -10.81 -47.57 -17.51
C LEU G 155 -11.45 -48.75 -18.21
N ARG G 156 -10.67 -49.42 -19.07
CA ARG G 156 -11.18 -50.55 -19.84
C ARG G 156 -11.74 -51.63 -18.94
N GLU G 157 -11.03 -51.96 -17.86
CA GLU G 157 -11.55 -52.94 -16.93
C GLU G 157 -12.92 -52.52 -16.41
N LEU G 158 -13.12 -51.21 -16.23
CA LEU G 158 -14.41 -50.70 -15.78
C LEU G 158 -15.42 -50.64 -16.92
N ARG G 159 -15.02 -50.12 -18.09
CA ARG G 159 -15.90 -50.02 -19.25
C ARG G 159 -15.28 -50.84 -20.38
N PRO G 160 -15.58 -52.13 -20.45
CA PRO G 160 -15.09 -52.95 -21.57
C PRO G 160 -15.80 -52.69 -22.88
N ASP G 161 -16.69 -51.69 -22.92
CA ASP G 161 -17.47 -51.33 -24.10
C ASP G 161 -16.84 -50.22 -24.94
N LEU G 162 -15.69 -49.70 -24.51
CA LEU G 162 -15.11 -48.49 -25.05
C LEU G 162 -13.83 -48.79 -25.80
N THR G 163 -13.52 -47.91 -26.75
CA THR G 163 -12.36 -48.05 -27.63
C THR G 163 -11.41 -46.92 -27.28
N ILE G 164 -10.33 -47.27 -26.57
CA ILE G 164 -9.50 -46.30 -25.86
C ILE G 164 -8.32 -45.88 -26.73
N GLY G 165 -7.99 -44.60 -26.70
CA GLY G 165 -6.77 -44.11 -27.28
C GLY G 165 -5.92 -43.44 -26.23
N PHE G 166 -4.62 -43.37 -26.47
CA PHE G 166 -3.72 -42.66 -25.58
C PHE G 166 -2.60 -42.03 -26.39
N PHE G 167 -2.25 -40.79 -26.04
CA PHE G 167 -1.16 -40.09 -26.72
C PHE G 167 -0.17 -39.54 -25.72
N LEU G 168 1.12 -39.81 -25.97
CA LEU G 168 2.22 -39.32 -25.15
C LEU G 168 2.78 -38.03 -25.75
N HIS G 169 2.79 -36.96 -24.96
CA HIS G 169 3.26 -35.66 -25.43
C HIS G 169 4.70 -35.33 -25.08
N ILE G 170 5.40 -36.20 -24.35
CA ILE G 170 6.80 -35.93 -24.02
C ILE G 170 7.58 -37.06 -24.67
N PRO G 171 8.92 -37.05 -24.68
CA PRO G 171 9.63 -38.17 -25.30
C PRO G 171 9.40 -39.46 -24.52
N PHE G 172 9.45 -40.58 -25.24
CA PHE G 172 9.60 -41.86 -24.58
C PHE G 172 11.08 -42.23 -24.62
N PRO G 173 11.72 -42.51 -23.49
CA PRO G 173 13.20 -42.54 -23.46
C PRO G 173 13.73 -43.93 -23.78
N PRO G 174 15.04 -44.06 -24.00
CA PRO G 174 15.60 -45.39 -24.29
C PRO G 174 15.34 -46.38 -23.15
N VAL G 175 15.42 -47.65 -23.52
CA VAL G 175 15.10 -48.76 -22.63
C VAL G 175 16.01 -48.77 -21.42
N GLU G 176 17.28 -48.40 -21.60
CA GLU G 176 18.25 -48.41 -20.50
C GLU G 176 17.85 -47.47 -19.38
N LEU G 177 17.15 -46.38 -19.67
CA LEU G 177 16.72 -45.48 -18.61
C LEU G 177 15.30 -45.76 -18.11
N PHE G 178 14.39 -46.19 -18.99
CA PHE G 178 13.03 -46.50 -18.52
C PHE G 178 13.04 -47.62 -17.48
N MET G 179 13.98 -48.57 -17.59
CA MET G 179 14.11 -49.70 -16.68
C MET G 179 14.51 -49.31 -15.26
N GLN G 180 14.90 -48.04 -15.02
CA GLN G 180 15.18 -47.59 -13.66
C GLN G 180 13.90 -47.54 -12.82
N LEU G 181 12.78 -47.27 -13.45
CA LEU G 181 11.52 -47.08 -12.75
C LEU G 181 11.14 -48.36 -12.02
N PRO G 182 10.96 -48.32 -10.71
CA PRO G 182 10.57 -49.54 -9.99
C PRO G 182 9.25 -50.12 -10.49
N TRP G 183 8.33 -49.27 -10.96
CA TRP G 183 7.00 -49.65 -11.46
C TRP G 183 6.95 -49.64 -12.99
N ARG G 184 8.04 -50.01 -13.64
CA ARG G 184 8.09 -49.95 -15.09
C ARG G 184 7.14 -50.94 -15.74
N THR G 185 6.89 -52.11 -15.12
CA THR G 185 5.96 -53.05 -15.74
C THR G 185 4.53 -52.54 -15.63
N GLU G 186 4.16 -52.00 -14.47
CA GLU G 186 2.83 -51.42 -14.31
C GLU G 186 2.56 -50.29 -15.30
N ILE G 187 3.56 -49.44 -15.53
CA ILE G 187 3.36 -48.36 -16.50
C ILE G 187 3.11 -48.95 -17.88
N THR G 188 3.84 -50.01 -18.25
CA THR G 188 3.69 -50.61 -19.57
C THR G 188 2.39 -51.39 -19.72
N ASP G 189 1.88 -51.98 -18.65
CA ASP G 189 0.56 -52.58 -18.74
C ASP G 189 -0.52 -51.52 -18.80
N GLY G 190 -0.42 -50.50 -17.95
CA GLY G 190 -1.36 -49.37 -18.03
C GLY G 190 -1.51 -48.86 -19.45
N LEU G 191 -0.40 -48.60 -20.13
CA LEU G 191 -0.46 -48.07 -21.48
C LEU G 191 -1.11 -49.07 -22.44
N LEU G 192 -0.91 -50.36 -22.21
CA LEU G 192 -1.40 -51.40 -23.08
C LEU G 192 -2.89 -51.67 -22.92
N GLY G 193 -3.54 -51.08 -21.90
CA GLY G 193 -4.98 -51.15 -21.85
C GLY G 193 -5.68 -50.38 -22.96
N ALA G 194 -4.94 -49.56 -23.70
CA ALA G 194 -5.48 -48.73 -24.76
C ALA G 194 -5.63 -49.52 -26.05
N ASP G 195 -6.48 -49.01 -26.95
CA ASP G 195 -6.61 -49.60 -28.28
C ASP G 195 -5.54 -49.09 -29.24
N LEU G 196 -5.06 -47.88 -29.02
CA LEU G 196 -4.03 -47.28 -29.86
C LEU G 196 -3.13 -46.44 -28.96
N VAL G 197 -1.82 -46.49 -29.20
CA VAL G 197 -0.87 -45.69 -28.44
C VAL G 197 -0.11 -44.81 -29.41
N GLY G 198 -0.09 -43.51 -29.15
CA GLY G 198 0.49 -42.52 -30.05
C GLY G 198 1.72 -41.84 -29.43
N PHE G 199 2.73 -41.63 -30.27
CA PHE G 199 3.89 -40.82 -29.96
C PHE G 199 4.04 -39.73 -31.03
N HIS G 200 4.86 -38.71 -30.72
CA HIS G 200 5.26 -37.75 -31.75
C HIS G 200 6.10 -38.44 -32.81
N LEU G 201 7.11 -39.19 -32.39
CA LEU G 201 8.17 -39.66 -33.27
C LEU G 201 8.14 -41.17 -33.38
N PRO G 202 8.55 -41.72 -34.53
CA PRO G 202 8.71 -43.16 -34.60
C PRO G 202 9.67 -43.69 -33.55
N GLY G 203 10.67 -42.90 -33.15
CA GLY G 203 11.67 -43.37 -32.21
C GLY G 203 11.14 -43.68 -30.83
N GLY G 204 10.14 -42.92 -30.35
CA GLY G 204 9.46 -43.31 -29.14
C GLY G 204 8.49 -44.44 -29.36
N ALA G 205 7.90 -44.51 -30.55
CA ALA G 205 6.99 -45.61 -30.88
C ALA G 205 7.71 -46.95 -30.93
N GLN G 206 8.96 -46.96 -31.43
CA GLN G 206 9.73 -48.20 -31.51
C GLN G 206 10.33 -48.59 -30.17
N ASN G 207 10.60 -47.62 -29.30
CA ASN G 207 11.06 -47.95 -27.96
C ASN G 207 9.95 -48.64 -27.16
N PHE G 208 8.71 -48.16 -27.27
CA PHE G 208 7.60 -48.81 -26.57
C PHE G 208 7.34 -50.21 -27.12
N LEU G 209 7.47 -50.40 -28.44
CA LEU G 209 7.34 -51.73 -29.00
C LEU G 209 8.35 -52.70 -28.39
N PHE G 210 9.56 -52.22 -28.12
CA PHE G 210 10.60 -53.07 -27.52
C PHE G 210 10.24 -53.44 -26.09
N LEU G 211 9.75 -52.47 -25.31
CA LEU G 211 9.41 -52.73 -23.91
C LEU G 211 8.32 -53.78 -23.78
N ALA G 212 7.25 -53.64 -24.55
CA ALA G 212 6.15 -54.62 -24.49
C ALA G 212 6.68 -56.04 -24.67
N ARG G 213 7.60 -56.22 -25.63
CA ARG G 213 8.15 -57.55 -25.85
C ARG G 213 9.00 -58.02 -24.68
N ARG G 214 9.83 -57.14 -24.12
CA ARG G 214 10.77 -57.54 -23.10
C ARG G 214 10.21 -57.46 -21.68
N LEU G 215 9.33 -56.52 -21.42
CA LEU G 215 8.87 -56.22 -20.07
C LEU G 215 7.46 -56.72 -19.77
N VAL G 216 6.76 -57.24 -20.76
CA VAL G 216 5.41 -57.73 -20.58
C VAL G 216 5.28 -59.05 -21.32
N GLY G 217 6.25 -59.33 -22.20
CA GLY G 217 6.29 -60.58 -22.92
C GLY G 217 5.28 -60.72 -24.04
N ALA G 218 4.82 -59.62 -24.62
CA ALA G 218 3.88 -59.71 -25.72
C ALA G 218 4.59 -60.00 -27.03
N ASN G 219 3.81 -60.46 -28.01
CA ASN G 219 4.31 -60.64 -29.37
C ASN G 219 4.05 -59.36 -30.14
N THR G 220 5.11 -58.74 -30.65
CA THR G 220 5.02 -57.45 -31.32
C THR G 220 5.33 -57.60 -32.82
N SER G 221 5.39 -56.45 -33.50
CA SER G 221 5.93 -56.36 -34.84
C SER G 221 7.34 -55.78 -34.77
N ARG G 222 8.20 -56.21 -35.69
CA ARG G 222 9.62 -55.93 -35.60
C ARG G 222 10.13 -54.91 -36.61
N ALA G 223 9.27 -54.37 -37.47
CA ALA G 223 9.74 -53.41 -38.48
C ALA G 223 9.80 -52.01 -37.87
N SER G 224 10.09 -51.02 -38.71
CA SER G 224 10.09 -49.62 -38.30
C SER G 224 8.68 -49.06 -38.41
N VAL G 225 8.38 -48.11 -37.53
CA VAL G 225 7.11 -47.38 -37.56
C VAL G 225 7.28 -46.14 -38.41
N GLY G 226 6.37 -45.94 -39.36
CA GLY G 226 6.39 -44.76 -40.19
C GLY G 226 5.63 -43.62 -39.55
N VAL G 227 5.67 -42.48 -40.23
CA VAL G 227 4.99 -41.25 -39.78
C VAL G 227 3.56 -41.27 -40.29
N ARG G 228 2.60 -41.31 -39.36
CA ARG G 228 1.18 -41.42 -39.70
C ARG G 228 0.91 -42.64 -40.59
N SER G 229 1.79 -43.63 -40.58
CA SER G 229 1.67 -44.84 -41.39
C SER G 229 2.60 -45.90 -40.81
N LYS G 230 2.58 -47.09 -41.44
CA LYS G 230 3.38 -48.24 -41.04
C LYS G 230 3.31 -48.47 -39.52
N PHE G 231 2.12 -48.91 -39.10
CA PHE G 231 1.80 -49.01 -37.68
C PHE G 231 2.28 -50.33 -37.09
N GLY G 232 3.00 -50.26 -35.96
CA GLY G 232 3.34 -51.44 -35.21
C GLY G 232 2.15 -51.97 -34.44
N GLU G 233 2.28 -53.20 -33.95
CA GLU G 233 1.18 -53.91 -33.31
C GLU G 233 1.68 -54.66 -32.09
N VAL G 234 0.78 -54.89 -31.15
CA VAL G 234 1.06 -55.65 -29.93
C VAL G 234 -0.16 -56.51 -29.63
N GLN G 235 0.07 -57.74 -29.18
CA GLN G 235 -1.01 -58.61 -28.77
C GLN G 235 -0.81 -59.07 -27.32
N THR G 240 -5.46 -57.00 -29.49
CA THR G 240 -4.42 -56.35 -30.29
C THR G 240 -4.40 -54.84 -30.06
N VAL G 241 -3.18 -54.27 -29.99
CA VAL G 241 -2.96 -52.88 -29.64
C VAL G 241 -2.09 -52.23 -30.73
N LYS G 242 -2.55 -51.11 -31.29
CA LYS G 242 -1.87 -50.43 -32.38
C LYS G 242 -1.03 -49.27 -31.85
N VAL G 243 0.18 -49.13 -32.41
CA VAL G 243 1.15 -48.13 -31.99
C VAL G 243 1.51 -47.28 -33.20
N GLY G 244 1.68 -45.98 -32.99
CA GLY G 244 1.91 -45.09 -34.11
C GLY G 244 2.66 -43.83 -33.76
N ALA G 245 3.23 -43.20 -34.79
CA ALA G 245 3.91 -41.92 -34.68
C ALA G 245 3.07 -40.84 -35.35
N PHE G 246 2.69 -39.83 -34.57
CA PHE G 246 1.89 -38.70 -35.07
C PHE G 246 2.46 -37.42 -34.48
N PRO G 247 3.09 -36.56 -35.29
CA PRO G 247 3.68 -35.31 -34.77
C PRO G 247 2.65 -34.20 -34.68
N ILE G 248 2.49 -33.63 -33.49
CA ILE G 248 1.51 -32.54 -33.30
C ILE G 248 2.00 -31.28 -33.99
N SER G 249 1.06 -30.43 -34.39
CA SER G 249 1.41 -29.17 -35.01
C SER G 249 0.56 -28.07 -34.36
N ILE G 250 0.48 -26.94 -35.03
CA ILE G 250 -0.29 -25.79 -34.56
C ILE G 250 -1.41 -25.55 -35.56
N ASP G 251 -2.30 -24.62 -35.22
CA ASP G 251 -3.31 -24.16 -36.17
C ASP G 251 -2.64 -23.18 -37.12
N SER G 252 -1.98 -23.74 -38.14
CA SER G 252 -1.14 -22.94 -39.03
C SER G 252 -1.93 -21.83 -39.71
N ALA G 253 -3.20 -22.10 -40.04
CA ALA G 253 -3.97 -21.16 -40.86
C ALA G 253 -4.32 -19.90 -40.09
N ASP G 254 -4.75 -20.04 -38.83
CA ASP G 254 -5.18 -18.85 -38.09
C ASP G 254 -4.01 -18.05 -37.55
N LEU G 255 -2.90 -18.70 -37.16
CA LEU G 255 -1.77 -17.91 -36.70
C LEU G 255 -1.19 -17.09 -37.84
N ASP G 256 -1.10 -17.67 -39.04
CA ASP G 256 -0.71 -16.85 -40.17
C ASP G 256 -1.67 -15.70 -40.37
N ARG G 257 -2.98 -16.02 -40.41
CA ARG G 257 -3.97 -14.97 -40.63
C ARG G 257 -3.94 -13.92 -39.52
N GLN G 258 -3.70 -14.34 -38.28
CA GLN G 258 -3.71 -13.39 -37.17
C GLN G 258 -2.52 -12.46 -37.21
N ALA G 259 -1.35 -12.97 -37.59
CA ALA G 259 -0.11 -12.23 -37.46
C ALA G 259 0.07 -11.10 -38.45
N ARG G 260 -0.82 -10.91 -39.43
CA ARG G 260 -0.68 -9.82 -40.40
C ARG G 260 -1.74 -8.75 -40.25
N GLN G 261 -2.40 -8.66 -39.09
CA GLN G 261 -3.20 -7.48 -38.79
C GLN G 261 -2.29 -6.25 -38.80
N ARG G 262 -2.81 -5.13 -39.30
CA ARG G 262 -2.02 -3.91 -39.29
C ARG G 262 -1.59 -3.51 -37.89
N SER G 263 -2.28 -4.00 -36.85
CA SER G 263 -1.99 -3.58 -35.49
C SER G 263 -0.86 -4.39 -34.88
N ILE G 264 -0.71 -5.65 -35.29
CA ILE G 264 0.40 -6.46 -34.80
C ILE G 264 1.70 -6.00 -35.43
N ARG G 265 1.67 -5.67 -36.72
CA ARG G 265 2.82 -5.01 -37.33
C ARG G 265 3.02 -3.61 -36.76
N GLN G 266 1.92 -2.93 -36.39
CA GLN G 266 2.05 -1.66 -35.67
C GLN G 266 2.96 -1.85 -34.46
N ARG G 267 2.74 -2.94 -33.72
CA ARG G 267 3.42 -3.19 -32.46
C ARG G 267 4.83 -3.72 -32.68
N ALA G 268 5.02 -4.58 -33.68
CA ALA G 268 6.36 -5.06 -34.02
C ALA G 268 7.33 -3.89 -34.12
N ARG G 269 6.89 -2.81 -34.79
CA ARG G 269 7.72 -1.63 -34.95
C ARG G 269 7.93 -0.91 -33.63
N GLN G 270 6.87 -0.85 -32.80
CA GLN G 270 6.99 -0.16 -31.51
C GLN G 270 7.90 -0.91 -30.56
N ILE G 271 8.01 -2.23 -30.71
CA ILE G 271 8.96 -3.00 -29.92
C ILE G 271 10.40 -2.65 -30.28
N ARG G 272 10.74 -2.68 -31.57
CA ARG G 272 12.10 -2.32 -31.98
C ARG G 272 12.45 -0.91 -31.54
N ALA G 273 11.46 -0.01 -31.52
CA ALA G 273 11.73 1.38 -31.16
C ALA G 273 11.97 1.53 -29.67
N GLU G 274 11.18 0.86 -28.84
CA GLU G 274 11.36 0.92 -27.41
C GLU G 274 12.67 0.30 -26.95
N LEU G 275 13.38 -0.38 -27.85
CA LEU G 275 14.69 -0.97 -27.57
C LEU G 275 15.83 -0.15 -28.14
N GLY G 276 15.59 1.10 -28.50
CA GLY G 276 16.63 1.92 -29.12
C GLY G 276 16.92 1.56 -30.56
N ASN G 277 15.94 1.01 -31.27
CA ASN G 277 16.03 0.55 -32.65
C ASN G 277 17.33 -0.18 -32.95
N PRO G 278 17.45 -1.45 -32.57
CA PRO G 278 18.64 -2.22 -32.90
C PRO G 278 18.56 -2.77 -34.32
N ARG G 279 19.73 -3.07 -34.86
CA ARG G 279 19.85 -3.68 -36.19
C ARG G 279 19.39 -5.13 -36.18
N ARG G 280 19.54 -5.84 -35.06
CA ARG G 280 19.23 -7.26 -34.95
C ARG G 280 18.62 -7.57 -33.62
N ILE G 281 17.55 -8.36 -33.63
CA ILE G 281 16.87 -8.83 -32.42
C ILE G 281 16.81 -10.35 -32.44
N LEU G 282 17.22 -10.98 -31.33
CA LEU G 282 17.07 -12.41 -31.09
C LEU G 282 15.97 -12.64 -30.05
N LEU G 283 15.32 -13.80 -30.10
CA LEU G 283 14.21 -14.06 -29.20
C LEU G 283 14.24 -15.50 -28.67
N GLY G 284 14.11 -15.65 -27.36
CA GLY G 284 13.69 -16.91 -26.76
C GLY G 284 12.29 -16.76 -26.18
N VAL G 285 11.45 -17.76 -26.39
CA VAL G 285 10.10 -17.83 -25.81
C VAL G 285 9.87 -19.26 -25.30
N ASP G 286 9.78 -19.43 -23.98
CA ASP G 286 9.50 -20.75 -23.40
C ASP G 286 9.07 -20.61 -21.95
N ARG G 287 8.63 -21.73 -21.38
CA ARG G 287 8.51 -21.91 -19.93
C ARG G 287 9.89 -22.07 -19.32
N LEU G 288 10.05 -21.54 -18.10
CA LEU G 288 11.29 -21.75 -17.35
C LEU G 288 11.36 -23.21 -16.89
N ASP G 289 11.79 -24.06 -17.82
CA ASP G 289 11.97 -25.50 -17.65
C ASP G 289 13.41 -25.87 -17.98
N TYR G 290 13.98 -26.83 -17.23
CA TYR G 290 15.38 -27.21 -17.44
C TYR G 290 15.59 -28.00 -18.74
N THR G 291 14.52 -28.43 -19.41
CA THR G 291 14.61 -29.10 -20.70
C THR G 291 14.83 -28.13 -21.86
N LYS G 292 14.72 -26.83 -21.65
CA LYS G 292 14.64 -25.88 -22.75
C LYS G 292 15.97 -25.29 -23.20
N GLY G 293 17.07 -25.53 -22.48
CA GLY G 293 18.32 -24.98 -22.95
C GLY G 293 18.40 -23.46 -22.93
N ILE G 294 17.57 -22.80 -22.13
CA ILE G 294 17.68 -21.35 -21.99
C ILE G 294 19.04 -20.97 -21.43
N ASP G 295 19.64 -21.86 -20.64
CA ASP G 295 20.98 -21.58 -20.13
C ASP G 295 22.01 -21.61 -21.25
N VAL G 296 21.74 -22.38 -22.29
CA VAL G 296 22.71 -22.63 -23.35
C VAL G 296 22.84 -21.41 -24.27
N ARG G 297 21.70 -20.84 -24.67
CA ARG G 297 21.71 -19.68 -25.56
C ARG G 297 22.28 -18.45 -24.85
N LEU G 298 21.98 -18.29 -23.56
CA LEU G 298 22.59 -17.21 -22.78
C LEU G 298 24.12 -17.33 -22.73
N GLN G 299 24.63 -18.55 -22.48
CA GLN G 299 26.07 -18.75 -22.46
C GLN G 299 26.70 -18.48 -23.82
N ALA G 300 26.04 -18.94 -24.90
CA ALA G 300 26.58 -18.75 -26.24
C ALA G 300 26.63 -17.28 -26.61
N PHE G 301 25.61 -16.52 -26.23
CA PHE G 301 25.56 -15.09 -26.49
C PHE G 301 26.56 -14.32 -25.62
N ALA G 302 26.87 -14.79 -24.41
CA ALA G 302 27.88 -14.07 -23.62
C ALA G 302 29.29 -14.29 -24.15
N GLU G 303 29.57 -15.46 -24.74
CA GLU G 303 30.92 -15.65 -25.27
C GLU G 303 31.10 -14.97 -26.61
N LEU G 304 30.03 -14.78 -27.37
CA LEU G 304 30.10 -13.94 -28.56
C LEU G 304 30.41 -12.50 -28.19
N LEU G 305 29.71 -11.95 -27.19
CA LEU G 305 30.01 -10.61 -26.75
C LEU G 305 31.46 -10.49 -26.27
N ALA G 306 31.94 -11.48 -25.52
CA ALA G 306 33.29 -11.42 -24.96
C ALA G 306 34.37 -11.46 -26.05
N GLU G 307 34.13 -12.22 -27.13
CA GLU G 307 35.08 -12.36 -28.23
C GLU G 307 34.88 -11.34 -29.35
N GLY G 308 34.02 -10.35 -29.17
CA GLY G 308 33.86 -9.32 -30.17
C GLY G 308 33.21 -9.77 -31.46
N ARG G 309 32.66 -10.96 -31.50
CA ARG G 309 32.10 -11.46 -32.74
C ARG G 309 30.64 -11.07 -32.92
N VAL G 310 30.07 -10.39 -31.95
CA VAL G 310 28.74 -9.81 -32.02
C VAL G 310 28.85 -8.40 -31.47
N ASN G 311 28.17 -7.45 -32.13
CA ASN G 311 28.35 -6.03 -31.84
C ASN G 311 27.41 -5.60 -30.71
N ARG G 312 27.97 -5.05 -29.64
CA ARG G 312 27.22 -4.87 -28.41
C ARG G 312 26.37 -3.61 -28.42
N GLU G 313 26.38 -2.84 -29.52
CA GLU G 313 25.62 -1.60 -29.58
C GLU G 313 24.38 -1.67 -30.45
N ASP G 314 24.31 -2.61 -31.42
CA ASP G 314 23.10 -2.75 -32.23
C ASP G 314 22.56 -4.18 -32.26
N THR G 315 22.89 -5.00 -31.24
CA THR G 315 22.31 -6.33 -31.08
C THR G 315 21.75 -6.47 -29.67
N VAL G 316 20.62 -7.15 -29.54
CA VAL G 316 20.00 -7.33 -28.24
C VAL G 316 19.21 -8.63 -28.25
N PHE G 317 19.24 -9.35 -27.12
CA PHE G 317 18.56 -10.63 -26.95
C PHE G 317 17.42 -10.47 -25.94
N VAL G 318 16.24 -10.96 -26.32
CA VAL G 318 15.03 -10.88 -25.51
C VAL G 318 14.57 -12.29 -25.16
N GLN G 319 14.43 -12.57 -23.87
CA GLN G 319 13.99 -13.87 -23.40
C GLN G 319 12.70 -13.73 -22.62
N LEU G 320 11.64 -14.37 -23.11
CA LEU G 320 10.33 -14.39 -22.46
C LEU G 320 10.15 -15.77 -21.83
N ALA G 321 9.87 -15.78 -20.53
CA ALA G 321 9.87 -17.01 -19.75
C ALA G 321 8.70 -16.98 -18.78
N THR G 322 7.75 -17.96 -18.90
CA THR G 322 6.65 -18.10 -17.94
C THR G 322 7.06 -18.99 -16.78
N PRO G 323 6.71 -18.62 -15.55
CA PRO G 323 6.98 -19.50 -14.40
C PRO G 323 6.40 -20.89 -14.63
N SER G 324 7.02 -21.89 -14.02
CA SER G 324 6.54 -23.26 -14.19
C SER G 324 7.03 -24.12 -13.03
N ARG G 325 6.09 -24.62 -12.22
CA ARG G 325 6.35 -25.59 -11.15
C ARG G 325 7.37 -25.08 -10.15
N GLU G 326 7.18 -23.85 -9.69
CA GLU G 326 8.17 -23.24 -8.82
C GLU G 326 8.28 -23.96 -7.49
N ARG G 327 7.26 -24.72 -7.10
CA ARG G 327 7.34 -25.50 -5.88
C ARG G 327 8.26 -26.71 -6.01
N VAL G 328 8.62 -27.11 -7.23
CA VAL G 328 9.65 -28.12 -7.42
C VAL G 328 11.02 -27.44 -7.32
N GLU G 329 11.88 -27.98 -6.47
CA GLU G 329 13.13 -27.33 -6.11
C GLU G 329 14.11 -27.22 -7.28
N ALA G 330 14.11 -28.21 -8.20
CA ALA G 330 15.00 -28.13 -9.36
C ALA G 330 14.60 -27.02 -10.31
N TYR G 331 13.35 -26.54 -10.24
CA TYR G 331 12.92 -25.39 -11.01
C TYR G 331 13.30 -24.07 -10.37
N ARG G 332 13.54 -24.06 -9.06
CA ARG G 332 14.03 -22.85 -8.39
C ARG G 332 15.51 -22.66 -8.60
N LEU G 333 16.27 -23.76 -8.64
CA LEU G 333 17.70 -23.66 -8.90
C LEU G 333 17.98 -23.29 -10.34
N LEU G 334 17.11 -23.71 -11.26
CA LEU G 334 17.27 -23.30 -12.65
C LEU G 334 16.90 -21.83 -12.82
N ARG G 335 15.83 -21.40 -12.17
CA ARG G 335 15.48 -19.98 -12.15
C ARG G 335 16.66 -19.15 -11.63
N ASP G 336 17.12 -19.47 -10.41
CA ASP G 336 18.25 -18.77 -9.81
C ASP G 336 19.45 -18.66 -10.74
N ASP G 337 19.86 -19.78 -11.33
CA ASP G 337 21.06 -19.73 -12.15
C ASP G 337 20.84 -18.93 -13.43
N ILE G 338 19.62 -18.97 -13.97
CA ILE G 338 19.38 -18.28 -15.23
C ILE G 338 19.32 -16.77 -14.99
N GLU G 339 18.84 -16.34 -13.83
CA GLU G 339 18.83 -14.92 -13.50
C GLU G 339 20.24 -14.38 -13.28
N ARG G 340 21.11 -15.17 -12.71
CA ARG G 340 22.49 -14.74 -12.56
C ARG G 340 23.11 -14.47 -13.91
N GLN G 341 22.90 -15.38 -14.87
CA GLN G 341 23.45 -15.21 -16.21
C GLN G 341 22.99 -13.90 -16.85
N VAL G 342 21.75 -13.49 -16.59
CA VAL G 342 21.23 -12.25 -17.19
C VAL G 342 21.94 -11.04 -16.60
N GLY G 343 21.99 -10.94 -15.28
CA GLY G 343 22.67 -9.82 -14.66
C GLY G 343 24.16 -9.77 -14.95
N HIS G 344 24.76 -10.91 -15.26
CA HIS G 344 26.19 -10.94 -15.57
C HIS G 344 26.45 -10.40 -16.96
N ILE G 345 25.67 -10.87 -17.95
CA ILE G 345 25.82 -10.38 -19.32
C ILE G 345 25.60 -8.87 -19.37
N ASN G 346 24.51 -8.42 -18.74
CA ASN G 346 24.20 -7.00 -18.75
C ASN G 346 25.31 -6.18 -18.07
N GLY G 347 25.84 -6.66 -16.96
CA GLY G 347 26.84 -5.91 -16.25
C GLY G 347 28.16 -5.82 -16.98
N GLU G 348 28.44 -6.81 -17.83
CA GLU G 348 29.70 -6.86 -18.56
C GLU G 348 29.68 -6.06 -19.87
N TYR G 349 28.55 -6.02 -20.58
CA TYR G 349 28.53 -5.47 -21.94
C TYR G 349 27.46 -4.43 -22.19
N GLY G 350 26.40 -4.39 -21.41
CA GLY G 350 25.42 -3.34 -21.57
C GLY G 350 25.94 -2.00 -21.08
N GLU G 351 25.15 -0.97 -21.35
CA GLU G 351 25.38 0.35 -20.78
C GLU G 351 24.16 0.73 -19.95
N VAL G 352 24.32 1.72 -19.09
CA VAL G 352 23.18 2.16 -18.30
C VAL G 352 22.16 2.79 -19.24
N GLY G 353 20.97 2.19 -19.30
CA GLY G 353 19.95 2.59 -20.25
C GLY G 353 19.96 1.84 -21.56
N HIS G 354 20.75 0.77 -21.69
CA HIS G 354 20.79 -0.05 -22.89
C HIS G 354 21.34 -1.43 -22.53
N PRO G 355 20.52 -2.33 -21.99
CA PRO G 355 20.96 -3.71 -21.80
C PRO G 355 21.11 -4.42 -23.14
N VAL G 356 21.87 -5.53 -23.09
CA VAL G 356 21.90 -6.47 -24.20
C VAL G 356 20.98 -7.66 -23.98
N VAL G 357 20.52 -7.89 -22.75
CA VAL G 357 19.55 -8.95 -22.48
C VAL G 357 18.37 -8.32 -21.77
N HIS G 358 17.17 -8.54 -22.32
CA HIS G 358 15.93 -8.18 -21.69
C HIS G 358 15.20 -9.45 -21.28
N TYR G 359 14.76 -9.49 -20.04
CA TYR G 359 14.31 -10.74 -19.45
C TYR G 359 13.03 -10.46 -18.68
N LEU G 360 11.96 -11.19 -19.03
CA LEU G 360 10.67 -11.04 -18.40
C LEU G 360 10.21 -12.37 -17.86
N HIS G 361 9.79 -12.38 -16.60
CA HIS G 361 9.36 -13.60 -15.92
C HIS G 361 7.86 -13.54 -15.72
N ARG G 362 7.11 -13.42 -16.80
CA ARG G 362 5.66 -13.24 -16.78
C ARG G 362 5.06 -13.82 -18.05
N PRO G 363 3.80 -14.25 -18.01
CA PRO G 363 3.09 -14.62 -19.24
C PRO G 363 2.76 -13.39 -20.07
N VAL G 364 3.04 -13.50 -21.36
CA VAL G 364 2.84 -12.42 -22.33
C VAL G 364 1.51 -12.67 -23.06
N PRO G 365 0.67 -11.67 -23.26
CA PRO G 365 -0.58 -11.90 -23.96
C PRO G 365 -0.34 -12.31 -25.40
N ARG G 366 -1.36 -12.93 -25.99
CA ARG G 366 -1.17 -13.67 -27.23
C ARG G 366 -0.79 -12.77 -28.39
N GLU G 367 -1.47 -11.63 -28.53
CA GLU G 367 -1.15 -10.72 -29.63
C GLU G 367 0.22 -10.08 -29.42
N GLU G 368 0.53 -9.76 -28.17
CA GLU G 368 1.85 -9.21 -27.86
C GLU G 368 2.93 -10.23 -28.19
N LEU G 369 2.66 -11.50 -27.93
CA LEU G 369 3.60 -12.56 -28.29
C LEU G 369 3.81 -12.62 -29.80
N ILE G 370 2.71 -12.70 -30.54
CA ILE G 370 2.76 -12.71 -31.99
C ILE G 370 3.55 -11.53 -32.52
N ALA G 371 3.41 -10.37 -31.88
CA ALA G 371 4.13 -9.17 -32.32
C ALA G 371 5.64 -9.33 -32.13
N PHE G 372 6.05 -9.87 -30.99
CA PHE G 372 7.47 -10.14 -30.77
C PHE G 372 8.04 -11.06 -31.85
N PHE G 373 7.27 -12.08 -32.26
CA PHE G 373 7.69 -12.99 -33.32
C PHE G 373 8.00 -12.26 -34.61
N VAL G 374 7.14 -11.29 -34.97
CA VAL G 374 7.28 -10.51 -36.20
C VAL G 374 8.50 -9.61 -36.13
N ALA G 375 8.77 -9.05 -34.96
CA ALA G 375 9.89 -8.13 -34.80
C ALA G 375 11.23 -8.84 -34.79
N ALA G 376 11.24 -10.14 -34.55
CA ALA G 376 12.47 -10.89 -34.27
C ALA G 376 13.16 -11.35 -35.55
N ASP G 377 14.44 -11.00 -35.67
CA ASP G 377 15.27 -11.45 -36.80
C ASP G 377 15.72 -12.90 -36.63
N VAL G 378 16.13 -13.30 -35.42
CA VAL G 378 16.59 -14.66 -35.14
C VAL G 378 15.79 -15.23 -33.97
N MET G 379 15.21 -16.41 -34.18
CA MET G 379 14.50 -17.16 -33.17
C MET G 379 15.45 -18.21 -32.59
N LEU G 380 15.53 -18.31 -31.27
CA LEU G 380 16.41 -19.26 -30.60
C LEU G 380 15.56 -20.30 -29.87
N VAL G 381 15.49 -21.51 -30.44
CA VAL G 381 14.74 -22.63 -29.88
C VAL G 381 15.75 -23.75 -29.62
N THR G 382 16.39 -23.72 -28.43
CA THR G 382 17.52 -24.61 -28.13
C THR G 382 17.33 -25.58 -26.95
N PRO G 383 16.25 -26.37 -26.89
CA PRO G 383 16.09 -27.33 -25.80
C PRO G 383 17.18 -28.39 -25.78
N LEU G 384 17.49 -28.87 -24.57
CA LEU G 384 18.33 -30.07 -24.43
C LEU G 384 17.59 -31.33 -24.86
N ARG G 385 16.28 -31.40 -24.62
CA ARG G 385 15.41 -32.45 -25.13
C ARG G 385 13.98 -31.96 -25.07
N ASP G 386 13.22 -32.13 -26.16
CA ASP G 386 11.87 -31.62 -26.22
C ASP G 386 11.02 -32.59 -27.04
N GLY G 387 9.80 -32.86 -26.59
CA GLY G 387 8.94 -33.80 -27.29
C GLY G 387 8.57 -33.34 -28.69
N MET G 388 8.27 -32.06 -28.87
CA MET G 388 8.05 -31.52 -30.20
C MET G 388 8.55 -30.08 -30.29
N ASN G 389 7.93 -29.18 -29.51
CA ASN G 389 8.17 -27.74 -29.47
C ASN G 389 7.41 -26.98 -30.56
N LEU G 390 6.43 -26.19 -30.14
CA LEU G 390 5.53 -25.46 -31.04
C LEU G 390 5.96 -24.02 -31.28
N VAL G 391 6.73 -23.45 -30.36
CA VAL G 391 7.35 -22.14 -30.56
C VAL G 391 8.07 -22.09 -31.90
N ALA G 392 8.72 -23.20 -32.27
CA ALA G 392 9.41 -23.25 -33.57
C ALA G 392 8.42 -23.15 -34.73
N LYS G 393 7.31 -23.87 -34.65
CA LYS G 393 6.34 -23.79 -35.73
C LYS G 393 5.52 -22.52 -35.66
N GLU G 394 5.30 -21.99 -34.46
CA GLU G 394 4.66 -20.69 -34.32
C GLU G 394 5.43 -19.60 -35.05
N TYR G 395 6.72 -19.50 -34.78
CA TYR G 395 7.54 -18.44 -35.39
C TYR G 395 7.46 -18.50 -36.89
N VAL G 396 7.59 -19.69 -37.46
CA VAL G 396 7.61 -19.85 -38.91
C VAL G 396 6.25 -19.47 -39.50
N ALA G 397 5.16 -19.80 -38.80
CA ALA G 397 3.83 -19.42 -39.30
C ALA G 397 3.59 -17.91 -39.24
N CYS G 398 4.18 -17.20 -38.27
CA CYS G 398 3.99 -15.77 -38.24
C CYS G 398 4.72 -15.04 -39.36
N ARG G 399 5.71 -15.68 -39.98
CA ARG G 399 6.67 -14.97 -40.82
C ARG G 399 6.26 -15.04 -42.29
N SER G 400 5.02 -14.59 -42.56
CA SER G 400 4.51 -14.52 -43.94
C SER G 400 5.34 -13.62 -44.84
N ASP G 401 6.08 -12.67 -44.27
CA ASP G 401 6.96 -11.79 -45.04
C ASP G 401 8.26 -12.46 -45.48
N LEU G 402 8.58 -13.62 -44.90
CA LEU G 402 9.73 -14.50 -45.18
C LEU G 402 11.05 -13.96 -44.64
N GLY G 403 11.04 -12.89 -43.85
CA GLY G 403 12.22 -12.47 -43.15
C GLY G 403 12.39 -13.23 -41.84
N GLY G 404 13.59 -13.13 -41.29
CA GLY G 404 13.90 -13.84 -40.06
C GLY G 404 14.73 -15.08 -40.30
N ALA G 405 15.01 -15.79 -39.20
CA ALA G 405 15.81 -17.01 -39.22
C ALA G 405 15.54 -17.81 -37.95
N LEU G 406 15.63 -19.14 -38.06
CA LEU G 406 15.32 -20.05 -36.97
C LEU G 406 16.51 -20.93 -36.62
N VAL G 407 16.99 -20.83 -35.39
CA VAL G 407 18.03 -21.71 -34.88
C VAL G 407 17.36 -22.74 -33.98
N LEU G 408 17.43 -24.00 -34.38
CA LEU G 408 16.71 -25.08 -33.72
C LEU G 408 17.67 -26.18 -33.25
N SER G 409 17.32 -26.81 -32.13
CA SER G 409 18.10 -27.94 -31.62
C SER G 409 17.74 -29.24 -32.33
N GLU G 410 18.74 -30.10 -32.53
CA GLU G 410 18.52 -31.44 -33.05
C GLU G 410 17.61 -32.26 -32.14
N PHE G 411 17.49 -31.88 -30.87
CA PHE G 411 16.85 -32.67 -29.85
C PHE G 411 15.42 -32.21 -29.55
N THR G 412 14.81 -31.47 -30.46
CA THR G 412 13.37 -31.24 -30.52
C THR G 412 12.78 -32.18 -31.56
N GLY G 413 11.55 -32.64 -31.32
CA GLY G 413 10.86 -33.42 -32.32
C GLY G 413 10.59 -32.66 -33.60
N ALA G 414 10.36 -31.34 -33.49
CA ALA G 414 10.14 -30.50 -34.67
C ALA G 414 11.27 -30.60 -35.68
N ALA G 415 12.51 -30.77 -35.21
CA ALA G 415 13.66 -30.84 -36.10
C ALA G 415 13.50 -31.94 -37.16
N ALA G 416 12.66 -32.94 -36.89
CA ALA G 416 12.37 -33.98 -37.87
C ALA G 416 11.53 -33.47 -39.03
N GLU G 417 10.91 -32.30 -38.88
CA GLU G 417 10.07 -31.66 -39.89
C GLU G 417 10.67 -30.39 -40.44
N LEU G 418 11.34 -29.60 -39.61
CA LEU G 418 11.89 -28.32 -39.97
C LEU G 418 13.35 -28.44 -40.41
N GLY G 419 13.61 -29.30 -41.38
CA GLY G 419 14.97 -29.65 -41.73
C GLY G 419 15.79 -28.53 -42.34
N GLN G 420 15.16 -27.49 -42.85
CA GLN G 420 15.89 -26.35 -43.38
C GLN G 420 16.10 -25.25 -42.36
N ALA G 421 15.84 -25.51 -41.09
CA ALA G 421 16.19 -24.54 -40.07
C ALA G 421 17.71 -24.51 -39.91
N TYR G 422 18.19 -23.72 -38.96
CA TYR G 422 19.61 -23.77 -38.61
C TYR G 422 19.71 -24.76 -37.46
N LEU G 423 19.91 -26.02 -37.80
CA LEU G 423 19.92 -27.09 -36.81
C LEU G 423 21.29 -27.18 -36.17
N VAL G 424 21.30 -27.45 -34.86
CA VAL G 424 22.54 -27.46 -34.09
C VAL G 424 22.36 -28.40 -32.90
N ASN G 425 23.42 -29.10 -32.55
CA ASN G 425 23.46 -29.85 -31.29
C ASN G 425 23.65 -28.87 -30.13
N PRO G 426 22.74 -28.83 -29.14
CA PRO G 426 22.92 -27.87 -28.05
C PRO G 426 24.17 -28.11 -27.22
N HIS G 427 24.68 -29.34 -27.17
CA HIS G 427 25.85 -29.65 -26.37
C HIS G 427 27.16 -29.22 -27.01
N ASN G 428 27.14 -28.91 -28.32
CA ASN G 428 28.31 -28.46 -29.07
C ASN G 428 28.28 -26.92 -29.13
N LEU G 429 28.77 -26.29 -28.05
CA LEU G 429 28.61 -24.86 -27.85
C LEU G 429 29.35 -24.02 -28.90
N ASP G 430 30.52 -24.47 -29.35
CA ASP G 430 31.21 -23.76 -30.43
C ASP G 430 30.38 -23.75 -31.70
N HIS G 431 29.61 -24.80 -31.94
CA HIS G 431 28.77 -24.87 -33.12
C HIS G 431 27.54 -23.98 -32.96
N VAL G 432 26.99 -23.90 -31.75
CA VAL G 432 25.84 -23.04 -31.51
C VAL G 432 26.21 -21.58 -31.75
N LYS G 433 27.36 -21.16 -31.20
CA LYS G 433 27.81 -19.79 -31.35
C LYS G 433 28.08 -19.44 -32.82
N ASP G 434 28.73 -20.34 -33.55
CA ASP G 434 28.99 -20.14 -34.97
C ASP G 434 27.69 -20.08 -35.77
N THR G 435 26.69 -20.88 -35.36
CA THR G 435 25.42 -20.93 -36.09
C THR G 435 24.58 -19.69 -35.80
N MET G 436 24.58 -19.20 -34.55
CA MET G 436 23.87 -17.95 -34.28
C MET G 436 24.45 -16.80 -35.10
N VAL G 437 25.77 -16.76 -35.29
CA VAL G 437 26.36 -15.74 -36.14
C VAL G 437 25.94 -15.93 -37.59
N ALA G 438 25.88 -17.19 -38.07
CA ALA G 438 25.42 -17.45 -39.43
C ALA G 438 24.00 -16.95 -39.66
N ALA G 439 23.08 -17.21 -38.72
CA ALA G 439 21.73 -16.72 -38.85
C ALA G 439 21.70 -15.20 -38.87
N LEU G 440 22.55 -14.57 -38.06
CA LEU G 440 22.54 -13.11 -37.95
C LEU G 440 23.06 -12.43 -39.21
N ASN G 441 23.90 -13.10 -40.01
CA ASN G 441 24.57 -12.50 -41.15
C ASN G 441 24.14 -13.10 -42.48
N GLN G 442 23.13 -13.97 -42.49
CA GLN G 442 22.67 -14.58 -43.73
C GLN G 442 22.27 -13.52 -44.75
N THR G 443 22.46 -13.85 -46.03
CA THR G 443 21.92 -13.00 -47.07
C THR G 443 20.40 -13.04 -46.98
N PRO G 444 19.72 -11.97 -47.41
CA PRO G 444 18.25 -12.03 -47.46
C PRO G 444 17.72 -13.19 -48.28
N GLU G 445 18.37 -13.47 -49.42
CA GLU G 445 17.94 -14.54 -50.32
C GLU G 445 18.07 -15.90 -49.66
N GLU G 446 19.20 -16.16 -49.00
CA GLU G 446 19.36 -17.40 -48.26
C GLU G 446 18.41 -17.46 -47.08
N GLY G 447 17.97 -16.31 -46.56
CA GLY G 447 16.94 -16.31 -45.53
C GLY G 447 15.58 -16.76 -46.06
N ARG G 448 15.09 -16.12 -47.14
CA ARG G 448 13.76 -16.39 -47.64
C ARG G 448 13.62 -17.79 -48.19
N ARG G 449 14.69 -18.32 -48.77
CA ARG G 449 14.67 -19.69 -49.28
C ARG G 449 14.41 -20.68 -48.16
N ARG G 450 15.12 -20.51 -47.04
CA ARG G 450 14.93 -21.38 -45.88
C ARG G 450 13.53 -21.22 -45.30
N MET G 451 13.10 -19.97 -45.10
CA MET G 451 11.84 -19.73 -44.42
C MET G 451 10.65 -20.17 -45.27
N ARG G 452 10.71 -19.97 -46.58
CA ARG G 452 9.60 -20.40 -47.42
C ARG G 452 9.40 -21.90 -47.34
N ALA G 453 10.48 -22.67 -47.34
CA ALA G 453 10.37 -24.12 -47.25
C ALA G 453 9.78 -24.55 -45.91
N LEU G 454 10.29 -23.99 -44.82
CA LEU G 454 9.72 -24.23 -43.49
C LEU G 454 8.23 -23.91 -43.43
N ARG G 455 7.76 -22.93 -44.21
CA ARG G 455 6.33 -22.64 -44.23
C ARG G 455 5.56 -23.57 -45.16
N ARG G 456 6.21 -24.12 -46.19
CA ARG G 456 5.55 -25.13 -47.00
C ARG G 456 5.17 -26.36 -46.17
N GLN G 457 5.94 -26.65 -45.13
CA GLN G 457 5.65 -27.82 -44.31
C GLN G 457 4.63 -27.52 -43.21
N VAL G 458 4.76 -26.37 -42.54
CA VAL G 458 3.92 -26.07 -41.38
C VAL G 458 2.47 -25.87 -41.80
N LEU G 459 2.24 -25.29 -42.97
CA LEU G 459 0.88 -25.08 -43.46
C LEU G 459 0.27 -26.39 -43.92
N ALA G 460 1.04 -27.22 -44.63
CA ALA G 460 0.55 -28.53 -45.01
C ALA G 460 0.30 -29.43 -43.80
N HIS G 461 1.09 -29.29 -42.73
CA HIS G 461 0.99 -30.19 -41.57
C HIS G 461 0.60 -29.40 -40.32
N ASP G 462 -0.71 -29.22 -40.14
CA ASP G 462 -1.28 -28.44 -39.06
C ASP G 462 -1.85 -29.37 -37.98
N VAL G 463 -2.51 -28.77 -36.99
CA VAL G 463 -3.05 -29.57 -35.91
C VAL G 463 -4.28 -30.34 -36.37
N ASP G 464 -4.99 -29.84 -37.39
CA ASP G 464 -6.11 -30.62 -37.89
C ASP G 464 -5.63 -31.86 -38.62
N LEU G 465 -4.57 -31.73 -39.43
CA LEU G 465 -4.01 -32.89 -40.13
C LEU G 465 -3.61 -33.96 -39.14
N TRP G 466 -3.02 -33.56 -38.02
CA TRP G 466 -2.53 -34.50 -37.03
C TRP G 466 -3.65 -35.04 -36.14
N ALA G 467 -4.69 -34.25 -35.89
CA ALA G 467 -5.87 -34.75 -35.17
C ALA G 467 -6.62 -35.80 -35.99
N ARG G 468 -7.06 -35.44 -37.21
CA ARG G 468 -7.78 -36.39 -38.05
C ARG G 468 -6.96 -37.67 -38.30
N SER G 469 -5.64 -37.54 -38.37
CA SER G 469 -4.78 -38.69 -38.65
C SER G 469 -4.79 -39.69 -37.50
N PHE G 470 -4.86 -39.20 -36.25
CA PHE G 470 -4.87 -40.08 -35.09
C PHE G 470 -6.27 -40.66 -34.85
N LEU G 471 -7.32 -39.86 -35.05
CA LEU G 471 -8.67 -40.39 -34.92
C LEU G 471 -8.97 -41.48 -35.93
N ASP G 472 -8.34 -41.43 -37.10
CA ASP G 472 -8.62 -42.44 -38.11
C ASP G 472 -8.08 -43.80 -37.70
N ALA G 473 -6.89 -43.82 -37.08
CA ALA G 473 -6.30 -45.09 -36.66
C ALA G 473 -7.09 -45.72 -35.51
N LEU G 474 -7.61 -44.89 -34.61
CA LEU G 474 -8.43 -45.40 -33.50
C LEU G 474 -9.70 -46.07 -34.01
N ALA G 475 -10.28 -45.52 -35.09
CA ALA G 475 -11.52 -46.09 -35.63
C ALA G 475 -11.29 -47.51 -36.17
N SER G 476 -10.28 -47.67 -37.03
CA SER G 476 -9.85 -48.97 -37.56
C SER G 476 -9.91 -50.13 -36.55
N ASP H 10 68.92 8.72 -3.30
CA ASP H 10 68.26 8.22 -2.11
C ASP H 10 67.38 9.34 -1.53
N SER H 11 66.08 9.06 -1.32
CA SER H 11 65.04 10.06 -1.10
C SER H 11 64.79 10.34 0.37
N ASP H 12 64.26 11.53 0.66
CA ASP H 12 63.98 11.97 2.02
C ASP H 12 62.50 11.87 2.39
N PHE H 13 61.67 11.32 1.51
CA PHE H 13 60.30 10.99 1.89
C PHE H 13 59.85 9.81 1.05
N VAL H 14 59.47 8.72 1.71
CA VAL H 14 59.18 7.44 1.05
C VAL H 14 57.77 7.02 1.44
N VAL H 15 56.98 6.59 0.45
CA VAL H 15 55.65 6.03 0.67
C VAL H 15 55.71 4.55 0.36
N VAL H 16 55.20 3.74 1.28
CA VAL H 16 55.16 2.30 1.10
C VAL H 16 53.70 1.86 1.10
N ALA H 17 53.26 1.32 -0.03
CA ALA H 17 51.93 0.79 -0.16
C ALA H 17 52.00 -0.50 -0.94
N ASN H 18 50.94 -1.31 -0.82
CA ASN H 18 50.92 -2.62 -1.47
C ASN H 18 51.15 -2.52 -2.98
N ARG H 19 50.72 -1.44 -3.62
CA ARG H 19 50.88 -1.36 -5.07
C ARG H 19 51.21 0.07 -5.47
N LEU H 20 51.76 0.19 -6.68
CA LEU H 20 52.12 1.47 -7.27
C LEU H 20 50.86 2.21 -7.69
N PRO H 21 50.96 3.51 -7.98
CA PRO H 21 49.77 4.27 -8.43
C PRO H 21 49.35 4.02 -9.87
N ILE H 22 49.95 3.03 -10.55
CA ILE H 22 49.57 2.62 -11.90
C ILE H 22 48.93 1.23 -11.83
N ASP H 23 47.84 1.05 -12.55
CA ASP H 23 47.25 -0.26 -12.78
C ASP H 23 47.64 -0.72 -14.18
N LEU H 24 48.40 -1.80 -14.26
CA LEU H 24 48.90 -2.29 -15.55
C LEU H 24 47.93 -3.32 -16.11
N GLU H 25 47.39 -3.03 -17.30
CA GLU H 25 46.46 -3.94 -17.96
C GLU H 25 46.69 -4.03 -19.47
N LYS H 35 46.08 1.47 -16.46
CA LYS H 35 44.91 2.16 -15.94
C LYS H 35 45.14 2.71 -14.53
N ARG H 36 44.08 3.20 -13.89
CA ARG H 36 44.14 3.77 -12.56
C ARG H 36 43.83 2.69 -11.52
N SER H 37 44.52 2.76 -10.37
CA SER H 37 44.35 1.75 -9.32
C SER H 37 43.07 2.01 -8.52
N PRO H 38 42.33 0.97 -8.17
CA PRO H 38 41.10 1.15 -7.39
C PRO H 38 41.38 1.33 -5.91
N GLY H 39 40.38 1.86 -5.21
CA GLY H 39 40.43 2.00 -3.78
C GLY H 39 40.48 3.45 -3.34
N GLY H 40 40.47 3.63 -2.01
CA GLY H 40 40.67 4.91 -1.35
C GLY H 40 42.12 5.27 -1.07
N LEU H 41 43.03 4.30 -1.23
CA LEU H 41 44.47 4.56 -1.23
C LEU H 41 44.94 5.22 -2.53
N VAL H 42 44.05 5.38 -3.52
CA VAL H 42 44.42 5.98 -4.80
C VAL H 42 43.63 7.25 -5.09
N THR H 43 42.44 7.45 -4.51
CA THR H 43 41.69 8.68 -4.72
C THR H 43 42.13 9.78 -3.77
N ALA H 44 42.63 9.43 -2.58
CA ALA H 44 43.01 10.40 -1.56
C ALA H 44 44.51 10.48 -1.34
N LEU H 45 45.31 9.56 -1.89
CA LEU H 45 46.76 9.60 -1.72
C LEU H 45 47.49 10.15 -2.94
N GLU H 46 47.02 9.82 -4.13
CA GLU H 46 47.51 10.40 -5.37
C GLU H 46 47.35 11.94 -5.36
N PRO H 47 46.36 12.49 -4.64
CA PRO H 47 46.37 13.95 -4.38
C PRO H 47 47.70 14.50 -3.89
N LEU H 48 48.45 13.76 -3.06
CA LEU H 48 49.72 14.25 -2.53
C LEU H 48 50.74 14.61 -3.61
N LEU H 49 50.49 14.23 -4.86
CA LEU H 49 51.43 14.48 -5.95
C LEU H 49 51.26 15.87 -6.53
N GLY H 54 61.31 12.53 -3.38
CA GLY H 54 60.40 11.51 -2.89
C GLY H 54 60.39 10.19 -3.66
N ALA H 55 59.86 9.13 -3.04
CA ALA H 55 59.82 7.80 -3.65
C ALA H 55 58.60 7.04 -3.19
N TRP H 56 58.33 5.94 -3.89
CA TRP H 56 57.18 5.09 -3.60
C TRP H 56 57.60 3.64 -3.76
N ILE H 57 57.26 2.81 -2.79
CA ILE H 57 57.45 1.38 -2.91
C ILE H 57 56.07 0.77 -3.09
N GLY H 58 55.87 0.10 -4.21
CA GLY H 58 54.62 -0.58 -4.46
C GLY H 58 54.82 -1.77 -5.35
N TRP H 59 53.85 -2.70 -5.31
CA TRP H 59 53.92 -3.83 -6.22
C TRP H 59 53.28 -3.46 -7.56
N PRO H 60 53.94 -3.76 -8.69
CA PRO H 60 53.45 -3.29 -10.00
C PRO H 60 52.14 -3.89 -10.47
N GLY H 61 51.45 -4.71 -9.68
CA GLY H 61 50.17 -5.24 -10.08
C GLY H 61 50.20 -6.47 -10.96
N ILE H 62 51.38 -7.03 -11.25
CA ILE H 62 51.50 -8.19 -12.14
C ILE H 62 52.60 -9.11 -11.61
N PRO H 63 52.55 -10.39 -11.99
CA PRO H 63 53.57 -11.34 -11.52
C PRO H 63 54.94 -11.08 -12.14
N ASP H 64 55.97 -11.09 -11.29
CA ASP H 64 57.37 -10.98 -11.70
C ASP H 64 57.67 -9.65 -12.38
N VAL H 71 60.45 6.59 -13.09
CA VAL H 71 60.82 7.99 -12.92
C VAL H 71 59.81 8.90 -13.62
N ASP H 72 58.61 9.01 -13.04
CA ASP H 72 57.52 9.77 -13.64
C ASP H 72 57.53 11.19 -13.06
N GLY H 73 57.94 12.15 -13.88
CA GLY H 73 58.20 13.49 -13.39
C GLY H 73 59.50 13.48 -12.61
N ASP H 74 59.42 13.89 -11.34
CA ASP H 74 60.55 13.91 -10.44
C ASP H 74 60.35 12.92 -9.28
N LEU H 75 59.68 11.80 -9.56
CA LEU H 75 59.27 10.83 -8.56
C LEU H 75 59.81 9.45 -8.92
N VAL H 76 60.48 8.80 -7.96
CA VAL H 76 61.16 7.50 -8.16
C VAL H 76 60.27 6.37 -7.69
N LEU H 77 60.11 5.35 -8.53
CA LEU H 77 59.26 4.21 -8.21
C LEU H 77 60.10 2.96 -8.04
N TYR H 78 59.92 2.28 -6.91
CA TYR H 78 60.60 1.03 -6.67
C TYR H 78 59.61 -0.10 -6.86
N PRO H 79 59.77 -0.93 -7.89
CA PRO H 79 58.85 -2.05 -8.09
C PRO H 79 59.27 -3.26 -7.28
N VAL H 80 58.29 -3.94 -6.73
CA VAL H 80 58.48 -5.11 -5.88
C VAL H 80 57.94 -6.31 -6.63
N ARG H 81 58.83 -7.22 -7.03
CA ARG H 81 58.48 -8.29 -7.97
C ARG H 81 57.98 -9.49 -7.20
N LEU H 82 56.67 -9.71 -7.22
CA LEU H 82 56.05 -10.86 -6.55
C LEU H 82 55.83 -11.98 -7.56
N SER H 83 56.22 -13.19 -7.17
CA SER H 83 55.92 -14.36 -7.98
C SER H 83 54.43 -14.72 -7.86
N ALA H 84 54.02 -15.73 -8.63
CA ALA H 84 52.62 -16.15 -8.63
C ALA H 84 52.23 -16.72 -7.28
N ASP H 85 53.20 -17.26 -6.53
CA ASP H 85 52.92 -17.77 -5.20
C ASP H 85 52.86 -16.64 -4.17
N ASP H 86 53.70 -15.61 -4.34
CA ASP H 86 53.64 -14.42 -3.50
C ASP H 86 52.33 -13.69 -3.66
N VAL H 87 51.72 -13.80 -4.83
CA VAL H 87 50.45 -13.10 -5.08
C VAL H 87 49.29 -13.91 -4.53
N ALA H 88 49.28 -15.22 -4.81
CA ALA H 88 48.22 -16.08 -4.32
C ALA H 88 48.25 -16.22 -2.79
N GLN H 89 49.44 -16.16 -2.19
CA GLN H 89 49.56 -16.47 -0.76
C GLN H 89 49.66 -15.23 0.13
N TYR H 90 50.34 -14.17 -0.31
CA TYR H 90 50.40 -12.97 0.52
C TYR H 90 49.26 -12.00 0.21
N TYR H 91 48.97 -11.78 -1.08
CA TYR H 91 47.97 -10.79 -1.47
C TYR H 91 46.57 -11.34 -1.27
N GLU H 92 46.20 -12.37 -2.04
CA GLU H 92 44.83 -12.84 -1.98
C GLU H 92 44.61 -13.86 -0.87
N GLY H 93 45.67 -14.45 -0.33
CA GLY H 93 45.52 -15.26 0.87
C GLY H 93 45.47 -14.46 2.16
N PHE H 94 46.63 -14.16 2.74
CA PHE H 94 46.66 -13.63 4.09
C PHE H 94 46.01 -12.24 4.16
N SER H 95 46.33 -11.35 3.22
CA SER H 95 45.77 -10.00 3.24
C SER H 95 44.26 -10.02 3.10
N ASN H 96 43.74 -10.73 2.09
CA ASN H 96 42.35 -10.56 1.71
C ASN H 96 41.48 -11.78 1.96
N ALA H 97 42.04 -12.85 2.52
CA ALA H 97 41.24 -13.96 3.04
C ALA H 97 41.43 -14.18 4.53
N THR H 98 42.46 -13.60 5.15
CA THR H 98 42.62 -13.67 6.60
C THR H 98 42.33 -12.31 7.24
N LEU H 99 43.06 -11.26 6.85
CA LEU H 99 42.94 -9.97 7.51
C LEU H 99 41.66 -9.23 7.13
N TRP H 100 41.41 -9.06 5.83
CA TRP H 100 40.23 -8.34 5.38
C TRP H 100 39.00 -8.89 6.10
N PRO H 101 38.65 -10.18 5.96
CA PRO H 101 37.43 -10.66 6.62
C PRO H 101 37.41 -10.41 8.10
N LEU H 102 38.58 -10.48 8.74
CA LEU H 102 38.63 -10.45 10.20
C LEU H 102 38.48 -9.04 10.75
N TYR H 103 39.09 -8.05 10.10
CA TYR H 103 39.03 -6.68 10.58
C TYR H 103 37.67 -6.04 10.33
N HIS H 104 36.92 -6.55 9.36
CA HIS H 104 35.54 -6.11 9.14
C HIS H 104 34.52 -7.00 9.84
N ASP H 105 34.78 -7.33 11.12
CA ASP H 105 33.82 -8.00 12.00
C ASP H 105 33.42 -9.41 11.53
N VAL H 106 34.39 -10.20 11.07
CA VAL H 106 34.18 -11.52 10.47
C VAL H 106 32.88 -11.61 9.66
N ILE H 107 32.70 -10.70 8.68
CA ILE H 107 31.56 -10.81 7.77
C ILE H 107 31.56 -12.17 7.07
N VAL H 108 32.73 -12.57 6.54
CA VAL H 108 32.95 -13.95 6.17
C VAL H 108 33.96 -14.54 7.15
N LYS H 109 34.12 -15.86 7.07
CA LYS H 109 34.98 -16.59 8.01
C LYS H 109 36.43 -16.49 7.58
N PRO H 110 37.32 -15.96 8.42
CA PRO H 110 38.75 -15.93 8.06
C PRO H 110 39.33 -17.33 7.99
N ILE H 111 40.33 -17.47 7.12
CA ILE H 111 41.06 -18.71 7.00
C ILE H 111 42.45 -18.47 7.57
N TYR H 112 42.82 -19.24 8.60
CA TYR H 112 44.15 -19.12 9.21
C TYR H 112 45.08 -20.19 8.66
N ASN H 113 46.15 -19.75 7.97
CA ASN H 113 47.05 -20.65 7.24
C ASN H 113 48.48 -20.22 7.54
N ARG H 114 49.29 -21.18 8.03
CA ARG H 114 50.66 -20.86 8.45
C ARG H 114 51.59 -20.60 7.27
N GLN H 115 51.38 -21.30 6.15
CA GLN H 115 52.15 -21.01 4.93
C GLN H 115 51.79 -19.65 4.35
N TRP H 116 50.55 -19.18 4.51
CA TRP H 116 50.21 -17.83 4.09
C TRP H 116 50.90 -16.81 4.97
N TRP H 117 50.97 -17.10 6.27
CA TRP H 117 51.63 -16.18 7.17
C TRP H 117 53.12 -16.14 6.93
N GLU H 118 53.71 -17.27 6.54
CA GLU H 118 55.15 -17.31 6.34
C GLU H 118 55.57 -16.57 5.08
N ARG H 119 54.72 -16.55 4.05
CA ARG H 119 54.97 -15.75 2.86
C ARG H 119 54.74 -14.26 3.13
N TYR H 120 53.59 -13.93 3.73
CA TYR H 120 53.31 -12.57 4.19
C TYR H 120 54.49 -11.93 4.92
N VAL H 121 55.15 -12.68 5.81
CA VAL H 121 56.38 -12.23 6.47
C VAL H 121 57.49 -12.02 5.44
N GLU H 122 57.61 -12.96 4.49
CA GLU H 122 58.66 -12.88 3.47
C GLU H 122 58.46 -11.68 2.56
N VAL H 123 57.21 -11.34 2.25
CA VAL H 123 56.95 -10.22 1.36
C VAL H 123 57.17 -8.89 2.09
N ASN H 124 56.55 -8.72 3.26
CA ASN H 124 56.80 -7.53 4.07
C ASN H 124 58.30 -7.25 4.17
N ARG H 125 59.10 -8.31 4.27
CA ARG H 125 60.56 -8.18 4.28
C ARG H 125 61.07 -7.61 2.98
N ARG H 126 60.51 -8.05 1.85
CA ARG H 126 60.93 -7.47 0.59
C ARG H 126 60.54 -6.00 0.50
N PHE H 127 59.33 -5.65 0.95
CA PHE H 127 58.93 -4.24 0.92
C PHE H 127 59.86 -3.38 1.78
N ALA H 128 60.29 -3.90 2.94
CA ALA H 128 61.13 -3.12 3.84
C ALA H 128 62.55 -2.95 3.30
N GLU H 129 63.09 -3.99 2.67
CA GLU H 129 64.44 -3.88 2.10
C GLU H 129 64.47 -2.92 0.91
N ALA H 130 63.49 -3.01 0.01
CA ALA H 130 63.38 -2.03 -1.07
C ALA H 130 63.26 -0.61 -0.53
N THR H 131 62.43 -0.42 0.50
CA THR H 131 62.33 0.87 1.15
C THR H 131 63.70 1.41 1.55
N SER H 132 64.54 0.54 2.12
CA SER H 132 65.85 0.95 2.62
C SER H 132 66.76 1.40 1.49
N ARG H 133 66.66 0.74 0.33
CA ARG H 133 67.43 1.17 -0.84
C ARG H 133 66.97 2.52 -1.36
N ALA H 134 65.71 2.87 -1.15
CA ALA H 134 65.26 4.18 -1.59
C ALA H 134 65.57 5.27 -0.57
N ALA H 135 65.24 5.02 0.70
CA ALA H 135 65.24 6.08 1.70
C ALA H 135 66.64 6.54 2.06
N ALA H 136 66.80 7.85 2.20
CA ALA H 136 68.09 8.42 2.59
C ALA H 136 68.17 8.49 4.10
N ARG H 137 69.31 8.90 4.60
CA ARG H 137 69.56 8.96 6.03
C ARG H 137 68.70 10.02 6.70
N GLY H 138 68.06 9.67 7.81
CA GLY H 138 67.14 10.57 8.46
C GLY H 138 65.82 10.77 7.75
N ALA H 139 65.56 10.00 6.70
CA ALA H 139 64.38 10.18 5.89
C ALA H 139 63.11 9.89 6.69
N THR H 140 61.98 10.27 6.10
CA THR H 140 60.65 10.02 6.61
C THR H 140 60.00 8.93 5.75
N VAL H 141 59.44 7.92 6.39
CA VAL H 141 58.77 6.82 5.70
C VAL H 141 57.33 6.74 6.17
N TRP H 142 56.41 6.55 5.21
CA TRP H 142 54.99 6.42 5.54
C TRP H 142 54.44 5.16 4.88
N VAL H 143 54.19 4.15 5.70
CA VAL H 143 53.69 2.85 5.29
C VAL H 143 52.18 2.84 5.31
N GLN H 144 51.57 2.23 4.29
CA GLN H 144 50.13 2.23 4.09
C GLN H 144 49.50 0.87 4.36
N ASP H 145 48.66 0.81 5.37
CA ASP H 145 47.53 -0.12 5.41
C ASP H 145 47.87 -1.57 5.75
N TYR H 146 46.87 -2.44 5.63
CA TYR H 146 46.85 -3.73 6.32
C TYR H 146 47.76 -4.78 5.69
N GLN H 147 48.12 -4.65 4.40
CA GLN H 147 49.01 -5.64 3.81
C GLN H 147 50.42 -5.53 4.33
N LEU H 148 50.78 -4.44 5.01
CA LEU H 148 52.16 -4.13 5.29
C LEU H 148 52.36 -3.79 6.76
N GLN H 149 51.62 -4.49 7.64
CA GLN H 149 51.67 -4.23 9.07
C GLN H 149 52.98 -4.63 9.72
N LEU H 150 53.76 -5.53 9.12
CA LEU H 150 55.04 -5.88 9.73
C LEU H 150 56.20 -5.01 9.26
N VAL H 151 55.98 -4.13 8.29
CA VAL H 151 57.05 -3.31 7.72
C VAL H 151 57.62 -2.27 8.69
N PRO H 152 56.84 -1.64 9.59
CA PRO H 152 57.49 -0.68 10.51
C PRO H 152 58.59 -1.29 11.36
N LYS H 153 58.35 -2.48 11.90
CA LYS H 153 59.35 -3.13 12.76
C LYS H 153 60.54 -3.64 11.96
N MET H 154 60.28 -4.17 10.76
CA MET H 154 61.38 -4.73 9.97
C MET H 154 62.32 -3.65 9.49
N LEU H 155 61.79 -2.47 9.15
CA LEU H 155 62.64 -1.41 8.64
C LEU H 155 63.41 -0.73 9.78
N ARG H 156 62.81 -0.61 10.97
CA ARG H 156 63.53 0.03 12.06
C ARG H 156 64.79 -0.75 12.42
N GLU H 157 64.68 -2.09 12.49
CA GLU H 157 65.86 -2.89 12.79
C GLU H 157 66.92 -2.74 11.71
N LEU H 158 66.51 -2.67 10.44
CA LEU H 158 67.46 -2.43 9.36
C LEU H 158 67.99 -0.99 9.40
N ARG H 159 67.12 -0.02 9.64
CA ARG H 159 67.51 1.39 9.55
C ARG H 159 66.81 2.24 10.60
N PRO H 160 67.35 2.30 11.82
CA PRO H 160 66.75 3.13 12.87
C PRO H 160 67.10 4.61 12.77
N ASP H 161 67.77 5.02 11.70
CA ASP H 161 67.94 6.43 11.39
C ASP H 161 66.68 7.06 10.83
N LEU H 162 65.69 6.24 10.47
CA LEU H 162 64.51 6.70 9.76
C LEU H 162 63.41 7.12 10.73
N THR H 163 62.61 8.07 10.28
CA THR H 163 61.32 8.42 10.90
C THR H 163 60.22 7.69 10.15
N ILE H 164 59.30 7.05 10.88
CA ILE H 164 58.41 6.03 10.31
C ILE H 164 56.98 6.19 10.85
N GLY H 165 56.04 6.47 9.96
CA GLY H 165 54.62 6.49 10.32
C GLY H 165 53.88 5.36 9.63
N PHE H 166 52.78 4.92 10.25
CA PHE H 166 51.91 3.90 9.66
C PHE H 166 50.47 4.35 9.79
N PHE H 167 49.69 4.19 8.72
CA PHE H 167 48.25 4.45 8.76
C PHE H 167 47.48 3.24 8.22
N LEU H 168 46.39 2.87 8.92
CA LEU H 168 45.52 1.76 8.54
C LEU H 168 44.21 2.33 8.04
N HIS H 169 43.83 1.98 6.81
CA HIS H 169 42.65 2.52 6.16
C HIS H 169 41.39 1.66 6.36
N ILE H 170 41.50 0.51 7.01
CA ILE H 170 40.34 -0.34 7.27
C ILE H 170 40.03 -0.27 8.76
N PRO H 171 38.93 -0.87 9.24
CA PRO H 171 38.68 -0.85 10.68
C PRO H 171 39.71 -1.65 11.46
N PHE H 172 39.88 -1.30 12.73
CA PHE H 172 40.65 -2.15 13.63
C PHE H 172 39.68 -2.84 14.58
N PRO H 173 39.60 -4.18 14.59
CA PRO H 173 38.40 -4.88 15.12
C PRO H 173 38.38 -4.89 16.63
N PRO H 174 37.23 -5.23 17.23
CA PRO H 174 37.20 -5.57 18.66
C PRO H 174 38.32 -6.54 19.01
N VAL H 175 38.86 -6.43 20.22
CA VAL H 175 40.04 -7.21 20.55
C VAL H 175 39.68 -8.68 20.78
N GLU H 176 38.43 -8.96 21.15
CA GLU H 176 37.98 -10.35 21.32
C GLU H 176 37.96 -11.11 20.01
N LEU H 177 37.82 -10.42 18.89
CA LEU H 177 37.94 -11.04 17.59
C LEU H 177 39.37 -11.05 17.07
N PHE H 178 40.16 -10.02 17.41
CA PHE H 178 41.54 -9.98 16.98
C PHE H 178 42.34 -11.07 17.67
N MET H 179 41.96 -11.46 18.89
CA MET H 179 42.65 -12.54 19.57
C MET H 179 42.59 -13.85 18.79
N GLN H 180 41.64 -14.00 17.87
CA GLN H 180 41.56 -15.22 17.07
C GLN H 180 42.87 -15.48 16.33
N LEU H 181 43.48 -14.43 15.82
CA LEU H 181 44.70 -14.48 15.03
C LEU H 181 45.77 -15.34 15.70
N PRO H 182 46.26 -16.40 15.04
CA PRO H 182 47.41 -17.13 15.62
C PRO H 182 48.66 -16.28 15.70
N TRP H 183 48.79 -15.25 14.87
CA TRP H 183 49.96 -14.37 14.86
C TRP H 183 49.61 -12.99 15.40
N ARG H 184 48.76 -12.97 16.43
CA ARG H 184 48.28 -11.73 17.01
C ARG H 184 49.41 -10.92 17.64
N THR H 185 50.36 -11.59 18.32
CA THR H 185 51.42 -10.85 19.00
C THR H 185 52.42 -10.29 18.02
N GLU H 186 52.69 -10.99 16.93
CA GLU H 186 53.67 -10.55 15.95
C GLU H 186 53.17 -9.35 15.14
N ILE H 187 51.86 -9.30 14.86
CA ILE H 187 51.30 -8.16 14.13
C ILE H 187 51.43 -6.90 14.98
N THR H 188 51.05 -7.00 16.25
CA THR H 188 51.15 -5.85 17.15
C THR H 188 52.59 -5.34 17.23
N ASP H 189 53.55 -6.23 17.42
CA ASP H 189 54.97 -5.85 17.42
C ASP H 189 55.36 -5.16 16.12
N GLY H 190 54.82 -5.62 14.99
CA GLY H 190 55.14 -4.99 13.71
C GLY H 190 54.71 -3.54 13.66
N LEU H 191 53.49 -3.25 14.12
CA LEU H 191 52.99 -1.87 14.12
C LEU H 191 53.74 -0.99 15.11
N LEU H 192 54.24 -1.59 16.18
CA LEU H 192 54.94 -0.83 17.20
C LEU H 192 56.33 -0.41 16.76
N GLY H 193 56.78 -0.84 15.58
CA GLY H 193 58.03 -0.34 15.01
C GLY H 193 57.95 1.12 14.59
N ALA H 194 56.76 1.63 14.37
CA ALA H 194 56.49 2.98 13.89
C ALA H 194 56.68 4.01 15.00
N ASP H 195 56.93 5.26 14.59
CA ASP H 195 56.89 6.40 15.51
C ASP H 195 55.49 6.96 15.68
N LEU H 196 54.60 6.73 14.71
CA LEU H 196 53.22 7.18 14.74
C LEU H 196 52.35 6.12 14.08
N VAL H 197 51.29 5.72 14.76
CA VAL H 197 50.32 4.76 14.24
C VAL H 197 48.97 5.47 14.18
N GLY H 198 48.37 5.52 13.00
CA GLY H 198 47.13 6.26 12.80
C GLY H 198 45.96 5.39 12.37
N PHE H 199 44.76 5.74 12.87
CA PHE H 199 43.48 5.13 12.50
C PHE H 199 42.50 6.24 12.15
N HIS H 200 41.42 5.87 11.48
CA HIS H 200 40.34 6.82 11.17
C HIS H 200 39.77 7.41 12.45
N LEU H 201 39.14 6.56 13.28
CA LEU H 201 38.30 6.74 14.46
C LEU H 201 39.09 6.50 15.73
N PRO H 202 38.75 7.22 16.81
CA PRO H 202 39.44 7.00 18.09
C PRO H 202 39.22 5.61 18.66
N GLY H 203 38.19 4.89 18.24
CA GLY H 203 37.97 3.55 18.74
C GLY H 203 39.00 2.53 18.28
N GLY H 204 39.50 2.66 17.04
CA GLY H 204 40.57 1.78 16.60
C GLY H 204 41.88 2.10 17.28
N ALA H 205 42.13 3.38 17.52
CA ALA H 205 43.32 3.78 18.28
C ALA H 205 43.30 3.20 19.69
N GLN H 206 42.11 3.04 20.30
CA GLN H 206 42.04 2.64 21.70
C GLN H 206 42.12 1.12 21.85
N ASN H 207 41.53 0.37 20.92
CA ASN H 207 41.83 -1.05 20.83
C ASN H 207 43.32 -1.27 20.72
N PHE H 208 44.02 -0.39 20.01
CA PHE H 208 45.45 -0.56 19.84
C PHE H 208 46.20 -0.37 21.16
N LEU H 209 45.81 0.63 21.96
CA LEU H 209 46.48 0.83 23.25
C LEU H 209 46.24 -0.35 24.16
N PHE H 210 45.02 -0.89 24.14
CA PHE H 210 44.67 -2.03 24.97
C PHE H 210 45.53 -3.25 24.60
N LEU H 211 45.63 -3.54 23.30
CA LEU H 211 46.40 -4.71 22.87
C LEU H 211 47.88 -4.55 23.21
N ALA H 212 48.40 -3.32 23.13
CA ALA H 212 49.79 -3.10 23.53
C ALA H 212 49.99 -3.39 25.03
N ARG H 213 49.01 -3.06 25.87
CA ARG H 213 49.14 -3.34 27.30
C ARG H 213 49.03 -4.82 27.57
N ARG H 214 47.96 -5.44 27.06
CA ARG H 214 47.63 -6.81 27.43
C ARG H 214 48.55 -7.84 26.77
N LEU H 215 49.14 -7.52 25.61
CA LEU H 215 49.82 -8.52 24.82
C LEU H 215 51.31 -8.28 24.68
N VAL H 216 51.73 -7.02 24.57
CA VAL H 216 53.15 -6.70 24.59
C VAL H 216 53.62 -6.43 26.02
N GLY H 217 52.71 -6.06 26.92
CA GLY H 217 53.09 -5.77 28.28
C GLY H 217 53.73 -4.42 28.46
N ALA H 218 53.45 -3.48 27.56
CA ALA H 218 54.09 -2.18 27.61
C ALA H 218 53.27 -1.20 28.47
N ASN H 219 53.94 -0.13 28.90
CA ASN H 219 53.24 0.95 29.58
C ASN H 219 52.57 1.87 28.55
N THR H 220 51.28 2.13 28.73
CA THR H 220 50.50 2.98 27.82
C THR H 220 49.68 4.01 28.60
N SER H 221 49.22 5.01 27.85
CA SER H 221 48.26 5.97 28.39
C SER H 221 46.86 5.36 28.37
N ARG H 222 46.07 5.73 29.40
CA ARG H 222 44.75 5.16 29.61
C ARG H 222 43.63 6.09 29.14
N ALA H 223 43.97 7.31 28.73
CA ALA H 223 42.99 8.34 28.44
C ALA H 223 42.20 8.03 27.16
N SER H 224 41.18 8.86 26.92
CA SER H 224 40.46 8.83 25.68
C SER H 224 41.29 9.52 24.60
N VAL H 225 41.30 8.94 23.40
CA VAL H 225 42.03 9.49 22.26
C VAL H 225 41.11 10.43 21.49
N GLY H 226 41.63 11.61 21.13
CA GLY H 226 40.85 12.62 20.43
C GLY H 226 40.92 12.48 18.92
N VAL H 227 40.28 13.44 18.25
CA VAL H 227 40.27 13.55 16.77
C VAL H 227 41.36 14.53 16.35
N ARG H 228 42.36 14.01 15.63
CA ARG H 228 43.54 14.79 15.21
C ARG H 228 44.18 15.56 16.36
N SER H 229 43.95 15.13 17.59
CA SER H 229 44.44 15.83 18.77
C SER H 229 44.46 14.82 19.91
N LYS H 230 44.92 15.28 21.08
CA LYS H 230 44.93 14.49 22.31
C LYS H 230 45.35 13.05 22.04
N PHE H 231 46.59 12.85 21.62
CA PHE H 231 47.07 11.56 21.13
C PHE H 231 47.41 10.61 22.30
N GLY H 232 47.31 9.32 22.03
CA GLY H 232 47.81 8.30 22.92
C GLY H 232 49.32 8.15 22.85
N GLU H 233 49.83 7.17 23.60
CA GLU H 233 51.27 7.00 23.74
C GLU H 233 51.59 5.60 24.25
N VAL H 234 52.68 5.00 23.75
CA VAL H 234 53.14 3.69 24.18
C VAL H 234 54.63 3.74 24.45
N GLN H 235 55.03 3.29 25.64
CA GLN H 235 56.43 3.33 26.04
C GLN H 235 57.11 2.04 25.59
N ILE H 236 58.19 2.18 24.81
CA ILE H 236 58.87 1.02 24.24
C ILE H 236 60.37 1.30 24.18
N GLY H 237 61.14 0.65 25.06
CA GLY H 237 62.56 0.92 25.14
C GLY H 237 62.79 2.37 25.50
N SER H 238 63.69 3.02 24.77
CA SER H 238 63.88 4.46 24.85
C SER H 238 62.96 5.20 23.89
N ARG H 239 62.14 4.47 23.15
CA ARG H 239 61.27 5.07 22.16
C ARG H 239 59.88 5.33 22.74
N THR H 240 59.23 6.36 22.21
CA THR H 240 57.82 6.62 22.45
C THR H 240 57.08 6.55 21.12
N VAL H 241 55.95 5.86 21.12
CA VAL H 241 55.12 5.72 19.94
C VAL H 241 53.81 6.44 20.22
N LYS H 242 53.48 7.44 19.41
CA LYS H 242 52.24 8.18 19.52
C LYS H 242 51.15 7.56 18.65
N VAL H 243 49.92 7.57 19.16
CA VAL H 243 48.79 6.88 18.56
C VAL H 243 47.65 7.87 18.39
N GLY H 244 47.14 8.01 17.15
CA GLY H 244 46.22 9.07 16.83
C GLY H 244 45.10 8.63 15.91
N ALA H 245 44.02 9.42 15.92
CA ALA H 245 42.90 9.26 15.02
C ALA H 245 42.88 10.40 14.03
N PHE H 246 42.83 10.05 12.73
CA PHE H 246 42.77 10.98 11.60
C PHE H 246 41.77 10.44 10.57
N PRO H 247 40.61 11.09 10.38
CA PRO H 247 39.59 10.60 9.44
C PRO H 247 39.88 11.08 8.02
N ILE H 248 40.16 10.14 7.11
CA ILE H 248 40.55 10.52 5.75
C ILE H 248 39.38 11.19 5.05
N SER H 249 39.69 11.98 4.00
CA SER H 249 38.66 12.72 3.27
C SER H 249 39.07 12.85 1.81
N ILE H 250 38.36 13.72 1.08
CA ILE H 250 38.51 13.88 -0.35
C ILE H 250 39.02 15.27 -0.64
N ASP H 251 39.33 15.51 -1.91
CA ASP H 251 39.66 16.87 -2.36
C ASP H 251 38.36 17.62 -2.59
N SER H 252 37.79 18.11 -1.47
CA SER H 252 36.43 18.67 -1.48
C SER H 252 36.28 19.81 -2.48
N ALA H 253 37.17 20.79 -2.44
CA ALA H 253 36.98 21.99 -3.26
C ALA H 253 37.22 21.69 -4.73
N ASP H 254 38.21 20.85 -5.04
CA ASP H 254 38.43 20.48 -6.43
C ASP H 254 37.23 19.76 -7.00
N LEU H 255 36.60 18.90 -6.20
CA LEU H 255 35.47 18.13 -6.67
C LEU H 255 34.23 19.01 -6.83
N ASP H 256 34.02 19.89 -5.85
CA ASP H 256 32.96 20.89 -5.95
C ASP H 256 33.08 21.70 -7.25
N ARG H 257 34.28 22.20 -7.54
CA ARG H 257 34.45 23.06 -8.71
C ARG H 257 34.24 22.27 -10.00
N GLN H 258 34.66 21.00 -10.00
CA GLN H 258 34.57 20.16 -11.18
C GLN H 258 33.12 19.75 -11.48
N ALA H 259 32.21 19.85 -10.52
CA ALA H 259 30.84 19.40 -10.68
C ALA H 259 29.88 20.49 -11.16
N ARG H 260 30.34 21.73 -11.26
CA ARG H 260 29.50 22.80 -11.78
C ARG H 260 29.66 23.04 -13.26
N GLN H 261 30.57 22.34 -13.92
CA GLN H 261 30.80 22.52 -15.36
C GLN H 261 29.47 22.38 -16.10
N ARG H 262 29.31 23.20 -17.14
CA ARG H 262 28.12 23.09 -17.98
C ARG H 262 27.97 21.66 -18.51
N SER H 263 29.09 21.05 -18.87
CA SER H 263 29.07 19.71 -19.48
C SER H 263 28.63 18.64 -18.49
N ILE H 264 29.03 18.76 -17.22
CA ILE H 264 28.57 17.82 -16.20
C ILE H 264 27.07 17.98 -15.96
N ARG H 265 26.60 19.22 -15.86
CA ARG H 265 25.22 19.44 -15.47
C ARG H 265 24.24 19.05 -16.58
N GLN H 266 24.67 19.06 -17.84
CA GLN H 266 23.83 18.63 -18.95
C GLN H 266 23.90 17.13 -19.17
N ARG H 267 25.09 16.56 -18.97
CA ARG H 267 25.24 15.11 -18.94
C ARG H 267 24.29 14.46 -17.94
N ALA H 268 24.08 15.13 -16.80
CA ALA H 268 23.13 14.65 -15.80
C ALA H 268 21.70 14.73 -16.32
N ARG H 269 21.36 15.78 -17.05
CA ARG H 269 20.03 15.82 -17.65
C ARG H 269 19.93 14.84 -18.82
N GLN H 270 21.01 14.63 -19.57
CA GLN H 270 21.00 13.60 -20.59
C GLN H 270 20.82 12.21 -19.96
N ILE H 271 21.58 11.90 -18.90
CA ILE H 271 21.46 10.62 -18.21
C ILE H 271 20.00 10.30 -17.88
N ARG H 272 19.34 11.20 -17.13
CA ARG H 272 17.94 10.95 -16.77
C ARG H 272 17.05 10.76 -18.00
N ALA H 273 17.40 11.43 -19.11
CA ALA H 273 16.69 11.22 -20.36
C ALA H 273 16.90 9.81 -20.90
N GLU H 274 18.15 9.32 -20.89
CA GLU H 274 18.44 7.96 -21.34
C GLU H 274 17.57 6.91 -20.65
N LEU H 275 17.04 7.21 -19.46
CA LEU H 275 16.35 6.23 -18.62
C LEU H 275 14.82 6.31 -18.67
N GLY H 276 14.25 7.05 -19.62
CA GLY H 276 12.81 7.18 -19.69
C GLY H 276 12.26 8.30 -18.85
N ASN H 277 13.06 9.32 -18.59
CA ASN H 277 12.84 10.40 -17.63
C ASN H 277 12.13 9.93 -16.36
N PRO H 278 12.81 9.17 -15.52
CA PRO H 278 12.21 8.76 -14.24
C PRO H 278 11.99 9.96 -13.34
N ARG H 279 11.02 9.80 -12.43
CA ARG H 279 10.78 10.82 -11.43
C ARG H 279 11.79 10.77 -10.29
N ARG H 280 12.32 9.59 -9.98
CA ARG H 280 13.23 9.36 -8.86
C ARG H 280 14.33 8.42 -9.30
N ILE H 281 15.59 8.83 -9.16
CA ILE H 281 16.76 7.99 -9.43
C ILE H 281 17.47 7.67 -8.11
N LEU H 282 17.78 6.39 -7.89
CA LEU H 282 18.59 5.94 -6.76
C LEU H 282 19.92 5.39 -7.28
N LEU H 283 21.02 5.74 -6.59
CA LEU H 283 22.36 5.37 -7.03
C LEU H 283 23.12 4.65 -5.92
N GLY H 284 23.91 3.66 -6.32
CA GLY H 284 25.00 3.16 -5.50
C GLY H 284 26.26 3.08 -6.34
N VAL H 285 27.40 3.37 -5.72
CA VAL H 285 28.70 3.33 -6.40
C VAL H 285 29.72 2.75 -5.42
N ASP H 286 30.33 1.60 -5.77
CA ASP H 286 31.32 0.94 -4.90
C ASP H 286 32.07 -0.19 -5.63
N ARG H 287 33.16 -0.65 -5.00
CA ARG H 287 33.75 -1.94 -5.35
C ARG H 287 32.79 -3.07 -5.01
N LEU H 288 32.80 -4.12 -5.82
CA LEU H 288 32.05 -5.34 -5.51
C LEU H 288 32.78 -6.08 -4.39
N ASP H 289 32.25 -5.99 -3.16
CA ASP H 289 32.92 -6.42 -1.95
C ASP H 289 31.83 -6.63 -0.91
N TYR H 290 31.91 -7.75 -0.19
CA TYR H 290 30.81 -8.13 0.70
C TYR H 290 30.65 -7.20 1.90
N THR H 291 31.61 -6.30 2.16
CA THR H 291 31.41 -5.35 3.24
C THR H 291 30.51 -4.19 2.84
N LYS H 292 30.00 -4.18 1.61
CA LYS H 292 29.45 -2.96 1.04
C LYS H 292 27.93 -2.85 1.12
N GLY H 293 27.22 -3.92 1.45
CA GLY H 293 25.77 -3.80 1.55
C GLY H 293 25.06 -3.58 0.22
N ILE H 294 25.66 -4.06 -0.88
CA ILE H 294 24.98 -3.97 -2.17
C ILE H 294 23.79 -4.93 -2.21
N ASP H 295 23.92 -6.09 -1.56
CA ASP H 295 22.83 -7.07 -1.50
C ASP H 295 21.68 -6.59 -0.60
N VAL H 296 21.99 -5.88 0.47
CA VAL H 296 20.98 -5.27 1.34
C VAL H 296 20.14 -4.25 0.56
N ARG H 297 20.80 -3.33 -0.14
CA ARG H 297 20.06 -2.28 -0.86
C ARG H 297 19.22 -2.85 -2.01
N LEU H 298 19.63 -3.97 -2.61
CA LEU H 298 18.77 -4.64 -3.59
C LEU H 298 17.58 -5.30 -2.91
N GLN H 299 17.80 -5.97 -1.79
CA GLN H 299 16.72 -6.62 -1.06
C GLN H 299 15.67 -5.59 -0.66
N ALA H 300 16.08 -4.51 -0.01
CA ALA H 300 15.14 -3.45 0.38
C ALA H 300 14.37 -2.91 -0.82
N PHE H 301 15.07 -2.70 -1.94
CA PHE H 301 14.41 -2.20 -3.14
C PHE H 301 13.38 -3.19 -3.66
N ALA H 302 13.79 -4.44 -3.85
CA ALA H 302 12.87 -5.49 -4.29
C ALA H 302 11.61 -5.53 -3.46
N GLU H 303 11.74 -5.39 -2.13
CA GLU H 303 10.61 -5.50 -1.22
C GLU H 303 9.72 -4.27 -1.20
N LEU H 304 10.28 -3.06 -1.36
CA LEU H 304 9.44 -1.89 -1.56
C LEU H 304 8.58 -2.03 -2.81
N LEU H 305 9.18 -2.54 -3.91
CA LEU H 305 8.43 -2.87 -5.12
C LEU H 305 7.27 -3.82 -4.81
N ALA H 306 7.57 -4.99 -4.24
CA ALA H 306 6.54 -5.97 -3.94
C ALA H 306 5.44 -5.42 -3.04
N GLU H 307 5.72 -4.37 -2.28
CA GLU H 307 4.78 -3.82 -1.32
C GLU H 307 4.02 -2.62 -1.86
N GLY H 308 4.30 -2.19 -3.07
CA GLY H 308 3.62 -1.03 -3.60
C GLY H 308 4.11 0.30 -3.07
N ARG H 309 5.13 0.32 -2.22
CA ARG H 309 5.58 1.57 -1.65
C ARG H 309 6.46 2.34 -2.60
N VAL H 310 6.84 1.74 -3.71
CA VAL H 310 7.62 2.41 -4.74
C VAL H 310 6.97 2.14 -6.09
N ASN H 311 6.79 3.18 -6.88
CA ASN H 311 6.08 3.06 -8.16
C ASN H 311 6.99 2.41 -9.20
N ARG H 312 6.61 1.22 -9.67
CA ARG H 312 7.51 0.50 -10.56
C ARG H 312 7.64 1.14 -11.91
N GLU H 313 6.94 2.24 -12.18
CA GLU H 313 6.96 2.87 -13.49
C GLU H 313 7.77 4.16 -13.55
N ASP H 314 7.96 4.88 -12.44
CA ASP H 314 8.64 6.16 -12.49
C ASP H 314 9.89 6.29 -11.64
N THR H 315 10.33 5.23 -10.94
CA THR H 315 11.56 5.25 -10.15
C THR H 315 12.47 4.10 -10.57
N VAL H 316 13.78 4.33 -10.52
CA VAL H 316 14.75 3.35 -11.04
C VAL H 316 16.05 3.42 -10.24
N PHE H 317 16.65 2.25 -9.99
CA PHE H 317 17.91 2.09 -9.26
C PHE H 317 19.05 1.82 -10.23
N VAL H 318 20.18 2.51 -10.04
CA VAL H 318 21.39 2.26 -10.83
C VAL H 318 22.53 1.90 -9.90
N GLN H 319 23.15 0.75 -10.14
CA GLN H 319 24.29 0.28 -9.36
C GLN H 319 25.50 0.19 -10.26
N LEU H 320 26.57 0.88 -9.90
CA LEU H 320 27.83 0.85 -10.63
C LEU H 320 28.87 0.20 -9.74
N ALA H 321 29.27 -1.02 -10.11
CA ALA H 321 30.27 -1.78 -9.38
C ALA H 321 31.58 -1.79 -10.15
N THR H 322 32.70 -1.80 -9.39
CA THR H 322 34.05 -2.05 -9.92
C THR H 322 34.49 -3.45 -9.50
N PRO H 323 34.97 -4.29 -10.40
CA PRO H 323 35.44 -5.63 -9.99
C PRO H 323 36.59 -5.55 -8.98
N SER H 324 36.75 -6.62 -8.22
CA SER H 324 37.66 -6.58 -7.07
C SER H 324 37.88 -8.00 -6.62
N ARG H 325 39.15 -8.42 -6.60
CA ARG H 325 39.61 -9.68 -5.97
C ARG H 325 38.80 -10.90 -6.43
N GLU H 326 38.60 -11.01 -7.75
CA GLU H 326 37.77 -12.08 -8.29
C GLU H 326 38.40 -13.47 -8.18
N ARG H 327 39.67 -13.56 -7.79
CA ARG H 327 40.28 -14.86 -7.56
C ARG H 327 39.97 -15.40 -6.17
N VAL H 328 39.64 -14.53 -5.22
CA VAL H 328 39.26 -14.94 -3.87
C VAL H 328 37.83 -15.48 -3.91
N GLU H 329 37.61 -16.65 -3.32
CA GLU H 329 36.37 -17.36 -3.62
C GLU H 329 35.15 -16.69 -3.02
N ALA H 330 35.29 -16.05 -1.86
CA ALA H 330 34.15 -15.38 -1.25
C ALA H 330 33.69 -14.19 -2.07
N TYR H 331 34.57 -13.64 -2.91
CA TYR H 331 34.17 -12.53 -3.76
C TYR H 331 33.38 -12.97 -4.98
N ARG H 332 33.55 -14.22 -5.43
CA ARG H 332 32.76 -14.77 -6.54
C ARG H 332 31.40 -15.28 -6.07
N LEU H 333 31.27 -15.69 -4.81
CA LEU H 333 29.98 -16.02 -4.25
C LEU H 333 29.11 -14.77 -4.10
N LEU H 334 29.70 -13.70 -3.57
CA LEU H 334 28.98 -12.43 -3.52
C LEU H 334 28.54 -12.00 -4.92
N ARG H 335 29.47 -12.04 -5.89
CA ARG H 335 29.17 -11.61 -7.24
C ARG H 335 28.00 -12.40 -7.84
N ASP H 336 28.06 -13.73 -7.76
CA ASP H 336 27.00 -14.55 -8.33
C ASP H 336 25.64 -14.23 -7.70
N ASP H 337 25.61 -13.93 -6.40
CA ASP H 337 24.34 -13.71 -5.73
C ASP H 337 23.76 -12.33 -6.05
N ILE H 338 24.62 -11.33 -6.23
CA ILE H 338 24.15 -10.00 -6.63
C ILE H 338 23.63 -10.02 -8.08
N GLU H 339 24.35 -10.67 -8.99
CA GLU H 339 23.86 -10.81 -10.36
C GLU H 339 22.48 -11.46 -10.39
N ARG H 340 22.25 -12.43 -9.51
CA ARG H 340 20.96 -13.11 -9.46
C ARG H 340 19.87 -12.17 -8.95
N GLN H 341 20.20 -11.31 -7.98
CA GLN H 341 19.23 -10.33 -7.52
C GLN H 341 18.82 -9.38 -8.65
N VAL H 342 19.77 -9.00 -9.51
CA VAL H 342 19.48 -8.04 -10.58
C VAL H 342 18.48 -8.60 -11.57
N GLY H 343 18.80 -9.76 -12.16
CA GLY H 343 17.90 -10.38 -13.12
C GLY H 343 16.56 -10.79 -12.52
N HIS H 344 16.54 -11.15 -11.24
CA HIS H 344 15.28 -11.53 -10.60
C HIS H 344 14.32 -10.35 -10.50
N ILE H 345 14.84 -9.20 -10.07
CA ILE H 345 14.00 -8.02 -9.87
C ILE H 345 13.51 -7.46 -11.21
N ASN H 346 14.38 -7.48 -12.24
CA ASN H 346 14.00 -6.96 -13.54
C ASN H 346 12.99 -7.87 -14.22
N GLY H 347 13.26 -9.17 -14.23
CA GLY H 347 12.31 -10.12 -14.79
C GLY H 347 10.95 -10.10 -14.12
N GLU H 348 10.83 -9.49 -12.96
CA GLU H 348 9.62 -9.52 -12.15
C GLU H 348 8.88 -8.20 -12.09
N TYR H 349 9.57 -7.07 -12.25
CA TYR H 349 8.91 -5.77 -12.23
C TYR H 349 9.23 -4.88 -13.42
N GLY H 350 10.30 -5.16 -14.17
CA GLY H 350 10.65 -4.37 -15.32
C GLY H 350 9.77 -4.69 -16.49
N GLU H 351 9.95 -3.89 -17.56
CA GLU H 351 9.36 -4.21 -18.85
C GLU H 351 10.47 -4.25 -19.89
N VAL H 352 10.15 -4.86 -21.03
CA VAL H 352 11.09 -4.91 -22.14
C VAL H 352 11.32 -3.48 -22.64
N GLY H 353 12.58 -3.06 -22.66
CA GLY H 353 12.90 -1.69 -22.93
C GLY H 353 12.95 -0.80 -21.72
N HIS H 354 12.63 -1.32 -20.52
CA HIS H 354 12.55 -0.50 -19.31
C HIS H 354 12.76 -1.37 -18.07
N PRO H 355 14.02 -1.68 -17.74
CA PRO H 355 14.30 -2.32 -16.45
C PRO H 355 14.02 -1.37 -15.31
N VAL H 356 13.81 -1.96 -14.12
CA VAL H 356 13.85 -1.17 -12.90
C VAL H 356 15.22 -1.12 -12.25
N VAL H 357 16.19 -1.93 -12.72
CA VAL H 357 17.52 -1.99 -12.12
C VAL H 357 18.58 -2.00 -13.22
N HIS H 358 19.48 -1.04 -13.18
CA HIS H 358 20.59 -0.97 -14.12
C HIS H 358 21.88 -1.23 -13.35
N TYR H 359 22.63 -2.22 -13.81
CA TYR H 359 23.80 -2.72 -13.09
C TYR H 359 24.93 -2.88 -14.08
N LEU H 360 26.06 -2.21 -13.81
CA LEU H 360 27.24 -2.44 -14.63
C LEU H 360 28.44 -2.77 -13.77
N HIS H 361 29.33 -3.56 -14.34
CA HIS H 361 30.42 -4.20 -13.63
C HIS H 361 31.74 -3.72 -14.24
N ARG H 362 31.99 -2.42 -14.17
CA ARG H 362 33.25 -1.88 -14.66
C ARG H 362 33.46 -0.52 -14.01
N PRO H 363 34.67 0.05 -14.12
CA PRO H 363 34.89 1.43 -13.67
C PRO H 363 34.39 2.41 -14.71
N VAL H 364 33.69 3.44 -14.25
CA VAL H 364 33.25 4.48 -15.16
C VAL H 364 34.18 5.67 -15.02
N PRO H 365 34.45 6.43 -16.10
CA PRO H 365 35.40 7.53 -16.01
C PRO H 365 34.89 8.65 -15.13
N ARG H 366 35.87 9.41 -14.61
CA ARG H 366 35.61 10.33 -13.51
C ARG H 366 34.43 11.25 -13.81
N GLU H 367 34.42 11.83 -15.02
CA GLU H 367 33.41 12.83 -15.35
C GLU H 367 32.02 12.21 -15.45
N GLU H 368 31.94 10.98 -15.99
CA GLU H 368 30.66 10.30 -16.04
C GLU H 368 30.17 9.95 -14.65
N LEU H 369 31.09 9.64 -13.73
CA LEU H 369 30.69 9.36 -12.34
C LEU H 369 30.10 10.60 -11.70
N ILE H 370 30.69 11.76 -11.96
CA ILE H 370 30.21 13.00 -11.34
C ILE H 370 28.80 13.31 -11.86
N ALA H 371 28.58 13.14 -13.16
CA ALA H 371 27.26 13.39 -13.72
C ALA H 371 26.21 12.45 -13.12
N PHE H 372 26.63 11.26 -12.68
CA PHE H 372 25.72 10.38 -11.98
C PHE H 372 25.41 10.90 -10.57
N PHE H 373 26.46 11.28 -9.85
CA PHE H 373 26.28 11.93 -8.55
C PHE H 373 25.36 13.14 -8.67
N VAL H 374 25.43 13.87 -9.77
CA VAL H 374 24.59 15.04 -9.97
C VAL H 374 23.17 14.66 -10.40
N ALA H 375 22.99 13.52 -11.06
CA ALA H 375 21.66 13.15 -11.53
C ALA H 375 20.78 12.52 -10.46
N ALA H 376 21.40 11.95 -9.41
CA ALA H 376 20.75 10.97 -8.55
C ALA H 376 20.01 11.60 -7.38
N ASP H 377 18.74 11.24 -7.21
CA ASP H 377 17.96 11.86 -6.13
C ASP H 377 18.33 11.30 -4.77
N VAL H 378 18.80 10.06 -4.71
CA VAL H 378 19.10 9.36 -3.46
C VAL H 378 20.38 8.54 -3.62
N MET H 379 21.38 8.81 -2.77
CA MET H 379 22.63 8.05 -2.73
C MET H 379 22.51 6.97 -1.66
N LEU H 380 22.65 5.70 -2.09
CA LEU H 380 22.47 4.54 -1.23
C LEU H 380 23.86 4.00 -0.86
N VAL H 381 24.36 4.36 0.30
CA VAL H 381 25.66 3.88 0.80
C VAL H 381 25.38 3.03 2.05
N THR H 382 25.26 1.70 1.86
CA THR H 382 24.80 0.82 2.93
C THR H 382 25.79 -0.25 3.41
N PRO H 383 27.04 0.06 3.75
CA PRO H 383 27.99 -1.01 4.10
C PRO H 383 27.70 -1.67 5.45
N LEU H 384 27.96 -2.97 5.50
CA LEU H 384 27.84 -3.68 6.76
C LEU H 384 28.94 -3.27 7.73
N ARG H 385 30.10 -2.86 7.19
CA ARG H 385 31.22 -2.26 7.92
C ARG H 385 32.21 -1.60 6.94
N ASP H 386 32.48 -0.30 7.11
CA ASP H 386 33.47 0.37 6.29
C ASP H 386 34.38 1.25 7.14
N GLY H 387 35.67 1.22 6.84
CA GLY H 387 36.63 2.00 7.62
C GLY H 387 36.32 3.48 7.62
N MET H 388 35.89 4.02 6.48
CA MET H 388 35.46 5.40 6.34
C MET H 388 34.32 5.53 5.33
N ASN H 389 34.62 5.21 4.07
CA ASN H 389 33.79 5.38 2.87
C ASN H 389 33.81 6.81 2.32
N LEU H 390 34.46 7.00 1.15
CA LEU H 390 34.58 8.31 0.51
C LEU H 390 33.48 8.62 -0.49
N VAL H 391 32.77 7.61 -0.99
CA VAL H 391 31.70 7.83 -1.95
C VAL H 391 30.61 8.71 -1.33
N ALA H 392 30.39 8.58 -0.03
CA ALA H 392 29.42 9.44 0.63
C ALA H 392 29.88 10.88 0.65
N LYS H 393 31.16 11.11 0.91
CA LYS H 393 31.66 12.48 0.88
C LYS H 393 31.72 13.02 -0.54
N GLU H 394 32.07 12.17 -1.52
CA GLU H 394 32.02 12.60 -2.91
C GLU H 394 30.63 13.09 -3.29
N TYR H 395 29.60 12.28 -3.01
CA TYR H 395 28.24 12.71 -3.34
C TYR H 395 27.95 14.09 -2.78
N VAL H 396 28.24 14.30 -1.50
CA VAL H 396 27.95 15.56 -0.83
C VAL H 396 28.63 16.73 -1.55
N ALA H 397 29.89 16.54 -1.95
CA ALA H 397 30.65 17.62 -2.58
C ALA H 397 30.11 18.01 -3.97
N CYS H 398 29.40 17.10 -4.64
CA CYS H 398 28.93 17.40 -5.99
C CYS H 398 27.59 18.16 -6.02
N ARG H 399 26.81 18.11 -4.96
CA ARG H 399 25.47 18.69 -4.98
C ARG H 399 25.50 20.08 -4.33
N SER H 400 26.27 20.95 -4.98
CA SER H 400 26.26 22.36 -4.66
C SER H 400 24.94 23.01 -4.98
N ASP H 401 24.11 22.35 -5.79
CA ASP H 401 22.77 22.84 -6.03
C ASP H 401 21.83 22.57 -4.87
N LEU H 402 22.25 21.74 -3.92
CA LEU H 402 21.59 21.47 -2.64
C LEU H 402 20.42 20.49 -2.73
N GLY H 403 20.17 19.88 -3.88
CA GLY H 403 19.26 18.76 -3.98
C GLY H 403 19.92 17.44 -3.62
N GLY H 404 19.10 16.38 -3.60
CA GLY H 404 19.59 15.06 -3.26
C GLY H 404 19.40 14.68 -1.80
N ALA H 405 19.76 13.43 -1.51
CA ALA H 405 19.64 12.84 -0.18
C ALA H 405 20.57 11.64 -0.02
N LEU H 406 21.33 11.59 1.08
CA LEU H 406 22.28 10.51 1.35
C LEU H 406 21.74 9.58 2.45
N VAL H 407 21.58 8.31 2.10
CA VAL H 407 21.20 7.25 3.03
C VAL H 407 22.50 6.52 3.43
N LEU H 408 22.90 6.62 4.71
CA LEU H 408 24.26 6.29 5.13
C LEU H 408 24.25 5.28 6.28
N SER H 409 24.95 4.17 6.08
CA SER H 409 25.11 3.16 7.13
C SER H 409 25.80 3.71 8.37
N GLU H 410 25.34 3.29 9.53
CA GLU H 410 25.97 3.73 10.76
C GLU H 410 27.27 2.98 11.03
N PHE H 411 27.51 1.86 10.34
CA PHE H 411 28.74 1.10 10.44
C PHE H 411 29.79 1.55 9.43
N THR H 412 29.73 2.79 9.00
CA THR H 412 30.78 3.47 8.26
C THR H 412 31.46 4.46 9.20
N GLY H 413 32.76 4.67 9.02
CA GLY H 413 33.41 5.74 9.76
C GLY H 413 32.90 7.12 9.40
N ALA H 414 32.38 7.28 8.17
CA ALA H 414 31.86 8.58 7.75
C ALA H 414 30.64 8.99 8.56
N ALA H 415 29.86 8.05 9.08
CA ALA H 415 28.72 8.37 9.93
C ALA H 415 29.11 9.14 11.20
N ALA H 416 30.40 9.19 11.57
CA ALA H 416 30.82 10.01 12.69
C ALA H 416 30.90 11.49 12.37
N GLU H 417 30.95 11.84 11.08
CA GLU H 417 30.97 13.23 10.61
C GLU H 417 29.70 13.62 9.85
N LEU H 418 29.06 12.69 9.15
CA LEU H 418 27.89 12.97 8.32
C LEU H 418 26.59 12.64 9.06
N GLY H 419 26.44 13.18 10.27
CA GLY H 419 25.29 12.85 11.11
C GLY H 419 23.97 13.43 10.65
N GLN H 420 23.98 14.31 9.66
CA GLN H 420 22.77 14.89 9.08
C GLN H 420 22.27 14.12 7.87
N ALA H 421 22.89 12.98 7.56
CA ALA H 421 22.36 12.13 6.51
C ALA H 421 21.24 11.29 7.10
N TYR H 422 20.60 10.49 6.24
CA TYR H 422 19.64 9.50 6.68
C TYR H 422 20.42 8.25 7.10
N LEU H 423 20.55 8.04 8.40
CA LEU H 423 21.35 6.95 8.91
C LEU H 423 20.50 5.69 9.13
N VAL H 424 21.04 4.54 8.73
CA VAL H 424 20.34 3.27 8.87
C VAL H 424 21.21 2.29 9.64
N ASN H 425 20.55 1.35 10.31
CA ASN H 425 21.17 0.11 10.74
C ASN H 425 20.98 -0.89 9.60
N PRO H 426 22.03 -1.30 8.91
CA PRO H 426 21.84 -2.11 7.70
C PRO H 426 21.27 -3.48 7.96
N HIS H 427 21.43 -4.02 9.16
CA HIS H 427 20.83 -5.30 9.54
C HIS H 427 19.33 -5.20 9.81
N ASN H 428 18.81 -3.98 9.84
CA ASN H 428 17.41 -3.72 10.13
C ASN H 428 16.76 -3.40 8.80
N LEU H 429 16.30 -4.44 8.11
CA LEU H 429 15.84 -4.24 6.76
C LEU H 429 14.60 -3.35 6.69
N ASP H 430 13.74 -3.39 7.72
CA ASP H 430 12.57 -2.51 7.75
C ASP H 430 12.96 -1.07 7.96
N HIS H 431 13.97 -0.82 8.79
CA HIS H 431 14.47 0.54 8.97
C HIS H 431 15.15 1.06 7.72
N VAL H 432 15.82 0.17 6.97
CA VAL H 432 16.43 0.58 5.70
C VAL H 432 15.35 0.95 4.69
N LYS H 433 14.29 0.12 4.60
CA LYS H 433 13.18 0.41 3.67
C LYS H 433 12.39 1.65 4.11
N ASP H 434 12.13 1.80 5.41
CA ASP H 434 11.46 3.00 5.90
C ASP H 434 12.30 4.24 5.60
N THR H 435 13.60 4.17 5.89
CA THR H 435 14.47 5.33 5.67
C THR H 435 14.63 5.64 4.18
N MET H 436 14.48 4.64 3.30
CA MET H 436 14.58 4.90 1.86
C MET H 436 13.32 5.59 1.33
N VAL H 437 12.15 5.28 1.87
CA VAL H 437 10.94 5.98 1.47
C VAL H 437 10.97 7.42 1.96
N ALA H 438 11.42 7.63 3.20
CA ALA H 438 11.53 8.98 3.75
C ALA H 438 12.39 9.87 2.87
N ALA H 439 13.58 9.37 2.50
CA ALA H 439 14.46 10.13 1.62
C ALA H 439 13.81 10.40 0.27
N LEU H 440 13.02 9.45 -0.24
CA LEU H 440 12.34 9.63 -1.51
C LEU H 440 11.22 10.67 -1.43
N ASN H 441 10.68 10.92 -0.24
CA ASN H 441 9.54 11.81 -0.06
C ASN H 441 9.88 13.10 0.67
N GLN H 442 11.16 13.38 0.92
CA GLN H 442 11.53 14.57 1.68
C GLN H 442 10.99 15.84 1.02
N THR H 443 10.73 16.86 1.85
CA THR H 443 10.34 18.14 1.32
C THR H 443 11.57 18.83 0.74
N PRO H 444 11.39 19.89 -0.06
CA PRO H 444 12.58 20.60 -0.56
C PRO H 444 13.36 21.32 0.54
N GLU H 445 12.68 21.89 1.52
CA GLU H 445 13.40 22.57 2.60
C GLU H 445 14.16 21.57 3.48
N GLU H 446 13.63 20.37 3.70
CA GLU H 446 14.32 19.43 4.56
C GLU H 446 15.54 18.87 3.85
N GLY H 447 15.36 18.40 2.62
CA GLY H 447 16.50 17.99 1.81
C GLY H 447 17.62 19.01 1.79
N ARG H 448 17.27 20.30 1.61
CA ARG H 448 18.29 21.33 1.41
C ARG H 448 18.97 21.73 2.70
N ARG H 449 18.29 21.60 3.84
CA ARG H 449 18.93 21.93 5.12
C ARG H 449 19.97 20.90 5.49
N ARG H 450 19.70 19.63 5.18
CA ARG H 450 20.64 18.56 5.48
C ARG H 450 21.87 18.63 4.58
N MET H 451 21.65 18.80 3.27
CA MET H 451 22.72 18.95 2.30
C MET H 451 23.64 20.13 2.65
N ARG H 452 23.05 21.22 3.16
CA ARG H 452 23.85 22.36 3.58
C ARG H 452 24.75 22.02 4.75
N ALA H 453 24.21 21.26 5.73
CA ALA H 453 25.01 20.90 6.89
C ALA H 453 26.10 19.90 6.55
N LEU H 454 25.82 18.98 5.63
CA LEU H 454 26.82 17.99 5.24
C LEU H 454 27.96 18.63 4.46
N ARG H 455 27.62 19.62 3.64
CA ARG H 455 28.61 20.28 2.79
C ARG H 455 29.54 21.17 3.59
N ARG H 456 28.99 21.91 4.55
CA ARG H 456 29.81 22.70 5.47
C ARG H 456 30.83 21.83 6.21
N GLN H 457 30.50 20.56 6.45
CA GLN H 457 31.45 19.68 7.11
C GLN H 457 32.52 19.17 6.15
N VAL H 458 32.16 18.83 4.91
CA VAL H 458 33.09 18.18 4.00
C VAL H 458 34.07 19.19 3.39
N LEU H 459 33.60 20.39 3.07
CA LEU H 459 34.49 21.39 2.48
C LEU H 459 35.54 21.87 3.47
N ALA H 460 35.25 21.78 4.76
CA ALA H 460 36.20 22.21 5.78
C ALA H 460 37.05 21.07 6.34
N HIS H 461 36.66 19.82 6.13
CA HIS H 461 37.44 18.65 6.56
C HIS H 461 37.78 17.85 5.33
N ASP H 462 38.86 18.23 4.66
CA ASP H 462 39.23 17.65 3.36
C ASP H 462 40.51 16.83 3.48
N VAL H 463 41.05 16.42 2.33
CA VAL H 463 42.18 15.51 2.35
C VAL H 463 43.46 16.23 2.77
N ASP H 464 43.59 17.53 2.49
CA ASP H 464 44.78 18.25 2.94
C ASP H 464 44.79 18.41 4.44
N LEU H 465 43.62 18.67 5.05
CA LEU H 465 43.52 18.72 6.50
C LEU H 465 43.94 17.38 7.12
N TRP H 466 43.49 16.28 6.53
CA TRP H 466 43.89 14.95 6.98
C TRP H 466 45.38 14.73 6.78
N ALA H 467 45.89 15.00 5.58
CA ALA H 467 47.27 14.70 5.28
C ALA H 467 48.23 15.54 6.11
N ARG H 468 47.86 16.77 6.44
CA ARG H 468 48.76 17.69 7.15
C ARG H 468 48.71 17.57 8.66
N SER H 469 47.70 16.91 9.24
CA SER H 469 47.74 16.63 10.66
C SER H 469 48.51 15.34 10.95
N PHE H 470 48.42 14.37 10.05
CA PHE H 470 49.18 13.12 10.20
C PHE H 470 50.68 13.39 10.16
N LEU H 471 51.15 14.15 9.18
CA LEU H 471 52.59 14.32 9.03
C LEU H 471 53.16 15.39 9.95
N ASP H 472 52.36 16.41 10.31
CA ASP H 472 52.75 17.28 11.43
C ASP H 472 52.92 16.49 12.70
N ALA H 473 52.04 15.50 12.93
CA ALA H 473 52.13 14.67 14.14
C ALA H 473 53.36 13.76 14.12
N LEU H 474 53.70 13.23 12.95
CA LEU H 474 54.87 12.37 12.79
C LEU H 474 56.18 13.17 12.85
N ALA H 475 56.15 14.44 12.46
CA ALA H 475 57.37 15.22 12.57
C ALA H 475 57.68 15.59 14.01
N SER H 476 56.65 15.73 14.85
CA SER H 476 56.89 16.10 16.22
C SER H 476 57.44 14.96 17.07
N THR H 477 57.54 13.74 16.51
CA THR H 477 58.21 12.66 17.22
C THR H 477 59.74 12.76 17.19
N ARG H 478 60.31 13.80 16.59
CA ARG H 478 61.78 13.92 16.54
C ARG H 478 62.41 14.53 17.80
PB ADP I . -35.23 -2.68 -1.32
O1B ADP I . -33.70 -2.69 -1.29
O2B ADP I . -35.81 -1.27 -1.55
O3B ADP I . -35.66 -3.52 -2.53
PA ADP I . -36.28 -4.79 0.70
O1A ADP I . -36.88 -4.67 2.07
O2A ADP I . -37.31 -5.33 -0.25
O3A ADP I . -35.82 -3.23 0.17
O5' ADP I . -35.02 -5.80 0.87
C5' ADP I . -33.82 -5.55 0.20
C4' ADP I . -32.93 -6.78 0.33
O4' ADP I . -31.67 -6.38 0.43
C3' ADP I . -33.28 -7.54 1.69
O3' ADP I . -33.34 -8.83 1.46
C2' ADP I . -32.09 -7.27 2.63
O2' ADP I . -31.86 -8.47 3.39
C1' ADP I . -31.03 -6.98 1.84
N9 ADP I . -30.23 -6.01 2.46
C8 ADP I . -30.54 -4.74 2.67
N7 ADP I . -29.51 -4.14 3.28
C5 ADP I . -28.51 -5.01 3.49
C6 ADP I . -27.20 -5.01 4.08
N6 ADP I . -26.62 -3.83 4.65
N1 ADP I . -26.47 -6.11 4.11
C2 ADP I . -26.95 -7.24 3.58
N3 ADP I . -28.15 -7.29 3.01
C4 ADP I . -28.97 -6.21 2.96
C1 EDO J . -21.52 3.62 28.59
O1 EDO J . -21.96 4.61 29.54
C2 EDO J . -20.49 2.72 29.26
O2 EDO J . -20.13 1.64 28.40
PB ADP K . -6.84 27.11 23.90
O1B ADP K . -8.12 26.36 24.27
O2B ADP K . -6.99 27.87 22.58
O3B ADP K . -6.50 28.09 25.02
PA ADP K . -4.50 25.39 24.74
O1A ADP K . -4.03 24.12 24.07
O2A ADP K . -3.39 26.37 24.89
O3A ADP K . -5.61 25.99 23.63
O5' ADP K . -5.17 24.98 26.15
C5' ADP K . -6.42 24.32 26.17
C4' ADP K . -6.58 23.72 27.54
O4' ADP K . -7.72 23.08 27.65
C3' ADP K . -5.43 22.63 27.76
O3' ADP K . -4.92 22.78 28.98
C2' ADP K . -6.17 21.31 27.47
O2' ADP K . -5.51 20.18 28.14
C1' ADP K . -7.44 21.48 27.89
N9 ADP K . -8.35 20.73 27.10
C8 ADP K . -8.58 20.91 25.80
N7 ADP K . -9.48 20.02 25.36
C5 ADP K . -9.87 19.26 26.38
C6 ADP K . -10.77 18.17 26.52
N6 ADP K . -11.52 17.67 25.40
N1 ADP K . -10.92 17.61 27.70
C2 ADP K . -10.24 18.05 28.75
N3 ADP K . -9.36 19.06 28.65
C4 ADP K . -9.16 19.69 27.47
O1 F6P L . -6.98 33.05 24.14
C1 F6P L . -7.22 31.78 24.70
C2 F6P L . -8.73 31.70 24.90
O2 F6P L . -9.39 32.21 23.71
C3 F6P L . -9.16 32.48 26.15
O3 F6P L . -9.27 33.88 26.02
C4 F6P L . -10.50 31.85 26.41
O4 F6P L . -10.89 32.10 27.75
C5 F6P L . -10.27 30.39 26.00
O5 F6P L . -9.19 30.37 25.08
C6 F6P L . -11.45 29.76 25.28
O6 F6P L . -12.55 29.68 26.15
P F6P L . -13.82 30.66 26.13
O1P F6P L . -15.00 29.79 26.42
O2P F6P L . -14.02 31.36 24.80
O3P F6P L . -13.62 31.68 27.23
P PO4 M . 17.74 29.83 27.19
O1 PO4 M . 18.33 28.44 27.36
O2 PO4 M . 17.03 29.92 25.87
O3 PO4 M . 18.86 30.84 27.24
O4 PO4 M . 16.77 30.10 28.32
PB ADP N . -8.39 43.60 -13.85
O1B ADP N . -8.30 42.70 -12.60
O2B ADP N . -9.48 43.07 -14.78
O3B ADP N . -7.08 43.62 -14.61
PA ADP N . -8.45 46.61 -14.21
O1A ADP N . -7.01 46.79 -14.53
O2A ADP N . -8.85 47.72 -13.27
O3A ADP N . -8.72 45.18 -13.35
O5' ADP N . -9.38 46.79 -15.52
C5' ADP N . -9.59 45.76 -16.46
C4' ADP N . -9.98 46.34 -17.81
O4' ADP N . -11.08 45.76 -18.22
C3' ADP N . -10.26 47.91 -17.76
O3' ADP N . -9.67 48.54 -18.76
C2' ADP N . -11.78 48.02 -17.92
O2' ADP N . -12.08 49.24 -18.63
C1' ADP N . -12.14 46.95 -18.65
N9 ADP N . -13.44 46.55 -18.29
C8 ADP N . -13.84 46.08 -17.12
N7 ADP N . -15.14 45.78 -17.16
C5 ADP N . -15.62 46.06 -18.38
C6 ADP N . -16.88 46.00 -19.04
N6 ADP N . -18.07 45.51 -18.39
N1 ADP N . -16.95 46.38 -20.32
C2 ADP N . -15.90 46.83 -20.98
N3 ADP N . -14.71 46.91 -20.38
C4 ADP N . -14.53 46.54 -19.10
O1 F6P O . -4.13 41.95 -13.32
C1 F6P O . -4.67 41.57 -14.57
C2 F6P O . -4.95 40.08 -14.53
O2 F6P O . -4.34 39.60 -13.32
C3 F6P O . -4.26 39.30 -15.66
O3 F6P O . -3.09 38.60 -15.16
C4 F6P O . -5.42 38.48 -16.22
O4 F6P O . -5.32 38.23 -17.61
C5 F6P O . -6.62 39.38 -15.95
O5 F6P O . -6.37 39.87 -14.64
C6 F6P O . -8.02 38.77 -16.15
O6 F6P O . -8.02 37.35 -16.02
P F6P O . -8.44 36.34 -17.22
O1P F6P O . -8.66 34.94 -16.72
O2P F6P O . -9.72 36.80 -17.87
O3P F6P O . -7.28 36.34 -18.17
C1 EDO P . -10.08 42.17 1.66
O1 EDO P . -9.67 43.32 2.42
C2 EDO P . -10.66 41.06 2.54
O2 EDO P . -12.10 40.91 2.44
PB ADP Q . -54.40 33.75 -2.58
O1B ADP Q . -53.59 32.49 -2.29
O2B ADP Q . -55.64 33.86 -1.68
O3B ADP Q . -53.48 34.97 -2.40
PA ADP Q . -56.07 34.43 -4.98
O1A ADP Q . -57.31 33.61 -4.80
O2A ADP Q . -55.70 34.49 -6.44
O3A ADP Q . -54.82 33.63 -4.21
O5' ADP Q . -56.30 35.94 -4.41
C5' ADP Q . -55.26 36.90 -4.42
C4' ADP Q . -55.83 38.29 -4.27
O4' ADP Q . -54.88 39.15 -3.95
C3' ADP Q . -56.41 38.81 -5.66
O3' ADP Q . -57.51 39.53 -5.44
C2' ADP Q . -55.27 39.65 -6.24
O2' ADP Q . -55.85 40.62 -7.14
C1' ADP Q . -54.66 40.24 -5.18
N9 ADP Q . -53.27 40.50 -5.37
C8 ADP Q . -52.32 39.58 -5.54
N7 ADP Q . -51.12 40.16 -5.67
C5 ADP Q . -51.25 41.49 -5.61
C6 ADP Q . -50.36 42.61 -5.68
N6 ADP Q . -48.96 42.43 -5.89
N1 ADP Q . -50.83 43.83 -5.57
C2 ADP Q . -52.13 44.02 -5.38
N3 ADP Q . -52.99 42.99 -5.30
C4 ADP Q . -52.60 41.71 -5.40
O1 F6P R . -56.79 30.50 1.83
C1 F6P R . -56.27 31.64 1.17
C2 F6P R . -55.33 32.24 2.17
O2 F6P R . -54.52 31.16 2.68
C3 F6P R . -56.14 32.88 3.30
O3 F6P R . -56.64 32.00 4.28
C4 F6P R . -55.16 33.89 3.81
O4 F6P R . -55.81 34.87 4.56
C5 F6P R . -54.65 34.41 2.47
O5 F6P R . -54.50 33.26 1.63
C6 F6P R . -53.43 35.36 2.51
O6 F6P R . -52.36 35.01 3.38
P F6P R . -52.21 35.53 4.88
O1P F6P R . -51.56 34.45 5.69
O2P F6P R . -53.58 35.91 5.42
O3P F6P R . -51.31 36.74 4.97
P PO4 S . -74.37 26.10 -15.80
O1 PO4 S . -74.56 26.32 -14.32
O2 PO4 S . -75.11 24.85 -16.23
O3 PO4 S . -72.91 25.93 -16.15
O4 PO4 S . -74.93 27.29 -16.54
P PO4 T . -47.75 33.35 25.74
O1 PO4 T . -46.55 32.44 25.86
O2 PO4 T . -47.28 34.79 25.68
O3 PO4 T . -48.54 33.01 24.50
O4 PO4 T . -48.65 33.16 26.94
PB ADP U . 26.39 -26.50 27.43
O1B ADP U . 25.69 -27.73 26.87
O2B ADP U . 26.62 -25.51 26.29
O3B ADP U . 25.61 -25.85 28.56
PA ADP U . 28.37 -27.32 29.57
O1A ADP U . 29.75 -27.88 29.34
O2A ADP U . 28.44 -26.12 30.45
O3A ADP U . 27.89 -26.95 28.00
O5' ADP U . 27.38 -28.44 30.20
C5' ADP U . 27.09 -29.59 29.43
C4' ADP U . 26.39 -30.65 30.28
O4' ADP U . 25.90 -31.60 29.51
C3' ADP U . 27.43 -31.42 31.24
O3' ADP U . 26.84 -31.76 32.38
C2' ADP U . 27.83 -32.65 30.40
O2' ADP U . 28.36 -33.66 31.28
C1' ADP U . 26.67 -33.01 29.81
N9 ADP U . 26.83 -33.66 28.58
C8 ADP U . 27.23 -33.09 27.43
N7 ADP U . 27.25 -33.98 26.44
C5 ADP U . 26.87 -35.16 26.93
C6 ADP U . 26.72 -36.47 26.40
N6 ADP U . 27.00 -36.71 25.02
N1 ADP U . 26.30 -37.47 27.18
C2 ADP U . 26.03 -37.25 28.46
N3 ADP U . 26.17 -36.03 29.00
C4 ADP U . 26.60 -34.97 28.27
O1 F6P V . 24.41 -22.80 28.81
C1 F6P V . 23.35 -23.73 28.99
C2 F6P V . 22.35 -23.54 27.85
O2 F6P V . 22.68 -22.25 27.26
C3 F6P V . 20.88 -23.48 28.31
O3 F6P V . 20.21 -22.30 27.99
C4 F6P V . 20.20 -24.60 27.56
O4 F6P V . 19.15 -25.12 28.31
C5 F6P V . 21.38 -25.55 27.39
O5 F6P V . 22.46 -24.69 27.00
C6 F6P V . 21.14 -26.77 26.49
O6 F6P V . 20.40 -26.55 25.31
P F6P V . 18.80 -26.67 25.11
O1P F6P V . 18.44 -28.02 24.58
O2P F6P V . 18.02 -26.37 26.36
O3P F6P V . 18.42 -25.61 24.09
PB ADP W . 36.16 -51.99 -12.40
O1B ADP W . 37.04 -51.48 -11.27
O2B ADP W . 35.18 -50.90 -12.83
O3B ADP W . 37.09 -52.38 -13.56
PA ADP W . 35.55 -54.87 -11.76
O1A ADP W . 34.57 -55.53 -10.85
O2A ADP W . 35.27 -55.40 -13.14
O3A ADP W . 35.19 -53.24 -11.79
O5' ADP W . 37.11 -55.09 -11.30
C5' ADP W . 37.53 -54.74 -9.99
C4' ADP W . 38.83 -55.44 -9.68
O4' ADP W . 39.51 -54.71 -8.79
C3' ADP W . 38.61 -56.85 -8.95
O3' ADP W . 39.60 -57.67 -9.22
C2' ADP W . 38.62 -56.45 -7.45
O2' ADP W . 38.86 -57.61 -6.63
C1' ADP W . 39.59 -55.51 -7.33
N9 ADP W . 39.31 -54.67 -6.24
C8 ADP W . 38.29 -53.81 -6.16
N7 ADP W . 38.28 -53.19 -4.99
C5 ADP W . 39.31 -53.65 -4.23
C6 ADP W . 39.82 -53.38 -2.92
N6 ADP W . 39.21 -52.43 -2.05
N1 ADP W . 40.88 -54.03 -2.49
C2 ADP W . 41.48 -54.92 -3.27
N3 ADP W . 41.03 -55.19 -4.52
C4 ADP W . 39.95 -54.58 -5.03
O1 F6P X . 37.26 -49.98 -17.61
C1 F6P X . 37.61 -50.15 -16.25
C2 F6P X . 38.70 -49.14 -15.93
O2 F6P X . 38.27 -47.80 -16.27
C3 F6P X . 40.00 -49.49 -16.66
O3 F6P X . 40.11 -49.02 -17.98
C4 F6P X . 41.06 -48.95 -15.74
O4 F6P X . 42.24 -49.67 -15.97
C5 F6P X . 40.43 -49.27 -14.37
O5 F6P X . 39.03 -49.11 -14.54
C6 F6P X . 40.91 -48.42 -13.19
O6 F6P X . 40.75 -47.06 -13.52
P F6P X . 42.02 -46.07 -13.56
O1P F6P X . 42.78 -46.16 -12.25
O2P F6P X . 41.53 -44.64 -13.80
O3P F6P X . 42.95 -46.53 -14.67
P PO4 Y . 52.63 -29.78 -22.19
O1 PO4 Y . 53.69 -29.70 -21.11
O2 PO4 Y . 51.68 -28.60 -22.09
O3 PO4 Y . 53.29 -29.79 -23.55
O4 PO4 Y . 51.84 -31.06 -22.02
PB ADP Z . 5.72 -27.05 -23.52
O1B ADP Z . 6.86 -27.93 -22.97
O2B ADP Z . 5.48 -25.82 -22.63
O3B ADP Z . 4.48 -27.92 -23.55
PA ADP Z . 5.39 -25.98 -26.42
O1A ADP Z . 4.87 -27.18 -27.14
O2A ADP Z . 6.37 -25.28 -27.31
O3A ADP Z . 6.25 -26.53 -25.05
O5' ADP Z . 4.20 -24.97 -26.06
C5' ADP Z . 4.59 -23.72 -25.55
C4' ADP Z . 3.37 -22.83 -25.55
O4' ADP Z . 3.49 -21.99 -24.55
C3' ADP Z . 3.38 -21.94 -26.88
O3' ADP Z . 2.14 -21.66 -27.23
C2' ADP Z . 4.10 -20.67 -26.42
O2' ADP Z . 3.74 -19.56 -27.25
C1' ADP Z . 3.60 -20.48 -25.19
N9 ADP Z . 4.48 -19.68 -24.45
C8 ADP Z . 5.74 -19.99 -24.20
N7 ADP Z . 6.31 -19.01 -23.48
C5 ADP Z . 5.39 -18.05 -23.27
C6 ADP Z . 5.38 -16.79 -22.59
N6 ADP Z . 6.57 -16.33 -21.96
N1 ADP Z . 4.29 -16.06 -22.55
C2 ADP Z . 3.18 -16.50 -23.16
N3 ADP Z . 3.15 -17.68 -23.81
C4 ADP Z . 4.23 -18.47 -23.88
PB ADP AA . 37.39 1.51 -0.91
O1B ADP AA . 37.14 0.24 -0.10
O2B ADP AA . 38.77 2.04 -0.58
O3B ADP AA . 37.28 1.19 -2.40
PA ADP AA . 36.12 4.30 -0.81
O1A ADP AA . 36.82 5.07 0.27
O2A ADP AA . 34.68 4.71 -0.86
O3A ADP AA . 36.21 2.65 -0.46
O5' ADP AA . 36.77 4.64 -2.24
C5' ADP AA . 36.25 4.06 -3.41
C4' ADP AA . 36.84 4.82 -4.59
O4' ADP AA . 36.68 4.13 -5.70
C3' ADP AA . 36.04 6.19 -4.80
O3' ADP AA . 36.83 7.07 -5.37
C2' ADP AA . 34.95 5.80 -5.80
O2' ADP AA . 34.47 7.01 -6.44
C1' ADP AA . 35.62 4.98 -6.65
N9 ADP AA . 34.77 4.06 -7.30
C8 ADP AA . 34.20 3.00 -6.74
N7 ADP AA . 33.48 2.37 -7.65
C5 ADP AA . 33.56 3.00 -8.84
C6 ADP AA . 33.03 2.81 -10.14
N6 ADP AA . 32.15 1.71 -10.46
N1 ADP AA . 33.34 3.65 -11.11
C2 ADP AA . 34.15 4.69 -10.86
N3 ADP AA . 34.67 4.89 -9.64
C4 ADP AA . 34.38 4.08 -8.61
C1 EDO BA . 17.48 7.77 11.67
O1 EDO BA . 16.94 7.04 10.57
C2 EDO BA . 16.44 7.76 12.78
O2 EDO BA . 15.94 6.43 12.86
P PO4 CA . 58.26 -19.33 -5.49
O1 PO4 CA . 59.61 -19.98 -5.30
O2 PO4 CA . 57.97 -19.29 -6.97
O3 PO4 CA . 58.29 -17.92 -4.93
O4 PO4 CA . 57.19 -20.12 -4.78
P PO4 DA . 36.68 21.47 14.03
O1 PO4 DA . 36.08 20.37 14.88
O2 PO4 DA . 36.98 22.66 14.90
O3 PO4 DA . 37.97 21.00 13.41
O4 PO4 DA . 35.66 21.84 12.97
#